data_4CQL
#
_entry.id   4CQL
#
_cell.length_a   87.150
_cell.length_b   237.110
_cell.length_c   87.350
_cell.angle_alpha   90.00
_cell.angle_beta   94.52
_cell.angle_gamma   90.00
#
_symmetry.space_group_name_H-M   'P 1 21 1'
#
loop_
_entity.id
_entity.type
_entity.pdbx_description
1 polymer 'ESTRADIOL 17-BETA-DEHYDROGENASE 8'
2 polymer 'CARBONYL REDUCTASE FAMILY MEMBER 4'
3 non-polymer NICOTINAMIDE-ADENINE-DINUCLEOTIDE
4 water water
#
loop_
_entity_poly.entity_id
_entity_poly.type
_entity_poly.pdbx_seq_one_letter_code
_entity_poly.pdbx_strand_id
1 'polypeptide(L)'
;MASQLQNRLRSALALVTGAGSGIGRAVSVRLAGEGATVAACDLDRAAAQETVRLLGGPGSKEGPPRGNHAAFQADVSEAR
AARCLLEQVQACFSRPPSVVVSCAGITQDEFLLHMSEDDWDKVIAVNLKGTFLVTQAAAQALVSNGCRGSIINISSIVGK
VGNVGQTNYAASKAGVIGLTQTAARELGRHGIRCNSVLPGFIATPMTQKVPQKVVDKITEMIPMGHLGDPEDVADVVAFL
ASEDSGYITGTSVEVTGGLFM
;
A,D,E,H,I,L,M,P
2 'polypeptide(L)'
;MHHHHHHMDKVCAVFGGSRGIGRAVAQLMARKGYRLAVIARNLEGAKAAAGDLGGDHLAFSCDVAKEHDVQNTFEELEKH
LGRVNFLVNAAGINRDGLLVRTKTEDMVSQLHTNLLGSMLTCKAAMRTMIQQQGGSIVNVGSIVGLKGNSGQSVYSASKG
GLVGFSRALAKEVARKKIRVNVVAPGFVHTDMTKDLKEEHLKKNIPLGRFGETIEVAHAVVFLLESPYITGHVLVVDGGL
QLIL
;
B,C,F,G,J,K,N,O
#
# COMPACT_ATOMS: atom_id res chain seq x y z
N LEU A 5 6.77 -16.28 8.37
CA LEU A 5 5.64 -15.35 8.38
C LEU A 5 5.92 -14.13 7.52
N GLN A 6 7.19 -13.74 7.45
CA GLN A 6 7.59 -12.58 6.67
C GLN A 6 8.88 -12.82 5.89
N ASN A 7 8.74 -13.01 4.58
CA ASN A 7 9.90 -13.09 3.69
C ASN A 7 10.01 -11.82 2.87
N ARG A 8 10.14 -10.69 3.56
CA ARG A 8 10.16 -9.38 2.92
C ARG A 8 11.53 -8.98 2.40
N LEU A 9 12.43 -9.95 2.32
CA LEU A 9 13.79 -9.69 1.87
C LEU A 9 14.25 -10.70 0.83
N ARG A 10 13.32 -11.16 0.00
CA ARG A 10 13.63 -12.15 -1.03
C ARG A 10 14.66 -11.63 -2.03
N SER A 11 14.53 -10.36 -2.40
CA SER A 11 15.46 -9.74 -3.33
C SER A 11 16.43 -8.81 -2.60
N ALA A 12 17.29 -9.39 -1.77
CA ALA A 12 18.22 -8.59 -0.97
C ALA A 12 19.50 -9.35 -0.65
N LEU A 13 20.64 -8.70 -0.83
CA LEU A 13 21.93 -9.26 -0.46
C LEU A 13 22.45 -8.58 0.79
N ALA A 14 22.73 -9.38 1.82
CA ALA A 14 23.11 -8.84 3.12
C ALA A 14 24.56 -9.10 3.47
N LEU A 15 25.25 -8.05 3.89
CA LEU A 15 26.63 -8.17 4.37
C LEU A 15 26.70 -7.82 5.86
N VAL A 16 26.97 -8.83 6.68
CA VAL A 16 27.02 -8.64 8.13
C VAL A 16 28.41 -8.91 8.68
N THR A 17 29.06 -7.87 9.20
CA THR A 17 30.37 -8.01 9.81
C THR A 17 30.22 -8.53 11.24
N GLY A 18 31.20 -9.30 11.70
CA GLY A 18 31.14 -9.91 13.02
C GLY A 18 29.99 -10.89 13.14
N ALA A 19 29.70 -11.57 12.03
CA ALA A 19 28.59 -12.51 11.98
C ALA A 19 29.03 -13.92 12.38
N GLY A 20 30.15 -14.01 13.10
CA GLY A 20 30.68 -15.29 13.52
C GLY A 20 30.24 -15.68 14.91
N SER A 21 29.67 -14.73 15.64
CA SER A 21 29.26 -14.98 17.02
C SER A 21 28.24 -13.95 17.52
N GLY A 22 27.45 -14.36 18.51
CA GLY A 22 26.53 -13.47 19.18
C GLY A 22 25.44 -12.87 18.32
N ILE A 23 25.29 -11.56 18.40
CA ILE A 23 24.26 -10.83 17.67
C ILE A 23 24.45 -10.94 16.16
N GLY A 24 25.70 -10.83 15.72
CA GLY A 24 26.02 -10.91 14.30
C GLY A 24 25.57 -12.21 13.66
N ARG A 25 25.55 -13.28 14.44
CA ARG A 25 25.09 -14.58 13.97
C ARG A 25 23.56 -14.62 13.87
N ALA A 26 22.90 -14.08 14.90
CA ALA A 26 21.45 -14.05 14.93
C ALA A 26 20.89 -13.15 13.82
N VAL A 27 21.64 -12.11 13.49
CA VAL A 27 21.27 -11.22 12.39
C VAL A 27 21.30 -11.99 11.08
N SER A 28 22.37 -12.75 10.86
CA SER A 28 22.53 -13.56 9.66
C SER A 28 21.41 -14.57 9.51
N VAL A 29 21.00 -15.16 10.63
CA VAL A 29 19.91 -16.14 10.63
C VAL A 29 18.57 -15.48 10.35
N ARG A 30 18.31 -14.36 11.02
CA ARG A 30 17.04 -13.65 10.86
C ARG A 30 16.86 -13.12 9.43
N LEU A 31 17.92 -12.55 8.88
CA LEU A 31 17.88 -12.05 7.51
C LEU A 31 17.67 -13.18 6.51
N ALA A 32 18.39 -14.28 6.71
CA ALA A 32 18.23 -15.47 5.89
C ALA A 32 16.87 -16.10 6.12
N GLY A 33 16.31 -15.84 7.30
CA GLY A 33 14.98 -16.33 7.64
C GLY A 33 13.91 -15.58 6.86
N GLU A 34 14.26 -14.41 6.36
CA GLU A 34 13.33 -13.61 5.57
C GLU A 34 13.68 -13.68 4.09
N GLY A 35 14.45 -14.71 3.72
CA GLY A 35 14.75 -14.98 2.33
C GLY A 35 15.83 -14.11 1.74
N ALA A 36 16.68 -13.56 2.60
CA ALA A 36 17.77 -12.71 2.13
C ALA A 36 19.08 -13.47 2.03
N THR A 37 19.85 -13.14 1.00
CA THR A 37 21.17 -13.71 0.78
C THR A 37 22.16 -13.08 1.76
N VAL A 38 22.83 -13.90 2.57
CA VAL A 38 23.70 -13.38 3.62
C VAL A 38 25.17 -13.61 3.30
N ALA A 39 25.95 -12.52 3.37
CA ALA A 39 27.40 -12.60 3.24
C ALA A 39 28.05 -12.42 4.61
N ALA A 40 28.27 -13.52 5.31
CA ALA A 40 28.78 -13.47 6.68
C ALA A 40 30.25 -13.06 6.72
N CYS A 41 30.49 -11.86 7.25
CA CYS A 41 31.85 -11.36 7.43
C CYS A 41 32.24 -11.44 8.90
N ASP A 42 33.50 -11.81 9.15
CA ASP A 42 33.99 -11.95 10.51
C ASP A 42 35.52 -12.01 10.54
N LEU A 43 36.11 -11.59 11.66
CA LEU A 43 37.55 -11.66 11.84
C LEU A 43 38.02 -13.11 11.81
N ASP A 44 37.34 -13.95 12.57
CA ASP A 44 37.62 -15.39 12.57
C ASP A 44 36.93 -16.05 11.38
N ARG A 45 37.73 -16.51 10.43
CA ARG A 45 37.22 -17.11 9.21
C ARG A 45 36.40 -18.37 9.50
N ALA A 46 36.85 -19.14 10.48
CA ALA A 46 36.16 -20.37 10.86
C ALA A 46 34.80 -20.08 11.49
N ALA A 47 34.73 -19.00 12.25
CA ALA A 47 33.48 -18.59 12.90
C ALA A 47 32.47 -18.10 11.87
N ALA A 48 32.97 -17.49 10.80
CA ALA A 48 32.12 -17.01 9.72
C ALA A 48 31.54 -18.18 8.93
N GLN A 49 32.40 -19.17 8.66
CA GLN A 49 31.98 -20.37 7.94
C GLN A 49 30.99 -21.18 8.75
N GLU A 50 31.17 -21.17 10.07
CA GLU A 50 30.31 -21.93 10.97
C GLU A 50 28.89 -21.35 10.99
N THR A 51 28.79 -20.04 10.75
CA THR A 51 27.50 -19.37 10.70
C THR A 51 26.79 -19.67 9.39
N VAL A 52 27.56 -19.73 8.30
CA VAL A 52 27.01 -20.01 6.98
C VAL A 52 26.36 -21.39 6.93
N ARG A 53 26.99 -22.37 7.58
CA ARG A 53 26.46 -23.74 7.59
C ARG A 53 25.17 -23.84 8.41
N LEU A 54 24.95 -22.85 9.27
CA LEU A 54 23.74 -22.82 10.09
C LEU A 54 22.55 -22.33 9.29
N LEU A 55 22.80 -21.48 8.31
CA LEU A 55 21.74 -20.91 7.48
C LEU A 55 21.23 -21.94 6.48
N GLY A 67 28.81 -19.55 -3.62
CA GLY A 67 27.46 -19.84 -4.08
C GLY A 67 26.45 -18.88 -3.51
N ASN A 68 25.35 -19.43 -2.99
CA ASN A 68 24.32 -18.61 -2.36
C ASN A 68 24.85 -17.89 -1.11
N HIS A 69 25.13 -18.63 -0.04
CA HIS A 69 25.72 -18.05 1.16
C HIS A 69 27.23 -18.20 1.16
N ALA A 70 27.93 -17.08 1.38
CA ALA A 70 29.39 -17.03 1.36
C ALA A 70 29.96 -16.53 2.67
N ALA A 71 31.09 -17.10 3.08
CA ALA A 71 31.79 -16.66 4.28
C ALA A 71 32.99 -15.79 3.93
N PHE A 72 33.07 -14.61 4.54
CA PHE A 72 34.15 -13.67 4.24
C PHE A 72 35.04 -13.41 5.46
N GLN A 73 36.31 -13.14 5.19
CA GLN A 73 37.26 -12.78 6.23
C GLN A 73 37.79 -11.38 5.97
N ALA A 74 37.55 -10.47 6.92
CA ALA A 74 37.98 -9.09 6.78
C ALA A 74 38.05 -8.37 8.13
N ASP A 75 39.26 -7.99 8.53
CA ASP A 75 39.44 -7.17 9.71
C ASP A 75 38.98 -5.74 9.39
N VAL A 76 37.82 -5.37 9.93
CA VAL A 76 37.18 -4.10 9.58
C VAL A 76 38.01 -2.88 9.98
N SER A 77 38.93 -3.06 10.92
CA SER A 77 39.78 -1.96 11.37
C SER A 77 40.78 -1.56 10.29
N GLU A 78 41.17 -2.52 9.47
CA GLU A 78 42.11 -2.26 8.38
C GLU A 78 41.44 -1.51 7.25
N ALA A 79 42.12 -0.50 6.72
CA ALA A 79 41.57 0.31 5.64
C ALA A 79 41.53 -0.46 4.33
N ARG A 80 42.49 -1.36 4.15
CA ARG A 80 42.60 -2.12 2.91
C ARG A 80 41.71 -3.36 2.92
N ALA A 81 41.65 -4.01 4.07
CA ALA A 81 40.86 -5.24 4.20
C ALA A 81 39.37 -4.97 4.17
N ALA A 82 38.97 -3.78 4.60
CA ALA A 82 37.56 -3.40 4.61
C ALA A 82 37.07 -3.06 3.21
N ARG A 83 37.91 -2.39 2.44
CA ARG A 83 37.56 -2.01 1.07
C ARG A 83 37.63 -3.20 0.14
N CYS A 84 38.62 -4.07 0.34
CA CYS A 84 38.77 -5.27 -0.46
C CYS A 84 37.63 -6.25 -0.18
N LEU A 85 37.05 -6.14 1.01
CA LEU A 85 35.92 -6.96 1.40
C LEU A 85 34.73 -6.71 0.48
N LEU A 86 34.40 -5.44 0.29
CA LEU A 86 33.28 -5.05 -0.58
C LEU A 86 33.58 -5.40 -2.03
N GLU A 87 34.86 -5.51 -2.36
CA GLU A 87 35.28 -5.92 -3.70
C GLU A 87 34.99 -7.40 -3.91
N GLN A 88 35.19 -8.19 -2.87
CA GLN A 88 34.97 -9.63 -2.94
C GLN A 88 33.49 -9.97 -2.86
N VAL A 89 32.70 -9.05 -2.32
CA VAL A 89 31.25 -9.22 -2.25
C VAL A 89 30.63 -8.95 -3.62
N GLN A 90 31.11 -7.90 -4.28
CA GLN A 90 30.60 -7.53 -5.60
C GLN A 90 31.17 -8.43 -6.70
N ALA A 91 32.03 -9.37 -6.31
CA ALA A 91 32.62 -10.31 -7.26
C ALA A 91 32.06 -11.72 -7.05
N CYS A 92 31.58 -11.98 -5.83
CA CYS A 92 31.02 -13.28 -5.50
C CYS A 92 29.54 -13.34 -5.86
N PHE A 93 28.91 -12.18 -5.98
CA PHE A 93 27.49 -12.10 -6.28
C PHE A 93 27.20 -11.22 -7.49
N SER A 94 28.24 -10.52 -7.97
CA SER A 94 28.12 -9.58 -9.08
C SER A 94 27.06 -8.52 -8.79
N ARG A 95 26.94 -8.15 -7.52
CA ARG A 95 25.96 -7.17 -7.09
C ARG A 95 26.32 -6.61 -5.72
N PRO A 96 26.23 -5.28 -5.57
CA PRO A 96 26.48 -4.63 -4.28
C PRO A 96 25.44 -5.03 -3.23
N PRO A 97 25.87 -5.19 -1.97
CA PRO A 97 24.96 -5.57 -0.88
C PRO A 97 23.98 -4.46 -0.54
N SER A 98 22.69 -4.77 -0.59
CA SER A 98 21.65 -3.80 -0.28
C SER A 98 21.53 -3.57 1.22
N VAL A 99 21.89 -4.59 2.00
CA VAL A 99 21.82 -4.51 3.45
C VAL A 99 23.20 -4.73 4.08
N VAL A 100 23.65 -3.74 4.85
CA VAL A 100 24.94 -3.84 5.53
C VAL A 100 24.77 -3.61 7.04
N VAL A 101 25.09 -4.64 7.82
CA VAL A 101 24.95 -4.56 9.26
C VAL A 101 26.30 -4.77 9.96
N SER A 102 26.83 -3.71 10.55
CA SER A 102 28.12 -3.78 11.23
C SER A 102 27.98 -4.19 12.68
N CYS A 103 28.42 -5.42 12.99
CA CYS A 103 28.35 -5.94 14.35
C CYS A 103 29.75 -6.22 14.90
N ALA A 104 30.77 -5.88 14.12
CA ALA A 104 32.14 -6.11 14.52
C ALA A 104 32.56 -5.14 15.62
N GLY A 105 32.40 -5.56 16.88
CA GLY A 105 32.75 -4.74 18.01
C GLY A 105 33.38 -5.55 19.13
N ILE A 106 34.35 -4.95 19.81
CA ILE A 106 35.04 -5.60 20.91
C ILE A 106 35.10 -4.72 22.15
N THR A 107 35.35 -5.34 23.29
CA THR A 107 35.49 -4.60 24.54
C THR A 107 36.86 -4.88 25.16
N GLN A 108 37.46 -3.84 25.74
CA GLN A 108 38.72 -3.98 26.47
C GLN A 108 38.66 -3.09 27.68
N ASP A 109 37.78 -3.45 28.62
CA ASP A 109 37.41 -2.59 29.74
C ASP A 109 38.55 -2.37 30.73
N GLU A 110 38.59 -1.15 31.28
CA GLU A 110 39.55 -0.76 32.29
C GLU A 110 39.14 0.61 32.81
N PHE A 111 39.46 0.91 34.07
CA PHE A 111 39.14 2.21 34.65
C PHE A 111 39.88 3.31 33.90
N LEU A 112 39.32 4.52 33.93
CA LEU A 112 39.88 5.66 33.21
C LEU A 112 41.31 5.94 33.62
N LEU A 113 41.60 5.77 34.92
CA LEU A 113 42.91 6.04 35.46
C LEU A 113 43.93 4.98 35.07
N HIS A 114 43.45 3.78 34.75
CA HIS A 114 44.33 2.65 34.49
C HIS A 114 44.28 2.18 33.04
N MET A 115 43.42 2.79 32.23
CA MET A 115 43.29 2.40 30.83
C MET A 115 44.51 2.82 30.02
N SER A 116 45.18 1.84 29.44
CA SER A 116 46.37 2.10 28.63
C SER A 116 45.99 2.57 27.23
N GLU A 117 46.99 2.99 26.46
CA GLU A 117 46.77 3.45 25.10
C GLU A 117 46.37 2.28 24.20
N ASP A 118 46.80 1.07 24.58
CA ASP A 118 46.47 -0.14 23.85
C ASP A 118 44.98 -0.44 23.94
N ASP A 119 44.39 -0.22 25.11
CA ASP A 119 42.98 -0.48 25.33
C ASP A 119 42.10 0.54 24.59
N TRP A 120 42.65 1.74 24.40
CA TRP A 120 41.91 2.81 23.75
C TRP A 120 41.90 2.67 22.22
N ASP A 121 43.10 2.62 21.64
CA ASP A 121 43.25 2.58 20.19
C ASP A 121 42.61 1.35 19.56
N LYS A 122 42.64 0.23 20.27
CA LYS A 122 42.10 -1.03 19.75
C LYS A 122 40.59 -0.97 19.58
N VAL A 123 39.90 -0.49 20.60
CA VAL A 123 38.44 -0.39 20.57
C VAL A 123 37.99 0.62 19.52
N ILE A 124 38.68 1.75 19.46
CA ILE A 124 38.37 2.80 18.49
C ILE A 124 38.54 2.31 17.06
N ALA A 125 39.62 1.57 16.83
CA ALA A 125 39.94 1.06 15.49
C ALA A 125 38.88 0.09 14.98
N VAL A 126 38.32 -0.71 15.87
CA VAL A 126 37.35 -1.73 15.49
C VAL A 126 35.91 -1.21 15.54
N ASN A 127 35.51 -0.70 16.70
CA ASN A 127 34.14 -0.27 16.91
C ASN A 127 33.78 1.01 16.16
N LEU A 128 34.71 1.95 16.10
CA LEU A 128 34.44 3.24 15.47
C LEU A 128 35.07 3.35 14.09
N LYS A 129 36.40 3.23 14.01
CA LYS A 129 37.11 3.34 12.75
C LYS A 129 36.73 2.21 11.81
N GLY A 130 36.51 1.02 12.37
CA GLY A 130 36.12 -0.14 11.60
C GLY A 130 34.76 0.05 10.96
N THR A 131 33.80 0.56 11.73
CA THR A 131 32.46 0.81 11.22
C THR A 131 32.48 1.88 10.14
N PHE A 132 33.36 2.86 10.31
CA PHE A 132 33.51 3.94 9.33
C PHE A 132 33.90 3.41 7.95
N LEU A 133 34.87 2.51 7.93
CA LEU A 133 35.36 1.92 6.69
C LEU A 133 34.31 1.05 6.02
N VAL A 134 33.57 0.31 6.83
CA VAL A 134 32.51 -0.55 6.33
C VAL A 134 31.35 0.29 5.80
N THR A 135 30.99 1.33 6.53
CA THR A 135 29.90 2.22 6.11
C THR A 135 30.26 2.96 4.83
N GLN A 136 31.51 3.41 4.73
CA GLN A 136 31.97 4.15 3.57
C GLN A 136 32.04 3.28 2.32
N ALA A 137 32.73 2.16 2.43
CA ALA A 137 32.95 1.26 1.30
C ALA A 137 31.63 0.71 0.74
N ALA A 138 30.67 0.46 1.63
CA ALA A 138 29.36 -0.03 1.22
C ALA A 138 28.55 1.07 0.55
N ALA A 139 28.74 2.31 1.03
CA ALA A 139 28.04 3.45 0.46
C ALA A 139 28.50 3.71 -0.97
N GLN A 140 29.80 3.56 -1.20
CA GLN A 140 30.37 3.75 -2.53
C GLN A 140 29.86 2.69 -3.50
N ALA A 141 29.58 1.50 -2.98
CA ALA A 141 29.10 0.40 -3.80
C ALA A 141 27.66 0.60 -4.25
N LEU A 142 26.90 1.36 -3.45
CA LEU A 142 25.50 1.61 -3.75
C LEU A 142 25.32 2.81 -4.69
N VAL A 143 26.13 3.83 -4.48
CA VAL A 143 26.06 5.05 -5.30
C VAL A 143 26.58 4.78 -6.71
N SER A 144 27.65 3.98 -6.80
CA SER A 144 28.25 3.67 -8.09
C SER A 144 27.48 2.57 -8.84
N ASN A 145 26.27 2.30 -8.39
CA ASN A 145 25.39 1.33 -9.04
C ASN A 145 23.94 1.80 -9.07
N GLY A 146 23.69 2.94 -8.43
CA GLY A 146 22.35 3.49 -8.37
C GLY A 146 21.37 2.62 -7.60
N CYS A 147 21.91 1.78 -6.71
CA CYS A 147 21.08 0.86 -5.95
C CYS A 147 20.66 1.45 -4.61
N ARG A 148 19.39 1.29 -4.28
CA ARG A 148 18.86 1.74 -2.99
C ARG A 148 19.16 0.71 -1.91
N GLY A 149 19.78 1.14 -0.83
CA GLY A 149 20.18 0.24 0.24
C GLY A 149 19.90 0.75 1.63
N SER A 150 20.21 -0.07 2.63
CA SER A 150 19.99 0.29 4.03
C SER A 150 21.18 -0.12 4.88
N ILE A 151 21.83 0.87 5.49
CA ILE A 151 22.99 0.61 6.34
C ILE A 151 22.60 0.63 7.82
N ILE A 152 22.92 -0.44 8.53
CA ILE A 152 22.53 -0.57 9.93
C ILE A 152 23.75 -0.74 10.83
N ASN A 153 24.10 0.32 11.54
CA ASN A 153 25.24 0.29 12.45
C ASN A 153 24.81 -0.05 13.88
N ILE A 154 25.37 -1.13 14.41
CA ILE A 154 25.01 -1.57 15.75
C ILE A 154 25.86 -0.87 16.81
N SER A 155 25.26 0.12 17.47
CA SER A 155 25.93 0.85 18.54
C SER A 155 25.64 0.21 19.89
N SER A 156 25.40 1.05 20.89
CA SER A 156 25.09 0.58 22.23
C SER A 156 24.44 1.68 23.07
N ILE A 157 23.74 1.27 24.12
CA ILE A 157 23.14 2.22 25.06
C ILE A 157 24.24 2.90 25.86
N VAL A 158 25.42 2.27 25.88
CA VAL A 158 26.60 2.85 26.51
C VAL A 158 27.02 4.11 25.78
N GLY A 159 26.74 4.15 24.47
CA GLY A 159 27.04 5.31 23.66
C GLY A 159 26.03 6.43 23.84
N LYS A 160 25.26 6.36 24.92
CA LYS A 160 24.26 7.38 25.22
C LYS A 160 24.43 7.90 26.64
N VAL A 161 24.79 7.01 27.56
CA VAL A 161 24.92 7.38 28.96
C VAL A 161 26.30 7.05 29.54
N GLY A 162 27.03 6.17 28.87
CA GLY A 162 28.34 5.78 29.34
C GLY A 162 28.29 4.71 30.42
N ASN A 163 29.29 3.84 30.44
CA ASN A 163 29.37 2.77 31.42
C ASN A 163 30.74 2.72 32.09
N VAL A 164 30.76 2.29 33.35
CA VAL A 164 31.99 2.22 34.13
C VAL A 164 33.01 1.27 33.51
N GLY A 165 34.21 1.79 33.26
CA GLY A 165 35.28 1.00 32.69
C GLY A 165 35.20 0.90 31.17
N GLN A 166 34.25 1.62 30.59
CA GLN A 166 34.07 1.58 29.14
C GLN A 166 34.22 2.98 28.53
N THR A 167 35.29 3.67 28.90
CA THR A 167 35.59 4.98 28.33
C THR A 167 35.87 4.86 26.84
N ASN A 168 36.60 3.82 26.46
CA ASN A 168 36.91 3.56 25.07
C ASN A 168 35.72 2.98 24.31
N TYR A 169 34.85 2.29 25.03
CA TYR A 169 33.70 1.64 24.42
C TYR A 169 32.52 2.60 24.26
N ALA A 170 32.38 3.53 25.20
CA ALA A 170 31.32 4.52 25.13
C ALA A 170 31.61 5.55 24.04
N ALA A 171 32.84 6.03 24.00
CA ALA A 171 33.26 7.02 23.02
C ALA A 171 33.13 6.49 21.60
N SER A 172 33.41 5.20 21.43
CA SER A 172 33.32 4.57 20.12
C SER A 172 31.87 4.45 19.67
N LYS A 173 31.03 3.87 20.53
CA LYS A 173 29.63 3.65 20.19
C LYS A 173 28.86 4.96 20.04
N ALA A 174 29.22 5.96 20.83
CA ALA A 174 28.61 7.28 20.69
C ALA A 174 29.06 7.92 19.38
N GLY A 175 30.31 7.65 19.00
CA GLY A 175 30.84 8.14 17.75
C GLY A 175 30.17 7.50 16.55
N VAL A 176 29.81 6.22 16.69
CA VAL A 176 29.10 5.50 15.65
C VAL A 176 27.76 6.15 15.36
N ILE A 177 27.09 6.61 16.41
CA ILE A 177 25.81 7.30 16.28
C ILE A 177 25.95 8.57 15.44
N GLY A 178 26.89 9.43 15.83
CA GLY A 178 27.16 10.65 15.09
C GLY A 178 27.66 10.37 13.68
N LEU A 179 28.35 9.23 13.53
CA LEU A 179 28.83 8.80 12.23
C LEU A 179 27.64 8.44 11.32
N THR A 180 26.74 7.63 11.85
CA THR A 180 25.56 7.18 11.11
C THR A 180 24.63 8.35 10.81
N GLN A 181 24.54 9.29 11.75
CA GLN A 181 23.73 10.48 11.57
C GLN A 181 24.24 11.31 10.39
N THR A 182 25.56 11.44 10.28
CA THR A 182 26.17 12.18 9.19
C THR A 182 25.94 11.47 7.87
N ALA A 183 26.10 10.15 7.87
CA ALA A 183 25.91 9.33 6.68
C ALA A 183 24.47 9.41 6.18
N ALA A 184 23.52 9.42 7.10
CA ALA A 184 22.11 9.46 6.75
C ALA A 184 21.72 10.81 6.15
N ARG A 185 22.47 11.85 6.49
CA ARG A 185 22.19 13.19 6.01
C ARG A 185 22.79 13.43 4.62
N GLU A 186 23.79 12.64 4.27
CA GLU A 186 24.47 12.78 2.99
C GLU A 186 23.98 11.77 1.96
N LEU A 187 23.69 10.56 2.42
CA LEU A 187 23.31 9.47 1.53
C LEU A 187 21.80 9.37 1.37
N GLY A 188 21.08 10.41 1.78
CA GLY A 188 19.64 10.43 1.67
C GLY A 188 19.16 10.63 0.24
N ARG A 189 19.89 11.44 -0.51
CA ARG A 189 19.53 11.73 -1.90
C ARG A 189 19.90 10.58 -2.83
N HIS A 190 20.70 9.65 -2.32
CA HIS A 190 21.10 8.48 -3.09
C HIS A 190 20.20 7.28 -2.77
N GLY A 191 19.24 7.49 -1.89
CA GLY A 191 18.31 6.44 -1.51
C GLY A 191 18.92 5.42 -0.57
N ILE A 192 19.81 5.89 0.31
CA ILE A 192 20.48 5.02 1.27
C ILE A 192 20.10 5.41 2.69
N ARG A 193 19.37 4.53 3.37
CA ARG A 193 18.94 4.79 4.74
C ARG A 193 19.97 4.30 5.74
N CYS A 194 20.43 5.20 6.60
CA CYS A 194 21.40 4.85 7.63
C CYS A 194 20.78 4.98 9.01
N ASN A 195 20.87 3.92 9.82
CA ASN A 195 20.27 3.91 11.14
C ASN A 195 21.20 3.35 12.21
N SER A 196 20.93 3.73 13.46
CA SER A 196 21.71 3.27 14.59
C SER A 196 20.88 2.42 15.54
N VAL A 197 21.43 1.29 15.95
CA VAL A 197 20.76 0.42 16.93
C VAL A 197 21.52 0.44 18.25
N LEU A 198 20.79 0.68 19.34
CA LEU A 198 21.41 0.78 20.66
C LEU A 198 20.86 -0.27 21.62
N PRO A 199 21.37 -1.51 21.53
CA PRO A 199 20.93 -2.59 22.41
C PRO A 199 21.58 -2.51 23.78
N GLY A 200 20.90 -3.04 24.80
CA GLY A 200 21.46 -3.09 26.14
C GLY A 200 22.34 -4.31 26.32
N PHE A 201 22.18 -4.98 27.46
CA PHE A 201 22.90 -6.23 27.70
C PHE A 201 22.11 -7.43 27.19
N ILE A 202 22.70 -8.12 26.21
CA ILE A 202 22.05 -9.27 25.57
C ILE A 202 22.88 -10.55 25.75
N ALA A 203 22.20 -11.65 26.06
CA ALA A 203 22.86 -12.93 26.26
C ALA A 203 23.70 -13.38 25.06
N THR A 204 24.94 -12.88 25.01
CA THR A 204 25.91 -13.25 23.97
C THR A 204 27.21 -13.77 24.59
N PRO A 205 28.11 -14.36 23.77
CA PRO A 205 29.43 -14.66 24.34
C PRO A 205 30.17 -13.44 24.92
N MET A 206 29.83 -12.25 24.46
CA MET A 206 30.46 -11.03 24.97
C MET A 206 30.02 -10.70 26.39
N THR A 207 28.74 -10.89 26.68
CA THR A 207 28.21 -10.62 28.02
C THR A 207 28.62 -11.71 29.00
N GLN A 208 29.19 -12.79 28.47
CA GLN A 208 29.69 -13.87 29.31
C GLN A 208 31.05 -13.50 29.91
N LYS A 209 31.60 -12.39 29.44
CA LYS A 209 32.84 -11.85 29.99
C LYS A 209 32.52 -11.04 31.24
N VAL A 210 31.24 -10.83 31.49
CA VAL A 210 30.77 -10.14 32.68
C VAL A 210 30.41 -11.16 33.76
N PRO A 211 30.96 -10.99 34.97
CA PRO A 211 30.72 -11.88 36.11
C PRO A 211 29.24 -12.12 36.38
N GLN A 212 28.89 -13.34 36.78
CA GLN A 212 27.51 -13.73 37.02
C GLN A 212 26.84 -12.87 38.08
N LYS A 213 27.61 -12.51 39.10
CA LYS A 213 27.10 -11.67 40.18
C LYS A 213 26.76 -10.27 39.66
N VAL A 214 27.57 -9.77 38.74
CA VAL A 214 27.32 -8.48 38.11
C VAL A 214 26.13 -8.57 37.16
N VAL A 215 26.09 -9.64 36.39
CA VAL A 215 24.99 -9.88 35.45
C VAL A 215 23.66 -9.97 36.18
N ASP A 216 23.66 -10.66 37.32
CA ASP A 216 22.47 -10.78 38.15
C ASP A 216 22.00 -9.42 38.65
N LYS A 217 22.96 -8.55 38.99
CA LYS A 217 22.66 -7.21 39.47
C LYS A 217 22.16 -6.32 38.33
N ILE A 218 22.57 -6.65 37.11
CA ILE A 218 22.13 -5.91 35.94
C ILE A 218 20.67 -6.19 35.63
N THR A 219 20.29 -7.47 35.68
CA THR A 219 18.92 -7.88 35.42
C THR A 219 17.95 -7.26 36.42
N GLU A 220 18.43 -7.00 37.64
CA GLU A 220 17.64 -6.32 38.65
C GLU A 220 17.39 -4.88 38.24
N MET A 221 18.40 -4.25 37.65
CA MET A 221 18.29 -2.89 37.17
C MET A 221 17.36 -2.81 35.95
N ILE A 222 17.48 -3.79 35.06
CA ILE A 222 16.64 -3.85 33.88
C ILE A 222 15.17 -4.05 34.28
N PRO A 223 14.31 -3.11 33.86
CA PRO A 223 12.88 -3.11 34.16
C PRO A 223 12.18 -4.41 33.76
N MET A 224 12.63 -5.04 32.68
CA MET A 224 12.04 -6.30 32.23
C MET A 224 12.53 -7.47 33.10
N GLY A 225 13.65 -7.27 33.78
CA GLY A 225 14.14 -8.25 34.74
C GLY A 225 14.92 -9.40 34.12
N HIS A 226 15.38 -9.22 32.89
CA HIS A 226 16.16 -10.26 32.22
C HIS A 226 17.00 -9.69 31.08
N LEU A 227 18.04 -10.43 30.71
CA LEU A 227 18.89 -10.04 29.59
C LEU A 227 18.15 -10.24 28.27
N GLY A 228 18.51 -9.44 27.27
CA GLY A 228 17.90 -9.56 25.96
C GLY A 228 18.44 -10.75 25.19
N ASP A 229 17.73 -11.14 24.13
CA ASP A 229 18.18 -12.22 23.27
C ASP A 229 18.76 -11.64 21.98
N PRO A 230 19.73 -12.35 21.39
CA PRO A 230 20.32 -11.91 20.12
C PRO A 230 19.27 -11.83 19.01
N GLU A 231 18.17 -12.55 19.17
CA GLU A 231 17.09 -12.54 18.20
C GLU A 231 16.26 -11.26 18.32
N ASP A 232 16.29 -10.65 19.51
CA ASP A 232 15.61 -9.38 19.74
C ASP A 232 16.28 -8.26 18.96
N VAL A 233 17.61 -8.27 18.97
CA VAL A 233 18.38 -7.27 18.22
C VAL A 233 18.29 -7.58 16.73
N ALA A 234 18.09 -8.84 16.39
CA ALA A 234 17.96 -9.25 15.00
C ALA A 234 16.59 -8.84 14.44
N ASP A 235 15.64 -8.62 15.33
CA ASP A 235 14.28 -8.25 14.94
C ASP A 235 14.22 -6.82 14.43
N VAL A 236 14.86 -5.90 15.15
CA VAL A 236 14.88 -4.50 14.77
C VAL A 236 15.75 -4.28 13.53
N VAL A 237 16.84 -5.03 13.44
CA VAL A 237 17.72 -4.97 12.28
C VAL A 237 16.97 -5.39 11.02
N ALA A 238 16.20 -6.46 11.14
CA ALA A 238 15.38 -6.95 10.03
C ALA A 238 14.32 -5.93 9.63
N PHE A 239 13.91 -5.10 10.59
CA PHE A 239 12.95 -4.03 10.33
C PHE A 239 13.61 -2.87 9.60
N LEU A 240 14.86 -2.58 9.98
CA LEU A 240 15.61 -1.50 9.36
C LEU A 240 16.19 -1.93 8.01
N ALA A 241 16.34 -3.23 7.83
CA ALA A 241 16.86 -3.78 6.59
C ALA A 241 15.77 -3.88 5.54
N SER A 242 14.53 -4.00 6.01
CA SER A 242 13.37 -4.12 5.12
C SER A 242 12.93 -2.75 4.62
N GLU A 243 11.91 -2.75 3.75
CA GLU A 243 11.37 -1.51 3.21
C GLU A 243 10.23 -0.98 4.06
N ASP A 244 9.88 -1.74 5.09
CA ASP A 244 8.83 -1.32 6.02
C ASP A 244 9.26 -0.08 6.80
N SER A 245 10.57 0.09 6.95
CA SER A 245 11.12 1.29 7.57
C SER A 245 11.63 2.25 6.51
N GLY A 246 10.85 2.39 5.43
CA GLY A 246 11.25 3.20 4.30
C GLY A 246 11.43 4.68 4.62
N TYR A 247 10.76 5.15 5.66
CA TYR A 247 10.88 6.54 6.07
C TYR A 247 11.70 6.65 7.36
N ILE A 248 12.52 5.63 7.62
CA ILE A 248 13.35 5.59 8.81
C ILE A 248 14.83 5.72 8.45
N THR A 249 15.43 6.87 8.78
CA THR A 249 16.86 7.06 8.58
C THR A 249 17.40 8.09 9.57
N GLY A 250 18.65 7.90 9.99
CA GLY A 250 19.27 8.76 10.98
C GLY A 250 18.60 8.64 12.34
N THR A 251 18.01 7.48 12.60
CA THR A 251 17.27 7.26 13.83
C THR A 251 17.96 6.24 14.72
N SER A 252 18.04 6.55 16.02
CA SER A 252 18.65 5.65 16.98
C SER A 252 17.59 4.79 17.67
N VAL A 253 17.53 3.51 17.28
CA VAL A 253 16.56 2.60 17.86
C VAL A 253 17.19 1.79 19.00
N GLU A 254 16.49 1.74 20.13
CA GLU A 254 17.04 1.08 21.32
C GLU A 254 16.39 -0.27 21.59
N VAL A 255 17.21 -1.25 21.93
CA VAL A 255 16.73 -2.56 22.35
C VAL A 255 17.28 -2.86 23.75
N THR A 256 16.95 -2.00 24.69
CA THR A 256 17.53 -2.07 26.03
C THR A 256 16.65 -2.85 27.01
N GLY A 257 15.35 -2.88 26.74
CA GLY A 257 14.41 -3.54 27.62
C GLY A 257 14.03 -2.65 28.79
N GLY A 258 14.23 -1.35 28.62
CA GLY A 258 13.86 -0.38 29.63
C GLY A 258 15.05 0.22 30.37
N LEU A 259 16.23 -0.37 30.17
CA LEU A 259 17.43 0.11 30.84
C LEU A 259 17.95 1.38 30.20
N PHE A 260 18.18 2.40 31.02
CA PHE A 260 18.72 3.69 30.57
C PHE A 260 17.86 4.32 29.48
N MET A 261 16.63 4.64 29.82
CA MET A 261 15.70 5.24 28.86
C MET A 261 16.16 6.63 28.46
N HIS B 6 -6.00 -21.50 16.98
CA HIS B 6 -7.02 -20.79 16.20
C HIS B 6 -7.70 -19.71 17.02
N HIS B 7 -7.19 -19.46 18.23
CA HIS B 7 -7.71 -18.39 19.07
C HIS B 7 -7.00 -17.07 18.78
N MET B 8 -7.78 -16.05 18.43
CA MET B 8 -7.22 -14.71 18.21
C MET B 8 -6.85 -14.10 19.55
N ASP B 9 -5.71 -14.52 20.09
CA ASP B 9 -5.23 -14.01 21.36
C ASP B 9 -4.44 -12.72 21.18
N LYS B 10 -4.83 -11.92 20.19
CA LYS B 10 -4.19 -10.64 19.92
C LYS B 10 -5.25 -9.57 19.64
N VAL B 11 -5.71 -8.93 20.71
CA VAL B 11 -6.72 -7.89 20.59
C VAL B 11 -6.10 -6.50 20.65
N CYS B 12 -6.30 -5.73 19.60
CA CYS B 12 -5.72 -4.38 19.53
C CYS B 12 -6.80 -3.31 19.49
N ALA B 13 -6.71 -2.36 20.42
CA ALA B 13 -7.64 -1.24 20.46
C ALA B 13 -6.98 0.02 19.92
N VAL B 14 -7.48 0.51 18.78
CA VAL B 14 -6.90 1.68 18.14
C VAL B 14 -7.80 2.90 18.26
N PHE B 15 -7.30 3.93 18.94
CA PHE B 15 -8.03 5.18 19.07
C PHE B 15 -7.67 6.14 17.94
N GLY B 16 -8.68 6.63 17.23
CA GLY B 16 -8.46 7.49 16.09
C GLY B 16 -8.28 6.68 14.82
N GLY B 17 -8.97 5.55 14.75
CA GLY B 17 -8.89 4.67 13.60
C GLY B 17 -9.84 5.05 12.48
N SER B 18 -10.51 6.17 12.64
CA SER B 18 -11.44 6.66 11.62
C SER B 18 -10.66 7.18 10.40
N ARG B 19 -9.49 7.77 10.67
CA ARG B 19 -8.65 8.31 9.62
C ARG B 19 -7.22 8.50 10.09
N GLY B 20 -6.37 9.05 9.23
CA GLY B 20 -5.00 9.36 9.58
C GLY B 20 -4.14 8.15 9.86
N ILE B 21 -3.28 8.27 10.86
CA ILE B 21 -2.34 7.22 11.22
C ILE B 21 -3.07 6.00 11.79
N GLY B 22 -4.11 6.24 12.58
CA GLY B 22 -4.88 5.17 13.18
C GLY B 22 -5.52 4.23 12.18
N ARG B 23 -5.92 4.78 11.04
CA ARG B 23 -6.54 3.99 9.98
C ARG B 23 -5.52 3.09 9.30
N ALA B 24 -4.32 3.62 9.10
CA ALA B 24 -3.25 2.87 8.45
C ALA B 24 -2.76 1.74 9.34
N VAL B 25 -2.66 2.01 10.64
CA VAL B 25 -2.25 1.00 11.61
C VAL B 25 -3.30 -0.10 11.68
N ALA B 26 -4.57 0.28 11.63
CA ALA B 26 -5.68 -0.66 11.72
C ALA B 26 -5.67 -1.67 10.58
N GLN B 27 -5.43 -1.19 9.36
CA GLN B 27 -5.41 -2.07 8.19
C GLN B 27 -4.16 -2.93 8.16
N LEU B 28 -3.03 -2.37 8.58
CA LEU B 28 -1.77 -3.10 8.62
C LEU B 28 -1.75 -4.13 9.74
N MET B 29 -2.68 -3.98 10.68
CA MET B 29 -2.78 -4.88 11.82
C MET B 29 -3.68 -6.06 11.51
N ALA B 30 -4.77 -5.79 10.80
CA ALA B 30 -5.77 -6.80 10.50
C ALA B 30 -5.31 -7.75 9.38
N ARG B 31 -4.21 -7.41 8.73
CA ARG B 31 -3.69 -8.24 7.64
C ARG B 31 -3.11 -9.56 8.15
N LYS B 32 -2.70 -9.58 9.42
CA LYS B 32 -2.07 -10.78 9.97
C LYS B 32 -2.47 -11.09 11.41
N GLY B 33 -3.57 -11.81 11.56
CA GLY B 33 -3.95 -12.38 12.86
C GLY B 33 -4.68 -11.48 13.82
N TYR B 34 -4.20 -10.24 13.96
CA TYR B 34 -4.73 -9.31 14.96
C TYR B 34 -6.21 -9.00 14.77
N ARG B 35 -6.97 -9.07 15.85
CA ARG B 35 -8.36 -8.62 15.85
C ARG B 35 -8.43 -7.23 16.47
N LEU B 36 -9.13 -6.31 15.81
CA LEU B 36 -9.10 -4.92 16.22
C LEU B 36 -10.47 -4.35 16.59
N ALA B 37 -10.44 -3.17 17.18
CA ALA B 37 -11.65 -2.44 17.55
C ALA B 37 -11.47 -0.96 17.27
N VAL B 38 -11.93 -0.51 16.12
CA VAL B 38 -11.78 0.88 15.71
C VAL B 38 -12.58 1.82 16.59
N ILE B 39 -11.88 2.66 17.35
CA ILE B 39 -12.52 3.61 18.26
C ILE B 39 -12.28 5.04 17.81
N ALA B 40 -13.37 5.77 17.56
CA ALA B 40 -13.28 7.15 17.11
C ALA B 40 -14.29 8.05 17.81
N ARG B 41 -14.43 9.28 17.34
CA ARG B 41 -15.37 10.23 17.91
C ARG B 41 -16.78 10.00 17.37
N ASN B 42 -16.85 9.52 16.13
CA ASN B 42 -18.13 9.21 15.49
C ASN B 42 -18.25 7.72 15.22
N LEU B 43 -19.38 7.14 15.62
CA LEU B 43 -19.60 5.70 15.48
C LEU B 43 -19.73 5.30 14.01
N GLU B 44 -20.39 6.15 13.23
CA GLU B 44 -20.58 5.88 11.81
C GLU B 44 -19.25 5.95 11.06
N GLY B 45 -18.38 6.86 11.50
CA GLY B 45 -17.06 7.00 10.91
C GLY B 45 -16.19 5.80 11.21
N ALA B 46 -16.33 5.27 12.43
CA ALA B 46 -15.59 4.09 12.85
C ALA B 46 -16.19 2.84 12.22
N LYS B 47 -17.47 2.90 11.87
CA LYS B 47 -18.15 1.80 11.21
C LYS B 47 -17.60 1.57 9.81
N ALA B 48 -17.30 2.67 9.12
CA ALA B 48 -16.78 2.60 7.76
C ALA B 48 -15.35 2.05 7.74
N ALA B 49 -14.67 2.15 8.88
CA ALA B 49 -13.31 1.65 8.99
C ALA B 49 -13.28 0.20 9.43
N ALA B 50 -14.24 -0.17 10.29
CA ALA B 50 -14.32 -1.54 10.79
C ALA B 50 -14.98 -2.47 9.76
N GLY B 51 -15.98 -1.95 9.06
CA GLY B 51 -16.68 -2.72 8.05
C GLY B 51 -15.84 -2.95 6.81
N ASP B 52 -14.86 -2.06 6.60
CA ASP B 52 -13.97 -2.18 5.45
C ASP B 52 -12.89 -3.23 5.71
N LEU B 53 -12.60 -3.48 6.98
CA LEU B 53 -11.57 -4.44 7.35
C LEU B 53 -12.03 -5.88 7.11
N GLY B 54 -13.32 -6.13 7.31
CA GLY B 54 -13.86 -7.47 7.15
C GLY B 54 -13.64 -8.31 8.40
N GLY B 55 -13.78 -9.63 8.27
CA GLY B 55 -13.58 -10.54 9.38
C GLY B 55 -14.45 -10.24 10.57
N ASP B 56 -13.83 -10.19 11.74
CA ASP B 56 -14.51 -9.86 12.98
C ASP B 56 -13.85 -8.66 13.65
N HIS B 57 -14.17 -7.46 13.17
CA HIS B 57 -13.64 -6.23 13.78
C HIS B 57 -14.79 -5.29 14.13
N LEU B 58 -14.79 -4.82 15.37
CA LEU B 58 -15.87 -3.98 15.88
C LEU B 58 -15.53 -2.50 15.79
N ALA B 59 -16.54 -1.65 15.94
CA ALA B 59 -16.35 -0.21 15.91
C ALA B 59 -16.94 0.44 17.17
N PHE B 60 -16.24 1.44 17.69
CA PHE B 60 -16.67 2.10 18.91
C PHE B 60 -16.60 3.62 18.79
N SER B 61 -17.49 4.30 19.51
CA SER B 61 -17.51 5.76 19.53
C SER B 61 -17.10 6.26 20.92
N CYS B 62 -16.07 7.11 20.96
CA CYS B 62 -15.55 7.58 22.24
C CYS B 62 -14.81 8.91 22.13
N ASP B 63 -14.79 9.65 23.23
CA ASP B 63 -13.99 10.87 23.35
C ASP B 63 -12.89 10.65 24.37
N VAL B 64 -11.64 10.69 23.91
CA VAL B 64 -10.49 10.42 24.76
C VAL B 64 -10.33 11.48 25.85
N ALA B 65 -10.89 12.65 25.62
CA ALA B 65 -10.77 13.76 26.58
C ALA B 65 -11.65 13.53 27.80
N LYS B 66 -12.80 12.88 27.60
CA LYS B 66 -13.76 12.67 28.68
C LYS B 66 -13.42 11.42 29.50
N GLU B 67 -13.38 11.58 30.81
CA GLU B 67 -13.11 10.48 31.72
C GLU B 67 -14.16 9.39 31.65
N HIS B 68 -15.43 9.78 31.73
CA HIS B 68 -16.54 8.84 31.71
C HIS B 68 -16.64 8.10 30.38
N ASP B 69 -16.29 8.79 29.30
CA ASP B 69 -16.43 8.22 27.96
C ASP B 69 -15.38 7.15 27.69
N VAL B 70 -14.19 7.34 28.24
CA VAL B 70 -13.09 6.39 28.06
C VAL B 70 -13.37 5.09 28.83
N GLN B 71 -13.75 5.22 30.09
CA GLN B 71 -14.01 4.07 30.95
C GLN B 71 -15.17 3.22 30.43
N ASN B 72 -16.17 3.88 29.84
CA ASN B 72 -17.33 3.18 29.31
C ASN B 72 -17.01 2.38 28.05
N THR B 73 -16.10 2.90 27.24
CA THR B 73 -15.74 2.27 25.98
C THR B 73 -14.98 0.97 26.18
N PHE B 74 -14.06 0.96 27.15
CA PHE B 74 -13.28 -0.25 27.45
C PHE B 74 -14.18 -1.34 28.03
N GLU B 75 -15.25 -0.94 28.70
CA GLU B 75 -16.21 -1.90 29.24
C GLU B 75 -16.97 -2.58 28.11
N GLU B 76 -17.30 -1.82 27.08
CA GLU B 76 -18.00 -2.36 25.91
C GLU B 76 -17.03 -3.13 25.02
N LEU B 77 -15.78 -2.67 25.00
CA LEU B 77 -14.74 -3.33 24.21
C LEU B 77 -14.42 -4.71 24.79
N GLU B 78 -14.40 -4.80 26.12
CA GLU B 78 -14.14 -6.06 26.79
C GLU B 78 -15.39 -6.93 26.80
N LYS B 79 -16.52 -6.35 26.39
CA LYS B 79 -17.77 -7.08 26.34
C LYS B 79 -17.94 -7.80 25.00
N HIS B 80 -17.31 -7.27 23.97
CA HIS B 80 -17.39 -7.86 22.63
C HIS B 80 -16.09 -8.55 22.24
N LEU B 81 -14.99 -8.10 22.82
CA LEU B 81 -13.69 -8.70 22.59
C LEU B 81 -13.16 -9.37 23.85
N GLY B 82 -12.17 -10.25 23.69
CA GLY B 82 -11.60 -10.97 24.81
C GLY B 82 -10.89 -10.07 25.81
N ARG B 83 -9.65 -9.73 25.50
CA ARG B 83 -8.86 -8.88 26.38
C ARG B 83 -7.83 -8.07 25.59
N VAL B 84 -7.88 -6.75 25.74
CA VAL B 84 -6.98 -5.87 25.01
C VAL B 84 -5.54 -5.98 25.49
N ASN B 85 -4.70 -6.59 24.66
CA ASN B 85 -3.28 -6.71 24.96
C ASN B 85 -2.42 -5.88 24.01
N PHE B 86 -3.09 -5.06 23.20
CA PHE B 86 -2.41 -4.14 22.29
C PHE B 86 -3.15 -2.81 22.25
N LEU B 87 -2.44 -1.73 22.54
CA LEU B 87 -3.07 -0.40 22.57
C LEU B 87 -2.34 0.60 21.68
N VAL B 88 -3.10 1.35 20.89
CA VAL B 88 -2.54 2.38 20.03
C VAL B 88 -3.27 3.70 20.22
N ASN B 89 -2.53 4.72 20.66
CA ASN B 89 -3.10 6.05 20.86
C ASN B 89 -2.81 6.96 19.68
N ALA B 90 -3.55 6.79 18.59
CA ALA B 90 -3.33 7.59 17.38
C ALA B 90 -4.36 8.71 17.28
N ALA B 91 -5.05 8.97 18.39
CA ALA B 91 -6.03 10.05 18.43
C ALA B 91 -5.39 11.35 18.92
N GLY B 92 -5.57 12.42 18.15
CA GLY B 92 -5.01 13.70 18.51
C GLY B 92 -5.40 14.80 17.54
N ILE B 93 -5.30 16.05 18.00
CA ILE B 93 -5.63 17.20 17.17
C ILE B 93 -4.52 18.25 17.22
N ASN B 94 -4.38 19.01 16.13
CA ASN B 94 -3.37 20.06 16.06
C ASN B 94 -3.94 21.36 15.50
N ARG B 95 -3.68 22.46 16.19
CA ARG B 95 -4.14 23.77 15.73
C ARG B 95 -3.00 24.77 15.75
N ASP B 96 -2.62 25.24 14.57
CA ASP B 96 -1.51 26.19 14.44
C ASP B 96 -1.86 27.55 15.03
N GLY B 97 -0.85 28.38 15.22
CA GLY B 97 -1.04 29.70 15.80
C GLY B 97 0.01 30.03 16.83
N LEU B 98 0.21 31.32 17.09
CA LEU B 98 1.20 31.77 18.06
C LEU B 98 0.71 31.56 19.49
N LEU B 99 1.52 31.95 20.46
CA LEU B 99 1.17 31.79 21.86
C LEU B 99 0.26 32.93 22.31
N VAL B 100 0.40 34.09 21.66
CA VAL B 100 -0.44 35.24 21.97
C VAL B 100 -1.75 35.17 21.19
N ARG B 101 -1.79 34.28 20.20
CA ARG B 101 -2.97 34.11 19.37
C ARG B 101 -3.93 33.08 19.96
N THR B 102 -3.38 32.01 20.51
CA THR B 102 -4.18 30.91 21.06
C THR B 102 -4.94 31.34 22.32
N LYS B 103 -6.15 30.81 22.46
CA LYS B 103 -6.97 31.08 23.64
C LYS B 103 -6.72 30.02 24.70
N THR B 104 -7.02 30.36 25.96
CA THR B 104 -6.78 29.45 27.07
C THR B 104 -7.65 28.20 26.99
N GLU B 105 -8.83 28.34 26.41
CA GLU B 105 -9.73 27.20 26.26
C GLU B 105 -9.22 26.23 25.20
N ASP B 106 -8.64 26.79 24.14
CA ASP B 106 -8.09 25.98 23.05
C ASP B 106 -6.84 25.24 23.51
N MET B 107 -6.14 25.80 24.48
CA MET B 107 -4.95 25.17 25.04
C MET B 107 -5.31 23.95 25.87
N VAL B 108 -6.41 24.06 26.61
CA VAL B 108 -6.90 22.94 27.41
C VAL B 108 -7.40 21.81 26.50
N SER B 109 -7.95 22.20 25.35
CA SER B 109 -8.49 21.25 24.39
C SER B 109 -7.43 20.26 23.89
N GLN B 110 -6.27 20.79 23.49
CA GLN B 110 -5.19 19.95 22.99
C GLN B 110 -4.49 19.21 24.11
N LEU B 111 -4.61 19.72 25.33
CA LEU B 111 -4.02 19.09 26.50
C LEU B 111 -4.85 17.89 26.96
N HIS B 112 -6.17 18.01 26.87
CA HIS B 112 -7.07 16.95 27.31
C HIS B 112 -7.27 15.89 26.22
N THR B 113 -6.96 16.24 24.98
CA THR B 113 -7.15 15.32 23.87
C THR B 113 -5.89 14.52 23.57
N ASN B 114 -4.79 15.23 23.33
CA ASN B 114 -3.54 14.59 22.92
C ASN B 114 -2.80 13.94 24.10
N LEU B 115 -2.60 14.70 25.16
CA LEU B 115 -1.82 14.23 26.30
C LEU B 115 -2.67 13.49 27.33
N LEU B 116 -3.64 14.20 27.91
CA LEU B 116 -4.49 13.61 28.93
C LEU B 116 -5.32 12.45 28.39
N GLY B 117 -5.75 12.58 27.14
CA GLY B 117 -6.52 11.53 26.48
C GLY B 117 -5.75 10.23 26.39
N SER B 118 -4.45 10.33 26.16
CA SER B 118 -3.59 9.17 26.07
C SER B 118 -3.32 8.58 27.46
N MET B 119 -3.33 9.45 28.48
CA MET B 119 -3.10 9.01 29.84
C MET B 119 -4.32 8.29 30.41
N LEU B 120 -5.46 8.50 29.79
CA LEU B 120 -6.70 7.87 30.24
C LEU B 120 -6.86 6.48 29.62
N THR B 121 -6.50 6.36 28.35
CA THR B 121 -6.61 5.08 27.64
C THR B 121 -5.63 4.06 28.21
N CYS B 122 -4.40 4.51 28.50
CA CYS B 122 -3.40 3.65 29.09
C CYS B 122 -3.80 3.21 30.49
N LYS B 123 -4.39 4.14 31.24
CA LYS B 123 -4.87 3.86 32.59
C LYS B 123 -5.99 2.83 32.58
N ALA B 124 -6.88 2.94 31.62
CA ALA B 124 -8.01 2.02 31.50
C ALA B 124 -7.57 0.67 30.93
N ALA B 125 -6.50 0.67 30.15
CA ALA B 125 -6.00 -0.55 29.54
C ALA B 125 -5.16 -1.36 30.52
N MET B 126 -4.77 -0.73 31.62
CA MET B 126 -3.97 -1.40 32.64
C MET B 126 -4.72 -2.55 33.29
N ARG B 127 -5.97 -2.28 33.68
CA ARG B 127 -6.81 -3.25 34.37
C ARG B 127 -6.84 -4.62 33.69
N THR B 128 -6.87 -4.61 32.36
CA THR B 128 -6.84 -5.83 31.58
C THR B 128 -5.42 -6.37 31.47
N MET B 129 -4.49 -5.48 31.12
CA MET B 129 -3.11 -5.87 30.88
C MET B 129 -2.38 -6.31 32.15
N ILE B 130 -2.69 -5.67 33.28
CA ILE B 130 -2.09 -6.06 34.56
C ILE B 130 -2.51 -7.49 34.92
N GLN B 131 -3.79 -7.79 34.70
CA GLN B 131 -4.33 -9.11 34.97
C GLN B 131 -3.75 -10.15 34.00
N GLN B 132 -3.60 -9.76 32.74
CA GLN B 132 -3.07 -10.66 31.72
C GLN B 132 -1.59 -10.96 31.92
N GLN B 133 -1.02 -11.70 30.99
CA GLN B 133 0.40 -12.04 31.04
C GLN B 133 1.27 -10.91 30.53
N GLY B 134 0.64 -9.80 30.16
CA GLY B 134 1.38 -8.65 29.66
C GLY B 134 0.52 -7.72 28.82
N GLY B 135 1.18 -6.86 28.05
CA GLY B 135 0.48 -5.91 27.20
C GLY B 135 1.46 -5.06 26.40
N SER B 136 0.93 -4.36 25.40
CA SER B 136 1.78 -3.51 24.56
C SER B 136 1.05 -2.25 24.12
N ILE B 137 1.60 -1.10 24.51
CA ILE B 137 0.98 0.18 24.19
C ILE B 137 1.91 1.06 23.36
N VAL B 138 1.37 1.66 22.30
CA VAL B 138 2.13 2.60 21.50
C VAL B 138 1.42 3.95 21.43
N ASN B 139 2.10 4.98 21.92
CA ASN B 139 1.56 6.34 21.89
C ASN B 139 2.10 7.12 20.71
N VAL B 140 1.21 7.55 19.82
CA VAL B 140 1.59 8.30 18.64
C VAL B 140 1.87 9.77 18.98
N GLY B 141 3.14 10.12 19.05
CA GLY B 141 3.53 11.49 19.34
C GLY B 141 4.00 12.22 18.09
N SER B 142 5.04 13.04 18.24
CA SER B 142 5.59 13.79 17.13
C SER B 142 7.03 14.21 17.43
N ILE B 143 7.80 14.47 16.38
CA ILE B 143 9.18 14.93 16.54
C ILE B 143 9.19 16.33 17.15
N VAL B 144 8.14 17.09 16.90
CA VAL B 144 8.03 18.43 17.45
C VAL B 144 7.73 18.39 18.94
N GLY B 145 7.46 17.21 19.46
CA GLY B 145 7.28 17.02 20.88
C GLY B 145 8.61 16.94 21.59
N LEU B 146 9.67 16.70 20.80
CA LEU B 146 11.02 16.60 21.34
C LEU B 146 11.84 17.85 21.06
N LYS B 147 11.77 18.33 19.82
CA LYS B 147 12.60 19.45 19.40
C LYS B 147 11.82 20.77 19.35
N GLY B 148 10.51 20.68 19.17
CA GLY B 148 9.67 21.85 19.11
C GLY B 148 9.53 22.40 17.70
N ASN B 149 8.50 23.21 17.49
CA ASN B 149 8.26 23.82 16.18
C ASN B 149 7.58 25.17 16.30
N SER B 150 7.99 26.11 15.45
CA SER B 150 7.43 27.46 15.47
C SER B 150 5.97 27.46 15.03
N GLY B 151 5.11 28.00 15.89
CA GLY B 151 3.69 28.07 15.60
C GLY B 151 2.94 26.87 16.16
N GLN B 152 3.67 25.95 16.77
CA GLN B 152 3.05 24.75 17.35
C GLN B 152 3.59 24.48 18.74
N SER B 153 3.51 25.47 19.61
CA SER B 153 3.98 25.33 20.99
C SER B 153 2.99 24.54 21.83
N VAL B 154 1.70 24.75 21.60
CA VAL B 154 0.65 24.06 22.33
C VAL B 154 0.62 22.58 21.94
N TYR B 155 0.89 22.30 20.67
CA TYR B 155 0.90 20.93 20.17
C TYR B 155 2.18 20.21 20.60
N SER B 156 3.24 20.98 20.81
CA SER B 156 4.52 20.43 21.23
C SER B 156 4.49 20.05 22.71
N ALA B 157 3.70 20.78 23.48
CA ALA B 157 3.58 20.54 24.91
C ALA B 157 2.84 19.24 25.19
N SER B 158 1.73 19.03 24.49
CA SER B 158 0.93 17.83 24.66
C SER B 158 1.65 16.59 24.13
N LYS B 159 2.25 16.73 22.96
CA LYS B 159 2.97 15.62 22.34
C LYS B 159 4.32 15.38 23.02
N GLY B 160 4.81 16.41 23.73
CA GLY B 160 6.07 16.29 24.44
C GLY B 160 5.91 15.62 25.78
N GLY B 161 4.69 15.64 26.31
CA GLY B 161 4.40 15.02 27.58
C GLY B 161 4.23 13.51 27.46
N LEU B 162 4.00 13.05 26.23
CA LEU B 162 3.82 11.63 25.97
C LEU B 162 5.10 10.85 26.26
N VAL B 163 6.24 11.51 26.09
CA VAL B 163 7.53 10.88 26.32
C VAL B 163 7.71 10.54 27.80
N GLY B 164 7.42 11.49 28.67
CA GLY B 164 7.57 11.30 30.10
C GLY B 164 6.61 10.27 30.66
N PHE B 165 5.34 10.37 30.27
CA PHE B 165 4.30 9.48 30.77
C PHE B 165 4.54 8.02 30.35
N SER B 166 4.91 7.83 29.09
CA SER B 166 5.11 6.48 28.56
C SER B 166 6.32 5.79 29.19
N ARG B 167 7.39 6.54 29.38
CA ARG B 167 8.61 6.00 29.98
C ARG B 167 8.44 5.73 31.47
N ALA B 168 7.72 6.61 32.16
CA ALA B 168 7.46 6.43 33.58
C ALA B 168 6.53 5.25 33.81
N LEU B 169 5.54 5.11 32.94
CA LEU B 169 4.62 3.99 33.00
C LEU B 169 5.34 2.69 32.65
N ALA B 170 6.32 2.80 31.75
CA ALA B 170 7.10 1.64 31.31
C ALA B 170 7.87 1.04 32.47
N LYS B 171 8.46 1.89 33.31
CA LYS B 171 9.20 1.43 34.48
C LYS B 171 8.26 0.84 35.52
N GLU B 172 6.99 1.23 35.44
CA GLU B 172 5.99 0.83 36.42
C GLU B 172 5.41 -0.56 36.17
N VAL B 173 5.16 -0.87 34.89
CA VAL B 173 4.50 -2.12 34.53
C VAL B 173 5.38 -3.04 33.69
N ALA B 174 6.69 -2.87 33.80
CA ALA B 174 7.62 -3.70 33.03
C ALA B 174 7.69 -5.12 33.59
N ARG B 175 7.65 -5.22 34.92
CA ARG B 175 7.70 -6.52 35.59
C ARG B 175 6.37 -7.26 35.41
N LYS B 176 5.36 -6.54 34.92
CA LYS B 176 4.09 -7.16 34.56
C LYS B 176 4.11 -7.54 33.09
N LYS B 177 5.31 -7.54 32.50
CA LYS B 177 5.52 -7.89 31.09
C LYS B 177 4.73 -6.99 30.16
N ILE B 178 4.54 -5.73 30.56
CA ILE B 178 3.84 -4.76 29.73
C ILE B 178 4.80 -3.72 29.17
N ARG B 179 4.78 -3.56 27.86
CA ARG B 179 5.68 -2.63 27.18
C ARG B 179 4.92 -1.43 26.62
N VAL B 180 5.48 -0.24 26.79
CA VAL B 180 4.89 0.96 26.21
C VAL B 180 5.95 1.88 25.61
N ASN B 181 5.78 2.22 24.33
CA ASN B 181 6.74 3.05 23.62
C ASN B 181 6.08 4.26 22.97
N VAL B 182 6.90 5.07 22.30
CA VAL B 182 6.41 6.29 21.65
C VAL B 182 6.86 6.34 20.20
N VAL B 183 5.90 6.52 19.30
CA VAL B 183 6.21 6.75 17.88
C VAL B 183 6.19 8.25 17.60
N ALA B 184 7.29 8.77 17.07
CA ALA B 184 7.40 10.19 16.79
C ALA B 184 7.63 10.44 15.31
N PRO B 185 6.54 10.46 14.51
CA PRO B 185 6.64 10.73 13.08
C PRO B 185 6.86 12.21 12.80
N GLY B 186 7.42 12.52 11.64
CA GLY B 186 7.67 13.90 11.27
C GLY B 186 6.51 14.47 10.48
N PHE B 187 6.76 14.79 9.21
CA PHE B 187 5.70 15.32 8.35
C PHE B 187 5.06 14.21 7.53
N VAL B 188 3.79 13.94 7.80
CA VAL B 188 3.06 12.92 7.07
C VAL B 188 2.40 13.52 5.84
N HIS B 189 2.06 12.66 4.88
CA HIS B 189 1.46 13.03 3.59
C HIS B 189 2.26 14.10 2.87
N LYS B 202 10.55 20.58 3.25
CA LYS B 202 10.55 19.42 2.35
C LYS B 202 11.85 19.35 1.55
N LYS B 203 12.40 20.51 1.20
CA LYS B 203 13.64 20.57 0.44
C LYS B 203 14.83 20.29 1.34
N ASN B 204 14.66 20.50 2.64
CA ASN B 204 15.72 20.26 3.60
C ASN B 204 15.71 18.83 4.11
N ILE B 205 14.65 18.10 3.81
CA ILE B 205 14.52 16.71 4.21
C ILE B 205 15.53 15.84 3.46
N PRO B 206 16.40 15.14 4.21
CA PRO B 206 17.44 14.29 3.63
C PRO B 206 16.88 13.18 2.75
N LEU B 207 15.74 12.63 3.14
CA LEU B 207 15.16 11.49 2.43
C LEU B 207 14.43 11.92 1.15
N GLY B 208 14.00 13.18 1.10
CA GLY B 208 13.35 13.70 -0.08
C GLY B 208 12.05 14.43 0.19
N ARG B 209 10.98 13.66 0.40
CA ARG B 209 9.66 14.24 0.62
C ARG B 209 9.10 13.89 1.99
N PHE B 210 7.86 14.29 2.24
CA PHE B 210 7.19 14.00 3.51
C PHE B 210 6.88 12.52 3.64
N GLY B 211 6.60 12.07 4.86
CA GLY B 211 6.29 10.68 5.10
C GLY B 211 4.85 10.35 4.76
N GLU B 212 4.48 9.08 4.89
CA GLU B 212 3.11 8.64 4.65
C GLU B 212 2.58 7.87 5.85
N THR B 213 1.27 7.84 6.00
CA THR B 213 0.62 7.16 7.11
C THR B 213 0.92 5.66 7.10
N ILE B 214 1.18 5.11 5.92
CA ILE B 214 1.50 3.70 5.78
C ILE B 214 2.87 3.40 6.41
N GLU B 215 3.83 4.28 6.17
CA GLU B 215 5.18 4.11 6.69
C GLU B 215 5.22 4.28 8.21
N VAL B 216 4.38 5.16 8.73
CA VAL B 216 4.30 5.38 10.16
C VAL B 216 3.64 4.18 10.84
N ALA B 217 2.70 3.55 10.13
CA ALA B 217 1.97 2.40 10.66
C ALA B 217 2.88 1.19 10.88
N HIS B 218 3.82 0.98 9.96
CA HIS B 218 4.74 -0.15 10.06
C HIS B 218 5.64 -0.02 11.30
N ALA B 219 6.00 1.21 11.63
CA ALA B 219 6.82 1.48 12.80
C ALA B 219 6.03 1.22 14.09
N VAL B 220 4.73 1.44 14.04
CA VAL B 220 3.85 1.19 15.18
C VAL B 220 3.70 -0.30 15.45
N VAL B 221 3.40 -1.06 14.40
CA VAL B 221 3.23 -2.51 14.50
C VAL B 221 4.54 -3.17 14.95
N PHE B 222 5.66 -2.62 14.48
CA PHE B 222 6.97 -3.13 14.83
C PHE B 222 7.25 -3.08 16.33
N LEU B 223 6.99 -1.92 16.94
CA LEU B 223 7.21 -1.75 18.37
C LEU B 223 6.29 -2.68 19.18
N LEU B 224 5.07 -2.86 18.70
CA LEU B 224 4.11 -3.75 19.34
C LEU B 224 4.55 -5.21 19.19
N GLU B 225 5.32 -5.48 18.14
CA GLU B 225 5.76 -6.84 17.86
C GLU B 225 7.10 -7.15 18.53
N SER B 226 8.01 -6.17 18.53
CA SER B 226 9.32 -6.35 19.13
C SER B 226 9.21 -6.54 20.64
N PRO B 227 9.62 -7.73 21.13
CA PRO B 227 9.41 -8.15 22.51
C PRO B 227 10.36 -7.51 23.53
N TYR B 228 11.49 -6.96 23.08
CA TYR B 228 12.47 -6.41 24.02
C TYR B 228 12.64 -4.90 23.83
N ILE B 229 11.53 -4.20 23.61
CA ILE B 229 11.57 -2.75 23.47
C ILE B 229 10.47 -2.08 24.29
N THR B 230 10.87 -1.27 25.25
CA THR B 230 9.91 -0.51 26.05
C THR B 230 10.49 0.85 26.43
N GLY B 231 9.63 1.85 26.53
CA GLY B 231 10.03 3.20 26.89
C GLY B 231 10.96 3.83 25.87
N HIS B 232 10.82 3.43 24.61
CA HIS B 232 11.67 3.96 23.54
C HIS B 232 10.88 4.87 22.61
N VAL B 233 11.52 5.97 22.20
CA VAL B 233 10.90 6.91 21.28
C VAL B 233 11.37 6.65 19.85
N LEU B 234 10.58 5.89 19.10
CA LEU B 234 10.92 5.58 17.71
C LEU B 234 10.57 6.77 16.81
N VAL B 235 11.56 7.31 16.13
CA VAL B 235 11.38 8.50 15.32
C VAL B 235 11.29 8.21 13.83
N VAL B 236 10.12 8.48 13.26
CA VAL B 236 9.91 8.33 11.82
C VAL B 236 10.01 9.69 11.14
N ASP B 237 11.24 10.12 10.87
CA ASP B 237 11.48 11.47 10.37
C ASP B 237 11.93 11.54 8.92
N GLY B 238 12.76 10.58 8.52
CA GLY B 238 13.38 10.64 7.21
C GLY B 238 14.53 11.62 7.22
N GLY B 239 15.01 11.94 8.42
CA GLY B 239 16.14 12.83 8.57
C GLY B 239 15.77 14.23 9.02
N LEU B 240 14.52 14.40 9.43
CA LEU B 240 14.02 15.70 9.86
C LEU B 240 14.62 16.13 11.20
N GLN B 241 14.86 15.15 12.07
CA GLN B 241 15.42 15.40 13.39
C GLN B 241 16.82 15.99 13.30
N LEU B 242 17.53 15.65 12.23
CA LEU B 242 18.92 16.06 12.05
C LEU B 242 19.03 17.49 11.52
N ILE B 243 17.95 18.00 10.95
CA ILE B 243 17.98 19.32 10.33
C ILE B 243 17.08 20.31 11.09
N LEU B 244 16.19 19.79 11.93
CA LEU B 244 15.30 20.64 12.72
C LEU B 244 16.08 21.58 13.64
N LYS C 10 16.73 45.20 36.68
CA LYS C 10 15.99 44.10 36.07
C LYS C 10 15.03 43.46 37.06
N VAL C 11 13.87 43.04 36.57
CA VAL C 11 12.83 42.45 37.42
C VAL C 11 12.55 41.00 37.04
N CYS C 12 12.61 40.11 38.03
CA CYS C 12 12.32 38.70 37.79
C CYS C 12 11.18 38.22 38.66
N ALA C 13 10.17 37.62 38.03
CA ALA C 13 9.02 37.09 38.74
C ALA C 13 9.13 35.58 38.90
N VAL C 14 9.48 35.14 40.11
CA VAL C 14 9.65 33.72 40.39
C VAL C 14 8.35 33.08 40.87
N PHE C 15 7.80 32.18 40.07
CA PHE C 15 6.60 31.46 40.44
C PHE C 15 6.95 30.24 41.28
N GLY C 16 6.22 30.04 42.37
CA GLY C 16 6.53 28.98 43.31
C GLY C 16 7.79 29.31 44.09
N GLY C 17 7.90 30.56 44.51
CA GLY C 17 9.08 31.03 45.22
C GLY C 17 8.98 30.87 46.73
N SER C 18 7.94 30.17 47.18
CA SER C 18 7.77 29.91 48.61
C SER C 18 7.70 28.42 48.89
N ARG C 19 8.54 27.96 49.82
CA ARG C 19 8.61 26.55 50.20
C ARG C 19 8.87 25.65 49.00
N GLY C 20 10.07 25.76 48.44
CA GLY C 20 10.45 24.95 47.29
C GLY C 20 11.76 25.38 46.66
N ILE C 21 11.95 25.02 45.40
CA ILE C 21 13.16 25.36 44.67
C ILE C 21 13.22 26.86 44.36
N GLY C 22 12.06 27.45 44.08
CA GLY C 22 11.97 28.85 43.75
C GLY C 22 12.45 29.77 44.87
N ARG C 23 12.37 29.28 46.10
CA ARG C 23 12.84 30.04 47.26
C ARG C 23 14.35 30.24 47.20
N ALA C 24 15.07 29.21 46.76
CA ALA C 24 16.52 29.29 46.62
C ALA C 24 16.88 30.16 45.42
N VAL C 25 16.05 30.11 44.39
CA VAL C 25 16.22 30.96 43.21
C VAL C 25 16.00 32.41 43.61
N ALA C 26 15.06 32.63 44.52
CA ALA C 26 14.75 33.97 45.01
C ALA C 26 15.88 34.51 45.87
N GLN C 27 16.39 33.68 46.78
CA GLN C 27 17.47 34.09 47.68
C GLN C 27 18.73 34.45 46.91
N LEU C 28 19.02 33.71 45.85
CA LEU C 28 20.22 33.93 45.07
C LEU C 28 20.15 35.19 44.22
N MET C 29 19.06 35.35 43.48
CA MET C 29 18.90 36.50 42.59
C MET C 29 18.73 37.80 43.37
N ALA C 30 18.22 37.70 44.60
CA ALA C 30 18.09 38.87 45.46
C ALA C 30 19.47 39.30 45.96
N ARG C 31 20.34 38.32 46.18
CA ARG C 31 21.70 38.59 46.59
C ARG C 31 22.54 39.09 45.41
N LYS C 32 22.05 38.80 44.19
CA LYS C 32 22.73 39.23 42.98
C LYS C 32 22.30 40.65 42.58
N GLY C 33 21.24 41.12 43.20
CA GLY C 33 20.74 42.46 42.93
C GLY C 33 19.61 42.51 41.93
N TYR C 34 18.50 41.87 42.25
CA TYR C 34 17.33 41.88 41.39
C TYR C 34 16.06 42.16 42.18
N ARG C 35 15.12 42.85 41.54
CA ARG C 35 13.80 43.07 42.14
C ARG C 35 12.91 41.87 41.85
N LEU C 36 12.57 41.12 42.89
CA LEU C 36 11.86 39.86 42.70
C LEU C 36 10.43 39.92 43.22
N ALA C 37 9.49 39.52 42.38
CA ALA C 37 8.09 39.40 42.77
C ALA C 37 7.79 37.97 43.20
N VAL C 38 7.80 37.73 44.51
CA VAL C 38 7.55 36.39 45.04
C VAL C 38 6.10 35.99 44.82
N ILE C 39 5.89 35.10 43.84
CA ILE C 39 4.54 34.67 43.48
C ILE C 39 4.30 33.21 43.84
N ALA C 40 3.20 32.94 44.53
CA ALA C 40 2.84 31.59 44.93
C ALA C 40 1.36 31.50 45.27
N ARG C 41 0.84 30.28 45.33
CA ARG C 41 -0.56 30.05 45.69
C ARG C 41 -0.80 30.44 47.14
N ASN C 42 0.21 30.22 47.98
CA ASN C 42 0.14 30.60 49.39
C ASN C 42 1.47 31.17 49.87
N LEU C 43 1.65 32.47 49.68
CA LEU C 43 2.91 33.14 50.02
C LEU C 43 3.09 33.25 51.53
N GLU C 44 4.26 33.75 51.93
CA GLU C 44 4.58 33.91 53.35
C GLU C 44 5.26 35.25 53.60
N ALA C 59 5.44 39.37 47.28
CA ALA C 59 4.14 39.80 47.80
C ALA C 59 3.05 39.63 46.76
N PHE C 60 2.90 38.41 46.25
CA PHE C 60 1.87 38.13 45.24
C PHE C 60 1.26 36.75 45.46
N SER C 61 -0.07 36.70 45.39
CA SER C 61 -0.79 35.43 45.49
C SER C 61 -1.49 35.13 44.16
N CYS C 62 -1.24 33.94 43.63
CA CYS C 62 -1.81 33.57 42.33
C CYS C 62 -1.96 32.06 42.15
N ASP C 63 -3.05 31.67 41.51
CA ASP C 63 -3.24 30.28 41.10
C ASP C 63 -2.80 30.10 39.65
N VAL C 64 -1.87 29.18 39.44
CA VAL C 64 -1.25 29.01 38.13
C VAL C 64 -2.22 28.48 37.07
N ALA C 65 -3.22 27.72 37.50
CA ALA C 65 -4.15 27.09 36.57
C ALA C 65 -5.15 28.08 35.98
N LYS C 66 -5.80 28.85 36.85
CA LYS C 66 -6.83 29.80 36.44
C LYS C 66 -6.24 30.91 35.57
N GLU C 67 -6.82 31.09 34.39
CA GLU C 67 -6.37 32.09 33.44
C GLU C 67 -6.53 33.51 33.99
N HIS C 68 -7.73 33.83 34.48
CA HIS C 68 -8.02 35.16 35.00
C HIS C 68 -7.16 35.50 36.20
N ASP C 69 -6.72 34.47 36.93
CA ASP C 69 -5.83 34.66 38.06
C ASP C 69 -4.45 35.09 37.58
N VAL C 70 -4.00 34.49 36.49
CA VAL C 70 -2.72 34.85 35.88
C VAL C 70 -2.79 36.26 35.31
N GLN C 71 -3.95 36.63 34.77
CA GLN C 71 -4.18 37.95 34.21
C GLN C 71 -3.99 39.05 35.26
N ASN C 72 -4.37 38.74 36.50
CA ASN C 72 -4.28 39.69 37.59
C ASN C 72 -2.84 39.92 38.06
N THR C 73 -2.13 38.82 38.31
CA THR C 73 -0.75 38.87 38.77
C THR C 73 0.19 39.46 37.72
N PHE C 74 0.03 39.04 36.48
CA PHE C 74 0.89 39.50 35.40
C PHE C 74 0.72 40.99 35.16
N GLU C 75 -0.47 41.51 35.43
CA GLU C 75 -0.75 42.93 35.23
C GLU C 75 -0.34 43.74 36.45
N GLU C 76 -0.40 43.12 37.62
CA GLU C 76 -0.03 43.79 38.86
C GLU C 76 1.48 43.74 39.08
N LEU C 77 2.18 43.10 38.13
CA LEU C 77 3.63 42.99 38.19
C LEU C 77 4.29 44.31 37.80
N GLU C 78 3.78 44.90 36.73
CA GLU C 78 4.29 46.19 36.26
C GLU C 78 3.75 47.33 37.12
N LYS C 79 2.78 47.02 37.96
CA LYS C 79 2.15 48.01 38.83
C LYS C 79 3.05 48.40 39.99
N HIS C 80 3.82 47.43 40.49
CA HIS C 80 4.65 47.63 41.66
C HIS C 80 6.14 47.52 41.33
N LEU C 81 6.47 46.61 40.42
CA LEU C 81 7.87 46.37 40.06
C LEU C 81 8.24 47.13 38.79
N GLY C 82 7.66 46.71 37.67
CA GLY C 82 7.94 47.33 36.38
C GLY C 82 8.02 46.34 35.25
N ARG C 83 8.78 46.68 34.22
CA ARG C 83 8.95 45.81 33.05
C ARG C 83 9.70 44.54 33.41
N VAL C 84 9.03 43.40 33.24
CA VAL C 84 9.63 42.10 33.54
C VAL C 84 10.50 41.60 32.41
N ASN C 85 11.75 41.29 32.72
CA ASN C 85 12.69 40.80 31.72
C ASN C 85 13.20 39.39 32.02
N PHE C 86 12.85 38.88 33.21
CA PHE C 86 13.21 37.52 33.59
C PHE C 86 12.03 36.80 34.20
N LEU C 87 11.84 35.54 33.81
CA LEU C 87 10.72 34.74 34.30
C LEU C 87 11.15 33.33 34.69
N VAL C 88 10.73 32.90 35.88
CA VAL C 88 11.04 31.56 36.36
C VAL C 88 9.79 30.85 36.88
N ASN C 89 9.47 29.71 36.28
CA ASN C 89 8.32 28.92 36.70
C ASN C 89 8.73 27.71 37.52
N ALA C 90 8.93 27.91 38.81
CA ALA C 90 9.36 26.83 39.70
C ALA C 90 8.18 26.28 40.51
N ALA C 91 6.99 26.38 39.96
CA ALA C 91 5.78 25.89 40.62
C ALA C 91 5.41 24.51 40.12
N GLY C 92 4.93 23.65 41.02
CA GLY C 92 4.54 22.30 40.66
C GLY C 92 4.03 21.49 41.83
N ILE C 93 3.30 20.42 41.51
CA ILE C 93 2.75 19.54 42.53
C ILE C 93 3.34 18.14 42.42
N ASN C 94 3.79 17.60 43.56
CA ASN C 94 4.36 16.26 43.59
C ASN C 94 3.34 15.19 43.20
N ARG C 95 3.83 14.11 42.59
CA ARG C 95 2.97 13.04 42.13
C ARG C 95 2.39 12.25 43.31
N ASP C 96 3.24 11.94 44.27
CA ASP C 96 2.85 11.17 45.46
C ASP C 96 2.22 9.83 45.09
N LEU C 99 1.37 3.92 40.89
CA LEU C 99 0.05 3.34 40.73
C LEU C 99 -0.81 4.16 39.77
N VAL C 100 -1.40 3.49 38.78
CA VAL C 100 -2.24 4.15 37.80
C VAL C 100 -3.68 4.24 38.29
N ARG C 101 -3.91 3.83 39.52
CA ARG C 101 -5.24 3.88 40.11
C ARG C 101 -5.50 5.21 40.80
N THR C 102 -5.03 6.29 40.19
CA THR C 102 -5.22 7.63 40.73
C THR C 102 -6.47 8.28 40.16
N LYS C 103 -7.06 9.19 40.92
CA LYS C 103 -8.24 9.93 40.46
C LYS C 103 -7.90 10.76 39.23
N THR C 104 -8.81 10.79 38.27
CA THR C 104 -8.62 11.55 37.04
C THR C 104 -8.61 13.04 37.31
N GLU C 105 -9.16 13.44 38.46
CA GLU C 105 -9.16 14.84 38.86
C GLU C 105 -7.74 15.32 39.14
N ASP C 106 -6.93 14.44 39.72
CA ASP C 106 -5.54 14.75 39.99
C ASP C 106 -4.72 14.76 38.71
N MET C 107 -5.17 13.98 37.72
CA MET C 107 -4.52 13.94 36.42
C MET C 107 -4.75 15.24 35.66
N VAL C 108 -5.83 15.92 36.00
CA VAL C 108 -6.15 17.23 35.42
C VAL C 108 -5.53 18.33 36.28
N SER C 109 -5.53 18.12 37.59
CA SER C 109 -5.00 19.09 38.53
C SER C 109 -3.52 19.35 38.31
N GLN C 110 -2.71 18.30 38.38
CA GLN C 110 -1.27 18.43 38.22
C GLN C 110 -0.89 18.92 36.82
N LEU C 111 -1.66 18.49 35.82
CA LEU C 111 -1.38 18.82 34.44
C LEU C 111 -1.58 20.32 34.15
N HIS C 112 -2.48 20.94 34.91
CA HIS C 112 -2.82 22.34 34.70
C HIS C 112 -1.83 23.28 35.39
N THR C 113 -1.30 22.87 36.53
CA THR C 113 -0.42 23.72 37.32
C THR C 113 1.05 23.50 37.02
N ASN C 114 1.37 22.39 36.36
CA ASN C 114 2.75 22.10 36.00
C ASN C 114 3.03 22.39 34.54
N LEU C 115 2.07 22.09 33.67
CA LEU C 115 2.24 22.28 32.24
C LEU C 115 1.47 23.51 31.74
N LEU C 116 0.15 23.46 31.88
CA LEU C 116 -0.72 24.54 31.40
C LEU C 116 -0.40 25.87 32.09
N GLY C 117 -0.06 25.79 33.37
CA GLY C 117 0.27 26.97 34.14
C GLY C 117 1.53 27.64 33.63
N SER C 118 2.50 26.84 33.22
CA SER C 118 3.73 27.35 32.65
C SER C 118 3.50 27.88 31.23
N MET C 119 2.47 27.35 30.58
CA MET C 119 2.11 27.81 29.24
C MET C 119 1.37 29.13 29.28
N LEU C 120 0.53 29.29 30.31
CA LEU C 120 -0.23 30.52 30.49
C LEU C 120 0.65 31.66 30.99
N THR C 121 1.59 31.32 31.87
CA THR C 121 2.49 32.31 32.45
C THR C 121 3.39 32.94 31.39
N CYS C 122 3.99 32.09 30.57
CA CYS C 122 4.86 32.56 29.50
C CYS C 122 4.07 33.33 28.45
N LYS C 123 2.80 32.98 28.29
CA LYS C 123 1.92 33.65 27.35
C LYS C 123 1.69 35.11 27.76
N ALA C 124 1.41 35.34 29.03
CA ALA C 124 1.19 36.68 29.55
C ALA C 124 2.50 37.45 29.66
N ALA C 125 3.62 36.73 29.60
CA ALA C 125 4.94 37.34 29.68
C ALA C 125 5.46 37.71 28.30
N MET C 126 4.70 37.39 27.26
CA MET C 126 5.10 37.71 25.90
C MET C 126 4.98 39.21 25.62
N ARG C 127 3.82 39.78 25.95
CA ARG C 127 3.54 41.18 25.68
C ARG C 127 4.39 42.13 26.50
N THR C 128 4.91 41.65 27.63
CA THR C 128 5.75 42.49 28.49
C THR C 128 7.23 42.32 28.15
N MET C 129 7.53 41.38 27.26
CA MET C 129 8.91 41.15 26.84
C MET C 129 9.11 41.46 25.36
N ILE C 130 8.01 41.57 24.64
CA ILE C 130 8.07 41.91 23.21
C ILE C 130 7.95 43.41 23.01
N GLN C 131 7.85 44.15 24.10
CA GLN C 131 7.73 45.59 24.04
C GLN C 131 9.10 46.25 23.87
N GLN C 132 10.04 45.86 24.71
CA GLN C 132 11.39 46.40 24.66
C GLN C 132 12.32 45.50 23.86
N GLN C 133 11.74 44.46 23.25
CA GLN C 133 12.48 43.48 22.45
C GLN C 133 13.60 42.85 23.26
N GLY C 134 13.24 42.04 24.26
CA GLY C 134 14.21 41.38 25.10
C GLY C 134 13.57 40.62 26.25
N GLY C 135 14.27 39.61 26.75
CA GLY C 135 13.78 38.81 27.86
C GLY C 135 14.37 37.42 27.89
N SER C 136 14.26 36.77 29.04
CA SER C 136 14.77 35.41 29.22
C SER C 136 13.89 34.62 30.19
N ILE C 137 13.38 33.49 29.71
CA ILE C 137 12.47 32.67 30.51
C ILE C 137 13.04 31.27 30.73
N VAL C 138 12.97 30.80 31.97
CA VAL C 138 13.42 29.45 32.30
C VAL C 138 12.32 28.65 32.99
N ASN C 139 11.92 27.55 32.36
CA ASN C 139 10.88 26.69 32.91
C ASN C 139 11.48 25.54 33.71
N VAL C 140 11.34 25.60 35.02
CA VAL C 140 11.86 24.55 35.90
C VAL C 140 11.08 23.27 35.73
N GLY C 141 11.70 22.29 35.06
CA GLY C 141 11.07 21.00 34.85
C GLY C 141 11.64 19.95 35.77
N SER C 142 11.97 18.79 35.20
CA SER C 142 12.54 17.68 35.97
C SER C 142 13.20 16.66 35.05
N ILE C 143 14.07 15.84 35.62
CA ILE C 143 14.69 14.75 34.88
C ILE C 143 13.69 13.60 34.75
N VAL C 144 12.63 13.68 35.54
CA VAL C 144 11.56 12.71 35.50
C VAL C 144 10.64 13.00 34.32
N GLY C 145 10.68 14.24 33.84
CA GLY C 145 9.87 14.63 32.71
C GLY C 145 10.38 14.09 31.39
N LEU C 146 11.69 13.84 31.33
CA LEU C 146 12.32 13.39 30.09
C LEU C 146 12.56 11.89 30.07
N LYS C 147 13.02 11.35 31.20
CA LYS C 147 13.37 9.92 31.27
C LYS C 147 12.32 9.10 32.00
N GLY C 148 11.52 9.76 32.84
CA GLY C 148 10.45 9.08 33.54
C GLY C 148 10.89 8.34 34.79
N ASN C 149 9.94 8.11 35.69
CA ASN C 149 10.20 7.35 36.91
C ASN C 149 8.94 6.64 37.39
N SER C 150 9.10 5.42 37.90
CA SER C 150 7.97 4.61 38.34
C SER C 150 7.23 5.26 39.50
N GLY C 151 5.90 5.28 39.40
CA GLY C 151 5.07 5.85 40.45
C GLY C 151 4.76 7.32 40.23
N GLN C 152 5.46 7.94 39.27
CA GLN C 152 5.28 9.36 38.98
C GLN C 152 4.98 9.59 37.50
N SER C 153 4.03 8.83 36.97
CA SER C 153 3.69 8.91 35.54
C SER C 153 2.97 10.22 35.21
N VAL C 154 2.25 10.76 36.19
CA VAL C 154 1.51 12.00 35.99
C VAL C 154 2.44 13.21 36.12
N TYR C 155 3.44 13.08 36.97
CA TYR C 155 4.42 14.16 37.15
C TYR C 155 5.42 14.17 36.00
N SER C 156 5.52 13.04 35.31
CA SER C 156 6.44 12.91 34.19
C SER C 156 5.89 13.56 32.92
N ALA C 157 4.59 13.36 32.69
CA ALA C 157 3.94 13.93 31.51
C ALA C 157 3.86 15.45 31.60
N SER C 158 3.55 15.94 32.81
CA SER C 158 3.42 17.37 33.04
C SER C 158 4.76 18.09 32.88
N LYS C 159 5.79 17.57 33.54
CA LYS C 159 7.12 18.14 33.46
C LYS C 159 7.80 17.81 32.15
N GLY C 160 7.24 16.85 31.42
CA GLY C 160 7.77 16.44 30.13
C GLY C 160 7.29 17.33 29.00
N GLY C 161 6.14 17.96 29.21
CA GLY C 161 5.58 18.87 28.23
C GLY C 161 6.31 20.19 28.17
N LEU C 162 7.10 20.47 29.21
CA LEU C 162 7.87 21.71 29.27
C LEU C 162 8.99 21.72 28.24
N VAL C 163 9.53 20.55 27.93
CA VAL C 163 10.61 20.43 26.97
C VAL C 163 10.16 20.81 25.57
N GLY C 164 9.08 20.19 25.10
CA GLY C 164 8.54 20.47 23.79
C GLY C 164 8.00 21.88 23.65
N PHE C 165 7.30 22.35 24.68
CA PHE C 165 6.70 23.67 24.68
C PHE C 165 7.73 24.79 24.61
N SER C 166 8.70 24.74 25.52
CA SER C 166 9.71 25.78 25.63
C SER C 166 10.54 25.92 24.36
N ARG C 167 11.02 24.79 23.85
CA ARG C 167 11.82 24.77 22.63
C ARG C 167 11.02 25.31 21.44
N ALA C 168 9.74 24.97 21.39
CA ALA C 168 8.86 25.48 20.35
C ALA C 168 8.63 26.97 20.53
N LEU C 169 8.50 27.40 21.78
CA LEU C 169 8.35 28.81 22.11
C LEU C 169 9.65 29.55 21.87
N ALA C 170 10.77 28.86 22.03
CA ALA C 170 12.09 29.44 21.82
C ALA C 170 12.41 29.58 20.33
N LYS C 171 11.52 29.07 19.48
CA LYS C 171 11.69 29.19 18.04
C LYS C 171 10.80 30.28 17.45
N GLU C 172 9.69 30.55 18.13
CA GLU C 172 8.74 31.56 17.67
C GLU C 172 9.24 32.97 17.99
N VAL C 173 9.85 33.12 19.16
CA VAL C 173 10.18 34.44 19.68
C VAL C 173 11.70 34.65 19.76
N ALA C 174 12.43 33.75 19.12
CA ALA C 174 13.90 33.80 19.13
C ALA C 174 14.44 35.10 18.53
N ARG C 175 13.89 35.50 17.38
CA ARG C 175 14.34 36.70 16.70
C ARG C 175 13.93 37.97 17.43
N LYS C 176 13.05 37.83 18.42
CA LYS C 176 12.58 38.96 19.20
C LYS C 176 13.44 39.16 20.45
N LYS C 177 14.66 38.65 20.40
CA LYS C 177 15.62 38.76 21.49
C LYS C 177 15.10 38.17 22.79
N ILE C 178 14.28 37.13 22.69
CA ILE C 178 13.72 36.46 23.85
C ILE C 178 14.08 34.98 23.85
N ARG C 179 14.68 34.52 24.95
CA ARG C 179 15.14 33.14 25.06
C ARG C 179 14.31 32.35 26.06
N VAL C 180 14.03 31.09 25.73
CA VAL C 180 13.26 30.21 26.62
C VAL C 180 14.03 28.92 26.90
N ASN C 181 14.41 28.73 28.16
CA ASN C 181 15.18 27.56 28.55
C ASN C 181 14.46 26.68 29.56
N VAL C 182 15.05 25.53 29.87
CA VAL C 182 14.46 24.59 30.82
C VAL C 182 15.51 23.97 31.74
N VAL C 183 15.26 24.03 33.04
CA VAL C 183 16.11 23.33 34.01
C VAL C 183 15.45 22.02 34.42
N ALA C 184 16.19 20.93 34.31
CA ALA C 184 15.67 19.60 34.68
C ALA C 184 16.46 19.00 35.83
N PRO C 185 16.10 19.37 37.07
CA PRO C 185 16.79 18.88 38.27
C PRO C 185 16.64 17.37 38.46
N GLY C 186 17.53 16.78 39.24
CA GLY C 186 17.45 15.36 39.55
C GLY C 186 16.67 15.11 40.81
N PHE C 187 17.38 14.77 41.89
CA PHE C 187 16.73 14.53 43.18
C PHE C 187 17.19 15.57 44.21
N VAL C 188 16.25 16.37 44.68
CA VAL C 188 16.56 17.45 45.61
C VAL C 188 15.97 17.17 47.00
N HIS C 189 16.54 17.80 48.02
CA HIS C 189 16.04 17.65 49.38
C HIS C 189 14.72 18.40 49.60
N THR C 190 14.16 18.26 50.79
CA THR C 190 12.92 18.94 51.14
C THR C 190 12.83 19.16 52.65
N LYS C 194 17.65 15.36 56.82
CA LYS C 194 17.24 14.58 55.67
C LYS C 194 16.51 13.31 56.08
N ASP C 195 15.21 13.27 55.80
CA ASP C 195 14.39 12.12 56.16
C ASP C 195 13.57 11.63 54.97
N LEU C 196 14.08 10.62 54.28
CA LEU C 196 13.43 10.05 53.11
C LEU C 196 14.06 8.71 52.76
N LYS C 197 13.68 8.16 51.61
CA LYS C 197 14.30 6.94 51.09
C LYS C 197 15.56 7.30 50.29
N GLU C 198 16.03 8.53 50.47
CA GLU C 198 17.19 9.03 49.75
C GLU C 198 18.48 8.36 50.19
N GLU C 199 18.50 7.86 51.42
CA GLU C 199 19.67 7.23 51.99
C GLU C 199 20.16 6.04 51.15
N HIS C 200 19.22 5.35 50.53
CA HIS C 200 19.54 4.19 49.72
C HIS C 200 19.59 4.52 48.23
N LEU C 201 19.19 5.74 47.87
CA LEU C 201 19.16 6.15 46.48
C LEU C 201 20.42 6.90 46.06
N LYS C 202 21.20 7.36 47.04
CA LYS C 202 22.44 8.08 46.76
C LYS C 202 23.58 7.12 46.41
N LYS C 203 23.33 5.83 46.60
CA LYS C 203 24.35 4.82 46.36
C LYS C 203 24.74 4.72 44.87
N ASN C 204 23.77 4.99 44.00
CA ASN C 204 24.00 4.89 42.56
C ASN C 204 24.45 6.22 41.96
N ILE C 205 24.03 7.32 42.58
CA ILE C 205 24.38 8.65 42.10
C ILE C 205 25.87 8.89 42.19
N PRO C 206 26.50 9.26 41.06
CA PRO C 206 27.95 9.49 40.94
C PRO C 206 28.51 10.44 42.00
N LEU C 207 27.79 11.51 42.31
CA LEU C 207 28.24 12.46 43.32
C LEU C 207 27.95 11.96 44.73
N GLY C 208 27.22 10.85 44.82
CA GLY C 208 26.96 10.20 46.09
C GLY C 208 26.10 10.99 47.05
N ARG C 209 25.28 11.90 46.53
CA ARG C 209 24.41 12.70 47.36
C ARG C 209 23.24 13.29 46.60
N PHE C 210 22.14 13.57 47.31
CA PHE C 210 20.99 14.24 46.73
C PHE C 210 21.31 15.70 46.45
N GLY C 211 20.45 16.37 45.69
CA GLY C 211 20.68 17.75 45.32
C GLY C 211 20.22 18.74 46.34
N GLU C 212 20.81 19.93 46.32
CA GLU C 212 20.40 21.02 47.19
C GLU C 212 19.74 22.11 46.34
N THR C 213 18.70 22.74 46.88
CA THR C 213 17.95 23.75 46.15
C THR C 213 18.83 24.93 45.74
N ILE C 214 19.84 25.23 46.55
CA ILE C 214 20.76 26.33 46.26
C ILE C 214 21.58 26.02 45.01
N GLU C 215 21.98 24.78 44.86
CA GLU C 215 22.79 24.36 43.72
C GLU C 215 22.01 24.41 42.41
N VAL C 216 20.72 24.13 42.49
CA VAL C 216 19.85 24.16 41.31
C VAL C 216 19.53 25.60 40.93
N ALA C 217 19.56 26.49 41.92
CA ALA C 217 19.26 27.90 41.69
C ALA C 217 20.30 28.56 40.79
N HIS C 218 21.55 28.15 40.94
CA HIS C 218 22.64 28.72 40.14
C HIS C 218 22.51 28.35 38.67
N ALA C 219 21.94 27.18 38.40
CA ALA C 219 21.73 26.73 37.04
C ALA C 219 20.68 27.59 36.34
N VAL C 220 19.67 28.01 37.10
CA VAL C 220 18.61 28.86 36.57
C VAL C 220 19.16 30.25 36.23
N VAL C 221 19.90 30.83 37.15
CA VAL C 221 20.50 32.15 36.96
C VAL C 221 21.48 32.11 35.80
N PHE C 222 22.19 30.99 35.66
CA PHE C 222 23.14 30.81 34.57
C PHE C 222 22.47 30.86 33.20
N LEU C 223 21.32 30.22 33.08
CA LEU C 223 20.58 30.20 31.82
C LEU C 223 19.95 31.57 31.54
N LEU C 224 19.56 32.26 32.60
CA LEU C 224 18.97 33.60 32.48
C LEU C 224 19.99 34.63 32.04
N GLU C 225 21.26 34.39 32.36
CA GLU C 225 22.31 35.36 32.06
C GLU C 225 23.25 34.87 30.95
N SER C 226 22.79 33.91 30.16
CA SER C 226 23.59 33.41 29.05
C SER C 226 23.01 33.89 27.71
N PRO C 227 23.79 34.70 26.98
CA PRO C 227 23.36 35.37 25.75
C PRO C 227 23.00 34.40 24.62
N TYR C 228 23.82 33.37 24.41
CA TYR C 228 23.66 32.51 23.25
C TYR C 228 23.15 31.11 23.62
N ILE C 229 22.21 31.06 24.55
CA ILE C 229 21.60 29.78 24.94
C ILE C 229 20.08 29.88 25.01
N THR C 230 19.40 29.12 24.16
CA THR C 230 17.95 29.08 24.18
C THR C 230 17.45 27.71 23.70
N GLY C 231 16.31 27.27 24.24
CA GLY C 231 15.76 25.98 23.89
C GLY C 231 16.63 24.84 24.39
N HIS C 232 17.41 25.12 25.43
CA HIS C 232 18.32 24.13 25.99
C HIS C 232 17.81 23.58 27.32
N VAL C 233 17.99 22.28 27.53
CA VAL C 233 17.60 21.64 28.77
C VAL C 233 18.82 21.33 29.62
N LEU C 234 19.05 22.14 30.65
CA LEU C 234 20.19 21.96 31.53
C LEU C 234 19.87 20.98 32.66
N VAL C 235 20.51 19.82 32.64
CA VAL C 235 20.23 18.79 33.62
C VAL C 235 21.20 18.84 34.81
N VAL C 236 20.68 19.24 35.96
CA VAL C 236 21.47 19.26 37.20
C VAL C 236 21.02 18.13 38.11
N ASP C 237 21.62 16.96 37.95
CA ASP C 237 21.20 15.76 38.67
C ASP C 237 22.35 15.10 39.42
N GLY C 238 23.58 15.38 38.98
CA GLY C 238 24.75 14.79 39.60
C GLY C 238 25.13 13.47 38.95
N GLY C 239 24.75 13.29 37.70
CA GLY C 239 25.04 12.08 36.97
C GLY C 239 23.97 11.02 37.16
N LEU C 240 22.80 11.44 37.60
CA LEU C 240 21.68 10.54 37.84
C LEU C 240 21.10 10.02 36.53
N GLN C 241 21.10 10.87 35.50
CA GLN C 241 20.54 10.52 34.20
C GLN C 241 21.33 9.40 33.54
N LEU C 242 22.60 9.27 33.92
CA LEU C 242 23.45 8.20 33.41
C LEU C 242 23.09 6.89 34.09
N ILE C 243 22.56 6.98 35.31
CA ILE C 243 22.16 5.81 36.08
C ILE C 243 20.73 5.39 35.73
N LEU C 244 19.84 6.38 35.63
CA LEU C 244 18.44 6.12 35.32
C LEU C 244 18.28 5.51 33.93
N GLN D 6 34.57 38.12 39.06
CA GLN D 6 35.80 38.82 39.42
C GLN D 6 36.67 37.95 40.34
N ASN D 7 36.05 37.41 41.37
CA ASN D 7 36.75 36.54 42.32
C ASN D 7 36.05 35.20 42.47
N ARG D 8 35.36 34.78 41.42
CA ARG D 8 34.62 33.53 41.42
C ARG D 8 35.57 32.32 41.45
N LEU D 9 36.53 32.32 40.54
CA LEU D 9 37.51 31.25 40.46
C LEU D 9 38.82 31.66 41.13
N ARG D 10 38.71 32.28 42.31
CA ARG D 10 39.87 32.78 43.03
C ARG D 10 40.80 31.65 43.47
N SER D 11 42.10 31.87 43.32
CA SER D 11 43.13 30.90 43.73
C SER D 11 42.95 29.55 43.06
N ALA D 12 42.48 29.55 41.82
CA ALA D 12 42.26 28.31 41.08
C ALA D 12 43.22 28.21 39.90
N LEU D 13 43.62 26.98 39.57
CA LEU D 13 44.53 26.74 38.47
C LEU D 13 43.79 26.12 37.29
N ALA D 14 43.84 26.78 36.13
CA ALA D 14 43.13 26.33 34.95
C ALA D 14 44.08 25.90 33.84
N LEU D 15 43.84 24.71 33.29
CA LEU D 15 44.62 24.20 32.17
C LEU D 15 43.76 24.11 30.92
N VAL D 16 44.03 24.97 29.95
CA VAL D 16 43.23 25.02 28.73
C VAL D 16 44.06 24.68 27.50
N THR D 17 43.69 23.60 26.81
CA THR D 17 44.36 23.20 25.59
C THR D 17 43.76 23.92 24.39
N GLY D 18 44.59 24.22 23.40
CA GLY D 18 44.14 24.94 22.22
C GLY D 18 43.69 26.35 22.55
N ALA D 19 44.39 26.98 23.49
CA ALA D 19 44.04 28.33 23.93
C ALA D 19 44.77 29.37 23.10
N GLY D 20 45.26 28.97 21.93
CA GLY D 20 46.01 29.87 21.07
C GLY D 20 45.12 30.89 20.37
N SER D 21 43.91 30.47 20.02
CA SER D 21 42.98 31.36 19.32
C SER D 21 41.54 30.86 19.42
N GLY D 22 40.60 31.70 18.98
CA GLY D 22 39.20 31.35 18.96
C GLY D 22 38.59 31.21 20.34
N ILE D 23 37.83 30.13 20.55
CA ILE D 23 37.19 29.87 21.81
C ILE D 23 38.22 29.67 22.93
N GLY D 24 39.27 28.92 22.61
CA GLY D 24 40.31 28.62 23.57
C GLY D 24 40.95 29.84 24.22
N ARG D 25 41.13 30.88 23.42
CA ARG D 25 41.72 32.12 23.92
C ARG D 25 40.69 32.90 24.73
N ALA D 26 39.44 32.83 24.30
CA ALA D 26 38.34 33.52 24.99
C ALA D 26 38.06 32.87 26.34
N VAL D 27 38.25 31.56 26.42
CA VAL D 27 38.09 30.84 27.66
C VAL D 27 39.14 31.28 28.68
N SER D 28 40.39 31.36 28.23
CA SER D 28 41.50 31.76 29.09
C SER D 28 41.29 33.14 29.69
N VAL D 29 40.84 34.09 28.88
CA VAL D 29 40.59 35.45 29.34
C VAL D 29 39.46 35.48 30.36
N ARG D 30 38.42 34.69 30.13
CA ARG D 30 37.27 34.63 31.02
C ARG D 30 37.63 34.01 32.36
N LEU D 31 38.40 32.90 32.32
CA LEU D 31 38.81 32.23 33.53
C LEU D 31 39.76 33.10 34.33
N ALA D 32 40.66 33.81 33.64
CA ALA D 32 41.59 34.71 34.29
C ALA D 32 40.87 35.95 34.83
N GLY D 33 39.74 36.28 34.20
CA GLY D 33 38.94 37.41 34.62
C GLY D 33 38.21 37.15 35.92
N GLU D 34 38.12 35.87 36.29
CA GLU D 34 37.47 35.48 37.53
C GLU D 34 38.50 35.11 38.60
N GLY D 35 39.73 35.57 38.39
CA GLY D 35 40.79 35.39 39.37
C GLY D 35 41.43 34.03 39.39
N ALA D 36 41.58 33.42 38.21
CA ALA D 36 42.20 32.11 38.10
C ALA D 36 43.41 32.12 37.18
N THR D 37 44.52 31.55 37.65
CA THR D 37 45.72 31.45 36.84
C THR D 37 45.52 30.41 35.74
N VAL D 38 45.62 30.85 34.49
CA VAL D 38 45.35 29.98 33.35
C VAL D 38 46.64 29.45 32.71
N ALA D 39 46.74 28.13 32.60
CA ALA D 39 47.85 27.50 31.92
C ALA D 39 47.51 27.29 30.45
N ALA D 40 47.82 28.30 29.63
CA ALA D 40 47.47 28.27 28.21
C ALA D 40 48.34 27.29 27.43
N CYS D 41 47.73 26.20 26.96
CA CYS D 41 48.42 25.23 26.13
C CYS D 41 47.89 25.27 24.71
N ASP D 42 48.78 25.07 23.74
CA ASP D 42 48.42 25.12 22.33
C ASP D 42 49.49 24.46 21.46
N LEU D 43 49.07 23.99 20.28
CA LEU D 43 50.00 23.38 19.33
C LEU D 43 51.03 24.42 18.86
N ASP D 44 50.57 25.64 18.67
CA ASP D 44 51.45 26.74 18.27
C ASP D 44 51.99 27.44 19.52
N ARG D 45 53.31 27.37 19.70
CA ARG D 45 53.95 27.94 20.88
C ARG D 45 53.92 29.46 20.83
N ALA D 46 53.92 30.01 19.63
CA ALA D 46 53.90 31.47 19.44
C ALA D 46 52.50 32.03 19.73
N ALA D 47 51.48 31.22 19.48
CA ALA D 47 50.11 31.64 19.72
C ALA D 47 49.73 31.48 21.19
N ALA D 48 50.29 30.46 21.83
CA ALA D 48 50.02 30.18 23.24
C ALA D 48 50.62 31.27 24.12
N GLN D 49 51.81 31.72 23.78
CA GLN D 49 52.50 32.76 24.53
C GLN D 49 51.82 34.12 24.33
N GLU D 50 51.18 34.29 23.19
CA GLU D 50 50.47 35.53 22.88
C GLU D 50 49.20 35.64 23.73
N THR D 51 48.63 34.48 24.06
CA THR D 51 47.43 34.44 24.90
C THR D 51 47.74 34.89 26.32
N VAL D 52 48.85 34.39 26.85
CA VAL D 52 49.28 34.71 28.22
C VAL D 52 49.49 36.22 28.39
N ARG D 53 50.06 36.85 27.38
CA ARG D 53 50.30 38.29 27.40
C ARG D 53 48.98 39.06 27.35
N LEU D 54 47.94 38.41 26.84
CA LEU D 54 46.62 39.03 26.75
C LEU D 54 45.80 38.80 28.01
N LEU D 55 46.37 38.06 28.97
CA LEU D 55 45.68 37.77 30.22
C LEU D 55 45.93 38.85 31.27
N GLY D 56 46.98 39.64 31.06
CA GLY D 56 47.35 40.68 32.01
C GLY D 56 47.16 42.08 31.48
N GLY D 57 47.53 42.30 30.22
CA GLY D 57 47.41 43.59 29.58
C GLY D 57 45.98 44.09 29.52
N PRO D 58 45.19 43.52 28.60
CA PRO D 58 43.78 43.87 28.47
C PRO D 58 42.88 42.94 29.28
N ASN D 68 51.58 33.55 38.73
CA ASN D 68 51.40 34.17 37.41
C ASN D 68 51.00 33.15 36.35
N HIS D 69 50.59 33.65 35.19
CA HIS D 69 50.16 32.79 34.10
C HIS D 69 51.37 32.23 33.34
N ALA D 70 51.17 31.08 32.69
CA ALA D 70 52.25 30.43 31.96
C ALA D 70 51.77 29.90 30.61
N ALA D 71 52.72 29.62 29.72
CA ALA D 71 52.40 29.10 28.40
C ALA D 71 52.97 27.70 28.21
N PHE D 72 52.22 26.87 27.50
CA PHE D 72 52.64 25.49 27.24
C PHE D 72 52.40 25.10 25.78
N GLN D 73 53.19 24.14 25.30
CA GLN D 73 53.04 23.62 23.95
C GLN D 73 53.06 22.11 23.96
N ALA D 74 52.01 21.50 23.41
CA ALA D 74 51.91 20.04 23.39
C ALA D 74 50.98 19.56 22.28
N ASP D 75 51.25 18.37 21.78
CA ASP D 75 50.37 17.73 20.79
C ASP D 75 49.48 16.72 21.48
N VAL D 76 48.22 17.10 21.71
CA VAL D 76 47.28 16.29 22.48
C VAL D 76 46.98 14.93 21.85
N SER D 77 47.25 14.80 20.55
CA SER D 77 47.00 13.56 19.84
C SER D 77 47.99 12.48 20.27
N GLU D 78 49.15 12.92 20.78
CA GLU D 78 50.18 11.99 21.23
C GLU D 78 49.99 11.64 22.70
N ALA D 79 50.33 10.40 23.06
CA ALA D 79 50.16 9.92 24.43
C ALA D 79 51.25 10.45 25.35
N ARG D 80 52.45 10.59 24.81
CA ARG D 80 53.60 11.07 25.58
C ARG D 80 53.51 12.58 25.81
N ALA D 81 53.09 13.32 24.79
CA ALA D 81 52.96 14.77 24.89
C ALA D 81 51.86 15.15 25.87
N ALA D 82 50.83 14.32 25.96
CA ALA D 82 49.74 14.55 26.90
C ALA D 82 50.20 14.27 28.33
N ARG D 83 51.16 13.37 28.46
CA ARG D 83 51.72 13.03 29.76
C ARG D 83 52.68 14.12 30.23
N CYS D 84 53.53 14.58 29.33
CA CYS D 84 54.50 15.62 29.65
C CYS D 84 53.82 16.94 29.97
N LEU D 85 52.71 17.21 29.30
CA LEU D 85 51.97 18.45 29.49
C LEU D 85 51.49 18.61 30.92
N LEU D 86 50.84 17.57 31.44
CA LEU D 86 50.30 17.60 32.79
C LEU D 86 51.42 17.66 33.84
N GLU D 87 52.53 16.99 33.56
CA GLU D 87 53.66 16.98 34.48
C GLU D 87 54.37 18.34 34.50
N GLN D 88 54.43 19.00 33.35
CA GLN D 88 55.06 20.30 33.24
C GLN D 88 54.25 21.37 33.97
N VAL D 89 52.94 21.15 34.08
CA VAL D 89 52.07 22.06 34.81
C VAL D 89 52.28 21.90 36.31
N GLN D 90 52.32 20.65 36.76
CA GLN D 90 52.52 20.35 38.17
C GLN D 90 53.95 20.68 38.61
N ALA D 91 54.85 20.80 37.65
CA ALA D 91 56.24 21.12 37.93
C ALA D 91 56.46 22.62 37.99
N CYS D 92 55.49 23.38 37.51
CA CYS D 92 55.61 24.82 37.46
C CYS D 92 54.74 25.50 38.53
N PHE D 93 53.58 24.91 38.80
CA PHE D 93 52.64 25.49 39.77
C PHE D 93 52.58 24.67 41.05
N SER D 94 53.38 23.61 41.13
CA SER D 94 53.50 22.77 42.31
C SER D 94 52.17 22.11 42.70
N ARG D 95 51.23 22.05 41.77
CA ARG D 95 49.93 21.45 42.02
C ARG D 95 49.19 21.12 40.73
N PRO D 96 48.34 20.09 40.75
CA PRO D 96 47.50 19.75 39.60
C PRO D 96 46.43 20.82 39.35
N PRO D 97 45.95 20.94 38.10
CA PRO D 97 44.95 21.96 37.80
C PRO D 97 43.54 21.52 38.13
N SER D 98 42.85 22.31 38.96
CA SER D 98 41.48 22.00 39.36
C SER D 98 40.50 22.21 38.21
N VAL D 99 40.89 23.05 37.26
CA VAL D 99 40.07 23.31 36.08
C VAL D 99 40.78 22.88 34.82
N VAL D 100 40.21 21.90 34.12
CA VAL D 100 40.80 21.39 32.90
C VAL D 100 39.82 21.47 31.74
N VAL D 101 40.15 22.32 30.76
CA VAL D 101 39.29 22.53 29.61
C VAL D 101 39.98 22.13 28.31
N SER D 102 39.33 21.26 27.53
CA SER D 102 39.88 20.80 26.27
C SER D 102 39.20 21.51 25.09
N CYS D 103 39.92 22.44 24.47
CA CYS D 103 39.39 23.19 23.34
C CYS D 103 40.17 22.90 22.07
N ALA D 104 41.25 22.11 22.19
CA ALA D 104 42.07 21.77 21.04
C ALA D 104 41.33 20.85 20.08
N GLY D 105 40.91 21.40 18.95
CA GLY D 105 40.19 20.63 17.94
C GLY D 105 40.35 21.19 16.55
N ILE D 106 40.29 20.31 15.55
CA ILE D 106 40.45 20.73 14.16
C ILE D 106 39.27 20.24 13.31
N THR D 107 39.21 20.75 12.08
CA THR D 107 38.14 20.37 11.15
C THR D 107 38.70 20.05 9.76
N GLN D 108 38.59 18.79 9.37
CA GLN D 108 39.00 18.38 8.03
C GLN D 108 37.79 17.84 7.27
N ASP D 109 36.99 18.75 6.75
CA ASP D 109 35.71 18.41 6.13
C ASP D 109 35.86 17.75 4.77
N GLU D 110 35.08 16.70 4.55
CA GLU D 110 35.06 15.96 3.28
C GLU D 110 33.85 15.04 3.23
N PHE D 111 33.28 14.86 2.04
CA PHE D 111 32.15 13.95 1.87
C PHE D 111 32.52 12.53 2.24
N LEU D 112 31.55 11.78 2.73
CA LEU D 112 31.78 10.41 3.18
C LEU D 112 32.27 9.51 2.04
N LEU D 113 31.71 9.71 0.86
CA LEU D 113 32.06 8.90 -0.31
C LEU D 113 33.49 9.16 -0.76
N HIS D 114 34.02 10.33 -0.43
CA HIS D 114 35.35 10.73 -0.89
C HIS D 114 36.30 11.03 0.27
N MET D 115 35.97 10.54 1.46
CA MET D 115 36.82 10.76 2.63
C MET D 115 37.97 9.76 2.68
N SER D 116 39.18 10.28 2.86
CA SER D 116 40.37 9.44 2.92
C SER D 116 40.65 8.96 4.34
N GLU D 117 41.60 8.04 4.47
CA GLU D 117 41.98 7.50 5.77
C GLU D 117 42.69 8.56 6.61
N ASP D 118 43.38 9.47 5.93
CA ASP D 118 44.10 10.55 6.60
C ASP D 118 43.14 11.56 7.20
N ASP D 119 42.04 11.83 6.50
CA ASP D 119 41.05 12.78 6.97
C ASP D 119 40.34 12.27 8.22
N TRP D 120 40.25 10.96 8.35
CA TRP D 120 39.61 10.35 9.50
C TRP D 120 40.53 10.32 10.72
N ASP D 121 41.70 9.72 10.55
CA ASP D 121 42.64 9.52 11.65
C ASP D 121 43.10 10.84 12.28
N LYS D 122 43.29 11.86 11.44
CA LYS D 122 43.78 13.15 11.92
C LYS D 122 42.78 13.83 12.86
N VAL D 123 41.50 13.78 12.50
CA VAL D 123 40.46 14.41 13.29
C VAL D 123 40.19 13.63 14.58
N ILE D 124 40.15 12.31 14.47
CA ILE D 124 39.88 11.45 15.61
C ILE D 124 40.99 11.56 16.67
N ALA D 125 42.23 11.56 16.21
CA ALA D 125 43.38 11.61 17.12
C ALA D 125 43.41 12.93 17.92
N VAL D 126 42.95 14.01 17.30
CA VAL D 126 42.99 15.32 17.93
C VAL D 126 41.74 15.61 18.74
N ASN D 127 40.57 15.40 18.14
CA ASN D 127 39.31 15.73 18.78
C ASN D 127 38.81 14.67 19.75
N LEU D 128 38.99 13.41 19.39
CA LEU D 128 38.53 12.31 20.23
C LEU D 128 39.62 11.78 21.15
N LYS D 129 40.70 11.28 20.57
CA LYS D 129 41.81 10.74 21.35
C LYS D 129 42.50 11.82 22.16
N GLY D 130 42.63 13.01 21.56
CA GLY D 130 43.24 14.14 22.24
C GLY D 130 42.47 14.55 23.47
N THR D 131 41.15 14.57 23.36
CA THR D 131 40.28 14.89 24.48
C THR D 131 40.40 13.83 25.58
N PHE D 132 40.46 12.57 25.17
CA PHE D 132 40.56 11.46 26.10
C PHE D 132 41.86 11.48 26.91
N LEU D 133 42.96 11.77 26.22
CA LEU D 133 44.28 11.79 26.86
C LEU D 133 44.41 12.92 27.87
N VAL D 134 43.91 14.09 27.51
CA VAL D 134 43.94 15.25 28.40
C VAL D 134 43.06 15.00 29.62
N THR D 135 41.89 14.40 29.38
CA THR D 135 40.95 14.09 30.46
C THR D 135 41.54 13.08 31.43
N GLN D 136 42.18 12.04 30.91
CA GLN D 136 42.75 10.98 31.73
C GLN D 136 43.94 11.48 32.55
N ALA D 137 44.90 12.10 31.88
CA ALA D 137 46.13 12.57 32.51
C ALA D 137 45.85 13.58 33.61
N ALA D 138 44.84 14.42 33.40
CA ALA D 138 44.46 15.41 34.40
C ALA D 138 43.76 14.75 35.57
N ALA D 139 42.98 13.71 35.29
CA ALA D 139 42.27 12.97 36.32
C ALA D 139 43.24 12.24 37.24
N GLN D 140 44.29 11.66 36.66
CA GLN D 140 45.29 10.92 37.42
C GLN D 140 46.07 11.84 38.35
N ALA D 141 46.18 13.11 37.97
CA ALA D 141 46.92 14.09 38.75
C ALA D 141 46.11 14.61 39.92
N LEU D 142 44.79 14.63 39.75
CA LEU D 142 43.88 15.13 40.78
C LEU D 142 43.57 14.07 41.83
N VAL D 143 43.31 12.85 41.38
CA VAL D 143 42.98 11.75 42.28
C VAL D 143 44.17 11.37 43.16
N SER D 144 45.36 11.34 42.56
CA SER D 144 46.57 10.97 43.29
C SER D 144 46.91 11.98 44.37
N ASN D 145 46.50 13.23 44.18
CA ASN D 145 46.77 14.28 45.15
C ASN D 145 45.57 14.54 46.05
N GLY D 146 44.47 13.83 45.80
CA GLY D 146 43.26 13.96 46.61
C GLY D 146 42.62 15.33 46.51
N CYS D 147 42.71 15.94 45.33
CA CYS D 147 42.14 17.27 45.12
C CYS D 147 40.94 17.21 44.19
N ARG D 148 39.83 17.81 44.61
CA ARG D 148 38.63 17.90 43.77
C ARG D 148 38.88 18.81 42.58
N GLY D 149 38.16 18.55 41.48
CA GLY D 149 38.33 19.35 40.28
C GLY D 149 37.13 19.31 39.35
N SER D 150 37.25 20.00 38.23
CA SER D 150 36.19 20.05 37.24
C SER D 150 36.76 19.99 35.82
N ILE D 151 36.53 18.87 35.15
CA ILE D 151 37.03 18.67 33.79
C ILE D 151 35.98 19.02 32.75
N ILE D 152 36.35 19.90 31.83
CA ILE D 152 35.41 20.36 30.79
C ILE D 152 35.94 20.01 29.40
N ASN D 153 35.06 19.49 28.56
CA ASN D 153 35.43 19.15 27.19
C ASN D 153 34.49 19.81 26.18
N ILE D 154 35.06 20.42 25.16
CA ILE D 154 34.26 21.11 24.14
C ILE D 154 33.88 20.17 23.01
N SER D 155 32.59 19.87 22.91
CA SER D 155 32.07 19.02 21.84
C SER D 155 30.95 19.73 21.09
N SER D 156 31.15 19.97 19.80
CA SER D 156 30.21 20.74 18.99
C SER D 156 28.81 20.12 18.95
N ILE D 157 27.84 20.91 18.48
CA ILE D 157 26.47 20.44 18.34
C ILE D 157 26.39 19.38 17.23
N VAL D 158 27.43 19.34 16.40
CA VAL D 158 27.56 18.34 15.36
C VAL D 158 27.65 16.94 15.98
N GLY D 159 28.12 16.87 17.22
CA GLY D 159 28.25 15.61 17.92
C GLY D 159 26.93 15.03 18.40
N LYS D 160 25.83 15.70 18.10
CA LYS D 160 24.52 15.24 18.51
C LYS D 160 23.63 14.89 17.32
N VAL D 161 23.77 15.64 16.24
CA VAL D 161 22.92 15.45 15.06
C VAL D 161 23.72 15.19 13.79
N GLY D 162 24.99 15.59 13.79
CA GLY D 162 25.83 15.44 12.61
C GLY D 162 25.71 16.63 11.68
N ASN D 163 26.58 16.68 10.67
CA ASN D 163 26.57 17.76 9.70
C ASN D 163 27.12 17.31 8.35
N VAL D 164 26.68 17.98 7.29
CA VAL D 164 27.11 17.64 5.93
C VAL D 164 28.61 17.86 5.73
N GLY D 165 29.30 16.81 5.31
CA GLY D 165 30.72 16.89 5.03
C GLY D 165 31.59 16.68 6.25
N GLN D 166 30.97 16.34 7.37
CA GLN D 166 31.69 16.13 8.62
C GLN D 166 31.33 14.79 9.27
N THR D 167 31.88 13.71 8.74
CA THR D 167 31.67 12.39 9.33
C THR D 167 32.68 12.13 10.44
N ASN D 168 33.94 12.45 10.17
CA ASN D 168 35.01 12.29 11.15
C ASN D 168 34.88 13.27 12.31
N TYR D 169 34.46 14.49 12.01
CA TYR D 169 34.33 15.53 13.03
C TYR D 169 33.16 15.22 13.97
N ALA D 170 32.06 14.75 13.41
CA ALA D 170 30.87 14.42 14.20
C ALA D 170 31.14 13.21 15.09
N ALA D 171 31.73 12.16 14.51
CA ALA D 171 32.03 10.93 15.24
C ALA D 171 33.02 11.18 16.36
N SER D 172 33.90 12.16 16.16
CA SER D 172 34.88 12.53 17.19
C SER D 172 34.20 13.30 18.32
N LYS D 173 33.38 14.27 17.96
CA LYS D 173 32.68 15.11 18.93
C LYS D 173 31.62 14.34 19.69
N ALA D 174 31.01 13.37 19.02
CA ALA D 174 30.03 12.51 19.68
C ALA D 174 30.73 11.59 20.66
N GLY D 175 31.98 11.23 20.35
CA GLY D 175 32.78 10.39 21.21
C GLY D 175 33.25 11.12 22.44
N VAL D 176 33.44 12.43 22.30
CA VAL D 176 33.83 13.29 23.41
C VAL D 176 32.75 13.26 24.50
N ILE D 177 31.49 13.32 24.08
CA ILE D 177 30.38 13.24 25.00
C ILE D 177 30.35 11.89 25.71
N GLY D 178 30.61 10.83 24.95
CA GLY D 178 30.60 9.48 25.47
C GLY D 178 31.65 9.23 26.55
N LEU D 179 32.88 9.67 26.29
CA LEU D 179 33.97 9.45 27.24
C LEU D 179 33.81 10.36 28.45
N THR D 180 33.22 11.53 28.25
CA THR D 180 32.99 12.48 29.34
C THR D 180 31.92 11.96 30.28
N GLN D 181 30.86 11.40 29.71
CA GLN D 181 29.78 10.80 30.51
C GLN D 181 30.32 9.65 31.34
N THR D 182 31.20 8.85 30.74
CA THR D 182 31.83 7.74 31.44
C THR D 182 32.76 8.25 32.55
N ALA D 183 33.57 9.25 32.21
CA ALA D 183 34.50 9.83 33.17
C ALA D 183 33.77 10.51 34.32
N ALA D 184 32.57 10.98 34.05
CA ALA D 184 31.77 11.67 35.06
C ALA D 184 31.23 10.69 36.11
N ARG D 185 31.09 9.43 35.72
CA ARG D 185 30.53 8.42 36.61
C ARG D 185 31.62 7.68 37.37
N GLU D 186 32.86 7.78 36.88
CA GLU D 186 33.98 7.12 37.52
C GLU D 186 34.75 8.07 38.44
N LEU D 187 34.73 9.35 38.11
CA LEU D 187 35.49 10.34 38.88
C LEU D 187 34.59 11.11 39.85
N GLY D 188 33.28 10.83 39.80
CA GLY D 188 32.33 11.48 40.68
C GLY D 188 32.52 11.06 42.13
N ARG D 189 33.07 9.86 42.32
CA ARG D 189 33.30 9.34 43.66
C ARG D 189 34.39 10.12 44.38
N HIS D 190 35.40 10.55 43.62
CA HIS D 190 36.53 11.29 44.20
C HIS D 190 36.17 12.76 44.42
N GLY D 191 35.36 13.32 43.51
CA GLY D 191 34.97 14.71 43.61
C GLY D 191 35.26 15.47 42.34
N ILE D 192 35.48 14.75 41.24
CA ILE D 192 35.78 15.37 39.96
C ILE D 192 34.56 15.37 39.04
N ARG D 193 34.15 16.55 38.60
CA ARG D 193 33.00 16.68 37.72
C ARG D 193 33.43 16.79 36.25
N CYS D 194 32.82 15.96 35.41
CA CYS D 194 33.12 15.97 33.98
C CYS D 194 31.91 16.38 33.16
N ASN D 195 32.04 17.47 32.41
CA ASN D 195 30.94 18.00 31.61
C ASN D 195 31.35 18.28 30.17
N SER D 196 30.37 18.56 29.33
CA SER D 196 30.63 18.86 27.92
C SER D 196 29.86 20.10 27.47
N VAL D 197 30.51 20.93 26.66
CA VAL D 197 29.87 22.14 26.14
C VAL D 197 29.57 21.98 24.65
N LEU D 198 28.32 22.27 24.27
CA LEU D 198 27.89 22.13 22.89
C LEU D 198 27.60 23.50 22.26
N PRO D 199 28.60 24.09 21.61
CA PRO D 199 28.44 25.40 20.97
C PRO D 199 27.90 25.29 19.54
N GLY D 200 27.18 26.30 19.11
CA GLY D 200 26.72 26.39 17.73
C GLY D 200 27.85 26.83 16.83
N PHE D 201 27.54 27.61 15.80
CA PHE D 201 28.58 28.15 14.93
C PHE D 201 29.11 29.47 15.49
N ILE D 202 30.36 29.43 15.92
CA ILE D 202 30.99 30.56 16.59
C ILE D 202 31.89 31.34 15.64
N ALA D 203 31.89 32.67 15.76
CA ALA D 203 32.75 33.51 14.94
C ALA D 203 34.22 33.29 15.28
N THR D 204 34.81 32.27 14.68
CA THR D 204 36.19 31.90 14.95
C THR D 204 37.02 31.93 13.66
N PRO D 205 38.35 32.09 13.78
CA PRO D 205 39.24 32.02 12.61
C PRO D 205 39.11 30.71 11.83
N MET D 206 38.66 29.65 12.49
CA MET D 206 38.45 28.37 11.82
C MET D 206 37.23 28.42 10.91
N THR D 207 36.24 29.24 11.30
CA THR D 207 35.04 29.41 10.52
C THR D 207 35.23 30.48 9.45
N GLN D 208 36.38 31.12 9.47
CA GLN D 208 36.71 32.15 8.48
C GLN D 208 37.12 31.51 7.16
N LYS D 209 37.42 30.22 7.20
CA LYS D 209 37.78 29.47 6.01
C LYS D 209 36.56 28.81 5.37
N VAL D 210 35.45 29.53 5.40
CA VAL D 210 34.20 29.03 4.85
C VAL D 210 33.59 30.06 3.89
N PRO D 211 32.93 29.59 2.83
CA PRO D 211 32.28 30.49 1.86
C PRO D 211 31.20 31.35 2.52
N GLN D 212 31.12 32.62 2.12
CA GLN D 212 30.17 33.55 2.72
C GLN D 212 28.72 33.12 2.48
N LYS D 213 28.49 32.40 1.39
CA LYS D 213 27.16 31.89 1.07
C LYS D 213 26.65 30.98 2.18
N VAL D 214 27.55 30.16 2.72
CA VAL D 214 27.20 29.26 3.82
C VAL D 214 27.09 30.02 5.13
N VAL D 215 27.92 31.04 5.29
CA VAL D 215 27.91 31.88 6.48
C VAL D 215 26.56 32.58 6.64
N ASP D 216 26.02 33.06 5.53
CA ASP D 216 24.73 33.73 5.53
C ASP D 216 23.59 32.72 5.56
N LYS D 217 23.88 31.49 5.14
CA LYS D 217 22.88 30.44 5.12
C LYS D 217 22.64 29.87 6.51
N ILE D 218 23.73 29.53 7.20
CA ILE D 218 23.65 29.01 8.57
C ILE D 218 23.07 30.05 9.51
N THR D 219 23.41 31.31 9.27
CA THR D 219 22.91 32.42 10.08
C THR D 219 21.38 32.49 10.04
N GLU D 220 20.82 32.23 8.87
CA GLU D 220 19.37 32.22 8.70
C GLU D 220 18.74 31.02 9.40
N MET D 221 19.49 29.93 9.48
CA MET D 221 19.02 28.71 10.14
C MET D 221 18.99 28.89 11.66
N ILE D 222 19.96 29.65 12.18
CA ILE D 222 20.02 29.93 13.61
C ILE D 222 18.84 30.79 14.04
N PRO D 223 18.06 30.29 15.02
CA PRO D 223 16.86 30.96 15.54
C PRO D 223 17.13 32.39 16.02
N MET D 224 18.25 32.60 16.71
CA MET D 224 18.59 33.93 17.20
C MET D 224 19.00 34.85 16.05
N GLY D 225 19.41 34.25 14.94
CA GLY D 225 19.71 35.00 13.74
C GLY D 225 21.12 35.55 13.64
N HIS D 226 22.04 34.97 14.40
CA HIS D 226 23.43 35.39 14.36
C HIS D 226 24.36 34.31 14.90
N LEU D 227 25.64 34.41 14.54
CA LEU D 227 26.65 33.48 15.04
C LEU D 227 27.05 33.82 16.47
N GLY D 228 27.32 32.80 17.26
CA GLY D 228 27.70 32.99 18.65
C GLY D 228 29.07 33.61 18.79
N ASP D 229 29.27 34.36 19.87
CA ASP D 229 30.56 34.96 20.18
C ASP D 229 31.36 34.01 21.06
N PRO D 230 32.69 33.95 20.86
CA PRO D 230 33.57 33.09 21.67
C PRO D 230 33.43 33.34 23.17
N GLU D 231 32.94 34.52 23.56
CA GLU D 231 32.69 34.85 24.95
C GLU D 231 31.51 34.04 25.50
N ASP D 232 30.52 33.78 24.65
CA ASP D 232 29.32 33.04 25.05
C ASP D 232 29.66 31.63 25.48
N VAL D 233 30.64 31.03 24.81
CA VAL D 233 31.08 29.69 25.18
C VAL D 233 31.89 29.74 26.47
N ALA D 234 32.70 30.79 26.61
CA ALA D 234 33.53 30.97 27.80
C ALA D 234 32.68 31.26 29.03
N ASP D 235 31.49 31.81 28.81
CA ASP D 235 30.55 32.08 29.90
C ASP D 235 30.06 30.78 30.52
N VAL D 236 29.99 29.73 29.70
CA VAL D 236 29.54 28.43 30.18
C VAL D 236 30.69 27.68 30.85
N VAL D 237 31.87 27.75 30.24
CA VAL D 237 33.06 27.12 30.77
C VAL D 237 33.40 27.64 32.17
N ALA D 238 33.30 28.96 32.35
CA ALA D 238 33.56 29.58 33.64
C ALA D 238 32.55 29.13 34.68
N PHE D 239 31.32 28.91 34.25
CA PHE D 239 30.26 28.45 35.13
C PHE D 239 30.48 27.01 35.57
N LEU D 240 30.81 26.14 34.60
CA LEU D 240 31.02 24.73 34.89
C LEU D 240 32.28 24.50 35.74
N ALA D 241 33.20 25.45 35.68
CA ALA D 241 34.45 25.34 36.43
C ALA D 241 34.28 25.81 37.86
N SER D 242 33.23 26.59 38.11
CA SER D 242 32.99 27.14 39.44
C SER D 242 32.29 26.14 40.36
N GLU D 243 32.30 26.44 41.65
CA GLU D 243 31.64 25.60 42.64
C GLU D 243 30.13 25.80 42.59
N ASP D 244 29.72 26.90 41.96
CA ASP D 244 28.30 27.19 41.76
C ASP D 244 27.63 26.09 40.93
N SER D 245 28.43 25.41 40.13
CA SER D 245 27.97 24.26 39.35
C SER D 245 28.44 22.97 40.00
N GLY D 246 28.39 22.94 41.33
CA GLY D 246 28.95 21.83 42.10
C GLY D 246 28.16 20.54 42.09
N TYR D 247 26.97 20.55 41.49
CA TYR D 247 26.13 19.37 41.49
C TYR D 247 25.79 18.89 40.08
N ILE D 248 26.34 19.56 39.07
CA ILE D 248 26.10 19.14 37.70
C ILE D 248 27.34 18.47 37.10
N THR D 249 27.16 17.22 36.67
CA THR D 249 28.23 16.46 36.05
C THR D 249 27.66 15.47 35.03
N GLY D 250 28.39 15.23 33.96
CA GLY D 250 27.92 14.36 32.90
C GLY D 250 26.77 14.99 32.13
N THR D 251 26.77 16.31 32.06
CA THR D 251 25.71 17.03 31.38
C THR D 251 26.27 17.84 30.20
N SER D 252 25.56 17.78 29.07
CA SER D 252 25.98 18.51 27.87
C SER D 252 25.24 19.84 27.74
N VAL D 253 25.93 20.93 28.04
CA VAL D 253 25.36 22.26 27.91
C VAL D 253 25.42 22.73 26.47
N GLU D 254 24.32 23.31 25.98
CA GLU D 254 24.24 23.73 24.59
C GLU D 254 24.27 25.24 24.42
N VAL D 255 25.28 25.73 23.71
CA VAL D 255 25.40 27.14 23.38
C VAL D 255 25.24 27.33 21.88
N THR D 256 24.06 26.97 21.37
CA THR D 256 23.84 26.92 19.94
C THR D 256 22.91 28.02 19.43
N GLY D 257 22.26 28.72 20.36
CA GLY D 257 21.33 29.78 20.00
C GLY D 257 20.04 29.22 19.43
N GLY D 258 19.71 27.99 19.81
CA GLY D 258 18.47 27.36 19.38
C GLY D 258 18.66 26.38 18.24
N LEU D 259 19.74 26.52 17.49
CA LEU D 259 20.01 25.66 16.34
C LEU D 259 20.36 24.25 16.77
N PHE D 260 19.63 23.27 16.25
CA PHE D 260 19.91 21.87 16.57
C PHE D 260 20.44 21.13 15.34
N GLN E 6 -31.50 -25.54 50.55
CA GLN E 6 -32.85 -26.10 50.55
C GLN E 6 -33.09 -26.97 49.32
N ASN E 7 -32.01 -27.53 48.79
CA ASN E 7 -32.10 -28.38 47.61
C ASN E 7 -31.07 -29.52 47.66
N ARG E 8 -30.43 -29.78 46.53
CA ARG E 8 -29.44 -30.85 46.44
C ARG E 8 -28.18 -30.52 47.24
N LEU E 9 -27.60 -29.35 46.99
CA LEU E 9 -26.39 -28.93 47.69
C LEU E 9 -26.71 -27.86 48.73
N ARG E 10 -27.55 -28.21 49.70
CA ARG E 10 -28.00 -27.25 50.71
C ARG E 10 -26.89 -26.86 51.67
N SER E 11 -26.19 -27.85 52.23
CA SER E 11 -25.18 -27.60 53.24
C SER E 11 -23.79 -27.38 52.64
N ALA E 12 -23.71 -27.39 51.32
CA ALA E 12 -22.42 -27.29 50.64
C ALA E 12 -21.94 -25.85 50.52
N LEU E 13 -20.65 -25.66 50.74
CA LEU E 13 -20.00 -24.37 50.53
C LEU E 13 -19.09 -24.46 49.30
N ALA E 14 -19.44 -23.73 48.25
CA ALA E 14 -18.75 -23.86 46.98
C ALA E 14 -17.73 -22.75 46.73
N LEU E 15 -16.49 -23.16 46.47
CA LEU E 15 -15.44 -22.23 46.06
C LEU E 15 -15.14 -22.40 44.58
N VAL E 16 -15.51 -21.39 43.79
CA VAL E 16 -15.34 -21.45 42.34
C VAL E 16 -14.38 -20.36 41.86
N THR E 17 -13.18 -20.77 41.49
CA THR E 17 -12.19 -19.85 40.94
C THR E 17 -12.52 -19.50 39.50
N GLY E 18 -12.28 -18.26 39.12
CA GLY E 18 -12.60 -17.80 37.77
C GLY E 18 -14.09 -17.81 37.52
N ALA E 19 -14.85 -17.43 38.54
CA ALA E 19 -16.31 -17.42 38.45
C ALA E 19 -16.84 -16.07 38.01
N GLY E 20 -15.98 -15.27 37.39
CA GLY E 20 -16.38 -13.95 36.93
C GLY E 20 -16.89 -13.94 35.51
N SER E 21 -16.70 -15.05 34.80
CA SER E 21 -17.14 -15.15 33.41
C SER E 21 -17.21 -16.60 32.93
N GLY E 22 -17.98 -16.82 31.86
CA GLY E 22 -18.07 -18.11 31.22
C GLY E 22 -18.61 -19.24 32.08
N ILE E 23 -17.88 -20.36 32.07
CA ILE E 23 -18.29 -21.55 32.81
C ILE E 23 -18.33 -21.30 34.31
N GLY E 24 -17.31 -20.62 34.82
CA GLY E 24 -17.22 -20.30 36.24
C GLY E 24 -18.43 -19.55 36.76
N ARG E 25 -18.97 -18.66 35.93
CA ARG E 25 -20.18 -17.94 36.28
C ARG E 25 -21.40 -18.85 36.19
N ALA E 26 -21.42 -19.70 35.17
CA ALA E 26 -22.51 -20.64 34.98
C ALA E 26 -22.54 -21.70 36.07
N VAL E 27 -21.35 -22.09 36.52
CA VAL E 27 -21.22 -23.03 37.63
C VAL E 27 -21.78 -22.42 38.91
N SER E 28 -21.45 -21.15 39.14
CA SER E 28 -21.91 -20.42 40.32
C SER E 28 -23.43 -20.35 40.35
N VAL E 29 -24.05 -20.10 39.20
CA VAL E 29 -25.50 -20.05 39.09
C VAL E 29 -26.11 -21.42 39.32
N ARG E 30 -25.49 -22.44 38.74
CA ARG E 30 -25.98 -23.81 38.84
C ARG E 30 -25.94 -24.33 40.28
N LEU E 31 -24.81 -24.09 40.94
CA LEU E 31 -24.62 -24.56 42.31
C LEU E 31 -25.51 -23.80 43.29
N ALA E 32 -25.69 -22.51 43.04
CA ALA E 32 -26.53 -21.68 43.90
C ALA E 32 -27.99 -22.11 43.77
N GLY E 33 -28.34 -22.63 42.61
CA GLY E 33 -29.67 -23.15 42.37
C GLY E 33 -29.90 -24.45 43.14
N GLU E 34 -28.81 -25.09 43.54
CA GLU E 34 -28.89 -26.31 44.33
C GLU E 34 -28.89 -25.99 45.82
N GLY E 35 -29.00 -24.70 46.14
CA GLY E 35 -29.08 -24.26 47.52
C GLY E 35 -27.72 -24.11 48.19
N ALA E 36 -26.69 -23.83 47.39
CA ALA E 36 -25.34 -23.68 47.91
C ALA E 36 -24.89 -22.23 47.89
N THR E 37 -24.16 -21.83 48.93
CA THR E 37 -23.59 -20.49 48.99
C THR E 37 -22.26 -20.47 48.26
N VAL E 38 -22.26 -19.84 47.08
CA VAL E 38 -21.09 -19.84 46.22
C VAL E 38 -20.09 -18.73 46.56
N ALA E 39 -18.84 -19.12 46.78
CA ALA E 39 -17.76 -18.16 46.98
C ALA E 39 -17.03 -17.90 45.67
N ALA E 40 -17.55 -16.97 44.88
CA ALA E 40 -17.03 -16.69 43.55
C ALA E 40 -15.67 -16.01 43.59
N CYS E 41 -14.63 -16.75 43.24
CA CYS E 41 -13.28 -16.20 43.15
C CYS E 41 -12.92 -15.90 41.71
N ASP E 42 -12.16 -14.84 41.50
CA ASP E 42 -11.78 -14.43 40.14
C ASP E 42 -10.61 -13.45 40.18
N LEU E 43 -9.82 -13.43 39.10
CA LEU E 43 -8.70 -12.50 38.99
C LEU E 43 -9.21 -11.07 38.93
N ASP E 44 -10.37 -10.88 38.29
CA ASP E 44 -11.00 -9.57 38.22
C ASP E 44 -12.13 -9.47 39.24
N ARG E 45 -11.97 -8.60 40.22
CA ARG E 45 -12.96 -8.41 41.28
C ARG E 45 -14.26 -7.81 40.73
N ALA E 46 -14.12 -6.93 39.74
CA ALA E 46 -15.27 -6.27 39.13
C ALA E 46 -16.23 -7.29 38.50
N ALA E 47 -15.66 -8.35 37.92
CA ALA E 47 -16.47 -9.40 37.31
C ALA E 47 -16.91 -10.41 38.35
N ALA E 48 -16.20 -10.45 39.48
CA ALA E 48 -16.53 -11.36 40.56
C ALA E 48 -17.78 -10.89 41.31
N GLN E 49 -17.84 -9.59 41.58
CA GLN E 49 -18.99 -8.99 42.25
C GLN E 49 -20.22 -9.06 41.34
N GLU E 50 -19.98 -9.07 40.04
CA GLU E 50 -21.04 -9.13 39.05
C GLU E 50 -21.76 -10.48 39.11
N THR E 51 -21.02 -11.52 39.47
CA THR E 51 -21.57 -12.86 39.60
C THR E 51 -22.39 -13.01 40.87
N VAL E 52 -21.90 -12.40 41.95
CA VAL E 52 -22.58 -12.46 43.24
C VAL E 52 -23.95 -11.80 43.16
N ARG E 53 -24.04 -10.71 42.41
CA ARG E 53 -25.30 -10.00 42.23
C ARG E 53 -26.33 -10.82 41.47
N LEU E 54 -25.86 -11.85 40.76
CA LEU E 54 -26.75 -12.77 40.06
C LEU E 54 -27.29 -13.82 41.02
N LEU E 55 -26.63 -13.97 42.15
CA LEU E 55 -27.01 -14.96 43.14
C LEU E 55 -27.67 -14.33 44.37
N ASN E 68 -24.53 -16.26 53.07
CA ASN E 68 -24.60 -15.29 51.98
C ASN E 68 -23.41 -15.41 51.04
N HIS E 69 -23.64 -15.12 49.76
CA HIS E 69 -22.59 -15.20 48.74
C HIS E 69 -21.55 -14.10 48.94
N ALA E 70 -20.37 -14.32 48.37
CA ALA E 70 -19.28 -13.36 48.49
C ALA E 70 -18.30 -13.48 47.33
N ALA E 71 -17.64 -12.38 46.99
CA ALA E 71 -16.67 -12.35 45.91
C ALA E 71 -15.25 -12.26 46.45
N PHE E 72 -14.31 -12.87 45.73
CA PHE E 72 -12.91 -12.87 46.15
C PHE E 72 -11.98 -12.61 44.96
N GLN E 73 -10.93 -11.82 45.19
CA GLN E 73 -9.96 -11.53 44.15
C GLN E 73 -8.63 -12.20 44.48
N ALA E 74 -8.17 -13.07 43.59
CA ALA E 74 -6.91 -13.78 43.78
C ALA E 74 -6.35 -14.32 42.47
N ASP E 75 -5.03 -14.28 42.34
CA ASP E 75 -4.36 -14.86 41.19
C ASP E 75 -3.89 -16.27 41.52
N VAL E 76 -4.51 -17.27 40.91
CA VAL E 76 -4.26 -18.66 41.24
C VAL E 76 -2.82 -19.10 40.91
N SER E 77 -2.17 -18.37 40.02
CA SER E 77 -0.80 -18.69 39.63
C SER E 77 0.19 -18.34 40.74
N GLU E 78 -0.24 -17.47 41.65
CA GLU E 78 0.60 -17.05 42.77
C GLU E 78 0.35 -17.91 43.99
N ALA E 79 1.44 -18.33 44.64
CA ALA E 79 1.34 -19.18 45.84
C ALA E 79 0.79 -18.39 47.03
N ARG E 80 1.15 -17.11 47.11
CA ARG E 80 0.68 -16.24 48.18
C ARG E 80 -0.81 -15.96 48.04
N ALA E 81 -1.25 -15.74 46.81
CA ALA E 81 -2.65 -15.43 46.55
C ALA E 81 -3.53 -16.68 46.64
N ALA E 82 -2.91 -17.85 46.51
CA ALA E 82 -3.64 -19.11 46.58
C ALA E 82 -3.87 -19.53 48.03
N ARG E 83 -2.83 -19.43 48.85
CA ARG E 83 -2.92 -19.76 50.27
C ARG E 83 -3.86 -18.80 50.98
N CYS E 84 -3.71 -17.50 50.72
CA CYS E 84 -4.51 -16.48 51.36
C CYS E 84 -5.98 -16.56 50.93
N LEU E 85 -6.21 -17.06 49.72
CA LEU E 85 -7.57 -17.23 49.21
C LEU E 85 -8.35 -18.20 50.08
N LEU E 86 -7.74 -19.35 50.38
CA LEU E 86 -8.36 -20.35 51.24
C LEU E 86 -8.41 -19.85 52.68
N GLU E 87 -7.54 -18.91 53.01
CA GLU E 87 -7.52 -18.31 54.34
C GLU E 87 -8.65 -17.31 54.49
N GLN E 88 -8.88 -16.51 53.45
CA GLN E 88 -9.94 -15.50 53.46
C GLN E 88 -11.32 -16.15 53.45
N VAL E 89 -11.48 -17.20 52.65
CA VAL E 89 -12.76 -17.88 52.52
C VAL E 89 -13.13 -18.64 53.80
N GLN E 90 -12.17 -19.39 54.33
CA GLN E 90 -12.40 -20.20 55.52
C GLN E 90 -12.67 -19.33 56.75
N ALA E 91 -12.18 -18.10 56.73
CA ALA E 91 -12.37 -17.18 57.85
C ALA E 91 -13.59 -16.29 57.64
N CYS E 92 -14.17 -16.34 56.45
CA CYS E 92 -15.34 -15.53 56.14
C CYS E 92 -16.63 -16.33 56.33
N PHE E 93 -16.55 -17.64 56.10
CA PHE E 93 -17.71 -18.51 56.25
C PHE E 93 -17.58 -19.40 57.49
N SER E 94 -16.46 -19.25 58.18
CA SER E 94 -16.17 -20.04 59.39
C SER E 94 -16.16 -21.54 59.10
N ARG E 95 -15.87 -21.91 57.85
CA ARG E 95 -15.84 -23.31 57.45
C ARG E 95 -15.12 -23.46 56.11
N PRO E 96 -14.45 -24.61 55.92
CA PRO E 96 -13.75 -24.87 54.65
C PRO E 96 -14.73 -25.20 53.52
N PRO E 97 -14.39 -24.78 52.28
CA PRO E 97 -15.22 -25.06 51.11
C PRO E 97 -15.36 -26.55 50.84
N SER E 98 -16.57 -27.07 50.95
CA SER E 98 -16.82 -28.49 50.70
C SER E 98 -16.78 -28.79 49.20
N VAL E 99 -16.97 -27.76 48.39
CA VAL E 99 -16.92 -27.89 46.95
C VAL E 99 -15.90 -26.93 46.35
N VAL E 100 -14.91 -27.47 45.66
CA VAL E 100 -13.85 -26.65 45.06
C VAL E 100 -13.80 -26.84 43.55
N VAL E 101 -14.18 -25.80 42.81
CA VAL E 101 -14.23 -25.87 41.36
C VAL E 101 -13.24 -24.91 40.72
N SER E 102 -12.21 -25.47 40.09
CA SER E 102 -11.19 -24.65 39.43
C SER E 102 -11.54 -24.39 37.97
N CYS E 103 -11.93 -23.15 37.67
CA CYS E 103 -12.28 -22.77 36.31
C CYS E 103 -11.35 -21.69 35.78
N ALA E 104 -10.38 -21.30 36.61
CA ALA E 104 -9.42 -20.28 36.23
C ALA E 104 -8.48 -20.77 35.13
N GLY E 105 -8.67 -20.26 33.92
CA GLY E 105 -7.86 -20.66 32.79
C GLY E 105 -7.77 -19.59 31.71
N ILE E 106 -6.68 -19.60 30.96
CA ILE E 106 -6.45 -18.64 29.89
C ILE E 106 -6.03 -19.32 28.61
N THR E 107 -6.00 -18.55 27.52
CA THR E 107 -5.55 -19.06 26.23
C THR E 107 -4.54 -18.12 25.60
N GLN E 108 -3.32 -18.62 25.40
CA GLN E 108 -2.28 -17.88 24.72
C GLN E 108 -1.77 -18.72 23.54
N ASP E 109 -2.63 -18.90 22.54
CA ASP E 109 -2.37 -19.84 21.45
C ASP E 109 -1.41 -19.28 20.40
N GLU E 110 -0.52 -20.14 19.93
CA GLU E 110 0.45 -19.82 18.90
C GLU E 110 1.07 -21.11 18.39
N PHE E 111 1.45 -21.15 17.12
CA PHE E 111 2.07 -22.34 16.55
C PHE E 111 3.35 -22.70 17.29
N LEU E 112 3.69 -23.98 17.29
CA LEU E 112 4.84 -24.50 18.01
C LEU E 112 6.15 -23.83 17.59
N LEU E 113 6.25 -23.52 16.30
CA LEU E 113 7.47 -22.94 15.76
C LEU E 113 7.58 -21.44 16.05
N HIS E 114 6.50 -20.85 16.56
CA HIS E 114 6.48 -19.41 16.80
C HIS E 114 6.03 -19.06 18.22
N MET E 115 5.78 -20.08 19.04
CA MET E 115 5.37 -19.83 20.42
C MET E 115 6.54 -19.36 21.27
N SER E 116 6.37 -18.21 21.92
CA SER E 116 7.41 -17.66 22.77
C SER E 116 7.40 -18.31 24.15
N GLU E 117 8.42 -18.00 24.94
CA GLU E 117 8.52 -18.54 26.30
C GLU E 117 7.43 -17.94 27.18
N ASP E 118 7.07 -16.70 26.89
CA ASP E 118 6.03 -16.00 27.65
C ASP E 118 4.68 -16.65 27.43
N ASP E 119 4.43 -17.10 26.21
CA ASP E 119 3.18 -17.77 25.87
C ASP E 119 3.07 -19.12 26.57
N TRP E 120 4.22 -19.72 26.87
CA TRP E 120 4.27 -21.01 27.54
C TRP E 120 4.03 -20.89 29.04
N ASP E 121 4.87 -20.09 29.71
CA ASP E 121 4.82 -19.95 31.16
C ASP E 121 3.49 -19.38 31.66
N LYS E 122 2.87 -18.54 30.84
CA LYS E 122 1.63 -17.88 31.22
C LYS E 122 0.51 -18.87 31.48
N VAL E 123 0.24 -19.73 30.48
CA VAL E 123 -0.82 -20.71 30.57
C VAL E 123 -0.54 -21.77 31.63
N ILE E 124 0.70 -22.25 31.67
CA ILE E 124 1.10 -23.29 32.61
C ILE E 124 0.95 -22.83 34.06
N ALA E 125 1.35 -21.59 34.33
CA ALA E 125 1.30 -21.06 35.69
C ALA E 125 -0.15 -20.89 36.16
N VAL E 126 -1.03 -20.52 35.23
CA VAL E 126 -2.43 -20.27 35.56
C VAL E 126 -3.26 -21.55 35.54
N ASN E 127 -3.18 -22.29 34.43
CA ASN E 127 -4.02 -23.47 34.25
C ASN E 127 -3.50 -24.70 35.00
N LEU E 128 -2.20 -24.95 34.91
CA LEU E 128 -1.61 -26.14 35.53
C LEU E 128 -1.19 -25.88 36.97
N LYS E 129 -0.31 -24.91 37.18
CA LYS E 129 0.18 -24.57 38.51
C LYS E 129 -0.94 -23.99 39.37
N GLY E 130 -1.79 -23.18 38.75
CA GLY E 130 -2.91 -22.57 39.46
C GLY E 130 -3.87 -23.60 40.01
N THR E 131 -4.14 -24.63 39.20
CA THR E 131 -5.01 -25.72 39.62
C THR E 131 -4.39 -26.49 40.78
N PHE E 132 -3.07 -26.67 40.72
CA PHE E 132 -2.32 -27.35 41.77
C PHE E 132 -2.45 -26.63 43.11
N LEU E 133 -2.17 -25.32 43.10
CA LEU E 133 -2.19 -24.52 44.31
C LEU E 133 -3.59 -24.47 44.93
N VAL E 134 -4.60 -24.35 44.08
CA VAL E 134 -5.99 -24.33 44.55
C VAL E 134 -6.39 -25.68 45.12
N THR E 135 -6.06 -26.75 44.39
CA THR E 135 -6.38 -28.10 44.83
C THR E 135 -5.64 -28.44 46.13
N GLN E 136 -4.38 -28.05 46.21
CA GLN E 136 -3.56 -28.34 47.38
C GLN E 136 -4.07 -27.64 48.62
N ALA E 137 -4.22 -26.33 48.54
CA ALA E 137 -4.65 -25.52 49.68
C ALA E 137 -6.06 -25.91 50.14
N ALA E 138 -6.91 -26.28 49.19
CA ALA E 138 -8.25 -26.72 49.51
C ALA E 138 -8.22 -28.07 50.21
N ALA E 139 -7.33 -28.95 49.76
CA ALA E 139 -7.14 -30.25 50.38
C ALA E 139 -6.62 -30.08 51.80
N GLN E 140 -5.69 -29.14 51.98
CA GLN E 140 -5.11 -28.87 53.30
C GLN E 140 -6.16 -28.27 54.23
N ALA E 141 -7.10 -27.53 53.67
CA ALA E 141 -8.15 -26.88 54.46
C ALA E 141 -9.19 -27.89 54.93
N LEU E 142 -9.49 -28.87 54.09
CA LEU E 142 -10.49 -29.88 54.41
C LEU E 142 -9.99 -30.87 55.46
N VAL E 143 -8.74 -31.32 55.30
CA VAL E 143 -8.15 -32.30 56.20
C VAL E 143 -7.89 -31.68 57.58
N SER E 144 -7.47 -30.42 57.59
CA SER E 144 -7.19 -29.71 58.83
C SER E 144 -8.42 -29.65 59.74
N ASN E 145 -9.60 -29.59 59.13
CA ASN E 145 -10.85 -29.57 59.88
C ASN E 145 -11.53 -30.93 59.87
N GLY E 146 -10.92 -31.90 59.18
CA GLY E 146 -11.47 -33.23 59.06
C GLY E 146 -12.75 -33.25 58.25
N CYS E 147 -12.88 -32.28 57.34
CA CYS E 147 -14.08 -32.14 56.53
C CYS E 147 -13.97 -32.88 55.20
N ARG E 148 -15.06 -33.52 54.80
CA ARG E 148 -15.12 -34.22 53.53
C ARG E 148 -15.65 -33.28 52.44
N GLY E 149 -15.31 -33.58 51.19
CA GLY E 149 -15.76 -32.75 50.08
C GLY E 149 -15.35 -33.29 48.72
N SER E 150 -15.55 -32.47 47.69
CA SER E 150 -15.23 -32.86 46.33
C SER E 150 -14.43 -31.79 45.61
N ILE E 151 -13.33 -32.20 44.98
CA ILE E 151 -12.49 -31.28 44.23
C ILE E 151 -12.68 -31.49 42.73
N ILE E 152 -13.20 -30.47 42.06
CA ILE E 152 -13.52 -30.56 40.65
C ILE E 152 -12.64 -29.64 39.80
N ASN E 153 -11.73 -30.23 39.04
CA ASN E 153 -10.84 -29.46 38.18
C ASN E 153 -11.26 -29.54 36.72
N ILE E 154 -11.50 -28.38 36.11
CA ILE E 154 -11.95 -28.32 34.74
C ILE E 154 -10.79 -28.39 33.76
N SER E 155 -10.61 -29.56 33.15
CA SER E 155 -9.60 -29.74 32.11
C SER E 155 -10.20 -29.45 30.74
N SER E 156 -9.85 -30.26 29.76
CA SER E 156 -10.39 -30.08 28.40
C SER E 156 -10.17 -31.33 27.55
N ILE E 157 -10.92 -31.43 26.46
CA ILE E 157 -10.74 -32.52 25.51
C ILE E 157 -9.41 -32.35 24.80
N VAL E 158 -8.90 -31.13 24.80
CA VAL E 158 -7.58 -30.81 24.27
C VAL E 158 -6.50 -31.50 25.10
N GLY E 159 -6.81 -31.73 26.37
CA GLY E 159 -5.87 -32.39 27.28
C GLY E 159 -5.79 -33.88 27.07
N LYS E 160 -6.44 -34.39 26.03
CA LYS E 160 -6.42 -35.82 25.74
C LYS E 160 -5.89 -36.09 24.33
N VAL E 161 -6.15 -35.16 23.41
CA VAL E 161 -5.78 -35.36 22.01
C VAL E 161 -4.91 -34.23 21.47
N GLY E 162 -4.91 -33.09 22.17
CA GLY E 162 -4.15 -31.93 21.72
C GLY E 162 -4.90 -31.16 20.65
N ASN E 163 -4.42 -29.96 20.35
CA ASN E 163 -5.06 -29.10 19.36
C ASN E 163 -4.07 -28.12 18.72
N VAL E 164 -4.33 -27.78 17.46
CA VAL E 164 -3.44 -26.90 16.70
C VAL E 164 -3.33 -25.52 17.33
N GLY E 165 -2.09 -25.10 17.61
CA GLY E 165 -1.85 -23.78 18.17
C GLY E 165 -1.87 -23.77 19.69
N GLN E 166 -2.37 -24.84 20.27
CA GLN E 166 -2.49 -24.94 21.72
C GLN E 166 -1.50 -25.92 22.31
N THR E 167 -0.22 -25.68 22.05
CA THR E 167 0.84 -26.53 22.60
C THR E 167 0.98 -26.32 24.10
N ASN E 168 0.81 -25.07 24.53
CA ASN E 168 0.90 -24.72 25.94
C ASN E 168 -0.40 -24.97 26.68
N TYR E 169 -1.51 -24.93 25.96
CA TYR E 169 -2.82 -25.15 26.53
C TYR E 169 -3.08 -26.64 26.75
N ALA E 170 -2.69 -27.45 25.78
CA ALA E 170 -2.85 -28.90 25.87
C ALA E 170 -1.96 -29.48 26.96
N ALA E 171 -0.74 -28.96 27.06
CA ALA E 171 0.22 -29.42 28.06
C ALA E 171 -0.26 -29.08 29.47
N SER E 172 -1.07 -28.02 29.58
CA SER E 172 -1.60 -27.59 30.86
C SER E 172 -2.85 -28.38 31.23
N LYS E 173 -3.67 -28.69 30.22
CA LYS E 173 -4.91 -29.42 30.45
C LYS E 173 -4.67 -30.91 30.64
N ALA E 174 -3.66 -31.44 29.97
CA ALA E 174 -3.28 -32.84 30.14
C ALA E 174 -2.64 -33.03 31.52
N GLY E 175 -1.99 -31.98 32.00
CA GLY E 175 -1.36 -32.02 33.31
C GLY E 175 -2.37 -32.02 34.44
N VAL E 176 -3.51 -31.38 34.21
CA VAL E 176 -4.59 -31.33 35.19
C VAL E 176 -5.12 -32.73 35.48
N ILE E 177 -5.24 -33.54 34.44
CA ILE E 177 -5.73 -34.91 34.57
C ILE E 177 -4.84 -35.74 35.50
N GLY E 178 -3.54 -35.77 35.20
CA GLY E 178 -2.59 -36.51 36.01
C GLY E 178 -2.47 -35.94 37.41
N LEU E 179 -2.74 -34.65 37.54
CA LEU E 179 -2.69 -33.98 38.83
C LEU E 179 -3.88 -34.38 39.70
N THR E 180 -5.06 -34.41 39.10
CA THR E 180 -6.29 -34.73 39.81
C THR E 180 -6.34 -36.22 40.18
N GLN E 181 -5.89 -37.07 39.27
CA GLN E 181 -5.86 -38.51 39.51
C GLN E 181 -4.93 -38.85 40.68
N THR E 182 -3.84 -38.10 40.79
CA THR E 182 -2.90 -38.27 41.89
C THR E 182 -3.53 -37.88 43.21
N ALA E 183 -4.22 -36.74 43.22
CA ALA E 183 -4.86 -36.23 44.42
C ALA E 183 -5.98 -37.16 44.89
N ALA E 184 -6.63 -37.82 43.94
CA ALA E 184 -7.73 -38.72 44.26
C ALA E 184 -7.24 -39.98 44.97
N ARG E 185 -5.97 -40.32 44.74
CA ARG E 185 -5.38 -41.50 45.36
C ARG E 185 -4.90 -41.23 46.78
N GLU E 186 -4.63 -39.96 47.07
CA GLU E 186 -4.13 -39.58 48.39
C GLU E 186 -5.25 -39.09 49.31
N LEU E 187 -6.22 -38.39 48.72
CA LEU E 187 -7.30 -37.80 49.50
C LEU E 187 -8.51 -38.73 49.58
N GLY E 188 -8.36 -39.95 49.09
CA GLY E 188 -9.44 -40.92 49.12
C GLY E 188 -9.69 -41.45 50.51
N ARG E 189 -8.63 -41.55 51.31
CA ARG E 189 -8.74 -42.07 52.67
C ARG E 189 -9.27 -41.02 53.63
N HIS E 190 -9.21 -39.76 53.21
CA HIS E 190 -9.68 -38.66 54.05
C HIS E 190 -11.15 -38.35 53.77
N GLY E 191 -11.64 -38.77 52.60
CA GLY E 191 -13.01 -38.53 52.23
C GLY E 191 -13.16 -37.39 51.25
N ILE E 192 -12.10 -37.13 50.49
CA ILE E 192 -12.11 -36.06 49.49
C ILE E 192 -12.00 -36.62 48.08
N ARG E 193 -13.05 -36.45 47.29
CA ARG E 193 -13.08 -36.97 45.93
C ARG E 193 -12.56 -35.94 44.92
N CYS E 194 -11.64 -36.37 44.08
CA CYS E 194 -11.05 -35.49 43.07
C CYS E 194 -11.41 -35.97 41.67
N ASN E 195 -12.07 -35.11 40.90
CA ASN E 195 -12.51 -35.47 39.56
C ASN E 195 -12.08 -34.45 38.50
N SER E 196 -12.12 -34.86 37.24
CA SER E 196 -11.75 -33.98 36.14
C SER E 196 -12.87 -33.87 35.12
N VAL E 197 -13.05 -32.67 34.56
CA VAL E 197 -14.05 -32.45 33.53
C VAL E 197 -13.36 -32.07 32.21
N LEU E 198 -13.78 -32.72 31.13
CA LEU E 198 -13.19 -32.47 29.81
C LEU E 198 -14.22 -31.95 28.82
N PRO E 199 -14.56 -30.65 28.91
CA PRO E 199 -15.55 -30.04 28.02
C PRO E 199 -15.02 -29.80 26.62
N GLY E 200 -15.89 -29.86 25.62
CA GLY E 200 -15.52 -29.52 24.26
C GLY E 200 -15.60 -28.02 24.07
N PHE E 201 -15.86 -27.59 22.83
CA PHE E 201 -16.00 -26.16 22.55
C PHE E 201 -17.32 -25.63 23.11
N ILE E 202 -17.23 -24.79 24.12
CA ILE E 202 -18.41 -24.28 24.82
C ILE E 202 -18.68 -22.83 24.44
N ALA E 203 -19.96 -22.47 24.35
CA ALA E 203 -20.36 -21.10 24.04
C ALA E 203 -19.96 -20.16 25.17
N THR E 204 -18.68 -19.81 25.21
CA THR E 204 -18.14 -18.96 26.26
C THR E 204 -17.30 -17.82 25.66
N PRO E 205 -17.07 -16.74 26.42
CA PRO E 205 -16.22 -15.65 25.95
C PRO E 205 -14.82 -16.09 25.53
N MET E 206 -14.37 -17.24 26.02
CA MET E 206 -13.07 -17.79 25.64
C MET E 206 -13.10 -18.26 24.19
N THR E 207 -14.23 -18.83 23.77
CA THR E 207 -14.39 -19.29 22.41
C THR E 207 -14.85 -18.17 21.48
N GLN E 208 -15.05 -16.98 22.05
CA GLN E 208 -15.41 -15.80 21.27
C GLN E 208 -14.17 -15.25 20.57
N LYS E 209 -13.01 -15.72 21.00
CA LYS E 209 -11.74 -15.31 20.39
C LYS E 209 -11.47 -16.12 19.13
N VAL E 210 -12.31 -17.11 18.87
CA VAL E 210 -12.21 -17.93 17.67
C VAL E 210 -13.02 -17.31 16.54
N PRO E 211 -12.39 -17.14 15.36
CA PRO E 211 -13.06 -16.60 14.17
C PRO E 211 -14.36 -17.33 13.86
N GLN E 212 -15.39 -16.58 13.46
CA GLN E 212 -16.71 -17.14 13.24
C GLN E 212 -16.72 -18.23 12.17
N LYS E 213 -15.85 -18.09 11.17
CA LYS E 213 -15.76 -19.09 10.11
C LYS E 213 -15.16 -20.38 10.63
N VAL E 214 -14.34 -20.28 11.68
CA VAL E 214 -13.73 -21.44 12.30
C VAL E 214 -14.70 -22.11 13.26
N VAL E 215 -15.53 -21.28 13.90
CA VAL E 215 -16.55 -21.79 14.81
C VAL E 215 -17.56 -22.65 14.06
N ASP E 216 -17.94 -22.20 12.86
CA ASP E 216 -18.88 -22.93 12.03
C ASP E 216 -18.27 -24.26 11.56
N LYS E 217 -16.97 -24.25 11.29
CA LYS E 217 -16.26 -25.44 10.86
C LYS E 217 -16.22 -26.48 11.97
N ILE E 218 -15.97 -26.03 13.20
CA ILE E 218 -15.98 -26.90 14.36
C ILE E 218 -17.38 -27.41 14.64
N THR E 219 -18.37 -26.54 14.40
CA THR E 219 -19.77 -26.90 14.58
C THR E 219 -20.15 -28.07 13.68
N GLU E 220 -19.52 -28.14 12.51
CA GLU E 220 -19.72 -29.25 11.58
C GLU E 220 -19.03 -30.51 12.09
N MET E 221 -17.88 -30.33 12.73
CA MET E 221 -17.10 -31.44 13.24
C MET E 221 -17.78 -32.12 14.43
N ILE E 222 -18.41 -31.32 15.27
CA ILE E 222 -19.14 -31.84 16.43
C ILE E 222 -20.33 -32.69 15.97
N PRO E 223 -20.35 -33.96 16.40
CA PRO E 223 -21.40 -34.93 16.05
C PRO E 223 -22.81 -34.43 16.33
N MET E 224 -23.00 -33.73 17.43
CA MET E 224 -24.33 -33.21 17.78
C MET E 224 -24.67 -31.99 16.92
N GLY E 225 -23.64 -31.31 16.43
CA GLY E 225 -23.83 -30.24 15.48
C GLY E 225 -24.01 -28.84 16.06
N HIS E 226 -23.53 -28.63 17.27
CA HIS E 226 -23.60 -27.31 17.90
C HIS E 226 -22.62 -27.19 19.07
N LEU E 227 -22.33 -25.95 19.46
CA LEU E 227 -21.46 -25.69 20.60
C LEU E 227 -22.19 -25.99 21.90
N GLY E 228 -21.43 -26.35 22.94
CA GLY E 228 -22.01 -26.63 24.23
C GLY E 228 -22.35 -25.37 24.99
N ASP E 229 -23.26 -25.49 25.96
CA ASP E 229 -23.63 -24.38 26.81
C ASP E 229 -22.90 -24.50 28.15
N PRO E 230 -22.42 -23.37 28.69
CA PRO E 230 -21.71 -23.38 29.97
C PRO E 230 -22.53 -23.93 31.12
N GLU E 231 -23.86 -24.02 30.95
CA GLU E 231 -24.73 -24.64 31.94
C GLU E 231 -24.64 -26.16 31.87
N ASP E 232 -24.39 -26.68 30.67
CA ASP E 232 -24.23 -28.11 30.48
C ASP E 232 -22.97 -28.60 31.19
N VAL E 233 -21.93 -27.78 31.15
CA VAL E 233 -20.70 -28.07 31.89
C VAL E 233 -20.95 -27.92 33.38
N ALA E 234 -21.78 -26.93 33.72
CA ALA E 234 -22.15 -26.69 35.11
C ALA E 234 -23.04 -27.81 35.65
N ASP E 235 -23.74 -28.49 34.75
CA ASP E 235 -24.56 -29.63 35.14
C ASP E 235 -23.70 -30.80 35.60
N VAL E 236 -22.55 -30.96 34.93
CA VAL E 236 -21.59 -32.00 35.31
C VAL E 236 -20.95 -31.67 36.65
N VAL E 237 -20.56 -30.41 36.83
CA VAL E 237 -19.96 -29.95 38.06
C VAL E 237 -20.91 -30.11 39.24
N ALA E 238 -22.20 -29.81 39.00
CA ALA E 238 -23.22 -29.95 40.02
C ALA E 238 -23.41 -31.40 40.44
N PHE E 239 -23.19 -32.31 39.49
CA PHE E 239 -23.33 -33.74 39.75
C PHE E 239 -22.13 -34.27 40.54
N LEU E 240 -20.95 -33.79 40.19
CA LEU E 240 -19.72 -34.24 40.85
C LEU E 240 -19.62 -33.69 42.27
N ALA E 241 -20.25 -32.54 42.50
CA ALA E 241 -20.23 -31.91 43.81
C ALA E 241 -21.23 -32.55 44.76
N SER E 242 -22.28 -33.13 44.18
CA SER E 242 -23.34 -33.76 44.97
C SER E 242 -22.94 -35.13 45.47
N GLU E 243 -23.74 -35.68 46.37
CA GLU E 243 -23.48 -37.02 46.93
C GLU E 243 -24.00 -38.11 45.99
N ASP E 244 -24.58 -37.70 44.86
CA ASP E 244 -25.04 -38.64 43.86
C ASP E 244 -23.84 -39.30 43.17
N SER E 245 -22.70 -38.62 43.23
CA SER E 245 -21.45 -39.17 42.70
C SER E 245 -20.49 -39.49 43.85
N GLY E 246 -21.01 -40.09 44.91
CA GLY E 246 -20.23 -40.39 46.09
C GLY E 246 -19.17 -41.46 45.88
N TYR E 247 -19.37 -42.27 44.84
CA TYR E 247 -18.41 -43.33 44.52
C TYR E 247 -17.62 -42.98 43.26
N ILE E 248 -17.73 -41.72 42.84
CA ILE E 248 -17.03 -41.26 41.65
C ILE E 248 -15.86 -40.36 42.01
N THR E 249 -14.65 -40.86 41.79
CA THR E 249 -13.43 -40.08 42.04
C THR E 249 -12.29 -40.56 41.14
N GLY E 250 -11.40 -39.63 40.79
CA GLY E 250 -10.27 -39.94 39.95
C GLY E 250 -10.67 -40.28 38.52
N THR E 251 -11.72 -39.62 38.04
CA THR E 251 -12.22 -39.86 36.68
C THR E 251 -12.11 -38.61 35.81
N SER E 252 -12.52 -38.76 34.56
CA SER E 252 -12.48 -37.65 33.61
C SER E 252 -13.76 -37.60 32.77
N VAL E 253 -14.71 -36.79 33.20
CA VAL E 253 -15.99 -36.66 32.50
C VAL E 253 -15.84 -35.77 31.28
N GLU E 254 -16.36 -36.23 30.14
CA GLU E 254 -16.22 -35.49 28.88
C GLU E 254 -17.55 -34.86 28.45
N VAL E 255 -17.53 -33.54 28.33
CA VAL E 255 -18.69 -32.80 27.83
C VAL E 255 -18.36 -32.19 26.46
N THR E 256 -18.11 -33.06 25.49
CA THR E 256 -17.62 -32.63 24.19
C THR E 256 -18.71 -32.63 23.12
N GLY E 257 -19.84 -33.24 23.42
CA GLY E 257 -20.92 -33.38 22.45
C GLY E 257 -20.53 -34.35 21.36
N GLY E 258 -19.61 -35.26 21.68
CA GLY E 258 -19.17 -36.28 20.75
C GLY E 258 -17.85 -35.95 20.08
N LEU E 259 -17.40 -34.71 20.23
CA LEU E 259 -16.17 -34.26 19.58
C LEU E 259 -14.94 -34.96 20.15
N PHE E 260 -14.07 -35.40 19.25
CA PHE E 260 -12.81 -36.05 19.62
C PHE E 260 -13.01 -37.27 20.51
N MET E 261 -14.07 -38.02 20.27
CA MET E 261 -14.34 -39.22 21.04
C MET E 261 -13.54 -40.40 20.47
N HIS F 3 -39.09 -35.66 32.89
CA HIS F 3 -40.37 -35.64 33.58
C HIS F 3 -41.37 -34.74 32.85
N HIS F 4 -42.50 -34.47 33.50
CA HIS F 4 -43.54 -33.64 32.91
C HIS F 4 -44.52 -33.14 33.97
N HIS F 5 -45.59 -32.50 33.52
CA HIS F 5 -46.62 -31.99 34.42
C HIS F 5 -47.96 -32.65 34.13
N HIS F 6 -48.01 -33.41 33.04
CA HIS F 6 -49.23 -34.11 32.65
C HIS F 6 -48.90 -35.41 31.91
N HIS F 7 -48.71 -35.31 30.60
CA HIS F 7 -48.38 -36.47 29.78
C HIS F 7 -46.95 -36.93 30.07
N MET F 8 -46.80 -38.14 30.60
CA MET F 8 -45.48 -38.69 30.89
C MET F 8 -44.71 -38.96 29.61
N ASP F 9 -44.10 -37.92 29.06
CA ASP F 9 -43.36 -38.01 27.81
C ASP F 9 -41.95 -38.56 28.04
N LYS F 10 -41.63 -38.82 29.30
CA LYS F 10 -40.33 -39.38 29.66
C LYS F 10 -40.44 -40.88 29.93
N VAL F 11 -40.40 -41.67 28.86
CA VAL F 11 -40.53 -43.12 28.98
C VAL F 11 -39.16 -43.80 28.86
N CYS F 12 -38.80 -44.57 29.87
CA CYS F 12 -37.52 -45.27 29.89
C CYS F 12 -37.69 -46.78 29.91
N ALA F 13 -36.79 -47.48 29.23
CA ALA F 13 -36.80 -48.93 29.20
C ALA F 13 -35.51 -49.50 29.78
N VAL F 14 -35.60 -50.12 30.95
CA VAL F 14 -34.43 -50.67 31.62
C VAL F 14 -34.40 -52.19 31.52
N PHE F 15 -33.64 -52.69 30.55
CA PHE F 15 -33.47 -54.13 30.38
C PHE F 15 -32.68 -54.71 31.54
N GLY F 16 -33.23 -55.75 32.16
CA GLY F 16 -32.63 -56.32 33.36
C GLY F 16 -32.95 -55.45 34.56
N GLY F 17 -34.15 -54.89 34.56
CA GLY F 17 -34.58 -54.00 35.61
C GLY F 17 -34.88 -54.68 36.93
N SER F 18 -34.93 -56.02 36.90
CA SER F 18 -35.18 -56.79 38.12
C SER F 18 -33.89 -57.12 38.83
N ARG F 19 -32.77 -56.99 38.11
CA ARG F 19 -31.45 -57.25 38.70
C ARG F 19 -31.06 -56.18 39.70
N GLY F 20 -29.79 -56.19 40.09
CA GLY F 20 -29.27 -55.20 41.02
C GLY F 20 -29.28 -53.80 40.44
N ILE F 21 -28.39 -53.55 39.48
CA ILE F 21 -28.25 -52.24 38.87
C ILE F 21 -29.55 -51.77 38.22
N GLY F 22 -30.31 -52.70 37.67
CA GLY F 22 -31.57 -52.39 37.02
C GLY F 22 -32.61 -51.81 37.96
N ARG F 23 -32.69 -52.35 39.17
CA ARG F 23 -33.66 -51.90 40.16
C ARG F 23 -33.35 -50.48 40.65
N ALA F 24 -32.07 -50.23 40.93
CA ALA F 24 -31.65 -48.92 41.43
C ALA F 24 -31.95 -47.82 40.42
N VAL F 25 -31.81 -48.14 39.14
CA VAL F 25 -32.13 -47.20 38.08
C VAL F 25 -33.65 -47.02 37.96
N ALA F 26 -34.36 -48.14 37.98
CA ALA F 26 -35.82 -48.12 37.85
C ALA F 26 -36.49 -47.46 39.05
N GLN F 27 -35.82 -47.49 40.20
CA GLN F 27 -36.35 -46.88 41.41
C GLN F 27 -36.05 -45.38 41.45
N LEU F 28 -34.85 -45.01 41.00
CA LEU F 28 -34.42 -43.63 41.04
C LEU F 28 -35.17 -42.76 40.03
N MET F 29 -35.36 -43.30 38.82
CA MET F 29 -36.03 -42.55 37.76
C MET F 29 -37.53 -42.46 38.01
N ALA F 30 -38.05 -43.35 38.84
CA ALA F 30 -39.48 -43.36 39.18
C ALA F 30 -39.82 -42.18 40.07
N ARG F 31 -38.88 -41.76 40.90
CA ARG F 31 -39.09 -40.65 41.82
C ARG F 31 -38.77 -39.32 41.13
N LYS F 32 -38.30 -39.39 39.89
CA LYS F 32 -37.94 -38.20 39.14
C LYS F 32 -39.05 -37.82 38.14
N GLY F 33 -39.87 -38.81 37.79
CA GLY F 33 -40.98 -38.57 36.89
C GLY F 33 -40.91 -39.36 35.59
N TYR F 34 -39.99 -40.31 35.54
CA TYR F 34 -39.83 -41.14 34.34
C TYR F 34 -40.75 -42.36 34.37
N ARG F 35 -41.54 -42.52 33.32
CA ARG F 35 -42.38 -43.71 33.19
C ARG F 35 -41.54 -44.89 32.70
N LEU F 36 -41.15 -45.75 33.63
CA LEU F 36 -40.24 -46.85 33.32
C LEU F 36 -40.95 -48.14 32.97
N ALA F 37 -40.16 -49.14 32.59
CA ALA F 37 -40.68 -50.46 32.27
C ALA F 37 -39.68 -51.53 32.67
N VAL F 38 -39.83 -52.05 33.89
CA VAL F 38 -38.94 -53.09 34.39
C VAL F 38 -39.07 -54.36 33.55
N ILE F 39 -37.99 -54.72 32.87
CA ILE F 39 -37.99 -55.86 31.97
C ILE F 39 -36.77 -56.75 32.14
N ALA F 40 -37.00 -58.05 32.31
CA ALA F 40 -35.92 -59.01 32.47
C ALA F 40 -36.34 -60.38 31.94
N ARG F 41 -35.53 -61.39 32.21
CA ARG F 41 -35.83 -62.76 31.78
C ARG F 41 -36.97 -63.33 32.62
N ASN F 42 -37.08 -62.89 33.86
CA ASN F 42 -38.14 -63.35 34.75
C ASN F 42 -39.29 -62.35 34.81
N LEU F 43 -40.45 -62.76 34.31
CA LEU F 43 -41.63 -61.91 34.31
C LEU F 43 -42.11 -61.60 35.73
N GLU F 44 -42.05 -62.60 36.60
CA GLU F 44 -42.50 -62.46 37.98
C GLU F 44 -41.60 -61.51 38.75
N GLY F 45 -40.32 -61.51 38.42
CA GLY F 45 -39.35 -60.63 39.06
C GLY F 45 -39.50 -59.21 38.56
N ALA F 46 -40.05 -59.07 37.35
CA ALA F 46 -40.26 -57.76 36.75
C ALA F 46 -41.62 -57.19 37.16
N LYS F 47 -42.59 -58.07 37.37
CA LYS F 47 -43.92 -57.67 37.79
C LYS F 47 -43.89 -57.11 39.21
N ALA F 48 -43.18 -57.80 40.10
CA ALA F 48 -43.06 -57.37 41.48
C ALA F 48 -42.30 -56.05 41.57
N ALA F 49 -41.27 -55.91 40.76
CA ALA F 49 -40.48 -54.68 40.73
C ALA F 49 -41.29 -53.50 40.24
N ALA F 50 -42.19 -53.75 39.29
CA ALA F 50 -43.04 -52.70 38.74
C ALA F 50 -44.07 -52.26 39.77
N GLY F 51 -44.68 -53.22 40.45
CA GLY F 51 -45.67 -52.93 41.47
C GLY F 51 -45.05 -52.31 42.71
N ASP F 52 -43.81 -52.70 43.02
CA ASP F 52 -43.11 -52.15 44.17
C ASP F 52 -42.05 -51.14 43.74
N ASP F 56 -48.88 -45.33 36.18
CA ASP F 56 -48.16 -46.46 36.75
C ASP F 56 -47.06 -46.94 35.80
N HIS F 57 -46.42 -48.04 36.17
CA HIS F 57 -45.33 -48.60 35.37
C HIS F 57 -45.70 -50.00 34.87
N LEU F 58 -45.02 -50.45 33.82
CA LEU F 58 -45.30 -51.75 33.22
C LEU F 58 -44.16 -52.74 33.45
N ALA F 59 -44.42 -54.01 33.11
CA ALA F 59 -43.42 -55.06 33.25
C ALA F 59 -43.43 -55.98 32.04
N PHE F 60 -42.24 -56.37 31.59
CA PHE F 60 -42.12 -57.22 30.41
C PHE F 60 -41.10 -58.34 30.61
N SER F 61 -41.27 -59.43 29.88
CA SER F 61 -40.35 -60.55 29.93
C SER F 61 -39.64 -60.71 28.58
N CYS F 62 -38.32 -60.75 28.62
CA CYS F 62 -37.53 -60.82 27.39
C CYS F 62 -36.15 -61.42 27.58
N ASP F 63 -35.59 -61.95 26.50
CA ASP F 63 -34.23 -62.46 26.48
C ASP F 63 -33.42 -61.75 25.41
N VAL F 64 -32.46 -60.94 25.84
CA VAL F 64 -31.72 -60.07 24.93
C VAL F 64 -30.82 -60.84 23.95
N ALA F 65 -30.57 -62.11 24.24
CA ALA F 65 -29.75 -62.95 23.37
C ALA F 65 -30.49 -63.25 22.06
N LYS F 66 -31.74 -63.67 22.18
CA LYS F 66 -32.55 -63.96 21.01
C LYS F 66 -32.98 -62.67 20.31
N GLU F 67 -32.86 -62.63 18.99
CA GLU F 67 -33.15 -61.42 18.22
C GLU F 67 -34.65 -61.19 18.08
N HIS F 68 -35.38 -62.22 17.67
CA HIS F 68 -36.82 -62.11 17.47
C HIS F 68 -37.57 -61.88 18.78
N ASP F 69 -36.89 -62.11 19.90
CA ASP F 69 -37.49 -61.89 21.21
C ASP F 69 -37.37 -60.44 21.63
N VAL F 70 -36.32 -59.77 21.14
CA VAL F 70 -36.12 -58.35 21.43
C VAL F 70 -37.05 -57.49 20.59
N GLN F 71 -37.14 -57.83 19.30
CA GLN F 71 -38.03 -57.11 18.39
C GLN F 71 -39.49 -57.28 18.79
N ASN F 72 -39.82 -58.45 19.32
CA ASN F 72 -41.17 -58.73 19.81
C ASN F 72 -41.51 -57.88 21.03
N THR F 73 -40.57 -57.80 21.96
CA THR F 73 -40.78 -57.06 23.20
C THR F 73 -40.81 -55.56 22.94
N PHE F 74 -39.99 -55.11 22.00
CA PHE F 74 -39.92 -53.69 21.66
C PHE F 74 -41.25 -53.16 21.17
N GLU F 75 -41.91 -53.93 20.31
CA GLU F 75 -43.23 -53.57 19.81
C GLU F 75 -44.28 -53.70 20.92
N GLU F 76 -44.08 -54.67 21.80
CA GLU F 76 -44.96 -54.89 22.93
C GLU F 76 -44.82 -53.78 23.96
N LEU F 77 -43.58 -53.34 24.16
CA LEU F 77 -43.28 -52.24 25.08
C LEU F 77 -43.83 -50.92 24.59
N GLU F 78 -43.72 -50.69 23.28
CA GLU F 78 -44.13 -49.43 22.67
C GLU F 78 -45.64 -49.24 22.70
N LYS F 79 -46.39 -50.33 22.52
CA LYS F 79 -47.84 -50.25 22.40
C LYS F 79 -48.54 -49.98 23.73
N HIS F 80 -47.84 -50.22 24.83
CA HIS F 80 -48.44 -50.13 26.15
C HIS F 80 -48.02 -48.87 26.92
N LEU F 81 -46.97 -48.21 26.44
CA LEU F 81 -46.45 -47.02 27.12
C LEU F 81 -46.26 -45.85 26.16
N GLY F 82 -45.90 -46.16 24.92
CA GLY F 82 -45.65 -45.13 23.93
C GLY F 82 -44.24 -45.22 23.36
N ARG F 83 -43.81 -44.17 22.68
CA ARG F 83 -42.48 -44.16 22.08
C ARG F 83 -41.41 -43.98 23.17
N VAL F 84 -40.44 -44.89 23.18
CA VAL F 84 -39.38 -44.87 24.18
C VAL F 84 -38.22 -43.98 23.73
N ASN F 85 -37.87 -43.00 24.58
CA ASN F 85 -36.78 -42.09 24.29
C ASN F 85 -35.65 -42.19 25.30
N PHE F 86 -35.68 -43.24 26.12
CA PHE F 86 -34.62 -43.49 27.09
C PHE F 86 -34.36 -44.99 27.23
N LEU F 87 -33.12 -45.40 26.99
CA LEU F 87 -32.77 -46.82 27.03
C LEU F 87 -31.64 -47.11 28.02
N VAL F 88 -31.84 -48.10 28.88
CA VAL F 88 -30.83 -48.50 29.84
C VAL F 88 -30.58 -50.01 29.76
N ASN F 89 -29.38 -50.39 29.32
CA ASN F 89 -29.03 -51.80 29.19
C ASN F 89 -28.22 -52.30 30.38
N ALA F 90 -28.93 -52.84 31.38
CA ALA F 90 -28.27 -53.36 32.58
C ALA F 90 -28.61 -54.82 32.80
N ALA F 91 -28.43 -55.64 31.77
CA ALA F 91 -28.73 -57.06 31.84
C ALA F 91 -27.55 -57.89 31.35
N GLY F 92 -26.42 -57.79 32.05
CA GLY F 92 -25.22 -58.52 31.68
C GLY F 92 -24.85 -59.58 32.69
N ILE F 93 -24.19 -60.63 32.21
CA ILE F 93 -23.75 -61.72 33.08
C ILE F 93 -22.22 -61.83 33.08
N ASN F 94 -21.68 -62.42 34.14
CA ASN F 94 -20.23 -62.58 34.26
C ASN F 94 -19.82 -64.04 34.41
N LEU F 98 -11.46 -68.79 32.67
CA LEU F 98 -10.01 -68.92 32.68
C LEU F 98 -9.49 -69.31 31.30
N LEU F 99 -8.17 -69.40 31.17
CA LEU F 99 -7.56 -69.77 29.90
C LEU F 99 -7.57 -71.28 29.70
N VAL F 100 -7.99 -71.71 28.51
CA VAL F 100 -8.08 -73.13 28.17
C VAL F 100 -8.97 -73.90 29.14
N ARG F 101 -9.95 -73.20 29.71
CA ARG F 101 -10.89 -73.80 30.64
C ARG F 101 -12.33 -73.57 30.19
N THR F 102 -12.58 -72.36 29.66
CA THR F 102 -13.91 -71.98 29.22
C THR F 102 -14.29 -72.66 27.92
N LYS F 103 -15.45 -73.31 27.93
CA LYS F 103 -15.97 -73.93 26.72
C LYS F 103 -16.50 -72.87 25.77
N THR F 104 -16.55 -73.21 24.49
CA THR F 104 -17.06 -72.31 23.46
C THR F 104 -18.54 -72.03 23.61
N GLU F 105 -19.23 -72.87 24.38
CA GLU F 105 -20.66 -72.71 24.57
C GLU F 105 -20.90 -71.52 25.47
N ASP F 106 -19.98 -71.31 26.40
CA ASP F 106 -20.06 -70.21 27.36
C ASP F 106 -19.66 -68.88 26.72
N MET F 107 -18.71 -68.94 25.80
CA MET F 107 -18.21 -67.74 25.13
C MET F 107 -19.31 -67.07 24.30
N VAL F 108 -19.88 -67.84 23.38
CA VAL F 108 -20.94 -67.34 22.50
C VAL F 108 -22.15 -66.85 23.29
N SER F 109 -22.40 -67.49 24.43
CA SER F 109 -23.53 -67.15 25.28
C SER F 109 -23.45 -65.71 25.81
N GLN F 110 -22.37 -65.40 26.52
CA GLN F 110 -22.23 -64.09 27.14
C GLN F 110 -21.71 -63.04 26.16
N LEU F 111 -21.40 -63.46 24.93
CA LEU F 111 -21.06 -62.52 23.87
C LEU F 111 -22.32 -62.12 23.11
N HIS F 112 -23.43 -62.76 23.46
CA HIS F 112 -24.71 -62.48 22.82
C HIS F 112 -25.66 -61.70 23.71
N THR F 113 -25.55 -61.93 25.02
CA THR F 113 -26.44 -61.28 25.98
C THR F 113 -25.87 -59.98 26.54
N ASN F 114 -24.55 -59.86 26.51
CA ASN F 114 -23.88 -58.67 27.01
C ASN F 114 -23.59 -57.67 25.89
N LEU F 115 -22.99 -58.15 24.81
CA LEU F 115 -22.62 -57.30 23.68
C LEU F 115 -23.73 -57.24 22.64
N LEU F 116 -24.04 -58.38 22.04
CA LEU F 116 -25.05 -58.46 20.99
C LEU F 116 -26.43 -58.11 21.53
N GLY F 117 -26.67 -58.42 22.80
CA GLY F 117 -27.93 -58.12 23.45
C GLY F 117 -28.22 -56.62 23.49
N SER F 118 -27.18 -55.83 23.68
CA SER F 118 -27.32 -54.37 23.69
C SER F 118 -27.38 -53.83 22.27
N MET F 119 -26.69 -54.49 21.35
CA MET F 119 -26.70 -54.09 19.95
C MET F 119 -28.08 -54.27 19.33
N LEU F 120 -28.70 -55.42 19.60
CA LEU F 120 -30.05 -55.69 19.10
C LEU F 120 -31.07 -54.79 19.78
N THR F 121 -30.79 -54.43 21.03
CA THR F 121 -31.67 -53.55 21.80
C THR F 121 -31.60 -52.13 21.26
N CYS F 122 -30.39 -51.66 21.00
CA CYS F 122 -30.20 -50.32 20.45
C CYS F 122 -30.73 -50.23 19.02
N LYS F 123 -30.65 -51.35 18.29
CA LYS F 123 -31.14 -51.39 16.91
C LYS F 123 -32.65 -51.18 16.86
N ALA F 124 -33.37 -51.86 17.74
CA ALA F 124 -34.82 -51.76 17.80
C ALA F 124 -35.25 -50.40 18.32
N ALA F 125 -34.35 -49.74 19.05
CA ALA F 125 -34.63 -48.43 19.62
C ALA F 125 -34.47 -47.32 18.59
N MET F 126 -33.61 -47.55 17.60
CA MET F 126 -33.33 -46.55 16.58
C MET F 126 -34.45 -46.48 15.53
N ARG F 127 -35.34 -47.46 15.55
CA ARG F 127 -36.46 -47.47 14.61
C ARG F 127 -37.57 -46.54 15.07
N THR F 128 -37.48 -46.08 16.31
CA THR F 128 -38.48 -45.16 16.87
C THR F 128 -37.84 -43.86 17.34
N MET F 129 -36.55 -43.90 17.63
CA MET F 129 -35.83 -42.72 18.10
C MET F 129 -35.43 -41.81 16.95
N ILE F 130 -35.12 -42.40 15.81
CA ILE F 130 -34.72 -41.64 14.62
C ILE F 130 -35.91 -40.91 14.01
N GLN F 131 -37.07 -41.55 14.05
CA GLN F 131 -38.30 -40.96 13.51
C GLN F 131 -38.75 -39.78 14.36
N GLN F 132 -38.64 -39.93 15.67
CA GLN F 132 -39.01 -38.86 16.59
C GLN F 132 -37.87 -37.85 16.72
N GLN F 133 -36.70 -38.23 16.19
CA GLN F 133 -35.51 -37.39 16.21
C GLN F 133 -35.12 -36.99 17.64
N GLY F 134 -35.16 -37.96 18.54
CA GLY F 134 -34.80 -37.72 19.94
C GLY F 134 -34.61 -39.01 20.71
N GLY F 135 -33.79 -38.96 21.75
CA GLY F 135 -33.55 -40.13 22.58
C GLY F 135 -32.20 -40.10 23.26
N SER F 136 -32.01 -41.00 24.23
CA SER F 136 -30.75 -41.10 24.96
C SER F 136 -30.55 -42.51 25.49
N ILE F 137 -29.42 -43.11 25.13
CA ILE F 137 -29.14 -44.51 25.49
C ILE F 137 -27.89 -44.62 26.36
N VAL F 138 -28.00 -45.38 27.44
CA VAL F 138 -26.87 -45.65 28.32
C VAL F 138 -26.62 -47.14 28.45
N ASN F 139 -25.42 -47.57 28.07
CA ASN F 139 -25.04 -48.98 28.15
C ASN F 139 -24.13 -49.26 29.35
N VAL F 140 -24.48 -50.27 30.13
CA VAL F 140 -23.69 -50.62 31.31
C VAL F 140 -22.51 -51.52 30.95
N GLY F 141 -21.31 -50.97 31.09
CA GLY F 141 -20.09 -51.73 30.82
C GLY F 141 -19.29 -51.96 32.08
N SER F 142 -17.98 -51.77 31.98
CA SER F 142 -17.08 -51.91 33.11
C SER F 142 -15.66 -51.45 32.75
N ILE F 143 -14.84 -51.25 33.76
CA ILE F 143 -13.43 -50.94 33.54
C ILE F 143 -12.70 -52.20 33.09
N VAL F 144 -13.29 -53.35 33.38
CA VAL F 144 -12.75 -54.63 32.94
C VAL F 144 -12.84 -54.74 31.43
N GLY F 145 -13.79 -54.04 30.83
CA GLY F 145 -13.93 -53.99 29.39
C GLY F 145 -12.82 -53.20 28.73
N LEU F 146 -12.16 -52.34 29.50
CA LEU F 146 -11.09 -51.51 28.98
C LEU F 146 -9.73 -51.90 29.55
N LYS F 147 -9.67 -52.02 30.87
CA LYS F 147 -8.40 -52.29 31.54
C LYS F 147 -8.17 -53.79 31.76
N GLY F 148 -9.24 -54.56 31.73
CA GLY F 148 -9.15 -56.01 31.86
C GLY F 148 -8.92 -56.48 33.28
N ASN F 149 -9.11 -57.77 33.50
CA ASN F 149 -8.89 -58.37 34.82
C ASN F 149 -8.65 -59.87 34.71
N SER F 150 -7.75 -60.38 35.54
CA SER F 150 -7.40 -61.80 35.53
C SER F 150 -8.59 -62.68 35.92
N GLY F 151 -8.89 -63.65 35.07
CA GLY F 151 -9.99 -64.57 35.33
C GLY F 151 -11.27 -64.17 34.61
N GLN F 152 -11.30 -62.94 34.10
CA GLN F 152 -12.47 -62.42 33.40
C GLN F 152 -12.11 -62.02 31.97
N SER F 153 -11.54 -62.96 31.22
CA SER F 153 -11.10 -62.68 29.85
C SER F 153 -12.28 -62.47 28.90
N VAL F 154 -13.26 -63.38 28.96
CA VAL F 154 -14.41 -63.33 28.07
C VAL F 154 -15.35 -62.18 28.44
N TYR F 155 -15.47 -61.91 29.73
CA TYR F 155 -16.32 -60.82 30.20
C TYR F 155 -15.73 -59.47 29.80
N SER F 156 -14.42 -59.43 29.66
CA SER F 156 -13.72 -58.21 29.27
C SER F 156 -14.01 -57.85 27.82
N ALA F 157 -14.15 -58.88 26.98
CA ALA F 157 -14.41 -58.68 25.57
C ALA F 157 -15.84 -58.18 25.34
N SER F 158 -16.77 -58.66 26.15
CA SER F 158 -18.17 -58.29 26.03
C SER F 158 -18.39 -56.81 26.35
N LYS F 159 -17.87 -56.37 27.49
CA LYS F 159 -18.01 -54.99 27.91
C LYS F 159 -17.02 -54.09 27.17
N GLY F 160 -16.06 -54.71 26.50
CA GLY F 160 -15.07 -53.97 25.73
C GLY F 160 -15.58 -53.56 24.37
N GLY F 161 -16.26 -54.49 23.70
CA GLY F 161 -16.85 -54.22 22.40
C GLY F 161 -18.02 -53.27 22.52
N LEU F 162 -18.62 -53.21 23.71
CA LEU F 162 -19.74 -52.31 23.97
C LEU F 162 -19.28 -50.85 23.95
N VAL F 163 -18.01 -50.64 24.28
CA VAL F 163 -17.41 -49.30 24.27
C VAL F 163 -17.26 -48.80 22.84
N GLY F 164 -16.69 -49.63 21.97
CA GLY F 164 -16.50 -49.28 20.59
C GLY F 164 -17.81 -49.18 19.83
N PHE F 165 -18.77 -50.00 20.21
CA PHE F 165 -20.08 -50.02 19.57
C PHE F 165 -20.85 -48.74 19.82
N SER F 166 -20.96 -48.37 21.10
CA SER F 166 -21.73 -47.21 21.51
C SER F 166 -21.18 -45.92 20.90
N ARG F 167 -19.86 -45.78 20.91
CA ARG F 167 -19.21 -44.60 20.34
C ARG F 167 -19.41 -44.53 18.83
N ALA F 168 -19.44 -45.70 18.19
CA ALA F 168 -19.68 -45.77 16.76
C ALA F 168 -21.14 -45.41 16.45
N LEU F 169 -22.04 -45.88 17.32
CA LEU F 169 -23.46 -45.58 17.18
C LEU F 169 -23.75 -44.13 17.58
N ALA F 170 -22.93 -43.59 18.48
CA ALA F 170 -23.08 -42.22 18.93
C ALA F 170 -22.88 -41.23 17.80
N LYS F 171 -21.75 -41.35 17.11
CA LYS F 171 -21.42 -40.45 16.01
C LYS F 171 -22.32 -40.66 14.80
N GLU F 172 -22.93 -41.85 14.72
CA GLU F 172 -23.79 -42.19 13.59
C GLU F 172 -25.15 -41.50 13.66
N VAL F 173 -25.66 -41.34 14.88
CA VAL F 173 -27.03 -40.87 15.07
C VAL F 173 -27.10 -39.59 15.90
N ALA F 174 -25.94 -38.99 16.16
CA ALA F 174 -25.87 -37.77 16.97
C ALA F 174 -26.62 -36.60 16.32
N ARG F 175 -26.65 -36.58 14.99
CA ARG F 175 -27.33 -35.52 14.26
C ARG F 175 -28.85 -35.70 14.31
N LYS F 176 -29.29 -36.82 14.87
CA LYS F 176 -30.71 -37.07 15.09
C LYS F 176 -31.08 -36.71 16.52
N LYS F 177 -30.22 -35.93 17.16
CA LYS F 177 -30.41 -35.52 18.56
C LYS F 177 -30.54 -36.72 19.49
N ILE F 178 -29.72 -37.74 19.24
CA ILE F 178 -29.76 -38.97 20.03
C ILE F 178 -28.38 -39.26 20.63
N ARG F 179 -28.33 -39.39 21.95
CA ARG F 179 -27.06 -39.61 22.65
C ARG F 179 -26.90 -41.06 23.11
N VAL F 180 -25.73 -41.62 22.89
CA VAL F 180 -25.42 -42.97 23.33
C VAL F 180 -24.20 -42.98 24.25
N ASN F 181 -24.44 -43.20 25.54
CA ASN F 181 -23.37 -43.15 26.54
C ASN F 181 -23.07 -44.50 27.17
N VAL F 182 -21.95 -44.57 27.90
CA VAL F 182 -21.52 -45.79 28.57
C VAL F 182 -21.13 -45.52 30.02
N VAL F 183 -21.56 -46.39 30.92
CA VAL F 183 -21.09 -46.34 32.31
C VAL F 183 -20.16 -47.52 32.59
N ALA F 184 -19.12 -47.28 33.38
CA ALA F 184 -18.14 -48.32 33.68
C ALA F 184 -17.98 -48.53 35.18
N PRO F 185 -18.88 -49.33 35.79
CA PRO F 185 -18.81 -49.65 37.21
C PRO F 185 -17.56 -50.45 37.57
N GLY F 186 -17.10 -50.32 38.80
CA GLY F 186 -15.95 -51.06 39.27
C GLY F 186 -16.37 -52.31 40.01
N PHE F 187 -16.37 -52.23 41.35
CA PHE F 187 -16.83 -53.33 42.18
C PHE F 187 -18.10 -52.94 42.92
N VAL F 188 -19.16 -53.70 42.73
CA VAL F 188 -20.45 -53.39 43.33
C VAL F 188 -21.03 -54.57 44.11
N HIS F 189 -21.87 -54.27 45.09
CA HIS F 189 -22.56 -55.30 45.87
C HIS F 189 -23.85 -55.72 45.19
N THR F 190 -23.78 -56.76 44.37
CA THR F 190 -24.95 -57.26 43.66
C THR F 190 -25.15 -58.75 43.88
N ASP F 191 -25.94 -59.38 43.02
CA ASP F 191 -26.24 -60.80 43.12
C ASP F 191 -25.39 -61.61 42.15
N LYS F 197 -8.28 -60.88 49.43
CA LYS F 197 -9.53 -61.25 48.78
C LYS F 197 -10.34 -60.02 48.40
N GLU F 198 -11.08 -59.50 49.35
CA GLU F 198 -11.90 -58.30 49.13
C GLU F 198 -11.45 -57.16 50.04
N GLU F 199 -10.97 -57.51 51.22
CA GLU F 199 -10.50 -56.52 52.18
C GLU F 199 -9.13 -55.97 51.77
N HIS F 200 -8.31 -56.83 51.19
CA HIS F 200 -6.99 -56.43 50.72
C HIS F 200 -7.10 -55.64 49.42
N LEU F 201 -8.18 -55.89 48.68
CA LEU F 201 -8.43 -55.18 47.43
C LEU F 201 -9.05 -53.81 47.69
N LYS F 202 -9.91 -53.74 48.71
CA LYS F 202 -10.55 -52.49 49.09
C LYS F 202 -9.54 -51.53 49.72
N LYS F 203 -8.48 -52.10 50.29
CA LYS F 203 -7.41 -51.29 50.88
C LYS F 203 -6.65 -50.51 49.80
N ASN F 204 -6.57 -51.09 48.61
CA ASN F 204 -5.93 -50.43 47.47
C ASN F 204 -6.83 -49.36 46.86
N ILE F 205 -8.14 -49.62 46.89
CA ILE F 205 -9.12 -48.66 46.37
C ILE F 205 -9.08 -47.37 47.18
N PRO F 206 -8.91 -46.23 46.48
CA PRO F 206 -8.81 -44.89 47.08
C PRO F 206 -9.87 -44.61 48.14
N LEU F 207 -11.14 -44.79 47.80
CA LEU F 207 -12.22 -44.57 48.75
C LEU F 207 -12.18 -45.60 49.88
N GLY F 208 -11.81 -46.82 49.54
CA GLY F 208 -11.65 -47.87 50.55
C GLY F 208 -12.87 -48.76 50.72
N ARG F 209 -13.76 -48.74 49.75
CA ARG F 209 -14.98 -49.54 49.83
C ARG F 209 -15.49 -49.93 48.44
N PHE F 210 -16.41 -50.89 48.41
CA PHE F 210 -17.06 -51.27 47.16
C PHE F 210 -18.22 -50.32 46.87
N GLY F 211 -18.53 -50.15 45.60
CA GLY F 211 -19.61 -49.25 45.20
C GLY F 211 -20.98 -49.82 45.49
N GLU F 212 -21.91 -48.93 45.86
CA GLU F 212 -23.28 -49.36 46.12
C GLU F 212 -24.07 -49.33 44.81
N THR F 213 -25.22 -50.00 44.82
CA THR F 213 -26.01 -50.16 43.61
C THR F 213 -26.61 -48.84 43.14
N ILE F 214 -27.11 -48.04 44.08
CA ILE F 214 -27.73 -46.76 43.75
C ILE F 214 -26.69 -45.74 43.29
N GLU F 215 -25.44 -45.94 43.69
CA GLU F 215 -24.36 -45.05 43.30
C GLU F 215 -24.08 -45.15 41.81
N VAL F 216 -24.37 -46.32 41.23
CA VAL F 216 -24.23 -46.53 39.80
C VAL F 216 -25.44 -45.95 39.07
N ALA F 217 -26.59 -46.03 39.72
CA ALA F 217 -27.85 -45.54 39.15
C ALA F 217 -27.81 -44.05 38.89
N HIS F 218 -27.28 -43.29 39.84
CA HIS F 218 -27.18 -41.84 39.70
C HIS F 218 -26.28 -41.46 38.52
N ALA F 219 -25.26 -42.27 38.27
CA ALA F 219 -24.35 -42.04 37.16
C ALA F 219 -25.03 -42.31 35.83
N VAL F 220 -25.96 -43.25 35.83
CA VAL F 220 -26.73 -43.59 34.63
C VAL F 220 -27.72 -42.48 34.31
N VAL F 221 -28.49 -42.06 35.31
CA VAL F 221 -29.48 -41.00 35.15
C VAL F 221 -28.81 -39.69 34.74
N PHE F 222 -27.62 -39.44 35.28
CA PHE F 222 -26.86 -38.24 34.95
C PHE F 222 -26.56 -38.16 33.46
N LEU F 223 -26.18 -39.29 32.87
CA LEU F 223 -25.88 -39.34 31.44
C LEU F 223 -27.16 -39.26 30.61
N LEU F 224 -28.27 -39.68 31.20
CA LEU F 224 -29.56 -39.59 30.53
C LEU F 224 -30.08 -38.17 30.50
N GLU F 225 -29.52 -37.30 31.34
CA GLU F 225 -30.02 -35.95 31.49
C GLU F 225 -29.01 -34.88 31.07
N SER F 226 -27.85 -35.31 30.61
CA SER F 226 -26.83 -34.38 30.12
C SER F 226 -26.95 -34.19 28.61
N PRO F 227 -27.44 -33.02 28.18
CA PRO F 227 -27.76 -32.76 26.77
C PRO F 227 -26.56 -32.43 25.90
N TYR F 228 -25.36 -32.79 26.34
CA TYR F 228 -24.15 -32.53 25.55
C TYR F 228 -23.08 -33.58 25.83
N ILE F 229 -23.50 -34.74 26.33
CA ILE F 229 -22.58 -35.84 26.58
C ILE F 229 -23.00 -37.09 25.82
N THR F 230 -22.21 -37.44 24.81
CA THR F 230 -22.49 -38.63 24.01
C THR F 230 -21.21 -39.37 23.66
N GLY F 231 -21.27 -40.69 23.67
CA GLY F 231 -20.10 -41.51 23.38
C GLY F 231 -19.02 -41.43 24.44
N HIS F 232 -19.44 -41.11 25.66
CA HIS F 232 -18.51 -40.99 26.78
C HIS F 232 -18.67 -42.14 27.76
N VAL F 233 -17.54 -42.74 28.15
CA VAL F 233 -17.55 -43.83 29.11
C VAL F 233 -17.32 -43.30 30.53
N LEU F 234 -18.41 -43.12 31.27
CA LEU F 234 -18.33 -42.62 32.64
C LEU F 234 -18.02 -43.76 33.60
N VAL F 235 -16.79 -43.77 34.11
CA VAL F 235 -16.34 -44.84 35.00
C VAL F 235 -16.64 -44.52 36.46
N VAL F 236 -17.35 -45.44 37.12
CA VAL F 236 -17.65 -45.32 38.53
C VAL F 236 -17.03 -46.48 39.30
N ASP F 237 -15.83 -46.26 39.85
CA ASP F 237 -15.08 -47.33 40.47
C ASP F 237 -14.40 -46.89 41.77
N GLY F 238 -14.54 -45.61 42.11
CA GLY F 238 -13.92 -45.07 43.30
C GLY F 238 -12.42 -44.97 43.18
N GLY F 239 -11.93 -44.92 41.94
CA GLY F 239 -10.50 -44.81 41.69
C GLY F 239 -9.83 -46.15 41.53
N LEU F 240 -10.61 -47.17 41.18
CA LEU F 240 -10.08 -48.52 41.00
C LEU F 240 -9.24 -48.62 39.73
N GLN F 241 -9.57 -47.81 38.73
CA GLN F 241 -8.84 -47.82 37.47
C GLN F 241 -7.45 -47.21 37.59
N LEU F 242 -7.10 -46.78 38.80
CA LEU F 242 -5.81 -46.16 39.07
C LEU F 242 -4.85 -47.12 39.77
N ILE F 243 -5.37 -48.27 40.20
CA ILE F 243 -4.58 -49.21 40.99
C ILE F 243 -4.38 -50.56 40.27
N LEU F 244 -5.25 -50.85 39.31
CA LEU F 244 -5.16 -52.13 38.59
C LEU F 244 -4.66 -51.92 37.17
N VAL G 14 0.53 -66.68 11.14
CA VAL G 14 -0.25 -65.48 10.94
C VAL G 14 -1.63 -65.79 10.38
N PHE G 15 -2.65 -65.66 11.22
CA PHE G 15 -4.02 -65.94 10.81
C PHE G 15 -4.52 -64.88 9.82
N GLY G 16 -5.05 -65.34 8.69
CA GLY G 16 -5.49 -64.45 7.64
C GLY G 16 -4.30 -63.80 6.96
N GLY G 17 -3.28 -64.60 6.67
CA GLY G 17 -2.05 -64.09 6.10
C GLY G 17 -1.96 -64.23 4.58
N SER G 18 -3.12 -64.27 3.93
CA SER G 18 -3.16 -64.36 2.48
C SER G 18 -3.36 -62.99 1.84
N ARG G 19 -4.13 -62.14 2.53
CA ARG G 19 -4.42 -60.81 2.01
C ARG G 19 -4.46 -59.78 3.14
N GLY G 20 -4.25 -58.51 2.79
CA GLY G 20 -4.31 -57.43 3.76
C GLY G 20 -3.01 -57.26 4.53
N ILE G 21 -3.12 -57.07 5.83
CA ILE G 21 -1.95 -56.88 6.69
C ILE G 21 -1.36 -58.22 7.11
N GLY G 22 -2.12 -59.29 6.94
CA GLY G 22 -1.68 -60.62 7.30
C GLY G 22 -0.47 -61.07 6.51
N ARG G 23 -0.54 -60.88 5.19
CA ARG G 23 0.58 -61.23 4.31
C ARG G 23 1.78 -60.33 4.59
N ALA G 24 1.51 -59.06 4.90
CA ALA G 24 2.56 -58.10 5.19
C ALA G 24 3.37 -58.51 6.42
N VAL G 25 2.67 -59.04 7.42
CA VAL G 25 3.34 -59.53 8.62
C VAL G 25 4.19 -60.75 8.30
N ALA G 26 3.65 -61.63 7.46
CA ALA G 26 4.35 -62.85 7.05
C ALA G 26 5.61 -62.52 6.26
N GLN G 27 5.54 -61.51 5.39
CA GLN G 27 6.68 -61.12 4.58
C GLN G 27 7.81 -60.54 5.41
N LEU G 28 7.46 -59.63 6.31
CA LEU G 28 8.46 -58.97 7.17
C LEU G 28 9.07 -59.96 8.16
N MET G 29 8.31 -60.98 8.53
CA MET G 29 8.78 -61.98 9.48
C MET G 29 9.65 -63.01 8.78
N ALA G 30 9.34 -63.28 7.50
CA ALA G 30 10.11 -64.23 6.71
C ALA G 30 11.46 -63.64 6.31
N ARG G 31 11.49 -62.32 6.16
CA ARG G 31 12.72 -61.61 5.81
C ARG G 31 13.75 -61.74 6.93
N LYS G 32 13.27 -61.69 8.17
CA LYS G 32 14.14 -61.81 9.33
C LYS G 32 14.53 -63.26 9.59
N ALA G 37 4.11 -70.47 8.42
CA ALA G 37 2.83 -71.06 8.80
C ALA G 37 1.69 -70.09 8.54
N VAL G 38 1.26 -70.00 7.28
CA VAL G 38 0.18 -69.11 6.89
C VAL G 38 -1.18 -69.78 7.06
N ILE G 39 -2.07 -69.11 7.79
CA ILE G 39 -3.40 -69.65 8.06
C ILE G 39 -4.48 -68.72 7.50
N ALA G 40 -5.03 -69.07 6.35
CA ALA G 40 -6.07 -68.27 5.72
C ALA G 40 -7.26 -69.15 5.34
N ARG G 41 -8.40 -68.52 5.06
CA ARG G 41 -9.62 -69.25 4.73
C ARG G 41 -9.51 -69.98 3.40
N ASN G 42 -9.02 -69.28 2.37
CA ASN G 42 -8.93 -69.86 1.04
C ASN G 42 -7.50 -70.30 0.72
N LEU G 43 -7.37 -71.59 0.41
CA LEU G 43 -6.08 -72.19 0.10
C LEU G 43 -5.83 -72.15 -1.40
N ALA G 46 -3.94 -69.47 0.00
CA ALA G 46 -3.07 -69.47 1.17
C ALA G 46 -1.71 -70.09 0.87
N LYS G 47 -1.64 -70.92 -0.17
CA LYS G 47 -0.37 -71.53 -0.54
C LYS G 47 0.50 -70.57 -1.35
N ALA G 48 -0.14 -69.58 -1.98
CA ALA G 48 0.58 -68.62 -2.82
C ALA G 48 1.52 -67.78 -1.98
N ALA G 49 1.11 -67.49 -0.75
CA ALA G 49 1.94 -66.74 0.18
C ALA G 49 3.10 -67.57 0.69
N ALA G 50 2.91 -68.89 0.76
CA ALA G 50 3.96 -69.79 1.22
C ALA G 50 4.97 -70.07 0.13
N GLY G 51 4.65 -69.64 -1.10
CA GLY G 51 5.54 -69.83 -2.23
C GLY G 51 6.68 -68.82 -2.25
N ASP G 52 6.62 -67.85 -1.36
CA ASP G 52 7.67 -66.84 -1.26
C ASP G 52 7.80 -66.31 0.16
N LEU G 53 7.75 -67.21 1.13
CA LEU G 53 7.87 -66.85 2.53
C LEU G 53 8.38 -68.04 3.35
N GLY G 54 9.20 -67.76 4.36
CA GLY G 54 9.75 -68.80 5.20
C GLY G 54 8.75 -69.29 6.24
N GLY G 55 9.06 -69.06 7.50
CA GLY G 55 8.18 -69.48 8.58
C GLY G 55 8.95 -69.88 9.84
N PHE G 60 -2.30 -73.72 4.87
CA PHE G 60 -3.29 -74.15 5.84
C PHE G 60 -4.62 -73.42 5.64
N SER G 61 -5.70 -74.03 6.09
CA SER G 61 -7.04 -73.44 5.96
C SER G 61 -7.83 -73.51 7.26
N CYS G 62 -8.52 -72.41 7.58
CA CYS G 62 -9.30 -72.32 8.80
C CYS G 62 -10.25 -71.12 8.76
N ASP G 63 -11.37 -71.24 9.48
CA ASP G 63 -12.28 -70.12 9.65
C ASP G 63 -12.28 -69.71 11.13
N VAL G 64 -12.51 -68.42 11.38
CA VAL G 64 -12.44 -67.89 12.73
C VAL G 64 -13.69 -68.20 13.55
N ALA G 65 -14.80 -68.45 12.86
CA ALA G 65 -16.08 -68.66 13.52
C ALA G 65 -16.16 -70.01 14.24
N LYS G 66 -15.77 -71.07 13.54
CA LYS G 66 -15.86 -72.43 14.07
C LYS G 66 -14.64 -72.80 14.91
N GLU G 67 -14.88 -73.17 16.17
CA GLU G 67 -13.82 -73.56 17.09
C GLU G 67 -13.18 -74.89 16.71
N HIS G 68 -13.99 -75.81 16.19
CA HIS G 68 -13.50 -77.13 15.81
C HIS G 68 -12.54 -77.05 14.64
N ASP G 69 -12.77 -76.07 13.77
CA ASP G 69 -11.91 -75.83 12.63
C ASP G 69 -10.59 -75.20 13.11
N VAL G 70 -10.67 -74.36 14.13
CA VAL G 70 -9.47 -73.76 14.72
C VAL G 70 -8.61 -74.84 15.36
N GLN G 71 -9.26 -75.79 16.03
CA GLN G 71 -8.55 -76.89 16.68
C GLN G 71 -7.93 -77.82 15.64
N ASN G 72 -8.58 -77.90 14.48
CA ASN G 72 -8.09 -78.73 13.39
C ASN G 72 -6.86 -78.12 12.71
N THR G 73 -6.57 -76.87 13.06
CA THR G 73 -5.43 -76.17 12.48
C THR G 73 -4.27 -76.12 13.47
N PHE G 74 -4.58 -75.91 14.74
CA PHE G 74 -3.56 -75.90 15.78
C PHE G 74 -2.97 -77.30 15.99
N GLU G 75 -3.72 -78.31 15.60
CA GLU G 75 -3.25 -79.69 15.69
C GLU G 75 -2.23 -79.98 14.59
N GLU G 76 -2.30 -79.20 13.51
CA GLU G 76 -1.38 -79.35 12.39
C GLU G 76 -0.04 -78.70 12.69
N LEU G 77 0.03 -77.94 13.78
CA LEU G 77 1.23 -77.18 14.13
C LEU G 77 2.31 -78.07 14.75
N GLU G 78 1.87 -79.09 15.48
CA GLU G 78 2.77 -80.00 16.17
C GLU G 78 3.58 -80.86 15.18
N LYS G 79 2.93 -81.29 14.11
CA LYS G 79 3.57 -82.14 13.11
C LYS G 79 4.48 -81.35 12.19
N HIS G 80 4.07 -80.13 11.86
CA HIS G 80 4.79 -79.27 10.94
C HIS G 80 6.00 -78.62 11.60
N LEU G 81 5.75 -77.87 12.68
CA LEU G 81 6.81 -77.15 13.37
C LEU G 81 6.96 -77.61 14.81
N GLY G 82 5.92 -77.39 15.61
CA GLY G 82 5.94 -77.76 17.01
C GLY G 82 6.61 -76.72 17.88
N VAL G 84 4.89 -72.81 17.84
CA VAL G 84 3.93 -71.73 17.99
C VAL G 84 4.44 -70.73 19.02
N ASN G 85 5.56 -70.09 18.70
CA ASN G 85 6.16 -69.06 19.56
C ASN G 85 5.44 -67.72 19.39
N PHE G 86 5.09 -67.36 18.16
CA PHE G 86 4.35 -66.13 17.90
C PHE G 86 3.01 -66.40 17.21
N LEU G 87 1.97 -65.71 17.66
CA LEU G 87 0.64 -65.85 17.08
C LEU G 87 0.06 -64.49 16.69
N VAL G 88 -0.30 -64.35 15.42
CA VAL G 88 -0.83 -63.07 14.92
C VAL G 88 -2.23 -63.26 14.34
N ASN G 89 -3.18 -62.48 14.88
CA ASN G 89 -4.56 -62.53 14.41
C ASN G 89 -4.87 -61.37 13.48
N ALA G 90 -4.86 -61.62 12.18
CA ALA G 90 -5.10 -60.59 11.19
C ALA G 90 -6.30 -60.90 10.32
N ALA G 91 -7.04 -61.94 10.68
CA ALA G 91 -8.23 -62.32 9.93
C ALA G 91 -9.44 -61.50 10.38
N GLY G 92 -10.21 -61.01 9.40
CA GLY G 92 -11.37 -60.20 9.70
C GLY G 92 -12.18 -59.77 8.49
N ILE G 93 -13.45 -59.48 8.71
CA ILE G 93 -14.34 -59.01 7.65
C ILE G 93 -14.96 -57.67 8.03
N ASN G 94 -14.91 -56.69 7.12
CA ASN G 94 -15.43 -55.37 7.39
C ASN G 94 -16.43 -54.90 6.35
N ARG G 95 -17.72 -55.02 6.67
CA ARG G 95 -18.79 -54.55 5.79
C ARG G 95 -19.56 -53.43 6.46
N ASP G 96 -19.48 -52.23 5.89
CA ASP G 96 -20.13 -51.06 6.45
C ASP G 96 -21.64 -51.09 6.28
N GLY G 97 -22.34 -50.37 7.14
CA GLY G 97 -23.79 -50.32 7.09
C GLY G 97 -24.39 -49.76 8.38
N LEU G 98 -25.54 -49.12 8.26
CA LEU G 98 -26.22 -48.54 9.42
C LEU G 98 -26.78 -49.64 10.31
N LEU G 99 -27.05 -49.30 11.57
CA LEU G 99 -27.51 -50.28 12.55
C LEU G 99 -28.92 -50.79 12.23
N VAL G 100 -29.77 -49.91 11.73
CA VAL G 100 -31.14 -50.27 11.39
C VAL G 100 -31.20 -51.09 10.10
N ARG G 101 -30.20 -50.92 9.25
CA ARG G 101 -30.13 -51.63 7.98
C ARG G 101 -29.43 -52.97 8.15
N THR G 102 -28.54 -53.04 9.13
CA THR G 102 -27.76 -54.24 9.39
C THR G 102 -28.64 -55.33 10.01
N LYS G 103 -28.55 -56.54 9.46
CA LYS G 103 -29.31 -57.67 9.96
C LYS G 103 -28.48 -58.51 10.93
N THR G 104 -29.16 -59.40 11.65
CA THR G 104 -28.51 -60.22 12.67
C THR G 104 -27.50 -61.19 12.10
N GLU G 105 -27.69 -61.56 10.83
CA GLU G 105 -26.83 -62.55 10.19
C GLU G 105 -25.40 -62.07 10.05
N ASP G 106 -25.21 -60.77 9.89
CA ASP G 106 -23.89 -60.19 9.75
C ASP G 106 -23.36 -59.67 11.08
N MET G 107 -24.26 -59.42 12.02
CA MET G 107 -23.86 -58.98 13.34
C MET G 107 -23.13 -60.10 14.09
N VAL G 108 -23.62 -61.31 13.93
CA VAL G 108 -23.02 -62.48 14.55
C VAL G 108 -21.74 -62.88 13.80
N SER G 109 -21.74 -62.65 12.49
CA SER G 109 -20.63 -63.02 11.63
C SER G 109 -19.32 -62.33 12.02
N GLN G 110 -19.34 -60.99 12.03
CA GLN G 110 -18.14 -60.22 12.33
C GLN G 110 -17.69 -60.44 13.78
N LEU G 111 -18.66 -60.65 14.67
CA LEU G 111 -18.35 -60.88 16.08
C LEU G 111 -17.66 -62.22 16.29
N HIS G 112 -18.11 -63.24 15.56
CA HIS G 112 -17.53 -64.57 15.68
C HIS G 112 -16.23 -64.69 14.88
N THR G 113 -15.94 -63.69 14.07
CA THR G 113 -14.75 -63.70 13.23
C THR G 113 -13.66 -62.79 13.79
N ASN G 114 -14.00 -61.53 14.01
CA ASN G 114 -13.02 -60.54 14.45
C ASN G 114 -12.76 -60.59 15.95
N LEU G 115 -13.77 -60.98 16.72
CA LEU G 115 -13.66 -61.04 18.17
C LEU G 115 -13.49 -62.46 18.68
N LEU G 116 -14.54 -63.26 18.55
CA LEU G 116 -14.53 -64.64 19.02
C LEU G 116 -13.47 -65.47 18.31
N GLY G 117 -13.18 -65.12 17.06
CA GLY G 117 -12.18 -65.80 16.28
C GLY G 117 -10.80 -65.68 16.88
N SER G 118 -10.52 -64.52 17.48
CA SER G 118 -9.24 -64.30 18.15
C SER G 118 -9.24 -64.90 19.54
N MET G 119 -10.43 -65.03 20.12
CA MET G 119 -10.56 -65.62 21.46
C MET G 119 -10.30 -67.13 21.41
N LEU G 120 -10.77 -67.78 20.36
CA LEU G 120 -10.58 -69.22 20.19
C LEU G 120 -9.14 -69.53 19.79
N THR G 121 -8.48 -68.57 19.17
CA THR G 121 -7.10 -68.74 18.74
C THR G 121 -6.14 -68.71 19.94
N CYS G 122 -6.29 -67.69 20.78
CA CYS G 122 -5.43 -67.53 21.95
C CYS G 122 -5.64 -68.64 22.98
N LYS G 123 -6.81 -69.27 22.92
CA LYS G 123 -7.12 -70.37 23.83
C LYS G 123 -6.37 -71.64 23.45
N ALA G 124 -6.41 -71.99 22.17
CA ALA G 124 -5.74 -73.19 21.68
C ALA G 124 -4.22 -73.01 21.69
N ALA G 125 -3.77 -71.76 21.59
CA ALA G 125 -2.36 -71.46 21.62
C ALA G 125 -1.83 -71.38 23.04
N MET G 126 -2.74 -71.55 24.01
CA MET G 126 -2.38 -71.49 25.42
C MET G 126 -1.96 -72.87 25.92
N ARG G 127 -2.24 -73.89 25.11
CA ARG G 127 -1.80 -75.24 25.39
C ARG G 127 -0.27 -75.30 25.32
N THR G 128 0.29 -74.66 24.31
CA THR G 128 1.73 -74.49 24.20
C THR G 128 2.15 -73.22 24.90
N MET G 129 3.31 -72.69 24.55
CA MET G 129 3.85 -71.45 25.11
C MET G 129 4.15 -71.55 26.61
N ILE G 130 3.92 -72.71 27.21
CA ILE G 130 4.28 -72.94 28.61
C ILE G 130 5.41 -73.95 28.72
N GLY G 135 6.49 -67.02 24.42
CA GLY G 135 5.22 -66.80 23.75
C GLY G 135 4.89 -65.33 23.59
N SER G 136 4.32 -64.98 22.44
CA SER G 136 3.94 -63.60 22.16
C SER G 136 2.82 -63.55 21.13
N ILE G 137 1.69 -62.94 21.52
CA ILE G 137 0.53 -62.86 20.63
C ILE G 137 0.16 -61.41 20.35
N VAL G 138 -0.10 -61.11 19.08
CA VAL G 138 -0.48 -59.77 18.66
C VAL G 138 -1.80 -59.78 17.89
N ASN G 139 -2.83 -59.18 18.47
CA ASN G 139 -4.14 -59.10 17.83
C ASN G 139 -4.33 -57.80 17.06
N VAL G 140 -4.59 -57.92 15.76
CA VAL G 140 -4.78 -56.75 14.92
C VAL G 140 -6.20 -56.21 15.03
N GLY G 141 -6.37 -55.14 15.80
CA GLY G 141 -7.65 -54.51 15.97
C GLY G 141 -7.83 -53.34 15.02
N SER G 142 -8.36 -52.23 15.54
CA SER G 142 -8.55 -51.03 14.73
C SER G 142 -8.77 -49.81 15.62
N ILE G 143 -8.61 -48.62 15.05
CA ILE G 143 -8.83 -47.39 15.79
C ILE G 143 -10.31 -47.13 16.03
N VAL G 144 -11.14 -47.73 15.18
CA VAL G 144 -12.58 -47.57 15.29
C VAL G 144 -13.15 -48.44 16.41
N GLY G 145 -12.35 -49.38 16.89
CA GLY G 145 -12.74 -50.22 18.00
C GLY G 145 -12.62 -49.49 19.33
N LEU G 146 -11.88 -48.39 19.31
CA LEU G 146 -11.65 -47.60 20.52
C LEU G 146 -12.42 -46.29 20.51
N LYS G 147 -12.58 -45.71 19.31
CA LYS G 147 -13.16 -44.38 19.19
C LYS G 147 -14.47 -44.38 18.38
N GLY G 148 -14.75 -45.48 17.71
CA GLY G 148 -15.98 -45.62 16.96
C GLY G 148 -15.96 -44.92 15.61
N ASN G 149 -16.93 -45.27 14.76
CA ASN G 149 -17.05 -44.65 13.44
C ASN G 149 -18.47 -44.83 12.88
N SER G 150 -18.88 -43.88 12.05
CA SER G 150 -20.22 -43.94 11.45
C SER G 150 -20.33 -45.04 10.40
N GLY G 151 -21.43 -45.78 10.46
CA GLY G 151 -21.67 -46.86 9.50
C GLY G 151 -20.90 -48.13 9.82
N GLN G 152 -20.11 -48.09 10.89
CA GLN G 152 -19.29 -49.23 11.29
C GLN G 152 -19.60 -49.62 12.74
N SER G 153 -20.86 -49.87 13.03
CA SER G 153 -21.30 -50.20 14.38
C SER G 153 -20.80 -51.57 14.81
N VAL G 154 -21.05 -52.58 13.99
CA VAL G 154 -20.68 -53.96 14.32
C VAL G 154 -19.17 -54.17 14.29
N TYR G 155 -18.50 -53.56 13.31
CA TYR G 155 -17.05 -53.70 13.18
C TYR G 155 -16.32 -53.05 14.35
N SER G 156 -16.91 -51.99 14.89
CA SER G 156 -16.34 -51.31 16.06
C SER G 156 -16.55 -52.15 17.31
N ALA G 157 -17.66 -52.87 17.36
CA ALA G 157 -17.97 -53.75 18.48
C ALA G 157 -17.10 -55.00 18.43
N SER G 158 -16.60 -55.31 17.24
CA SER G 158 -15.77 -56.50 17.04
C SER G 158 -14.31 -56.23 17.37
N LYS G 159 -13.76 -55.18 16.76
CA LYS G 159 -12.36 -54.81 16.97
C LYS G 159 -12.14 -54.17 18.33
N GLY G 160 -13.22 -53.76 18.98
CA GLY G 160 -13.14 -53.11 20.27
C GLY G 160 -13.17 -54.11 21.41
N GLY G 161 -13.72 -55.30 21.14
CA GLY G 161 -13.82 -56.33 22.16
C GLY G 161 -12.48 -56.98 22.47
N LEU G 162 -11.66 -57.14 21.45
CA LEU G 162 -10.35 -57.78 21.62
C LEU G 162 -9.37 -56.89 22.38
N VAL G 163 -9.76 -55.64 22.59
CA VAL G 163 -8.96 -54.71 23.36
C VAL G 163 -8.92 -55.13 24.83
N GLY G 164 -10.08 -55.11 25.47
CA GLY G 164 -10.17 -55.50 26.87
C GLY G 164 -9.88 -56.97 27.08
N PHE G 165 -10.17 -57.78 26.06
CA PHE G 165 -9.90 -59.21 26.11
C PHE G 165 -8.40 -59.48 26.25
N SER G 166 -7.60 -58.74 25.49
CA SER G 166 -6.15 -58.86 25.55
C SER G 166 -5.64 -58.33 26.88
N ARG G 167 -6.30 -57.29 27.41
CA ARG G 167 -5.93 -56.73 28.70
C ARG G 167 -6.09 -57.75 29.82
N ALA G 168 -7.23 -58.45 29.80
CA ALA G 168 -7.51 -59.45 30.81
C ALA G 168 -6.62 -60.67 30.66
N LEU G 169 -6.40 -61.09 29.41
CA LEU G 169 -5.56 -62.24 29.14
C LEU G 169 -4.12 -61.97 29.52
N ALA G 170 -3.67 -60.73 29.34
CA ALA G 170 -2.31 -60.33 29.68
C ALA G 170 -2.06 -60.47 31.18
N LYS G 171 -2.93 -59.86 31.98
CA LYS G 171 -2.80 -59.90 33.44
C LYS G 171 -2.77 -61.32 33.98
N GLU G 172 -3.46 -62.22 33.29
CA GLU G 172 -3.59 -63.61 33.73
C GLU G 172 -2.40 -64.47 33.30
N VAL G 173 -1.74 -64.08 32.22
CA VAL G 173 -0.71 -64.93 31.62
C VAL G 173 0.67 -64.27 31.56
N ALA G 174 0.76 -63.03 32.01
CA ALA G 174 2.03 -62.30 32.00
C ALA G 174 3.10 -62.99 32.83
N ARG G 175 2.67 -63.64 33.91
CA ARG G 175 3.61 -64.34 34.79
C ARG G 175 4.08 -65.64 34.16
N LYS G 176 3.38 -66.07 33.10
CA LYS G 176 3.69 -67.30 32.41
C LYS G 176 4.69 -67.07 31.28
N LYS G 177 5.35 -65.91 31.32
CA LYS G 177 6.30 -65.49 30.28
C LYS G 177 5.61 -65.41 28.91
N ILE G 178 4.32 -65.10 28.92
CA ILE G 178 3.55 -64.94 27.70
C ILE G 178 2.90 -63.55 27.68
N ARG G 179 2.97 -62.88 26.54
CA ARG G 179 2.48 -61.52 26.43
C ARG G 179 1.58 -61.32 25.21
N VAL G 180 0.40 -60.77 25.45
CA VAL G 180 -0.54 -60.48 24.37
C VAL G 180 -0.67 -58.97 24.17
N ASN G 181 -0.73 -58.54 22.91
CA ASN G 181 -0.85 -57.13 22.58
C ASN G 181 -1.85 -56.87 21.47
N VAL G 182 -2.14 -55.59 21.24
CA VAL G 182 -3.10 -55.19 20.21
C VAL G 182 -2.54 -54.11 19.31
N VAL G 183 -2.68 -54.29 18.01
CA VAL G 183 -2.34 -53.25 17.05
C VAL G 183 -3.64 -52.61 16.53
N ALA G 184 -3.71 -51.28 16.64
CA ALA G 184 -4.91 -50.56 16.20
C ALA G 184 -4.58 -49.62 15.04
N PRO G 185 -4.61 -50.15 13.81
CA PRO G 185 -4.32 -49.33 12.62
C PRO G 185 -5.44 -48.34 12.32
N GLY G 186 -5.10 -47.23 11.67
CA GLY G 186 -6.09 -46.25 11.29
C GLY G 186 -6.76 -46.62 9.98
N PHE G 187 -6.52 -45.80 8.96
CA PHE G 187 -7.08 -46.07 7.64
C PHE G 187 -6.04 -46.72 6.73
N VAL G 188 -6.18 -48.03 6.53
CA VAL G 188 -5.20 -48.79 5.76
C VAL G 188 -5.65 -49.01 4.32
N HIS G 189 -4.88 -48.47 3.38
CA HIS G 189 -5.16 -48.62 1.96
C HIS G 189 -3.96 -48.20 1.12
N THR G 190 -4.19 -48.06 -0.18
CA THR G 190 -3.15 -47.57 -1.08
C THR G 190 -3.32 -46.07 -1.28
N ASP G 191 -3.43 -45.35 -0.17
CA ASP G 191 -3.64 -43.91 -0.17
C ASP G 191 -4.93 -43.52 -0.89
N MET G 192 -5.92 -44.39 -0.84
CA MET G 192 -7.23 -44.08 -1.39
C MET G 192 -7.88 -43.00 -0.54
N THR G 193 -8.10 -41.83 -1.15
CA THR G 193 -8.54 -40.64 -0.43
C THR G 193 -9.74 -40.91 0.48
N LYS G 194 -10.84 -41.36 -0.11
CA LYS G 194 -12.03 -41.69 0.66
C LYS G 194 -13.02 -42.50 -0.18
N GLU G 199 -15.48 -37.17 -1.03
CA GLU G 199 -14.24 -37.95 -0.88
C GLU G 199 -13.17 -37.13 -0.18
N HIS G 200 -11.91 -37.49 -0.43
CA HIS G 200 -10.75 -36.78 0.12
C HIS G 200 -10.77 -36.74 1.64
N LEU G 201 -10.50 -37.88 2.26
CA LEU G 201 -10.42 -37.96 3.72
C LEU G 201 -8.96 -38.06 4.16
N LYS G 202 -8.04 -37.72 3.25
CA LYS G 202 -6.62 -37.76 3.56
C LYS G 202 -6.11 -36.40 4.02
N LYS G 203 -6.83 -35.34 3.65
CA LYS G 203 -6.47 -33.99 4.05
C LYS G 203 -6.66 -33.81 5.55
N ASN G 204 -7.62 -34.52 6.11
CA ASN G 204 -7.88 -34.49 7.55
C ASN G 204 -6.78 -35.21 8.32
N ILE G 205 -6.16 -36.19 7.65
CA ILE G 205 -5.05 -36.93 8.26
C ILE G 205 -3.77 -36.11 8.21
N PRO G 206 -3.20 -35.81 9.38
CA PRO G 206 -2.00 -34.98 9.53
C PRO G 206 -0.79 -35.52 8.78
N LEU G 207 -0.67 -36.83 8.67
CA LEU G 207 0.51 -37.43 8.05
C LEU G 207 0.27 -37.78 6.58
N GLY G 208 0.09 -36.75 5.76
CA GLY G 208 -0.08 -36.94 4.33
C GLY G 208 -1.35 -37.67 3.95
N ARG G 209 -1.23 -38.98 3.74
CA ARG G 209 -2.36 -39.78 3.29
C ARG G 209 -2.54 -41.03 4.16
N PHE G 210 -3.03 -42.10 3.53
CA PHE G 210 -3.33 -43.34 4.23
C PHE G 210 -2.07 -44.15 4.50
N GLY G 211 -2.17 -45.12 5.41
CA GLY G 211 -1.06 -46.00 5.72
C GLY G 211 -1.14 -47.29 4.94
N GLU G 212 0.00 -47.97 4.81
CA GLU G 212 0.07 -49.21 4.05
C GLU G 212 0.26 -50.42 4.96
N THR G 213 0.02 -51.60 4.40
CA THR G 213 0.06 -52.84 5.18
C THR G 213 1.46 -53.15 5.72
N ILE G 214 2.48 -52.73 4.97
CA ILE G 214 3.86 -52.97 5.37
C ILE G 214 4.21 -52.20 6.65
N GLU G 215 3.75 -50.94 6.71
CA GLU G 215 4.02 -50.10 7.86
C GLU G 215 3.33 -50.62 9.11
N VAL G 216 2.15 -51.19 8.93
CA VAL G 216 1.40 -51.78 10.04
C VAL G 216 2.09 -53.07 10.50
N ALA G 217 2.67 -53.79 9.55
CA ALA G 217 3.37 -55.04 9.84
C ALA G 217 4.61 -54.81 10.68
N HIS G 218 5.23 -53.64 10.52
CA HIS G 218 6.42 -53.29 11.28
C HIS G 218 6.10 -53.07 12.75
N ALA G 219 4.84 -52.78 13.03
CA ALA G 219 4.38 -52.59 14.40
C ALA G 219 4.08 -53.94 15.06
N VAL G 220 3.63 -54.90 14.26
CA VAL G 220 3.29 -56.22 14.77
C VAL G 220 4.55 -56.98 15.19
N VAL G 221 5.57 -56.94 14.33
CA VAL G 221 6.84 -57.59 14.62
C VAL G 221 7.55 -56.89 15.76
N PHE G 222 7.28 -55.59 15.92
CA PHE G 222 7.86 -54.81 17.00
C PHE G 222 7.34 -55.26 18.35
N LEU G 223 6.01 -55.30 18.49
CA LEU G 223 5.37 -55.70 19.74
C LEU G 223 5.68 -57.15 20.08
N LEU G 224 5.95 -57.96 19.07
CA LEU G 224 6.26 -59.37 19.28
C LEU G 224 7.70 -59.56 19.77
N GLU G 225 8.58 -58.66 19.39
CA GLU G 225 9.99 -58.76 19.75
C GLU G 225 10.37 -57.77 20.85
N SER G 226 9.37 -57.19 21.50
CA SER G 226 9.62 -56.20 22.54
C SER G 226 9.25 -56.73 23.93
N PRO G 227 10.28 -57.04 24.74
CA PRO G 227 10.06 -57.48 26.12
C PRO G 227 9.51 -56.36 27.00
N TYR G 228 8.94 -56.73 28.14
CA TYR G 228 8.40 -55.77 29.11
C TYR G 228 7.29 -54.90 28.51
N ILE G 229 6.68 -55.39 27.43
CA ILE G 229 5.56 -54.70 26.80
C ILE G 229 4.41 -55.66 26.58
N THR G 230 3.40 -55.58 27.44
CA THR G 230 2.23 -56.45 27.34
C THR G 230 0.95 -55.71 27.69
N GLY G 231 -0.13 -56.05 27.01
CA GLY G 231 -1.42 -55.41 27.24
C GLY G 231 -1.49 -54.00 26.66
N HIS G 232 -0.52 -53.68 25.81
CA HIS G 232 -0.46 -52.36 25.20
C HIS G 232 -1.11 -52.35 23.82
N VAL G 233 -1.89 -51.31 23.54
CA VAL G 233 -2.51 -51.16 22.23
C VAL G 233 -1.76 -50.12 21.41
N LEU G 234 -0.83 -50.59 20.57
CA LEU G 234 -0.06 -49.70 19.72
C LEU G 234 -0.93 -49.25 18.53
N VAL G 235 -0.93 -47.95 18.28
CA VAL G 235 -1.79 -47.38 17.24
C VAL G 235 -1.00 -46.93 16.02
N VAL G 236 -1.09 -47.71 14.94
CA VAL G 236 -0.57 -47.27 13.65
C VAL G 236 -1.46 -46.12 13.18
N ASP G 237 -1.18 -44.93 13.70
CA ASP G 237 -2.11 -43.81 13.59
C ASP G 237 -1.93 -42.98 12.32
N GLY G 238 -0.94 -42.09 12.34
CA GLY G 238 -0.75 -41.15 11.26
C GLY G 238 -1.42 -39.82 11.59
N GLY G 239 -1.79 -39.66 12.85
CA GLY G 239 -2.43 -38.45 13.31
C GLY G 239 -3.94 -38.52 13.30
N LEU G 240 -4.48 -39.65 12.85
CA LEU G 240 -5.92 -39.84 12.75
C LEU G 240 -6.58 -39.93 14.12
N GLN G 241 -5.87 -40.50 15.09
CA GLN G 241 -6.40 -40.70 16.43
C GLN G 241 -6.74 -39.38 17.11
N LEU G 242 -6.05 -38.32 16.71
CA LEU G 242 -6.25 -37.00 17.31
C LEU G 242 -7.64 -36.45 16.96
N ILE G 243 -8.22 -36.96 15.89
CA ILE G 243 -9.58 -36.57 15.50
C ILE G 243 -10.49 -37.80 15.55
N LEU G 244 -11.65 -37.69 14.92
CA LEU G 244 -12.61 -38.79 14.89
C LEU G 244 -12.14 -39.91 13.98
N GLN H 4 22.54 -57.91 14.02
CA GLN H 4 21.78 -58.66 13.04
C GLN H 4 20.65 -57.81 12.46
N LEU H 5 20.80 -57.43 11.19
CA LEU H 5 19.79 -56.66 10.46
C LEU H 5 19.53 -55.31 11.13
N GLN H 6 20.50 -54.84 11.90
CA GLN H 6 20.39 -53.54 12.55
C GLN H 6 20.88 -52.43 11.63
N ASN H 7 21.45 -51.39 12.22
CA ASN H 7 21.97 -50.25 11.47
C ASN H 7 20.93 -49.64 10.54
N ARG H 8 19.72 -49.47 11.03
CA ARG H 8 18.66 -48.83 10.27
C ARG H 8 18.67 -47.32 10.51
N LEU H 9 19.69 -46.85 11.20
CA LEU H 9 19.85 -45.43 11.49
C LEU H 9 21.24 -44.95 11.10
N ARG H 10 21.77 -45.47 10.01
CA ARG H 10 23.12 -45.15 9.57
C ARG H 10 23.30 -43.68 9.19
N SER H 11 22.22 -43.05 8.74
CA SER H 11 22.27 -41.65 8.32
C SER H 11 21.48 -40.75 9.26
N ALA H 12 21.42 -41.13 10.53
CA ALA H 12 20.63 -40.37 11.50
C ALA H 12 21.50 -39.70 12.55
N LEU H 13 21.22 -38.42 12.82
CA LEU H 13 21.89 -37.70 13.89
C LEU H 13 21.00 -37.66 15.12
N ALA H 14 21.38 -38.42 16.14
CA ALA H 14 20.55 -38.59 17.33
C ALA H 14 20.93 -37.62 18.45
N LEU H 15 19.95 -36.87 18.94
CA LEU H 15 20.14 -35.97 20.07
C LEU H 15 19.38 -36.48 21.28
N VAL H 16 20.13 -36.92 22.30
CA VAL H 16 19.51 -37.47 23.50
C VAL H 16 19.83 -36.62 24.73
N THR H 17 18.82 -35.91 25.23
CA THR H 17 18.97 -35.09 26.43
C THR H 17 18.88 -35.97 27.67
N GLY H 18 19.69 -35.65 28.68
CA GLY H 18 19.72 -36.43 29.90
C GLY H 18 20.34 -37.80 29.66
N ALA H 19 21.33 -37.85 28.78
CA ALA H 19 22.00 -39.10 28.45
C ALA H 19 23.23 -39.33 29.32
N GLY H 20 23.16 -38.87 30.57
CA GLY H 20 24.26 -39.02 31.50
C GLY H 20 24.23 -40.36 32.21
N SER H 21 23.03 -40.86 32.48
CA SER H 21 22.86 -42.14 33.16
C SER H 21 21.45 -42.69 32.98
N GLY H 22 21.24 -43.91 33.47
CA GLY H 22 19.93 -44.54 33.44
C GLY H 22 19.44 -44.83 32.03
N ILE H 23 18.21 -44.40 31.74
CA ILE H 23 17.59 -44.63 30.44
C ILE H 23 18.27 -43.82 29.34
N GLY H 24 18.57 -42.56 29.64
CA GLY H 24 19.20 -41.67 28.67
C GLY H 24 20.50 -42.21 28.12
N ARG H 25 21.31 -42.80 28.99
CA ARG H 25 22.57 -43.42 28.58
C ARG H 25 22.32 -44.69 27.77
N ALA H 26 21.31 -45.46 28.19
CA ALA H 26 20.97 -46.71 27.53
C ALA H 26 20.45 -46.47 26.11
N VAL H 27 19.74 -45.36 25.92
CA VAL H 27 19.22 -44.99 24.62
C VAL H 27 20.37 -44.66 23.66
N SER H 28 21.35 -43.92 24.16
CA SER H 28 22.52 -43.54 23.38
C SER H 28 23.29 -44.77 22.88
N VAL H 29 23.29 -45.83 23.69
CA VAL H 29 23.96 -47.07 23.31
C VAL H 29 23.19 -47.80 22.22
N ARG H 30 21.86 -47.84 22.38
CA ARG H 30 20.99 -48.53 21.43
C ARG H 30 21.02 -47.85 20.06
N LEU H 31 21.04 -46.52 20.06
CA LEU H 31 21.04 -45.76 18.81
C LEU H 31 22.40 -45.86 18.11
N ALA H 32 23.47 -45.71 18.88
CA ALA H 32 24.82 -45.82 18.34
C ALA H 32 25.08 -47.24 17.85
N GLY H 33 24.39 -48.20 18.43
CA GLY H 33 24.49 -49.59 18.03
C GLY H 33 23.91 -49.80 16.64
N GLU H 34 23.02 -48.89 16.23
CA GLU H 34 22.44 -48.95 14.90
C GLU H 34 23.06 -47.92 13.97
N GLY H 35 24.33 -47.59 14.23
CA GLY H 35 25.08 -46.70 13.37
C GLY H 35 24.59 -45.27 13.33
N ALA H 36 23.97 -44.81 14.41
CA ALA H 36 23.46 -43.45 14.48
C ALA H 36 24.42 -42.54 15.23
N THR H 37 24.75 -41.40 14.63
CA THR H 37 25.62 -40.43 15.26
C THR H 37 24.92 -39.79 16.46
N VAL H 38 25.25 -40.26 17.65
CA VAL H 38 24.57 -39.81 18.87
C VAL H 38 25.17 -38.52 19.43
N ALA H 39 24.32 -37.54 19.67
CA ALA H 39 24.74 -36.29 20.30
C ALA H 39 24.26 -36.26 21.75
N ALA H 40 25.11 -36.71 22.66
CA ALA H 40 24.76 -36.81 24.07
C ALA H 40 24.58 -35.43 24.70
N CYS H 41 23.56 -35.30 25.55
CA CYS H 41 23.29 -34.06 26.25
C CYS H 41 22.87 -34.33 27.69
N ASP H 42 23.51 -33.65 28.64
CA ASP H 42 23.23 -33.89 30.05
C ASP H 42 23.67 -32.70 30.91
N LEU H 43 23.14 -32.62 32.13
CA LEU H 43 23.49 -31.55 33.05
C LEU H 43 24.96 -31.64 33.46
N ASP H 44 25.43 -32.87 33.68
CA ASP H 44 26.84 -33.10 33.97
C ASP H 44 27.61 -33.41 32.70
N ARG H 45 28.60 -32.58 32.40
CA ARG H 45 29.42 -32.75 31.21
C ARG H 45 30.24 -34.03 31.28
N ALA H 46 30.75 -34.33 32.47
CA ALA H 46 31.56 -35.53 32.68
C ALA H 46 30.74 -36.80 32.48
N ALA H 47 29.48 -36.75 32.89
CA ALA H 47 28.59 -37.90 32.75
C ALA H 47 28.22 -38.15 31.30
N ALA H 48 27.99 -37.07 30.56
CA ALA H 48 27.64 -37.16 29.15
C ALA H 48 28.83 -37.63 28.32
N GLN H 49 30.02 -37.14 28.67
CA GLN H 49 31.24 -37.51 27.97
C GLN H 49 31.62 -38.97 28.25
N GLU H 50 31.21 -39.47 29.41
CA GLU H 50 31.46 -40.86 29.77
C GLU H 50 30.64 -41.79 28.88
N THR H 51 29.41 -41.37 28.57
CA THR H 51 28.53 -42.15 27.71
C THR H 51 29.10 -42.27 26.30
N VAL H 52 29.70 -41.19 25.82
CA VAL H 52 30.32 -41.17 24.50
C VAL H 52 31.42 -42.22 24.40
N ARG H 53 32.16 -42.39 25.49
CA ARG H 53 33.24 -43.38 25.55
C ARG H 53 32.68 -44.80 25.53
N LEU H 54 31.42 -44.94 25.92
CA LEU H 54 30.75 -46.24 25.94
C LEU H 54 30.17 -46.58 24.57
N LEU H 55 30.35 -45.67 23.62
CA LEU H 55 29.83 -45.86 22.27
C LEU H 55 30.94 -46.21 21.29
N ARG H 66 33.06 -44.19 16.85
CA ARG H 66 32.85 -44.64 15.48
C ARG H 66 32.22 -43.55 14.63
N GLY H 67 31.14 -42.96 15.13
CA GLY H 67 30.43 -41.92 14.41
C GLY H 67 30.89 -40.52 14.79
N ASN H 68 32.04 -40.45 15.45
CA ASN H 68 32.61 -39.19 15.93
C ASN H 68 31.62 -38.39 16.78
N HIS H 69 31.10 -39.04 17.82
CA HIS H 69 30.09 -38.45 18.68
C HIS H 69 30.62 -37.28 19.50
N ALA H 70 29.71 -36.53 20.11
CA ALA H 70 30.07 -35.37 20.93
C ALA H 70 29.05 -35.14 22.04
N ALA H 71 29.54 -34.75 23.21
CA ALA H 71 28.67 -34.49 24.35
C ALA H 71 28.45 -32.99 24.54
N PHE H 72 27.28 -32.63 25.06
CA PHE H 72 26.93 -31.24 25.26
C PHE H 72 26.31 -31.01 26.64
N GLN H 73 26.62 -29.87 27.24
CA GLN H 73 26.07 -29.52 28.54
C GLN H 73 25.06 -28.38 28.39
N ALA H 74 23.81 -28.63 28.78
CA ALA H 74 22.76 -27.62 28.67
C ALA H 74 21.60 -27.92 29.62
N ASP H 75 21.18 -26.90 30.36
CA ASP H 75 20.01 -27.01 31.22
C ASP H 75 18.76 -26.89 30.36
N VAL H 76 18.04 -28.00 30.20
CA VAL H 76 16.87 -28.05 29.33
C VAL H 76 15.73 -27.16 29.83
N SER H 77 15.76 -26.85 31.12
CA SER H 77 14.73 -26.00 31.72
C SER H 77 14.89 -24.55 31.28
N GLU H 78 16.13 -24.15 31.01
CA GLU H 78 16.42 -22.78 30.56
C GLU H 78 16.23 -22.64 29.06
N ALA H 79 15.55 -21.56 28.66
CA ALA H 79 15.27 -21.32 27.25
C ALA H 79 16.53 -21.02 26.46
N ARG H 80 17.49 -20.37 27.11
CA ARG H 80 18.75 -20.02 26.46
C ARG H 80 19.60 -21.26 26.17
N ALA H 81 19.75 -22.10 27.19
CA ALA H 81 20.57 -23.31 27.06
C ALA H 81 19.95 -24.31 26.10
N ALA H 82 18.64 -24.24 25.92
CA ALA H 82 17.93 -25.14 25.02
C ALA H 82 18.15 -24.75 23.56
N ARG H 83 18.09 -23.44 23.30
CA ARG H 83 18.30 -22.92 21.96
C ARG H 83 19.78 -22.99 21.56
N CYS H 84 20.66 -22.77 22.53
CA CYS H 84 22.10 -22.86 22.29
C CYS H 84 22.52 -24.30 22.04
N LEU H 85 21.74 -25.24 22.58
CA LEU H 85 22.01 -26.66 22.39
C LEU H 85 21.87 -27.07 20.93
N LEU H 86 20.78 -26.64 20.30
CA LEU H 86 20.51 -27.00 18.90
C LEU H 86 21.48 -26.33 17.94
N GLU H 87 21.89 -25.11 18.26
CA GLU H 87 22.80 -24.36 17.41
C GLU H 87 24.20 -24.97 17.39
N GLN H 88 24.60 -25.55 18.53
CA GLN H 88 25.91 -26.17 18.65
C GLN H 88 25.95 -27.52 17.94
N VAL H 89 24.81 -28.19 17.89
CA VAL H 89 24.71 -29.48 17.20
C VAL H 89 24.80 -29.28 15.70
N GLN H 90 24.10 -28.27 15.19
CA GLN H 90 24.11 -27.97 13.76
C GLN H 90 25.44 -27.37 13.32
N ALA H 91 26.24 -26.93 14.29
CA ALA H 91 27.54 -26.35 14.01
C ALA H 91 28.65 -27.38 14.12
N CYS H 92 28.35 -28.50 14.77
CA CYS H 92 29.33 -29.56 14.97
C CYS H 92 29.16 -30.67 13.94
N PHE H 93 27.95 -30.81 13.39
CA PHE H 93 27.67 -31.85 12.43
C PHE H 93 27.12 -31.31 11.11
N SER H 94 27.07 -29.99 11.01
CA SER H 94 26.60 -29.30 9.81
C SER H 94 25.17 -29.70 9.42
N ARG H 95 24.40 -30.18 10.39
CA ARG H 95 23.02 -30.59 10.14
C ARG H 95 22.25 -30.73 11.44
N PRO H 96 20.93 -30.45 11.41
CA PRO H 96 20.08 -30.62 12.59
C PRO H 96 19.80 -32.09 12.89
N PRO H 97 19.61 -32.43 14.18
CA PRO H 97 19.34 -33.82 14.58
C PRO H 97 17.99 -34.33 14.08
N SER H 98 18.02 -35.34 13.21
CA SER H 98 16.80 -35.93 12.68
C SER H 98 16.12 -36.80 13.73
N VAL H 99 16.88 -37.20 14.75
CA VAL H 99 16.35 -37.98 15.86
C VAL H 99 16.56 -37.26 17.18
N VAL H 100 15.47 -36.89 17.84
CA VAL H 100 15.55 -36.18 19.12
C VAL H 100 14.77 -36.90 20.20
N VAL H 101 15.47 -37.34 21.25
CA VAL H 101 14.85 -38.05 22.36
C VAL H 101 15.10 -37.34 23.68
N SER H 102 14.03 -36.93 24.34
CA SER H 102 14.14 -36.23 25.61
C SER H 102 14.02 -37.19 26.79
N CYS H 103 15.13 -37.40 27.48
CA CYS H 103 15.16 -38.29 28.65
C CYS H 103 15.49 -37.52 29.92
N ALA H 104 15.77 -36.23 29.77
CA ALA H 104 16.12 -35.37 30.90
C ALA H 104 14.91 -35.15 31.81
N GLY H 105 14.99 -35.70 33.02
CA GLY H 105 13.91 -35.55 33.98
C GLY H 105 14.30 -36.03 35.37
N ILE H 106 13.65 -35.48 36.39
CA ILE H 106 13.95 -35.83 37.77
C ILE H 106 12.67 -36.09 38.58
N THR H 107 12.83 -36.63 39.77
CA THR H 107 11.71 -36.91 40.66
C THR H 107 11.93 -36.30 42.04
N GLN H 108 10.96 -35.52 42.51
CA GLN H 108 11.02 -34.94 43.85
C GLN H 108 9.70 -35.20 44.58
N ASP H 109 9.56 -36.42 45.10
CA ASP H 109 8.29 -36.88 45.65
C ASP H 109 7.96 -36.29 47.01
N GLU H 110 6.69 -35.94 47.21
CA GLU H 110 6.20 -35.40 48.47
C GLU H 110 4.67 -35.44 48.48
N PHE H 111 4.09 -35.59 49.65
CA PHE H 111 2.64 -35.62 49.78
C PHE H 111 2.04 -34.29 49.32
N LEU H 112 0.84 -34.35 48.74
CA LEU H 112 0.17 -33.17 48.23
C LEU H 112 -0.07 -32.14 49.33
N LEU H 113 -0.38 -32.61 50.53
CA LEU H 113 -0.66 -31.75 51.66
C LEU H 113 0.59 -31.05 52.19
N HIS H 114 1.76 -31.53 51.77
CA HIS H 114 3.02 -31.02 52.29
C HIS H 114 4.05 -30.73 51.19
N MET H 115 3.60 -30.74 49.94
CA MET H 115 4.51 -30.46 48.82
C MET H 115 4.78 -28.96 48.70
N SER H 116 6.06 -28.60 48.83
CA SER H 116 6.48 -27.21 48.72
C SER H 116 6.44 -26.75 47.26
N GLU H 117 6.53 -25.43 47.07
CA GLU H 117 6.51 -24.86 45.73
C GLU H 117 7.78 -25.23 44.96
N ASP H 118 8.87 -25.41 45.71
CA ASP H 118 10.15 -25.79 45.11
C ASP H 118 10.07 -27.18 44.49
N ASP H 119 9.35 -28.09 45.15
CA ASP H 119 9.17 -29.45 44.66
C ASP H 119 8.34 -29.45 43.38
N TRP H 120 7.45 -28.48 43.26
CA TRP H 120 6.57 -28.36 42.10
C TRP H 120 7.31 -27.75 40.91
N ASP H 121 7.89 -26.58 41.12
CA ASP H 121 8.54 -25.82 40.05
C ASP H 121 9.72 -26.57 39.44
N LYS H 122 10.49 -27.26 40.28
CA LYS H 122 11.68 -27.96 39.82
C LYS H 122 11.35 -29.10 38.86
N VAL H 123 10.27 -29.82 39.17
CA VAL H 123 9.85 -30.94 38.33
C VAL H 123 9.22 -30.47 37.03
N ILE H 124 8.37 -29.46 37.12
CA ILE H 124 7.67 -28.92 35.95
C ILE H 124 8.66 -28.31 34.95
N ALA H 125 9.62 -27.54 35.45
CA ALA H 125 10.58 -26.85 34.61
C ALA H 125 11.47 -27.81 33.82
N VAL H 126 11.82 -28.93 34.44
CA VAL H 126 12.73 -29.90 33.82
C VAL H 126 11.97 -30.90 32.95
N ASN H 127 10.96 -31.53 33.53
CA ASN H 127 10.21 -32.57 32.84
C ASN H 127 9.31 -32.02 31.73
N LEU H 128 8.50 -31.03 32.06
CA LEU H 128 7.53 -30.48 31.11
C LEU H 128 8.12 -29.35 30.27
N LYS H 129 8.54 -28.28 30.93
CA LYS H 129 9.09 -27.12 30.24
C LYS H 129 10.38 -27.48 29.51
N GLY H 130 11.16 -28.36 30.11
CA GLY H 130 12.40 -28.81 29.51
C GLY H 130 12.15 -29.55 28.20
N THR H 131 11.14 -30.41 28.20
CA THR H 131 10.75 -31.16 27.01
C THR H 131 10.23 -30.21 25.93
N PHE H 132 9.46 -29.22 26.35
CA PHE H 132 8.90 -28.22 25.43
C PHE H 132 9.97 -27.47 24.66
N LEU H 133 10.96 -26.96 25.39
CA LEU H 133 12.02 -26.16 24.79
C LEU H 133 12.87 -26.98 23.82
N VAL H 134 13.13 -28.22 24.17
CA VAL H 134 13.92 -29.11 23.33
C VAL H 134 13.15 -29.51 22.07
N THR H 135 11.89 -29.90 22.26
CA THR H 135 11.04 -30.31 21.15
C THR H 135 10.80 -29.16 20.18
N GLN H 136 10.65 -27.95 20.73
CA GLN H 136 10.42 -26.76 19.92
C GLN H 136 11.64 -26.42 19.06
N ALA H 137 12.79 -26.29 19.72
CA ALA H 137 14.02 -25.91 19.04
C ALA H 137 14.44 -26.93 18.00
N ALA H 138 14.17 -28.21 18.28
CA ALA H 138 14.47 -29.28 17.33
C ALA H 138 13.53 -29.20 16.13
N ALA H 139 12.27 -28.88 16.39
CA ALA H 139 11.28 -28.74 15.32
C ALA H 139 11.60 -27.55 14.43
N GLN H 140 12.00 -26.44 15.05
CA GLN H 140 12.38 -25.24 14.31
C GLN H 140 13.60 -25.50 13.43
N ALA H 141 14.46 -26.41 13.87
CA ALA H 141 15.69 -26.72 13.14
C ALA H 141 15.40 -27.57 11.90
N LEU H 142 14.59 -28.60 12.09
CA LEU H 142 14.28 -29.54 11.01
C LEU H 142 13.42 -28.90 9.92
N VAL H 143 12.44 -28.10 10.33
CA VAL H 143 11.53 -27.45 9.38
C VAL H 143 12.25 -26.40 8.55
N SER H 144 13.08 -25.59 9.20
CA SER H 144 13.80 -24.51 8.53
C SER H 144 14.80 -25.05 7.51
N ASN H 145 15.23 -26.30 7.70
CA ASN H 145 16.16 -26.93 6.77
C ASN H 145 15.45 -27.90 5.83
N GLY H 146 14.14 -28.01 5.97
CA GLY H 146 13.35 -28.91 5.15
C GLY H 146 13.68 -30.36 5.38
N CYS H 147 14.07 -30.68 6.61
CA CYS H 147 14.45 -32.04 6.97
C CYS H 147 13.32 -32.78 7.66
N ARG H 148 13.24 -34.09 7.42
CA ARG H 148 12.24 -34.93 8.06
C ARG H 148 12.86 -35.62 9.27
N GLY H 149 12.06 -35.79 10.33
CA GLY H 149 12.58 -36.37 11.55
C GLY H 149 11.55 -37.05 12.43
N SER H 150 12.00 -37.54 13.59
CA SER H 150 11.13 -38.21 14.54
C SER H 150 11.48 -37.81 15.98
N ILE H 151 10.60 -37.03 16.58
CA ILE H 151 10.81 -36.56 17.96
C ILE H 151 10.19 -37.52 18.97
N ILE H 152 11.00 -37.96 19.93
CA ILE H 152 10.55 -38.90 20.95
C ILE H 152 10.65 -38.28 22.34
N ASN H 153 9.57 -38.40 23.12
CA ASN H 153 9.57 -37.86 24.48
C ASN H 153 9.19 -38.93 25.51
N ILE H 154 9.99 -39.04 26.56
CA ILE H 154 9.75 -40.04 27.60
C ILE H 154 8.79 -39.51 28.66
N SER H 155 7.66 -40.20 28.81
CA SER H 155 6.65 -39.84 29.80
C SER H 155 6.17 -41.06 30.56
N SER H 156 6.57 -41.17 31.82
CA SER H 156 6.30 -42.35 32.64
C SER H 156 4.82 -42.71 32.73
N ILE H 157 4.55 -43.95 33.11
CA ILE H 157 3.18 -44.44 33.26
C ILE H 157 2.46 -43.70 34.38
N VAL H 158 3.24 -43.13 35.30
CA VAL H 158 2.70 -42.31 36.38
C VAL H 158 1.93 -41.12 35.82
N GLY H 159 2.45 -40.53 34.75
CA GLY H 159 1.80 -39.43 34.08
C GLY H 159 0.66 -39.89 33.18
N LYS H 160 -0.20 -40.74 33.73
CA LYS H 160 -1.35 -41.26 32.99
C LYS H 160 -2.43 -41.71 33.98
N VAL H 161 -2.00 -42.24 35.11
CA VAL H 161 -2.92 -42.72 36.14
C VAL H 161 -2.65 -42.04 37.48
N GLY H 162 -1.45 -41.48 37.64
CA GLY H 162 -1.09 -40.81 38.87
C GLY H 162 -0.54 -41.77 39.91
N ASN H 163 0.27 -41.23 40.82
CA ASN H 163 0.86 -42.04 41.88
C ASN H 163 1.01 -41.23 43.17
N VAL H 164 0.87 -41.90 44.31
CA VAL H 164 0.95 -41.24 45.61
C VAL H 164 2.32 -40.60 45.86
N GLY H 165 2.31 -39.30 46.14
CA GLY H 165 3.53 -38.57 46.44
C GLY H 165 4.11 -37.88 45.22
N GLN H 166 3.57 -38.21 44.04
CA GLN H 166 4.07 -37.64 42.80
C GLN H 166 2.99 -36.82 42.08
N THR H 167 2.60 -35.71 42.70
CA THR H 167 1.63 -34.80 42.09
C THR H 167 2.29 -33.98 41.00
N ASN H 168 3.50 -33.51 41.29
CA ASN H 168 4.26 -32.71 40.34
C ASN H 168 4.81 -33.55 39.18
N TYR H 169 5.13 -34.80 39.47
CA TYR H 169 5.71 -35.68 38.45
C TYR H 169 4.66 -36.21 37.49
N ALA H 170 3.50 -36.57 38.02
CA ALA H 170 2.42 -37.11 37.20
C ALA H 170 1.86 -36.04 36.26
N ALA H 171 1.72 -34.82 36.79
CA ALA H 171 1.20 -33.72 35.99
C ALA H 171 2.18 -33.32 34.90
N SER H 172 3.47 -33.44 35.19
CA SER H 172 4.51 -33.10 34.22
C SER H 172 4.55 -34.10 33.08
N LYS H 173 4.50 -35.39 33.41
CA LYS H 173 4.57 -36.44 32.40
C LYS H 173 3.29 -36.53 31.59
N ALA H 174 2.16 -36.26 32.22
CA ALA H 174 0.89 -36.24 31.51
C ALA H 174 0.85 -35.06 30.55
N GLY H 175 1.50 -33.96 30.96
CA GLY H 175 1.58 -32.77 30.13
C GLY H 175 2.45 -33.00 28.90
N VAL H 176 3.46 -33.86 29.05
CA VAL H 176 4.35 -34.22 27.95
C VAL H 176 3.58 -34.90 26.82
N ILE H 177 2.66 -35.77 27.20
CA ILE H 177 1.81 -36.47 26.23
C ILE H 177 0.98 -35.50 25.41
N GLY H 178 0.29 -34.59 26.10
CA GLY H 178 -0.50 -33.58 25.44
C GLY H 178 0.36 -32.62 24.64
N LEU H 179 1.58 -32.42 25.11
CA LEU H 179 2.55 -31.57 24.42
C LEU H 179 2.97 -32.22 23.10
N THR H 180 3.15 -33.54 23.14
CA THR H 180 3.61 -34.28 21.99
C THR H 180 2.50 -34.48 20.96
N GLN H 181 1.29 -34.75 21.45
CA GLN H 181 0.14 -34.96 20.57
C GLN H 181 -0.18 -33.69 19.78
N THR H 182 0.08 -32.53 20.37
CA THR H 182 -0.12 -31.27 19.68
C THR H 182 0.96 -31.07 18.63
N ALA H 183 2.20 -31.33 19.00
CA ALA H 183 3.34 -31.18 18.09
C ALA H 183 3.22 -32.13 16.90
N ALA H 184 2.71 -33.33 17.16
CA ALA H 184 2.54 -34.33 16.11
C ALA H 184 1.48 -33.91 15.10
N ARG H 185 0.57 -33.03 15.52
CA ARG H 185 -0.50 -32.57 14.66
C ARG H 185 -0.05 -31.40 13.79
N GLU H 186 0.82 -30.56 14.33
CA GLU H 186 1.32 -29.40 13.60
C GLU H 186 2.48 -29.76 12.68
N LEU H 187 3.31 -30.69 13.14
CA LEU H 187 4.51 -31.07 12.39
C LEU H 187 4.24 -32.26 11.47
N GLY H 188 2.98 -32.69 11.40
CA GLY H 188 2.61 -33.78 10.53
C GLY H 188 2.74 -33.42 9.07
N ARG H 189 2.44 -32.16 8.76
CA ARG H 189 2.57 -31.65 7.40
C ARG H 189 4.03 -31.52 6.99
N HIS H 190 4.90 -31.32 7.97
CA HIS H 190 6.32 -31.11 7.71
C HIS H 190 7.09 -32.43 7.74
N GLY H 191 6.37 -33.54 7.89
CA GLY H 191 6.97 -34.86 7.89
C GLY H 191 7.78 -35.15 9.14
N ILE H 192 7.38 -34.54 10.25
CA ILE H 192 8.05 -34.76 11.53
C ILE H 192 7.15 -35.50 12.50
N ARG H 193 7.45 -36.77 12.74
CA ARG H 193 6.66 -37.60 13.63
C ARG H 193 7.00 -37.34 15.10
N CYS H 194 5.97 -37.22 15.93
CA CYS H 194 6.17 -36.99 17.36
C CYS H 194 5.38 -38.01 18.18
N ASN H 195 6.10 -38.84 18.92
CA ASN H 195 5.48 -39.87 19.74
C ASN H 195 5.89 -39.80 21.20
N SER H 196 5.23 -40.60 22.04
CA SER H 196 5.52 -40.63 23.46
C SER H 196 5.77 -42.06 23.95
N VAL H 197 6.63 -42.19 24.94
CA VAL H 197 6.95 -43.50 25.51
C VAL H 197 6.56 -43.54 26.99
N LEU H 198 5.89 -44.61 27.40
CA LEU H 198 5.43 -44.75 28.78
C LEU H 198 6.08 -45.93 29.50
N PRO H 199 7.27 -45.70 30.09
CA PRO H 199 7.97 -46.74 30.85
C PRO H 199 7.31 -47.01 32.20
N GLY H 200 7.51 -48.19 32.74
CA GLY H 200 6.99 -48.53 34.07
C GLY H 200 7.97 -48.09 35.14
N PHE H 201 8.38 -49.03 35.99
CA PHE H 201 9.40 -48.77 37.00
C PHE H 201 10.71 -49.44 36.62
N ILE H 202 11.70 -48.63 36.26
CA ILE H 202 12.98 -49.13 35.78
C ILE H 202 14.06 -49.02 36.84
N ALA H 203 14.86 -50.07 36.98
CA ALA H 203 15.95 -50.10 37.95
C ALA H 203 17.07 -49.14 37.56
N THR H 204 16.91 -47.88 37.92
CA THR H 204 17.89 -46.84 37.60
C THR H 204 18.22 -46.01 38.85
N PRO H 205 19.44 -45.45 38.90
CA PRO H 205 19.85 -44.59 40.01
C PRO H 205 18.92 -43.39 40.20
N GLN H 212 14.52 -50.21 48.55
CA GLN H 212 14.72 -51.65 48.58
C GLN H 212 13.44 -52.38 48.93
N LYS H 213 12.83 -52.01 50.06
CA LYS H 213 11.60 -52.63 50.53
C LYS H 213 10.42 -52.22 49.65
N VAL H 214 10.43 -50.97 49.21
CA VAL H 214 9.37 -50.45 48.35
C VAL H 214 9.44 -51.06 46.96
N VAL H 215 10.64 -51.44 46.53
CA VAL H 215 10.84 -52.01 45.20
C VAL H 215 10.26 -53.41 45.11
N ASP H 216 10.44 -54.19 46.18
CA ASP H 216 9.94 -55.57 46.22
C ASP H 216 8.42 -55.63 46.11
N LYS H 217 7.74 -54.64 46.66
CA LYS H 217 6.29 -54.58 46.61
C LYS H 217 5.81 -54.16 45.23
N ILE H 218 6.64 -53.39 44.53
CA ILE H 218 6.31 -52.93 43.20
C ILE H 218 6.42 -54.06 42.17
N THR H 219 7.36 -54.98 42.38
CA THR H 219 7.55 -56.12 41.48
C THR H 219 6.36 -57.06 41.48
N GLU H 220 5.80 -57.31 42.66
CA GLU H 220 4.67 -58.21 42.79
C GLU H 220 3.43 -57.60 42.14
N MET H 221 3.40 -56.27 42.10
CA MET H 221 2.28 -55.54 41.52
C MET H 221 2.32 -55.64 39.99
N ILE H 222 3.53 -55.64 39.44
CA ILE H 222 3.73 -55.79 38.01
C ILE H 222 3.38 -57.21 37.57
N PRO H 223 2.48 -57.33 36.58
CA PRO H 223 2.01 -58.61 36.04
C PRO H 223 3.13 -59.57 35.64
N MET H 224 4.23 -59.04 35.10
CA MET H 224 5.36 -59.87 34.71
C MET H 224 6.18 -60.27 35.93
N GLY H 225 6.19 -59.42 36.95
CA GLY H 225 6.81 -59.75 38.22
C GLY H 225 8.25 -59.31 38.39
N HIS H 226 8.65 -58.30 37.63
CA HIS H 226 10.02 -57.78 37.74
C HIS H 226 10.13 -56.37 37.16
N LEU H 227 11.15 -55.64 37.61
CA LEU H 227 11.41 -54.29 37.10
C LEU H 227 11.96 -54.36 35.68
N GLY H 228 11.66 -53.34 34.89
CA GLY H 228 12.14 -53.26 33.52
C GLY H 228 13.58 -52.81 33.47
N ASP H 229 14.21 -53.00 32.31
CA ASP H 229 15.59 -52.59 32.11
C ASP H 229 15.65 -51.34 31.23
N PRO H 230 16.66 -50.50 31.44
CA PRO H 230 16.85 -49.29 30.62
C PRO H 230 17.06 -49.63 29.15
N GLU H 231 17.51 -50.85 28.87
CA GLU H 231 17.70 -51.32 27.50
C GLU H 231 16.35 -51.53 26.81
N ASP H 232 15.37 -52.04 27.55
CA ASP H 232 14.04 -52.28 27.01
C ASP H 232 13.33 -50.96 26.67
N VAL H 233 13.67 -49.91 27.40
CA VAL H 233 13.10 -48.60 27.14
C VAL H 233 13.71 -48.02 25.87
N ALA H 234 14.94 -48.42 25.59
CA ALA H 234 15.65 -47.94 24.41
C ALA H 234 15.24 -48.73 23.16
N ASP H 235 14.50 -49.82 23.38
CA ASP H 235 14.02 -50.65 22.28
C ASP H 235 12.95 -49.93 21.46
N VAL H 236 11.94 -49.41 22.15
CA VAL H 236 10.85 -48.70 21.49
C VAL H 236 11.35 -47.39 20.89
N VAL H 237 12.30 -46.76 21.56
CA VAL H 237 12.91 -45.52 21.08
C VAL H 237 13.61 -45.74 19.75
N ALA H 238 14.33 -46.85 19.64
CA ALA H 238 15.03 -47.20 18.40
C ALA H 238 14.04 -47.47 17.28
N PHE H 239 12.85 -47.94 17.64
CA PHE H 239 11.81 -48.25 16.66
C PHE H 239 11.10 -46.99 16.18
N LEU H 240 10.72 -46.13 17.12
CA LEU H 240 9.99 -44.90 16.79
C LEU H 240 10.85 -43.92 15.98
N ALA H 241 12.16 -44.02 16.13
CA ALA H 241 13.07 -43.13 15.45
C ALA H 241 13.50 -43.67 14.09
N SER H 242 13.08 -44.89 13.79
CA SER H 242 13.45 -45.55 12.54
C SER H 242 12.39 -45.36 11.46
N GLU H 243 12.68 -45.86 10.26
CA GLU H 243 11.77 -45.76 9.13
C GLU H 243 10.63 -46.76 9.23
N ASP H 244 10.81 -47.77 10.07
CA ASP H 244 9.80 -48.82 10.25
C ASP H 244 8.55 -48.26 10.91
N SER H 245 8.72 -47.22 11.71
CA SER H 245 7.61 -46.56 12.37
C SER H 245 7.28 -45.23 11.70
N GLY H 246 7.18 -45.26 10.38
CA GLY H 246 7.00 -44.04 9.59
C GLY H 246 5.56 -43.54 9.53
N TYR H 247 4.63 -44.32 10.07
CA TYR H 247 3.23 -43.92 10.05
C TYR H 247 2.65 -43.83 11.47
N ILE H 248 3.54 -43.91 12.46
CA ILE H 248 3.12 -43.80 13.85
C ILE H 248 3.51 -42.45 14.43
N THR H 249 2.53 -41.56 14.55
CA THR H 249 2.76 -40.23 15.11
C THR H 249 1.61 -39.82 16.02
N GLY H 250 1.93 -39.17 17.13
CA GLY H 250 0.93 -38.77 18.11
C GLY H 250 0.44 -39.95 18.92
N THR H 251 1.23 -41.02 18.93
CA THR H 251 0.87 -42.25 19.63
C THR H 251 1.75 -42.46 20.86
N SER H 252 1.12 -42.86 21.96
CA SER H 252 1.85 -43.13 23.19
C SER H 252 2.10 -44.63 23.36
N VAL H 253 3.36 -44.99 23.55
CA VAL H 253 3.73 -46.40 23.70
C VAL H 253 4.05 -46.73 25.16
N GLU H 254 3.50 -47.83 25.65
CA GLU H 254 3.70 -48.23 27.04
C GLU H 254 4.71 -49.36 27.21
N VAL H 255 5.73 -49.11 28.02
CA VAL H 255 6.71 -50.13 28.37
C VAL H 255 6.69 -50.33 29.89
N THR H 256 5.59 -50.89 30.39
CA THR H 256 5.37 -50.99 31.83
C THR H 256 5.41 -52.43 32.32
N GLY H 257 5.48 -53.38 31.39
CA GLY H 257 5.46 -54.78 31.75
C GLY H 257 4.10 -55.23 32.22
N GLY H 258 3.07 -54.50 31.78
CA GLY H 258 1.70 -54.83 32.13
C GLY H 258 1.14 -53.97 33.25
N LEU H 259 2.00 -53.15 33.85
CA LEU H 259 1.59 -52.28 34.95
C LEU H 259 0.68 -51.15 34.47
N PHE H 260 -0.49 -51.03 35.10
CA PHE H 260 -1.46 -49.99 34.77
C PHE H 260 -1.84 -49.99 33.29
N MET H 261 -2.06 -51.19 32.75
CA MET H 261 -2.39 -51.35 31.33
C MET H 261 -3.78 -50.82 31.02
N GLN I 4 7.92 10.78 -14.92
CA GLN I 4 6.58 10.76 -14.33
C GLN I 4 6.39 9.55 -13.43
N LEU I 5 6.02 8.42 -14.02
CA LEU I 5 5.78 7.20 -13.27
C LEU I 5 7.01 6.28 -13.37
N GLN I 6 8.18 6.88 -13.19
CA GLN I 6 9.43 6.12 -13.26
C GLN I 6 9.63 5.33 -11.97
N ASN I 7 10.71 4.55 -11.92
CA ASN I 7 11.07 3.75 -10.75
C ASN I 7 10.03 2.69 -10.38
N ARG I 8 9.06 2.48 -11.26
CA ARG I 8 8.08 1.43 -11.06
C ARG I 8 8.72 0.09 -11.42
N LEU I 9 9.67 0.13 -12.34
CA LEU I 9 10.44 -1.03 -12.72
C LEU I 9 11.93 -0.76 -12.52
N ARG I 10 12.27 -0.30 -11.32
CA ARG I 10 13.65 0.08 -10.99
C ARG I 10 14.62 -1.09 -11.11
N SER I 11 14.40 -2.12 -10.31
CA SER I 11 15.26 -3.29 -10.31
C SER I 11 14.65 -4.43 -11.11
N ALA I 12 14.59 -4.25 -12.43
CA ALA I 12 14.00 -5.24 -13.32
C ALA I 12 14.77 -5.37 -14.62
N LEU I 13 14.75 -6.57 -15.19
CA LEU I 13 15.39 -6.84 -16.47
C LEU I 13 14.35 -7.25 -17.51
N ALA I 14 14.30 -6.53 -18.63
CA ALA I 14 13.28 -6.76 -19.63
C ALA I 14 13.83 -7.39 -20.91
N LEU I 15 13.24 -8.51 -21.31
CA LEU I 15 13.59 -9.16 -22.57
C LEU I 15 12.48 -8.95 -23.60
N VAL I 16 12.76 -8.14 -24.61
CA VAL I 16 11.77 -7.82 -25.62
C VAL I 16 12.18 -8.34 -26.99
N THR I 17 11.50 -9.38 -27.45
CA THR I 17 11.74 -9.93 -28.79
C THR I 17 11.05 -9.08 -29.84
N GLY I 18 11.73 -8.83 -30.95
CA GLY I 18 11.19 -8.00 -31.99
C GLY I 18 11.13 -6.55 -31.55
N ALA I 19 12.17 -6.12 -30.86
CA ALA I 19 12.24 -4.76 -30.32
C ALA I 19 12.84 -3.78 -31.32
N GLY I 20 13.11 -4.27 -32.52
CA GLY I 20 13.75 -3.46 -33.55
C GLY I 20 12.80 -2.52 -34.26
N SER I 21 11.51 -2.75 -34.13
CA SER I 21 10.52 -1.94 -34.83
C SER I 21 9.11 -2.09 -34.25
N GLY I 22 8.24 -1.13 -34.58
CA GLY I 22 6.84 -1.20 -34.22
C GLY I 22 6.56 -1.17 -32.72
N ILE I 23 5.66 -2.05 -32.30
CA ILE I 23 5.25 -2.13 -30.89
C ILE I 23 6.42 -2.54 -30.01
N GLY I 24 7.22 -3.49 -30.48
CA GLY I 24 8.37 -3.96 -29.75
C GLY I 24 9.34 -2.86 -29.39
N ARG I 25 9.48 -1.89 -30.30
CA ARG I 25 10.34 -0.73 -30.07
C ARG I 25 9.71 0.21 -29.04
N ALA I 26 8.40 0.41 -29.17
CA ALA I 26 7.65 1.27 -28.26
C ALA I 26 7.67 0.71 -26.84
N VAL I 27 7.58 -0.62 -26.73
CA VAL I 27 7.64 -1.28 -25.44
C VAL I 27 9.01 -1.07 -24.79
N SER I 28 10.06 -1.27 -25.57
CA SER I 28 11.42 -1.11 -25.09
C SER I 28 11.69 0.30 -24.58
N VAL I 29 11.21 1.29 -25.31
CA VAL I 29 11.37 2.69 -24.91
C VAL I 29 10.57 2.97 -23.64
N ARG I 30 9.35 2.47 -23.59
CA ARG I 30 8.49 2.65 -22.43
C ARG I 30 9.07 2.02 -21.17
N LEU I 31 9.53 0.78 -21.29
CA LEU I 31 10.13 0.07 -20.16
C LEU I 31 11.43 0.72 -19.73
N ALA I 32 12.13 1.33 -20.69
CA ALA I 32 13.35 2.08 -20.39
C ALA I 32 12.99 3.36 -19.65
N GLY I 33 11.79 3.87 -19.91
CA GLY I 33 11.29 5.05 -19.23
C GLY I 33 10.76 4.71 -17.86
N GLU I 34 10.64 3.41 -17.59
CA GLU I 34 10.21 2.94 -16.28
C GLU I 34 11.41 2.70 -15.37
N GLY I 35 12.60 2.88 -15.93
CA GLY I 35 13.84 2.68 -15.19
C GLY I 35 14.27 1.22 -15.17
N ALA I 36 13.93 0.49 -16.23
CA ALA I 36 14.26 -0.92 -16.33
C ALA I 36 15.28 -1.19 -17.42
N THR I 37 16.22 -2.08 -17.14
CA THR I 37 17.22 -2.48 -18.12
C THR I 37 16.58 -3.42 -19.14
N VAL I 38 16.67 -3.05 -20.42
CA VAL I 38 15.99 -3.78 -21.47
C VAL I 38 16.96 -4.55 -22.36
N ALA I 39 16.67 -5.83 -22.56
CA ALA I 39 17.42 -6.67 -23.48
C ALA I 39 16.66 -6.78 -24.81
N ALA I 40 16.95 -5.86 -25.73
CA ALA I 40 16.24 -5.77 -26.99
C ALA I 40 16.61 -6.90 -27.95
N CYS I 41 15.78 -7.95 -27.97
CA CYS I 41 15.99 -9.06 -28.90
C CYS I 41 15.25 -8.78 -30.21
N ASP I 42 15.88 -9.16 -31.32
CA ASP I 42 15.31 -8.94 -32.64
C ASP I 42 15.99 -9.79 -33.71
N LEU I 43 15.24 -10.09 -34.76
CA LEU I 43 15.78 -10.85 -35.90
C LEU I 43 16.83 -10.03 -36.62
N ASP I 44 16.53 -8.75 -36.84
CA ASP I 44 17.48 -7.84 -37.47
C ASP I 44 18.30 -7.12 -36.40
N ARG I 45 19.58 -7.51 -36.29
CA ARG I 45 20.47 -6.95 -35.28
C ARG I 45 20.62 -5.44 -35.42
N ALA I 46 20.68 -4.97 -36.66
CA ALA I 46 20.82 -3.54 -36.93
C ALA I 46 19.63 -2.76 -36.41
N ALA I 47 18.44 -3.38 -36.47
CA ALA I 47 17.24 -2.78 -35.94
C ALA I 47 17.24 -2.85 -34.41
N ALA I 48 17.80 -3.93 -33.87
CA ALA I 48 17.91 -4.10 -32.44
C ALA I 48 18.88 -3.10 -31.85
N GLN I 49 20.02 -2.91 -32.53
CA GLN I 49 21.03 -1.97 -32.09
C GLN I 49 20.53 -0.54 -32.18
N GLU I 50 19.65 -0.27 -33.14
CA GLU I 50 19.10 1.06 -33.33
C GLU I 50 18.17 1.43 -32.18
N THR I 51 17.44 0.43 -31.67
CA THR I 51 16.55 0.63 -30.55
C THR I 51 17.35 0.87 -29.27
N VAL I 52 18.40 0.08 -29.09
CA VAL I 52 19.28 0.22 -27.94
C VAL I 52 20.02 1.55 -27.98
N ARG I 53 20.38 1.99 -29.18
CA ARG I 53 21.08 3.25 -29.38
C ARG I 53 20.21 4.44 -28.99
N LEU I 54 18.92 4.19 -28.85
CA LEU I 54 18.00 5.17 -28.28
C LEU I 54 17.88 4.93 -26.77
N LEU I 55 19.02 4.88 -26.11
CA LEU I 55 19.08 4.51 -24.69
C LEU I 55 18.50 5.57 -23.77
N GLY I 56 18.71 5.38 -22.47
CA GLY I 56 18.21 6.30 -21.46
C GLY I 56 17.36 5.58 -20.43
N GLY I 57 17.49 5.99 -19.17
CA GLY I 57 16.71 5.42 -18.10
C GLY I 57 17.53 4.99 -16.90
N PRO I 58 17.59 3.67 -16.64
CA PRO I 58 18.28 3.12 -15.47
C PRO I 58 19.79 3.25 -15.54
N GLY I 59 20.42 3.34 -14.37
CA GLY I 59 21.88 3.40 -14.29
C GLY I 59 22.44 2.20 -13.55
N SER I 60 23.30 1.45 -14.23
CA SER I 60 23.91 0.23 -13.68
C SER I 60 22.86 -0.79 -13.24
N ASN I 68 23.37 -1.15 -18.58
CA ASN I 68 23.18 -0.66 -19.94
C ASN I 68 22.35 -1.63 -20.78
N HIS I 69 21.55 -1.08 -21.69
CA HIS I 69 20.71 -1.88 -22.57
C HIS I 69 21.56 -2.64 -23.58
N ALA I 70 21.13 -3.85 -23.92
CA ALA I 70 21.89 -4.69 -24.85
C ALA I 70 21.04 -5.12 -26.04
N ALA I 71 21.69 -5.35 -27.17
CA ALA I 71 21.01 -5.78 -28.38
C ALA I 71 21.35 -7.22 -28.73
N PHE I 72 20.34 -8.08 -28.78
CA PHE I 72 20.55 -9.48 -29.09
C PHE I 72 19.89 -9.87 -30.41
N GLN I 73 20.65 -10.58 -31.25
CA GLN I 73 20.11 -11.08 -32.51
C GLN I 73 19.76 -12.55 -32.36
N ALA I 74 18.47 -12.87 -32.55
CA ALA I 74 18.01 -14.24 -32.41
C ALA I 74 16.73 -14.49 -33.21
N ASP I 75 16.63 -15.70 -33.77
CA ASP I 75 15.43 -16.11 -34.47
C ASP I 75 14.55 -16.94 -33.53
N VAL I 76 13.41 -16.38 -33.14
CA VAL I 76 12.54 -17.00 -32.15
C VAL I 76 11.91 -18.30 -32.66
N SER I 77 11.90 -18.49 -33.97
CA SER I 77 11.31 -19.68 -34.57
C SER I 77 12.26 -20.88 -34.43
N GLU I 78 13.51 -20.61 -34.09
CA GLU I 78 14.50 -21.67 -33.90
C GLU I 78 14.55 -22.11 -32.45
N ALA I 79 14.63 -23.42 -32.23
CA ALA I 79 14.68 -23.96 -30.87
C ALA I 79 16.04 -23.70 -30.24
N ARG I 80 17.07 -23.65 -31.07
CA ARG I 80 18.43 -23.43 -30.59
C ARG I 80 18.71 -21.95 -30.33
N ALA I 81 18.20 -21.10 -31.22
CA ALA I 81 18.41 -19.67 -31.11
C ALA I 81 17.62 -19.10 -29.93
N ALA I 82 16.48 -19.70 -29.63
CA ALA I 82 15.65 -19.26 -28.51
C ALA I 82 16.32 -19.59 -27.18
N ARG I 83 16.91 -20.78 -27.10
CA ARG I 83 17.61 -21.20 -25.89
C ARG I 83 18.89 -20.41 -25.69
N CYS I 84 19.63 -20.20 -26.78
CA CYS I 84 20.88 -19.45 -26.73
C CYS I 84 20.63 -17.98 -26.42
N LEU I 85 19.44 -17.50 -26.74
CA LEU I 85 19.05 -16.12 -26.44
C LEU I 85 19.05 -15.88 -24.94
N LEU I 86 18.41 -16.78 -24.19
CA LEU I 86 18.34 -16.66 -22.74
C LEU I 86 19.70 -16.93 -22.10
N GLU I 87 20.53 -17.69 -22.80
CA GLU I 87 21.88 -17.98 -22.32
C GLU I 87 22.77 -16.74 -22.36
N GLN I 88 22.58 -15.92 -23.39
CA GLN I 88 23.33 -14.69 -23.55
C GLN I 88 22.84 -13.62 -22.57
N VAL I 89 21.54 -13.61 -22.33
CA VAL I 89 20.95 -12.66 -21.38
C VAL I 89 21.40 -12.98 -19.96
N GLN I 90 21.44 -14.26 -19.62
CA GLN I 90 21.88 -14.70 -18.30
C GLN I 90 23.40 -14.58 -18.14
N ALA I 91 24.07 -14.20 -19.21
CA ALA I 91 25.53 -14.03 -19.18
C ALA I 91 25.91 -12.55 -19.19
N CYS I 92 25.19 -11.77 -19.98
CA CYS I 92 25.48 -10.34 -20.09
C CYS I 92 24.87 -9.55 -18.93
N PHE I 93 24.07 -10.22 -18.11
CA PHE I 93 23.42 -9.56 -16.98
C PHE I 93 23.55 -10.38 -15.70
N SER I 94 23.99 -11.62 -15.85
CA SER I 94 24.17 -12.55 -14.72
C SER I 94 22.87 -12.76 -13.94
N ARG I 95 21.75 -12.58 -14.63
CA ARG I 95 20.44 -12.76 -14.00
C ARG I 95 19.35 -12.93 -15.08
N PRO I 96 18.35 -13.77 -14.81
CA PRO I 96 17.25 -13.97 -15.75
C PRO I 96 16.32 -12.77 -15.82
N PRO I 97 15.78 -12.46 -17.02
CA PRO I 97 14.87 -11.33 -17.19
C PRO I 97 13.52 -11.56 -16.51
N SER I 98 13.18 -10.69 -15.56
CA SER I 98 11.91 -10.81 -14.85
C SER I 98 10.74 -10.49 -15.78
N VAL I 99 11.01 -9.67 -16.79
CA VAL I 99 9.99 -9.29 -17.76
C VAL I 99 10.37 -9.76 -19.15
N VAL I 100 9.51 -10.57 -19.77
CA VAL I 100 9.74 -11.05 -21.12
C VAL I 100 8.56 -10.74 -22.02
N VAL I 101 8.80 -9.89 -23.01
CA VAL I 101 7.74 -9.47 -23.93
C VAL I 101 7.98 -10.02 -25.33
N SER I 102 7.00 -10.75 -25.86
CA SER I 102 7.13 -11.36 -27.17
C SER I 102 6.38 -10.55 -28.23
N CYS I 103 7.12 -9.71 -28.95
CA CYS I 103 6.54 -8.90 -30.02
C CYS I 103 7.01 -9.41 -31.38
N ALA I 104 7.88 -10.42 -31.37
CA ALA I 104 8.42 -10.99 -32.59
C ALA I 104 7.34 -11.75 -33.36
N GLY I 105 6.78 -11.10 -34.39
CA GLY I 105 5.76 -11.71 -35.21
C GLY I 105 5.73 -11.11 -36.60
N ILE I 106 5.25 -11.89 -37.57
CA ILE I 106 5.20 -11.46 -38.96
C ILE I 106 3.82 -11.66 -39.55
N THR I 107 3.67 -11.29 -40.82
CA THR I 107 2.42 -11.49 -41.55
C THR I 107 2.69 -12.08 -42.93
N GLN I 108 1.80 -12.96 -43.38
CA GLN I 108 1.88 -13.53 -44.72
C GLN I 108 0.46 -13.78 -45.23
N ASP I 109 -0.27 -12.68 -45.44
CA ASP I 109 -1.70 -12.73 -45.74
C ASP I 109 -1.99 -13.35 -47.10
N GLU I 110 -3.04 -14.18 -47.12
CA GLU I 110 -3.54 -14.79 -48.34
C GLU I 110 -4.90 -15.43 -48.04
N PHE I 111 -5.77 -15.48 -49.05
CA PHE I 111 -7.07 -16.11 -48.89
C PHE I 111 -6.89 -17.62 -48.67
N LEU I 112 -7.86 -18.23 -47.99
CA LEU I 112 -7.79 -19.64 -47.64
C LEU I 112 -7.68 -20.53 -48.87
N LEU I 113 -8.37 -20.15 -49.94
CA LEU I 113 -8.38 -20.93 -51.17
C LEU I 113 -7.03 -20.88 -51.90
N HIS I 114 -6.25 -19.83 -51.65
CA HIS I 114 -5.01 -19.63 -52.38
C HIS I 114 -3.79 -19.61 -51.45
N MET I 115 -3.99 -19.91 -50.18
CA MET I 115 -2.88 -19.92 -49.23
C MET I 115 -2.04 -21.18 -49.38
N SER I 116 -0.74 -21.00 -49.58
CA SER I 116 0.18 -22.12 -49.74
C SER I 116 0.62 -22.67 -48.39
N GLU I 117 1.32 -23.80 -48.41
CA GLU I 117 1.83 -24.41 -47.20
C GLU I 117 2.97 -23.57 -46.61
N ASP I 118 3.65 -22.82 -47.47
CA ASP I 118 4.75 -21.97 -47.04
C ASP I 118 4.24 -20.75 -46.29
N ASP I 119 3.11 -20.22 -46.73
CA ASP I 119 2.50 -19.06 -46.08
C ASP I 119 1.96 -19.44 -44.70
N TRP I 120 1.64 -20.72 -44.54
CA TRP I 120 1.11 -21.23 -43.27
C TRP I 120 2.23 -21.51 -42.27
N ASP I 121 3.21 -22.31 -42.69
CA ASP I 121 4.29 -22.74 -41.82
C ASP I 121 5.18 -21.58 -41.36
N LYS I 122 5.31 -20.55 -42.20
CA LYS I 122 6.19 -19.42 -41.90
C LYS I 122 5.68 -18.60 -40.72
N VAL I 123 4.40 -18.25 -40.75
CA VAL I 123 3.80 -17.41 -39.71
C VAL I 123 3.67 -18.16 -38.38
N ILE I 124 3.19 -19.39 -38.45
CA ILE I 124 2.99 -20.21 -37.25
C ILE I 124 4.29 -20.43 -36.49
N ALA I 125 5.37 -20.67 -37.22
CA ALA I 125 6.67 -20.91 -36.60
C ALA I 125 7.18 -19.67 -35.86
N VAL I 126 6.84 -18.49 -36.38
CA VAL I 126 7.30 -17.24 -35.79
C VAL I 126 6.34 -16.74 -34.71
N ASN I 127 5.06 -16.65 -35.05
CA ASN I 127 4.06 -16.11 -34.13
C ASN I 127 3.69 -17.07 -33.00
N LEU I 128 3.38 -18.31 -33.35
CA LEU I 128 2.93 -19.29 -32.37
C LEU I 128 4.09 -20.05 -31.74
N LYS I 129 4.83 -20.79 -32.56
CA LYS I 129 5.95 -21.59 -32.06
C LYS I 129 7.06 -20.70 -31.50
N GLY I 130 7.27 -19.56 -32.13
CA GLY I 130 8.26 -18.60 -31.68
C GLY I 130 7.96 -18.07 -30.29
N THR I 131 6.67 -17.89 -30.00
CA THR I 131 6.24 -17.43 -28.69
C THR I 131 6.46 -18.54 -27.65
N PHE I 132 6.19 -19.77 -28.04
CA PHE I 132 6.34 -20.92 -27.16
C PHE I 132 7.79 -21.13 -26.71
N LEU I 133 8.71 -21.08 -27.67
CA LEU I 133 10.12 -21.30 -27.40
C LEU I 133 10.69 -20.24 -26.47
N VAL I 134 10.25 -18.99 -26.65
CA VAL I 134 10.71 -17.90 -25.81
C VAL I 134 10.07 -17.97 -24.42
N THR I 135 8.76 -18.25 -24.38
CA THR I 135 8.04 -18.35 -23.12
C THR I 135 8.57 -19.49 -22.27
N GLN I 136 8.88 -20.61 -22.91
CA GLN I 136 9.42 -21.77 -22.21
C GLN I 136 10.81 -21.48 -21.66
N ALA I 137 11.66 -20.89 -22.50
CA ALA I 137 13.03 -20.56 -22.10
C ALA I 137 13.06 -19.49 -21.03
N ALA I 138 12.05 -18.63 -21.02
CA ALA I 138 11.94 -17.58 -20.02
C ALA I 138 11.42 -18.15 -18.70
N ALA I 139 10.46 -19.05 -18.79
CA ALA I 139 9.87 -19.68 -17.61
C ALA I 139 10.89 -20.54 -16.88
N GLN I 140 11.63 -21.34 -17.64
CA GLN I 140 12.64 -22.23 -17.07
C GLN I 140 13.76 -21.45 -16.40
N ALA I 141 14.07 -20.27 -16.94
CA ALA I 141 15.14 -19.43 -16.42
C ALA I 141 14.77 -18.83 -15.07
N LEU I 142 13.53 -18.38 -14.94
CA LEU I 142 13.04 -17.77 -13.71
C LEU I 142 12.97 -18.78 -12.57
N VAL I 143 12.48 -19.98 -12.87
CA VAL I 143 12.36 -21.03 -11.87
C VAL I 143 13.74 -21.52 -11.45
N SER I 144 14.67 -21.57 -12.40
CA SER I 144 16.02 -22.06 -12.15
C SER I 144 16.83 -21.11 -11.27
N ASN I 145 16.33 -19.90 -11.10
CA ASN I 145 17.02 -18.90 -10.28
C ASN I 145 16.18 -18.48 -9.08
N GLY I 146 15.01 -19.09 -8.93
CA GLY I 146 14.11 -18.78 -7.83
C GLY I 146 13.59 -17.36 -7.91
N CYS I 147 13.45 -16.86 -9.14
CA CYS I 147 13.00 -15.49 -9.36
C CYS I 147 11.58 -15.45 -9.90
N ARG I 148 10.82 -14.43 -9.49
CA ARG I 148 9.47 -14.24 -9.99
C ARG I 148 9.51 -13.43 -11.29
N GLY I 149 8.36 -12.91 -11.69
CA GLY I 149 8.29 -12.07 -12.88
C GLY I 149 7.02 -12.24 -13.68
N SER I 150 6.97 -11.60 -14.84
CA SER I 150 5.78 -11.64 -15.69
C SER I 150 6.15 -11.86 -17.15
N ILE I 151 5.52 -12.86 -17.76
CA ILE I 151 5.72 -13.13 -19.18
C ILE I 151 4.56 -12.58 -20.00
N ILE I 152 4.87 -11.67 -20.92
CA ILE I 152 3.83 -11.00 -21.70
C ILE I 152 3.91 -11.35 -23.18
N ASN I 153 2.81 -11.90 -23.70
CA ASN I 153 2.74 -12.28 -25.12
C ASN I 153 1.79 -11.38 -25.88
N ILE I 154 2.18 -10.99 -27.09
CA ILE I 154 1.37 -10.09 -27.89
C ILE I 154 0.64 -10.83 -29.02
N SER I 155 -0.68 -10.82 -28.95
CA SER I 155 -1.51 -11.44 -29.99
C SER I 155 -2.64 -10.50 -30.40
N SER I 156 -2.82 -10.33 -31.70
CA SER I 156 -3.80 -9.35 -32.21
C SER I 156 -5.23 -9.66 -31.80
N ILE I 157 -6.12 -8.70 -32.03
CA ILE I 157 -7.55 -8.88 -31.77
C ILE I 157 -8.11 -9.92 -32.73
N VAL I 158 -7.39 -10.12 -33.84
CA VAL I 158 -7.74 -11.14 -34.82
C VAL I 158 -7.79 -12.53 -34.18
N GLY I 159 -6.99 -12.72 -33.14
CA GLY I 159 -6.96 -13.97 -32.41
C GLY I 159 -8.27 -14.30 -31.69
N LYS I 160 -9.17 -13.32 -31.61
CA LYS I 160 -10.44 -13.52 -30.94
C LYS I 160 -11.59 -13.68 -31.94
N VAL I 161 -11.53 -12.95 -33.05
CA VAL I 161 -12.63 -12.92 -34.01
C VAL I 161 -12.23 -13.39 -35.41
N GLY I 162 -10.94 -13.26 -35.73
CA GLY I 162 -10.47 -13.61 -37.06
C GLY I 162 -10.54 -12.44 -38.02
N ASN I 163 -9.79 -12.52 -39.11
CA ASN I 163 -9.77 -11.46 -40.11
C ASN I 163 -9.54 -12.00 -41.52
N VAL I 164 -10.16 -11.36 -42.51
CA VAL I 164 -10.05 -11.77 -43.90
C VAL I 164 -8.61 -11.69 -44.40
N GLY I 165 -8.12 -12.78 -44.97
CA GLY I 165 -6.77 -12.83 -45.49
C GLY I 165 -5.80 -13.37 -44.46
N GLN I 166 -6.24 -13.42 -43.21
CA GLN I 166 -5.40 -13.91 -42.13
C GLN I 166 -5.92 -15.23 -41.55
N THR I 167 -5.77 -16.30 -42.33
CA THR I 167 -6.15 -17.63 -41.87
C THR I 167 -5.04 -18.24 -41.02
N ASN I 168 -3.80 -17.96 -41.41
CA ASN I 168 -2.63 -18.44 -40.68
C ASN I 168 -2.27 -17.53 -39.52
N TYR I 169 -2.62 -16.25 -39.64
CA TYR I 169 -2.31 -15.27 -38.61
C TYR I 169 -3.28 -15.40 -37.43
N ALA I 170 -4.54 -15.66 -37.72
CA ALA I 170 -5.56 -15.81 -36.68
C ALA I 170 -5.36 -17.11 -35.92
N ALA I 171 -4.99 -18.16 -36.63
CA ALA I 171 -4.76 -19.47 -36.02
C ALA I 171 -3.55 -19.44 -35.09
N SER I 172 -2.66 -18.48 -35.31
CA SER I 172 -1.47 -18.34 -34.48
C SER I 172 -1.76 -17.49 -33.25
N LYS I 173 -2.38 -16.33 -33.45
CA LYS I 173 -2.66 -15.39 -32.37
C LYS I 173 -3.68 -15.97 -31.38
N ALA I 174 -4.61 -16.77 -31.88
CA ALA I 174 -5.58 -17.44 -31.02
C ALA I 174 -4.87 -18.50 -30.19
N GLY I 175 -3.89 -19.16 -30.80
CA GLY I 175 -3.12 -20.18 -30.13
C GLY I 175 -2.26 -19.60 -29.02
N VAL I 176 -1.76 -18.38 -29.24
CA VAL I 176 -0.96 -17.68 -28.24
C VAL I 176 -1.76 -17.48 -26.96
N ILE I 177 -3.04 -17.13 -27.12
CA ILE I 177 -3.95 -16.96 -25.98
C ILE I 177 -4.08 -18.26 -25.19
N GLY I 178 -4.38 -19.35 -25.90
CA GLY I 178 -4.52 -20.65 -25.29
C GLY I 178 -3.20 -21.14 -24.70
N LEU I 179 -2.11 -20.71 -25.30
CA LEU I 179 -0.77 -21.05 -24.80
C LEU I 179 -0.46 -20.30 -23.52
N THR I 180 -0.84 -19.01 -23.50
CA THR I 180 -0.60 -18.17 -22.34
C THR I 180 -1.45 -18.60 -21.15
N GLN I 181 -2.70 -18.94 -21.42
CA GLN I 181 -3.63 -19.37 -20.37
C GLN I 181 -3.14 -20.65 -19.69
N THR I 182 -2.55 -21.55 -20.48
CA THR I 182 -1.99 -22.78 -19.95
C THR I 182 -0.77 -22.50 -19.08
N ALA I 183 0.12 -21.65 -19.57
CA ALA I 183 1.33 -21.29 -18.86
C ALA I 183 1.00 -20.57 -17.55
N ALA I 184 -0.14 -19.89 -17.53
CA ALA I 184 -0.56 -19.14 -16.35
C ALA I 184 -0.94 -20.06 -15.19
N ARG I 185 -1.40 -21.26 -15.53
CA ARG I 185 -1.82 -22.22 -14.50
C ARG I 185 -0.64 -22.97 -13.90
N GLU I 186 0.34 -23.32 -14.74
CA GLU I 186 1.48 -24.11 -14.29
C GLU I 186 2.52 -23.25 -13.58
N LEU I 187 2.67 -22.01 -14.03
CA LEU I 187 3.66 -21.10 -13.45
C LEU I 187 3.04 -20.25 -12.35
N GLY I 188 1.85 -20.63 -11.90
CA GLY I 188 1.14 -19.88 -10.88
C GLY I 188 1.81 -19.95 -9.52
N ARG I 189 2.09 -21.18 -9.08
CA ARG I 189 2.69 -21.39 -7.76
C ARG I 189 4.19 -21.12 -7.75
N HIS I 190 4.74 -20.79 -8.92
CA HIS I 190 6.15 -20.42 -9.03
C HIS I 190 6.32 -18.92 -8.84
N GLY I 191 5.24 -18.17 -9.03
CA GLY I 191 5.28 -16.73 -8.89
C GLY I 191 5.48 -16.04 -10.24
N ILE I 192 5.18 -16.75 -11.31
CA ILE I 192 5.32 -16.21 -12.66
C ILE I 192 3.97 -15.93 -13.29
N ARG I 193 3.75 -14.67 -13.68
CA ARG I 193 2.48 -14.27 -14.30
C ARG I 193 2.57 -14.31 -15.82
N CYS I 194 1.51 -14.80 -16.46
CA CYS I 194 1.45 -14.86 -17.91
C CYS I 194 0.17 -14.20 -18.41
N ASN I 195 0.33 -13.18 -19.26
CA ASN I 195 -0.81 -12.43 -19.78
C ASN I 195 -0.75 -12.22 -21.28
N SER I 196 -1.91 -11.94 -21.88
CA SER I 196 -2.00 -11.70 -23.31
C SER I 196 -2.51 -10.30 -23.60
N VAL I 197 -1.83 -9.60 -24.50
CA VAL I 197 -2.26 -8.27 -24.92
C VAL I 197 -2.85 -8.34 -26.33
N LEU I 198 -4.05 -7.80 -26.49
CA LEU I 198 -4.76 -7.87 -27.76
C LEU I 198 -5.01 -6.50 -28.36
N PRO I 199 -4.04 -5.99 -29.14
CA PRO I 199 -4.20 -4.69 -29.80
C PRO I 199 -5.03 -4.80 -31.06
N GLY I 200 -5.76 -3.75 -31.41
CA GLY I 200 -6.55 -3.73 -32.62
C GLY I 200 -5.68 -3.48 -33.84
N PHE I 201 -5.84 -2.30 -34.43
CA PHE I 201 -4.98 -1.90 -35.54
C PHE I 201 -4.08 -0.74 -35.12
N ILE I 202 -2.82 -1.05 -34.85
CA ILE I 202 -1.88 -0.06 -34.34
C ILE I 202 -1.01 0.51 -35.47
N ALA I 203 -0.85 1.83 -35.47
CA ALA I 203 -0.04 2.51 -36.48
C ALA I 203 1.41 2.06 -36.41
N THR I 204 1.69 0.92 -37.04
CA THR I 204 3.03 0.35 -37.03
C THR I 204 3.44 -0.04 -38.44
N PRO I 205 4.75 -0.28 -38.67
CA PRO I 205 5.20 -0.76 -39.98
C PRO I 205 4.42 -1.98 -40.50
N MET I 206 3.84 -2.76 -39.59
CA MET I 206 2.99 -3.88 -39.99
C MET I 206 1.70 -3.38 -40.64
N THR I 207 1.14 -2.30 -40.09
CA THR I 207 -0.06 -1.70 -40.65
C THR I 207 0.27 -0.74 -41.78
N GLN I 208 1.56 -0.42 -41.93
CA GLN I 208 2.01 0.41 -43.04
C GLN I 208 2.03 -0.41 -44.32
N LYS I 209 1.95 -1.73 -44.17
CA LYS I 209 1.86 -2.64 -45.30
C LYS I 209 0.40 -2.91 -45.67
N VAL I 210 -0.47 -2.00 -45.26
CA VAL I 210 -1.90 -2.09 -45.55
C VAL I 210 -2.34 -0.92 -46.41
N PRO I 211 -3.03 -1.21 -47.54
CA PRO I 211 -3.51 -0.18 -48.46
C PRO I 211 -4.33 0.90 -47.77
N GLN I 212 -4.09 2.16 -48.14
CA GLN I 212 -4.77 3.29 -47.53
C GLN I 212 -6.28 3.24 -47.76
N LYS I 213 -6.70 2.60 -48.84
CA LYS I 213 -8.13 2.44 -49.13
C LYS I 213 -8.81 1.63 -48.04
N VAL I 214 -8.09 0.67 -47.48
CA VAL I 214 -8.61 -0.16 -46.39
C VAL I 214 -8.42 0.53 -45.04
N VAL I 215 -7.29 1.21 -44.88
CA VAL I 215 -6.96 1.90 -43.63
C VAL I 215 -8.02 2.94 -43.28
N ASP I 216 -8.46 3.70 -44.29
CA ASP I 216 -9.51 4.69 -44.09
C ASP I 216 -10.81 4.04 -43.65
N LYS I 217 -11.07 2.84 -44.17
CA LYS I 217 -12.27 2.09 -43.81
C LYS I 217 -12.13 1.49 -42.42
N ILE I 218 -10.94 0.99 -42.11
CA ILE I 218 -10.66 0.44 -40.79
C ILE I 218 -10.76 1.52 -39.72
N THR I 219 -10.26 2.71 -40.05
CA THR I 219 -10.32 3.86 -39.16
C THR I 219 -11.77 4.19 -38.79
N GLU I 220 -12.66 4.11 -39.76
CA GLU I 220 -14.08 4.39 -39.53
C GLU I 220 -14.74 3.29 -38.71
N MET I 221 -14.30 2.05 -38.93
CA MET I 221 -14.87 0.90 -38.22
C MET I 221 -14.49 0.92 -36.74
N ILE I 222 -13.34 1.50 -36.43
CA ILE I 222 -12.94 1.68 -35.03
C ILE I 222 -13.78 2.77 -34.39
N PRO I 223 -14.44 2.43 -33.26
CA PRO I 223 -15.33 3.36 -32.53
C PRO I 223 -14.68 4.70 -32.20
N MET I 224 -13.39 4.67 -31.85
CA MET I 224 -12.68 5.91 -31.55
C MET I 224 -12.48 6.75 -32.81
N GLY I 225 -12.26 6.08 -33.93
CA GLY I 225 -12.14 6.75 -35.21
C GLY I 225 -10.72 7.13 -35.57
N HIS I 226 -9.77 6.33 -35.10
CA HIS I 226 -8.35 6.55 -35.42
C HIS I 226 -7.52 5.30 -35.13
N LEU I 227 -6.42 5.15 -35.86
CA LEU I 227 -5.52 4.03 -35.67
C LEU I 227 -4.76 4.17 -34.37
N GLY I 228 -4.42 3.04 -33.75
CA GLY I 228 -3.73 3.03 -32.47
C GLY I 228 -2.26 3.40 -32.57
N ASP I 229 -1.75 4.01 -31.52
CA ASP I 229 -0.34 4.37 -31.44
C ASP I 229 0.42 3.28 -30.70
N PRO I 230 1.64 2.95 -31.16
CA PRO I 230 2.48 1.92 -30.55
C PRO I 230 2.68 2.10 -29.05
N GLU I 231 2.57 3.33 -28.56
CA GLU I 231 2.73 3.61 -27.15
C GLU I 231 1.56 3.07 -26.33
N ASP I 232 0.39 2.98 -26.96
CA ASP I 232 -0.82 2.53 -26.28
C ASP I 232 -0.70 1.08 -25.85
N VAL I 233 -0.12 0.25 -26.72
CA VAL I 233 0.11 -1.14 -26.41
C VAL I 233 1.24 -1.26 -25.39
N ALA I 234 2.22 -0.37 -25.52
CA ALA I 234 3.36 -0.32 -24.61
C ALA I 234 2.91 0.06 -23.20
N ASP I 235 1.84 0.84 -23.11
CA ASP I 235 1.29 1.25 -21.83
C ASP I 235 0.71 0.04 -21.09
N VAL I 236 0.07 -0.85 -21.84
CA VAL I 236 -0.50 -2.06 -21.27
C VAL I 236 0.59 -3.01 -20.80
N VAL I 237 1.61 -3.18 -21.64
CA VAL I 237 2.73 -4.04 -21.31
C VAL I 237 3.47 -3.55 -20.06
N ALA I 238 3.62 -2.24 -19.96
CA ALA I 238 4.30 -1.63 -18.81
C ALA I 238 3.51 -1.86 -17.52
N PHE I 239 2.20 -1.98 -17.65
CA PHE I 239 1.34 -2.21 -16.49
C PHE I 239 1.37 -3.67 -16.07
N LEU I 240 1.48 -4.57 -17.04
CA LEU I 240 1.51 -6.00 -16.78
C LEU I 240 2.90 -6.46 -16.34
N ALA I 241 3.88 -5.59 -16.49
CA ALA I 241 5.26 -5.92 -16.12
C ALA I 241 5.52 -5.58 -14.66
N SER I 242 4.74 -4.66 -14.11
CA SER I 242 4.90 -4.25 -12.72
C SER I 242 4.00 -5.07 -11.79
N GLU I 243 4.10 -4.81 -10.50
CA GLU I 243 3.30 -5.52 -9.51
C GLU I 243 1.97 -4.82 -9.24
N ASP I 244 1.66 -3.81 -10.06
CA ASP I 244 0.35 -3.18 -10.00
C ASP I 244 -0.70 -4.15 -10.53
N SER I 245 -0.25 -5.07 -11.39
CA SER I 245 -1.09 -6.14 -11.89
C SER I 245 -0.64 -7.48 -11.31
N GLY I 246 -0.23 -7.46 -10.05
CA GLY I 246 0.28 -8.64 -9.38
C GLY I 246 -0.73 -9.76 -9.26
N TYR I 247 -2.01 -9.41 -9.34
CA TYR I 247 -3.08 -10.41 -9.26
C TYR I 247 -3.72 -10.61 -10.63
N ILE I 248 -2.97 -10.30 -11.68
CA ILE I 248 -3.45 -10.47 -13.05
C ILE I 248 -2.59 -11.46 -13.83
N THR I 249 -3.17 -12.62 -14.12
CA THR I 249 -2.49 -13.64 -14.92
C THR I 249 -3.49 -14.45 -15.72
N GLY I 250 -3.10 -14.86 -16.92
CA GLY I 250 -3.97 -15.58 -17.81
C GLY I 250 -5.08 -14.70 -18.34
N THR I 251 -4.84 -13.39 -18.32
CA THR I 251 -5.84 -12.41 -18.72
C THR I 251 -5.53 -11.80 -20.08
N SER I 252 -6.53 -11.75 -20.95
CA SER I 252 -6.39 -11.13 -22.26
C SER I 252 -6.85 -9.67 -22.22
N VAL I 253 -5.92 -8.76 -22.53
CA VAL I 253 -6.23 -7.34 -22.51
C VAL I 253 -6.42 -6.79 -23.92
N GLU I 254 -7.56 -6.14 -24.14
CA GLU I 254 -7.87 -5.60 -25.46
C GLU I 254 -7.44 -4.14 -25.60
N VAL I 255 -6.59 -3.88 -26.58
CA VAL I 255 -6.18 -2.51 -26.89
C VAL I 255 -6.62 -2.17 -28.31
N THR I 256 -7.92 -2.29 -28.56
CA THR I 256 -8.46 -2.16 -29.91
C THR I 256 -9.11 -0.81 -30.16
N GLY I 257 -9.38 -0.07 -29.10
CA GLY I 257 -10.08 1.19 -29.21
C GLY I 257 -11.56 0.96 -29.40
N GLY I 258 -12.02 -0.22 -29.00
CA GLY I 258 -13.42 -0.57 -29.08
C GLY I 258 -13.74 -1.45 -30.28
N LEU I 259 -12.72 -1.78 -31.07
CA LEU I 259 -12.92 -2.56 -32.28
C LEU I 259 -13.15 -4.04 -31.98
N PHE I 260 -14.26 -4.57 -32.48
CA PHE I 260 -14.61 -5.99 -32.35
C PHE I 260 -14.65 -6.45 -30.89
N MET I 261 -15.45 -5.76 -30.09
CA MET I 261 -15.56 -6.09 -28.67
C MET I 261 -16.89 -6.75 -28.35
N HIS J 6 -6.02 27.59 -14.95
CA HIS J 6 -6.46 26.78 -13.81
C HIS J 6 -5.60 25.54 -13.64
N HIS J 7 -5.93 24.71 -12.66
CA HIS J 7 -5.19 23.47 -12.42
C HIS J 7 -6.13 22.39 -11.90
N MET J 8 -5.63 21.15 -11.86
CA MET J 8 -6.38 20.01 -11.32
C MET J 8 -7.70 19.84 -12.08
N ASP J 9 -7.62 19.78 -13.42
CA ASP J 9 -8.79 19.62 -14.26
C ASP J 9 -9.34 18.20 -14.22
N LYS J 10 -8.48 17.25 -13.84
CA LYS J 10 -8.85 15.85 -13.79
C LYS J 10 -9.55 15.52 -12.46
N VAL J 11 -10.88 15.54 -12.48
CA VAL J 11 -11.67 15.29 -11.28
C VAL J 11 -12.39 13.95 -11.37
N CYS J 12 -12.11 13.07 -10.41
CA CYS J 12 -12.71 11.73 -10.41
C CYS J 12 -13.85 11.62 -9.41
N ALA J 13 -14.87 10.84 -9.77
CA ALA J 13 -15.99 10.58 -8.87
C ALA J 13 -16.08 9.10 -8.56
N VAL J 14 -15.90 8.75 -7.28
CA VAL J 14 -15.89 7.36 -6.87
C VAL J 14 -17.11 7.02 -6.00
N PHE J 15 -18.14 6.48 -6.64
CA PHE J 15 -19.33 6.03 -5.92
C PHE J 15 -19.00 4.80 -5.08
N GLY J 16 -19.31 4.87 -3.79
CA GLY J 16 -18.94 3.80 -2.87
C GLY J 16 -17.44 3.82 -2.63
N GLY J 17 -16.88 5.02 -2.59
CA GLY J 17 -15.45 5.20 -2.44
C GLY J 17 -14.97 5.22 -1.00
N SER J 18 -15.83 4.80 -0.09
CA SER J 18 -15.49 4.74 1.33
C SER J 18 -15.55 3.30 1.84
N ARG J 19 -15.45 2.35 0.91
CA ARG J 19 -15.59 0.94 1.25
C ARG J 19 -14.96 0.02 0.20
N GLY J 20 -14.17 -0.94 0.66
CA GLY J 20 -13.61 -1.97 -0.20
C GLY J 20 -12.81 -1.48 -1.38
N ILE J 21 -13.27 -1.83 -2.57
CA ILE J 21 -12.59 -1.46 -3.81
C ILE J 21 -12.59 0.06 -4.01
N GLY J 22 -13.74 0.67 -3.76
CA GLY J 22 -13.88 2.12 -3.90
C GLY J 22 -12.96 2.89 -2.97
N ARG J 23 -12.74 2.34 -1.78
CA ARG J 23 -11.85 2.97 -0.81
C ARG J 23 -10.41 2.91 -1.30
N ALA J 24 -10.06 1.84 -1.98
CA ALA J 24 -8.70 1.66 -2.49
C ALA J 24 -8.46 2.52 -3.73
N VAL J 25 -9.49 2.67 -4.55
CA VAL J 25 -9.39 3.50 -5.76
C VAL J 25 -9.18 4.96 -5.39
N ALA J 26 -9.99 5.46 -4.45
CA ALA J 26 -9.89 6.83 -4.00
C ALA J 26 -8.54 7.10 -3.33
N GLN J 27 -8.05 6.12 -2.57
CA GLN J 27 -6.78 6.26 -1.89
C GLN J 27 -5.62 6.28 -2.87
N LEU J 28 -5.76 5.51 -3.96
CA LEU J 28 -4.70 5.39 -4.95
C LEU J 28 -4.64 6.61 -5.87
N MET J 29 -5.79 7.10 -6.28
CA MET J 29 -5.86 8.25 -7.18
C MET J 29 -5.60 9.56 -6.44
N ALA J 30 -5.55 9.48 -5.11
CA ALA J 30 -5.29 10.65 -4.28
C ALA J 30 -3.84 11.12 -4.45
N ARG J 31 -2.90 10.21 -4.19
CA ARG J 31 -1.48 10.52 -4.29
C ARG J 31 -1.06 10.63 -5.75
N LYS J 32 -1.90 10.16 -6.66
CA LYS J 32 -1.60 10.23 -8.09
C LYS J 32 -1.72 11.66 -8.60
N GLY J 33 -2.68 12.41 -8.07
CA GLY J 33 -2.86 13.80 -8.44
C GLY J 33 -4.26 14.11 -8.94
N TYR J 34 -5.16 13.14 -8.84
CA TYR J 34 -6.54 13.31 -9.29
C TYR J 34 -7.42 13.91 -8.21
N ARG J 35 -8.30 14.83 -8.62
CA ARG J 35 -9.30 15.38 -7.70
C ARG J 35 -10.39 14.35 -7.49
N LEU J 36 -10.81 14.17 -6.24
CA LEU J 36 -11.73 13.09 -5.91
C LEU J 36 -13.01 13.59 -5.24
N ALA J 37 -14.05 12.77 -5.34
CA ALA J 37 -15.33 13.04 -4.70
C ALA J 37 -15.94 11.76 -4.14
N VAL J 38 -15.60 11.45 -2.90
CA VAL J 38 -16.01 10.21 -2.25
C VAL J 38 -17.49 10.24 -1.91
N ILE J 39 -18.25 9.40 -2.61
CA ILE J 39 -19.69 9.28 -2.41
C ILE J 39 -20.06 7.92 -1.83
N ALA J 40 -20.89 7.91 -0.79
CA ALA J 40 -21.32 6.66 -0.18
C ALA J 40 -22.77 6.71 0.25
N ARG J 41 -23.33 5.56 0.63
CA ARG J 41 -24.70 5.48 1.14
C ARG J 41 -24.83 6.26 2.44
N ASN J 42 -23.80 6.18 3.27
CA ASN J 42 -23.75 6.94 4.51
C ASN J 42 -22.83 8.14 4.39
N LEU J 43 -23.32 9.31 4.80
CA LEU J 43 -22.57 10.55 4.67
C LEU J 43 -21.36 10.61 5.59
N GLU J 44 -21.55 10.18 6.83
CA GLU J 44 -20.48 10.21 7.83
C GLU J 44 -19.33 9.28 7.45
N GLY J 45 -19.65 8.21 6.74
CA GLY J 45 -18.65 7.26 6.29
C GLY J 45 -17.76 7.84 5.20
N ALA J 46 -18.38 8.52 4.24
CA ALA J 46 -17.65 9.14 3.14
C ALA J 46 -16.91 10.39 3.62
N LYS J 47 -17.46 11.04 4.64
CA LYS J 47 -16.85 12.25 5.20
C LYS J 47 -15.57 11.92 5.96
N ALA J 48 -15.49 10.69 6.47
CA ALA J 48 -14.33 10.24 7.21
C ALA J 48 -13.27 9.66 6.28
N ALA J 49 -13.71 9.21 5.10
CA ALA J 49 -12.81 8.64 4.10
C ALA J 49 -12.07 9.75 3.35
N ALA J 50 -12.67 10.94 3.32
CA ALA J 50 -12.08 12.07 2.63
C ALA J 50 -10.90 12.63 3.43
N GLY J 51 -10.87 12.32 4.72
CA GLY J 51 -9.81 12.78 5.59
C GLY J 51 -8.49 12.09 5.30
N ASP J 52 -8.55 10.83 4.89
CA ASP J 52 -7.36 10.08 4.53
C ASP J 52 -6.76 10.58 3.21
N ASP J 56 -7.29 17.82 0.02
CA ASP J 56 -8.70 17.86 0.39
C ASP J 56 -9.59 17.36 -0.74
N HIS J 57 -10.54 16.49 -0.40
CA HIS J 57 -11.48 15.96 -1.36
C HIS J 57 -12.89 16.00 -0.80
N LEU J 58 -13.86 16.36 -1.64
CA LEU J 58 -15.25 16.52 -1.19
C LEU J 58 -15.92 15.17 -0.96
N ALA J 59 -16.83 15.14 0.00
CA ALA J 59 -17.58 13.92 0.31
C ALA J 59 -19.08 14.13 0.13
N PHE J 60 -19.77 13.12 -0.34
CA PHE J 60 -21.21 13.23 -0.61
C PHE J 60 -21.98 11.99 -0.17
N SER J 61 -23.29 12.14 -0.07
CA SER J 61 -24.18 11.03 0.30
C SER J 61 -25.21 10.79 -0.80
N CYS J 62 -25.36 9.55 -1.22
CA CYS J 62 -26.27 9.21 -2.31
C CYS J 62 -26.66 7.74 -2.33
N ASP J 63 -27.86 7.46 -2.84
CA ASP J 63 -28.31 6.10 -3.08
C ASP J 63 -28.49 5.90 -4.57
N VAL J 64 -27.69 4.99 -5.14
CA VAL J 64 -27.69 4.76 -6.57
C VAL J 64 -28.98 4.13 -7.07
N ALA J 65 -29.77 3.58 -6.14
CA ALA J 65 -31.06 2.98 -6.49
C ALA J 65 -32.08 4.05 -6.85
N LYS J 66 -31.93 5.23 -6.23
CA LYS J 66 -32.83 6.35 -6.48
C LYS J 66 -32.28 7.24 -7.59
N GLU J 67 -33.13 7.56 -8.57
CA GLU J 67 -32.73 8.42 -9.67
C GLU J 67 -32.62 9.88 -9.22
N HIS J 68 -33.45 10.25 -8.25
CA HIS J 68 -33.47 11.61 -7.74
C HIS J 68 -32.19 11.93 -6.97
N ASP J 69 -31.68 10.94 -6.26
CA ASP J 69 -30.46 11.09 -5.48
C ASP J 69 -29.25 11.28 -6.38
N VAL J 70 -29.23 10.56 -7.49
CA VAL J 70 -28.14 10.66 -8.46
C VAL J 70 -28.12 12.02 -9.13
N GLN J 71 -29.30 12.49 -9.52
CA GLN J 71 -29.44 13.81 -10.11
C GLN J 71 -29.05 14.89 -9.10
N ASN J 72 -29.43 14.68 -7.84
CA ASN J 72 -29.05 15.58 -6.76
C ASN J 72 -27.55 15.52 -6.50
N THR J 73 -26.98 14.33 -6.70
CA THR J 73 -25.55 14.12 -6.48
C THR J 73 -24.72 14.90 -7.48
N PHE J 74 -24.85 14.54 -8.75
CA PHE J 74 -24.08 15.16 -9.83
C PHE J 74 -24.27 16.66 -9.91
N GLU J 75 -25.45 17.14 -9.50
CA GLU J 75 -25.71 18.58 -9.44
C GLU J 75 -24.84 19.23 -8.38
N GLU J 76 -24.77 18.60 -7.21
CA GLU J 76 -23.95 19.09 -6.12
C GLU J 76 -22.49 18.66 -6.28
N LEU J 77 -22.29 17.64 -7.11
CA LEU J 77 -20.95 17.13 -7.38
C LEU J 77 -20.17 18.11 -8.25
N GLU J 78 -20.89 18.83 -9.10
CA GLU J 78 -20.27 19.73 -10.08
C GLU J 78 -20.44 21.19 -9.72
N LYS J 79 -21.16 21.45 -8.62
CA LYS J 79 -21.35 22.81 -8.15
C LYS J 79 -20.48 23.10 -6.93
N HIS J 80 -19.42 22.33 -6.76
CA HIS J 80 -18.53 22.49 -5.62
C HIS J 80 -17.14 21.95 -5.88
N LEU J 81 -16.93 21.33 -7.04
CA LEU J 81 -15.64 20.72 -7.36
C LEU J 81 -15.45 20.53 -8.86
N GLY J 82 -15.63 21.60 -9.61
CA GLY J 82 -15.41 21.57 -11.05
C GLY J 82 -16.32 20.60 -11.79
N ARG J 83 -15.82 20.08 -12.91
CA ARG J 83 -16.59 19.14 -13.72
C ARG J 83 -15.97 17.74 -13.65
N VAL J 84 -16.79 16.73 -13.90
CA VAL J 84 -16.34 15.33 -13.78
C VAL J 84 -15.90 14.75 -15.12
N ASN J 85 -14.67 14.24 -15.17
CA ASN J 85 -14.16 13.59 -16.36
C ASN J 85 -13.73 12.15 -16.09
N PHE J 86 -13.83 11.74 -14.83
CA PHE J 86 -13.54 10.36 -14.43
C PHE J 86 -14.63 9.84 -13.51
N LEU J 87 -15.17 8.67 -13.85
CA LEU J 87 -16.25 8.07 -13.08
C LEU J 87 -15.93 6.63 -12.71
N VAL J 88 -16.08 6.30 -11.42
CA VAL J 88 -15.85 4.95 -10.95
C VAL J 88 -17.06 4.42 -10.18
N ASN J 89 -17.64 3.34 -10.66
CA ASN J 89 -18.81 2.74 -10.00
C ASN J 89 -18.45 1.47 -9.25
N ALA J 90 -18.25 1.60 -7.95
CA ALA J 90 -17.92 0.45 -7.10
C ALA J 90 -18.95 0.26 -6.00
N ALA J 91 -20.11 0.88 -6.16
CA ALA J 91 -21.18 0.80 -5.18
C ALA J 91 -22.10 -0.39 -5.47
N GLY J 92 -21.58 -1.59 -5.27
CA GLY J 92 -22.34 -2.80 -5.52
C GLY J 92 -22.46 -3.69 -4.30
N ILE J 93 -23.59 -4.39 -4.19
CA ILE J 93 -23.81 -5.30 -3.08
C ILE J 93 -24.08 -6.71 -3.58
N ASN J 94 -24.00 -7.69 -2.69
CA ASN J 94 -24.21 -9.08 -3.05
C ASN J 94 -24.91 -9.89 -1.96
N ARG J 95 -25.49 -11.02 -2.36
CA ARG J 95 -26.08 -11.95 -1.41
C ARG J 95 -25.29 -13.24 -1.35
N ASP J 96 -25.03 -13.71 -0.13
CA ASP J 96 -24.23 -14.91 0.09
C ASP J 96 -24.89 -16.15 -0.51
N GLY J 97 -26.22 -16.16 -0.51
CA GLY J 97 -26.96 -17.26 -1.07
C GLY J 97 -28.14 -16.87 -1.94
N LEU J 98 -28.13 -17.34 -3.19
CA LEU J 98 -29.21 -17.13 -4.15
C LEU J 98 -29.77 -18.48 -4.56
N LEU J 99 -31.09 -18.62 -4.52
CA LEU J 99 -31.72 -19.89 -4.90
C LEU J 99 -33.12 -19.71 -5.47
N VAL J 100 -33.91 -20.80 -5.48
CA VAL J 100 -35.31 -20.71 -5.90
C VAL J 100 -36.16 -20.18 -4.75
N ARG J 101 -35.59 -20.18 -3.56
CA ARG J 101 -36.27 -19.64 -2.40
C ARG J 101 -35.90 -18.18 -2.16
N THR J 102 -35.18 -17.60 -3.12
CA THR J 102 -34.76 -16.20 -3.03
C THR J 102 -35.94 -15.26 -3.23
N LYS J 103 -36.16 -14.39 -2.25
CA LYS J 103 -37.20 -13.37 -2.32
C LYS J 103 -36.93 -12.40 -3.47
N THR J 104 -38.00 -11.93 -4.09
CA THR J 104 -37.88 -11.04 -5.25
C THR J 104 -37.67 -9.60 -4.84
N GLU J 105 -37.75 -9.34 -3.54
CA GLU J 105 -37.47 -8.00 -3.04
C GLU J 105 -35.99 -7.71 -3.17
N ASP J 106 -35.16 -8.73 -2.95
CA ASP J 106 -33.72 -8.58 -3.07
C ASP J 106 -33.27 -8.66 -4.53
N MET J 107 -34.09 -9.29 -5.36
CA MET J 107 -33.82 -9.32 -6.80
C MET J 107 -33.92 -7.93 -7.40
N VAL J 108 -35.00 -7.23 -7.06
CA VAL J 108 -35.19 -5.85 -7.49
C VAL J 108 -34.15 -4.94 -6.83
N SER J 109 -33.80 -5.29 -5.59
CA SER J 109 -32.82 -4.52 -4.83
C SER J 109 -31.47 -4.47 -5.55
N GLN J 110 -30.91 -5.65 -5.82
CA GLN J 110 -29.59 -5.74 -6.45
C GLN J 110 -29.61 -5.21 -7.89
N LEU J 111 -30.73 -5.41 -8.58
CA LEU J 111 -30.85 -4.95 -9.96
C LEU J 111 -30.91 -3.42 -10.06
N HIS J 112 -31.20 -2.77 -8.93
CA HIS J 112 -31.34 -1.32 -8.91
C HIS J 112 -30.07 -0.61 -8.43
N THR J 113 -29.24 -1.33 -7.69
CA THR J 113 -28.03 -0.72 -7.14
C THR J 113 -26.75 -1.19 -7.84
N ASN J 114 -26.75 -2.42 -8.34
CA ASN J 114 -25.58 -2.97 -9.01
C ASN J 114 -25.62 -2.76 -10.52
N LEU J 115 -26.83 -2.73 -11.08
CA LEU J 115 -27.00 -2.58 -12.51
C LEU J 115 -27.60 -1.22 -12.87
N LEU J 116 -28.81 -0.97 -12.39
CA LEU J 116 -29.49 0.30 -12.65
C LEU J 116 -28.75 1.47 -12.00
N GLY J 117 -28.12 1.21 -10.86
CA GLY J 117 -27.36 2.22 -10.15
C GLY J 117 -26.22 2.78 -10.97
N SER J 118 -25.54 1.90 -11.71
CA SER J 118 -24.44 2.31 -12.57
C SER J 118 -24.98 2.98 -13.84
N MET J 119 -26.18 2.57 -14.25
CA MET J 119 -26.83 3.17 -15.42
C MET J 119 -27.13 4.65 -15.17
N LEU J 120 -27.83 4.93 -14.07
CA LEU J 120 -28.20 6.28 -13.70
C LEU J 120 -26.97 7.14 -13.48
N THR J 121 -25.90 6.52 -13.00
CA THR J 121 -24.66 7.23 -12.73
C THR J 121 -23.94 7.60 -14.02
N CYS J 122 -23.81 6.63 -14.92
CA CYS J 122 -23.14 6.86 -16.20
C CYS J 122 -23.94 7.83 -17.08
N LYS J 123 -25.26 7.78 -16.97
CA LYS J 123 -26.13 8.68 -17.72
C LYS J 123 -25.94 10.13 -17.28
N ALA J 124 -25.89 10.33 -15.97
CA ALA J 124 -25.77 11.67 -15.40
C ALA J 124 -24.34 12.20 -15.49
N ALA J 125 -23.43 11.37 -15.99
CA ALA J 125 -22.04 11.76 -16.17
C ALA J 125 -21.80 12.30 -17.57
N MET J 126 -22.67 11.93 -18.50
CA MET J 126 -22.53 12.32 -19.89
C MET J 126 -22.80 13.82 -20.09
N ARG J 127 -23.48 14.43 -19.13
CA ARG J 127 -23.80 15.85 -19.19
C ARG J 127 -22.55 16.72 -19.15
N THR J 128 -21.49 16.20 -18.53
CA THR J 128 -20.23 16.94 -18.43
C THR J 128 -19.08 16.15 -19.05
N MET J 129 -19.43 15.18 -19.89
CA MET J 129 -18.43 14.39 -20.59
C MET J 129 -18.66 14.46 -22.10
N ILE J 130 -19.89 14.17 -22.52
CA ILE J 130 -20.24 14.20 -23.93
C ILE J 130 -20.36 15.65 -24.42
N GLN J 131 -20.53 16.58 -23.48
CA GLN J 131 -20.63 17.99 -23.82
C GLN J 131 -19.26 18.58 -24.12
N GLN J 132 -18.27 18.21 -23.30
CA GLN J 132 -16.91 18.70 -23.47
C GLN J 132 -16.09 17.76 -24.34
N GLN J 133 -16.71 16.65 -24.75
CA GLN J 133 -16.06 15.64 -25.57
C GLN J 133 -14.77 15.12 -24.93
N GLY J 134 -14.93 14.25 -23.93
CA GLY J 134 -13.80 13.67 -23.23
C GLY J 134 -14.17 13.12 -21.87
N GLY J 135 -13.58 11.98 -21.52
CA GLY J 135 -13.84 11.36 -20.23
C GLY J 135 -13.53 9.87 -20.21
N SER J 136 -13.60 9.27 -19.03
CA SER J 136 -13.33 7.85 -18.86
C SER J 136 -14.14 7.26 -17.71
N ILE J 137 -14.82 6.16 -17.95
CA ILE J 137 -15.66 5.54 -16.93
C ILE J 137 -15.29 4.07 -16.72
N VAL J 138 -15.19 3.67 -15.45
CA VAL J 138 -14.93 2.28 -15.11
C VAL J 138 -16.03 1.70 -14.22
N ASN J 139 -16.63 0.60 -14.69
CA ASN J 139 -17.70 -0.07 -13.96
C ASN J 139 -17.19 -1.33 -13.26
N VAL J 140 -17.06 -1.25 -11.94
CA VAL J 140 -16.55 -2.40 -11.18
C VAL J 140 -17.59 -3.53 -11.14
N GLY J 141 -17.33 -4.58 -11.92
CA GLY J 141 -18.21 -5.73 -11.96
C GLY J 141 -17.59 -6.91 -11.24
N SER J 142 -17.59 -8.07 -11.88
CA SER J 142 -17.00 -9.27 -11.32
C SER J 142 -16.82 -10.34 -12.40
N ILE J 143 -15.98 -11.33 -12.11
CA ILE J 143 -15.79 -12.46 -13.00
C ILE J 143 -17.00 -13.39 -12.89
N VAL J 144 -17.78 -13.19 -11.83
CA VAL J 144 -18.99 -13.96 -11.58
C VAL J 144 -20.09 -13.55 -12.57
N GLY J 145 -20.08 -12.27 -12.94
CA GLY J 145 -21.06 -11.76 -13.87
C GLY J 145 -20.90 -12.32 -15.27
N LEU J 146 -19.71 -12.83 -15.56
CA LEU J 146 -19.40 -13.35 -16.89
C LEU J 146 -19.60 -14.87 -16.99
N LYS J 147 -19.05 -15.60 -16.03
CA LYS J 147 -19.07 -17.06 -16.09
C LYS J 147 -20.07 -17.68 -15.13
N GLY J 148 -20.66 -16.87 -14.25
CA GLY J 148 -21.65 -17.35 -13.31
C GLY J 148 -21.05 -18.14 -12.16
N ASN J 149 -21.84 -18.34 -11.11
CA ASN J 149 -21.41 -19.09 -9.93
C ASN J 149 -22.60 -19.63 -9.15
N SER J 150 -22.46 -20.85 -8.65
CA SER J 150 -23.52 -21.49 -7.87
C SER J 150 -23.69 -20.81 -6.52
N GLY J 151 -24.84 -20.18 -6.31
CA GLY J 151 -25.13 -19.48 -5.08
C GLY J 151 -25.22 -17.99 -5.25
N GLN J 152 -24.65 -17.49 -6.34
CA GLN J 152 -24.68 -16.07 -6.66
C GLN J 152 -25.38 -15.83 -7.99
N SER J 153 -26.62 -16.30 -8.09
CA SER J 153 -27.41 -16.19 -9.32
C SER J 153 -27.84 -14.76 -9.59
N VAL J 154 -28.37 -14.10 -8.57
CA VAL J 154 -28.86 -12.73 -8.70
C VAL J 154 -27.71 -11.76 -8.96
N TYR J 155 -26.60 -11.97 -8.25
CA TYR J 155 -25.43 -11.10 -8.39
C TYR J 155 -24.77 -11.28 -9.76
N SER J 156 -24.96 -12.45 -10.35
CA SER J 156 -24.40 -12.73 -11.67
C SER J 156 -25.20 -12.03 -12.77
N ALA J 157 -26.46 -11.71 -12.46
CA ALA J 157 -27.34 -11.06 -13.43
C ALA J 157 -27.08 -9.55 -13.48
N SER J 158 -26.97 -8.94 -12.32
CA SER J 158 -26.74 -7.49 -12.23
C SER J 158 -25.37 -7.11 -12.77
N LYS J 159 -24.35 -7.88 -12.38
CA LYS J 159 -22.99 -7.64 -12.83
C LYS J 159 -22.77 -8.16 -14.25
N GLY J 160 -23.66 -9.04 -14.69
CA GLY J 160 -23.56 -9.62 -16.02
C GLY J 160 -23.99 -8.66 -17.11
N GLY J 161 -25.07 -7.93 -16.87
CA GLY J 161 -25.57 -6.95 -17.81
C GLY J 161 -24.72 -5.70 -17.81
N LEU J 162 -23.92 -5.54 -16.75
CA LEU J 162 -23.05 -4.38 -16.62
C LEU J 162 -21.98 -4.38 -17.71
N VAL J 163 -21.65 -5.57 -18.21
CA VAL J 163 -20.67 -5.72 -19.27
C VAL J 163 -21.24 -5.27 -20.62
N GLY J 164 -22.41 -5.81 -20.97
CA GLY J 164 -23.07 -5.48 -22.21
C GLY J 164 -23.49 -4.02 -22.27
N PHE J 165 -23.84 -3.47 -21.11
CA PHE J 165 -24.24 -2.07 -21.02
C PHE J 165 -23.06 -1.13 -21.28
N SER J 166 -21.94 -1.42 -20.64
CA SER J 166 -20.75 -0.58 -20.77
C SER J 166 -20.21 -0.57 -22.19
N ARG J 167 -20.23 -1.73 -22.83
CA ARG J 167 -19.77 -1.84 -24.21
C ARG J 167 -20.71 -1.11 -25.17
N ALA J 168 -22.01 -1.27 -24.95
CA ALA J 168 -23.01 -0.62 -25.79
C ALA J 168 -22.94 0.90 -25.63
N LEU J 169 -22.53 1.35 -24.45
CA LEU J 169 -22.36 2.77 -24.18
C LEU J 169 -21.02 3.28 -24.68
N ALA J 170 -20.01 2.42 -24.60
CA ALA J 170 -18.66 2.78 -25.04
C ALA J 170 -18.62 3.12 -26.52
N LYS J 171 -19.22 2.26 -27.34
CA LYS J 171 -19.22 2.45 -28.79
C LYS J 171 -20.23 3.50 -29.23
N GLU J 172 -21.16 3.81 -28.34
CA GLU J 172 -22.19 4.81 -28.63
C GLU J 172 -21.64 6.22 -28.50
N VAL J 173 -20.74 6.41 -27.55
CA VAL J 173 -20.24 7.74 -27.22
C VAL J 173 -18.73 7.81 -27.45
N ALA J 174 -18.20 6.82 -28.17
CA ALA J 174 -16.77 6.76 -28.46
C ALA J 174 -16.26 7.97 -29.24
N ARG J 175 -17.09 8.46 -30.17
CA ARG J 175 -16.72 9.60 -30.99
C ARG J 175 -16.68 10.89 -30.18
N LYS J 176 -17.21 10.84 -28.96
CA LYS J 176 -17.16 11.97 -28.05
C LYS J 176 -15.95 11.84 -27.12
N LYS J 177 -14.97 11.05 -27.56
CA LYS J 177 -13.72 10.84 -26.82
C LYS J 177 -13.96 10.33 -25.40
N ILE J 178 -14.93 9.44 -25.24
CA ILE J 178 -15.25 8.89 -23.94
C ILE J 178 -15.05 7.38 -23.90
N ARG J 179 -14.30 6.92 -22.91
CA ARG J 179 -14.01 5.49 -22.77
C ARG J 179 -14.74 4.87 -21.59
N VAL J 180 -15.48 3.80 -21.85
CA VAL J 180 -16.23 3.11 -20.81
C VAL J 180 -15.74 1.66 -20.69
N ASN J 181 -15.18 1.31 -19.53
CA ASN J 181 -14.62 -0.01 -19.31
C ASN J 181 -15.18 -0.70 -18.07
N VAL J 182 -14.83 -1.97 -17.90
CA VAL J 182 -15.29 -2.77 -16.78
C VAL J 182 -14.18 -3.62 -16.18
N VAL J 183 -14.01 -3.52 -14.87
CA VAL J 183 -13.09 -4.41 -14.16
C VAL J 183 -13.87 -5.61 -13.64
N ALA J 184 -13.31 -6.80 -13.82
CA ALA J 184 -13.97 -8.02 -13.38
C ALA J 184 -13.13 -8.80 -12.38
N PRO J 185 -13.15 -8.37 -11.10
CA PRO J 185 -12.40 -9.05 -10.04
C PRO J 185 -13.01 -10.39 -9.67
N GLY J 186 -12.21 -11.30 -9.15
CA GLY J 186 -12.69 -12.61 -8.74
C GLY J 186 -13.03 -12.64 -7.27
N PHE J 187 -12.09 -13.12 -6.46
CA PHE J 187 -12.29 -13.19 -5.01
C PHE J 187 -11.27 -12.32 -4.28
N VAL J 188 -11.76 -11.48 -3.38
CA VAL J 188 -10.90 -10.57 -2.63
C VAL J 188 -11.20 -10.62 -1.13
N HIS J 189 -10.34 -9.99 -0.34
CA HIS J 189 -10.51 -9.93 1.11
C HIS J 189 -11.32 -8.72 1.52
N THR J 190 -12.58 -8.95 1.88
CA THR J 190 -13.48 -7.88 2.31
C THR J 190 -14.10 -8.20 3.66
N GLU J 198 -13.04 -20.51 0.51
CA GLU J 198 -12.27 -20.24 1.72
C GLU J 198 -10.78 -20.51 1.50
N GLU J 199 -10.29 -21.61 2.06
CA GLU J 199 -8.89 -21.96 1.94
C GLU J 199 -8.68 -23.02 0.87
N HIS J 200 -9.65 -23.93 0.75
CA HIS J 200 -9.57 -25.01 -0.23
C HIS J 200 -9.71 -24.50 -1.65
N LEU J 201 -10.63 -23.56 -1.86
CA LEU J 201 -10.86 -22.97 -3.17
C LEU J 201 -9.70 -22.05 -3.55
N LYS J 202 -9.11 -21.41 -2.54
CA LYS J 202 -7.99 -20.50 -2.76
C LYS J 202 -6.76 -21.27 -3.23
N LYS J 203 -6.67 -22.54 -2.86
CA LYS J 203 -5.55 -23.39 -3.24
C LYS J 203 -5.57 -23.70 -4.74
N ASN J 204 -6.78 -23.86 -5.28
CA ASN J 204 -6.94 -24.14 -6.71
C ASN J 204 -6.55 -22.95 -7.58
N ILE J 205 -6.73 -21.75 -7.05
CA ILE J 205 -6.34 -20.53 -7.74
C ILE J 205 -4.84 -20.56 -8.04
N PRO J 206 -4.47 -20.30 -9.30
CA PRO J 206 -3.07 -20.30 -9.76
C PRO J 206 -2.13 -19.53 -8.84
N LEU J 207 -2.53 -18.32 -8.43
CA LEU J 207 -1.69 -17.52 -7.54
C LEU J 207 -1.80 -17.99 -6.09
N GLY J 208 -2.80 -18.83 -5.82
CA GLY J 208 -2.96 -19.45 -4.51
C GLY J 208 -3.45 -18.53 -3.42
N ARG J 209 -3.88 -17.33 -3.79
CA ARG J 209 -4.32 -16.36 -2.80
C ARG J 209 -5.49 -15.52 -3.31
N PHE J 210 -6.18 -14.84 -2.40
CA PHE J 210 -7.21 -13.89 -2.77
C PHE J 210 -6.59 -12.53 -3.03
N GLY J 211 -7.07 -11.84 -4.07
CA GLY J 211 -6.51 -10.56 -4.45
C GLY J 211 -6.81 -9.46 -3.44
N GLU J 212 -5.94 -8.46 -3.40
CA GLU J 212 -6.15 -7.31 -2.53
C GLU J 212 -6.96 -6.23 -3.25
N THR J 213 -7.56 -5.34 -2.48
CA THR J 213 -8.37 -4.26 -3.05
C THR J 213 -7.51 -3.29 -3.84
N ILE J 214 -6.25 -3.14 -3.43
CA ILE J 214 -5.32 -2.27 -4.11
C ILE J 214 -4.89 -2.84 -5.45
N GLU J 215 -4.91 -4.18 -5.55
CA GLU J 215 -4.57 -4.85 -6.80
C GLU J 215 -5.70 -4.69 -7.80
N VAL J 216 -6.92 -4.54 -7.30
CA VAL J 216 -8.08 -4.31 -8.15
C VAL J 216 -8.18 -2.83 -8.50
N ALA J 217 -7.83 -1.98 -7.54
CA ALA J 217 -7.88 -0.53 -7.73
C ALA J 217 -6.90 -0.07 -8.80
N HIS J 218 -5.74 -0.71 -8.87
CA HIS J 218 -4.72 -0.37 -9.86
C HIS J 218 -5.20 -0.69 -11.27
N ALA J 219 -6.06 -1.70 -11.38
CA ALA J 219 -6.65 -2.07 -12.66
C ALA J 219 -7.67 -1.03 -13.09
N VAL J 220 -8.36 -0.45 -12.11
CA VAL J 220 -9.34 0.59 -12.37
C VAL J 220 -8.65 1.84 -12.92
N VAL J 221 -7.58 2.25 -12.26
CA VAL J 221 -6.81 3.43 -12.69
C VAL J 221 -6.17 3.20 -14.05
N PHE J 222 -5.72 1.97 -14.28
CA PHE J 222 -5.09 1.60 -15.55
C PHE J 222 -6.06 1.78 -16.72
N LEU J 223 -7.33 1.44 -16.51
CA LEU J 223 -8.34 1.59 -17.54
C LEU J 223 -8.72 3.05 -17.73
N LEU J 224 -8.52 3.84 -16.67
CA LEU J 224 -8.83 5.27 -16.71
C LEU J 224 -7.70 6.05 -17.36
N GLU J 225 -6.50 5.47 -17.39
CA GLU J 225 -5.33 6.16 -17.91
C GLU J 225 -4.88 5.60 -19.27
N SER J 226 -5.54 4.55 -19.72
CA SER J 226 -5.24 3.97 -21.03
C SER J 226 -6.12 4.61 -22.10
N PRO J 227 -5.51 5.42 -22.98
CA PRO J 227 -6.24 6.23 -23.96
C PRO J 227 -6.76 5.44 -25.16
N TYR J 228 -6.47 4.15 -25.23
CA TYR J 228 -6.92 3.34 -26.36
C TYR J 228 -7.66 2.10 -25.91
N ILE J 229 -8.16 2.11 -24.68
CA ILE J 229 -8.93 1.00 -24.15
C ILE J 229 -10.35 1.43 -23.79
N THR J 230 -11.32 0.94 -24.55
CA THR J 230 -12.72 1.21 -24.27
C THR J 230 -13.58 -0.02 -24.54
N GLY J 231 -14.59 -0.23 -23.69
CA GLY J 231 -15.48 -1.37 -23.83
C GLY J 231 -14.78 -2.70 -23.56
N HIS J 232 -13.68 -2.64 -22.83
CA HIS J 232 -12.91 -3.84 -22.51
C HIS J 232 -13.19 -4.30 -21.08
N VAL J 233 -13.16 -5.61 -20.88
CA VAL J 233 -13.35 -6.20 -19.56
C VAL J 233 -12.04 -6.76 -19.02
N LEU J 234 -11.35 -5.96 -18.21
CA LEU J 234 -10.10 -6.40 -17.61
C LEU J 234 -10.36 -7.16 -16.31
N VAL J 235 -10.06 -8.45 -16.31
CA VAL J 235 -10.33 -9.28 -15.15
C VAL J 235 -9.10 -9.36 -14.24
N VAL J 236 -9.37 -9.41 -12.93
CA VAL J 236 -8.31 -9.56 -11.93
C VAL J 236 -8.70 -10.66 -10.96
N ASP J 237 -8.46 -11.90 -11.35
CA ASP J 237 -8.88 -13.05 -10.56
C ASP J 237 -7.72 -14.02 -10.28
N GLY J 238 -6.54 -13.68 -10.80
CA GLY J 238 -5.36 -14.49 -10.58
C GLY J 238 -5.44 -15.85 -11.24
N GLY J 239 -6.04 -15.91 -12.42
CA GLY J 239 -6.13 -17.14 -13.18
C GLY J 239 -7.31 -18.01 -12.78
N LEU J 240 -8.25 -17.43 -12.05
CA LEU J 240 -9.46 -18.14 -11.63
C LEU J 240 -10.36 -18.41 -12.83
N GLN J 241 -10.22 -17.59 -13.87
CA GLN J 241 -11.06 -17.66 -15.07
C GLN J 241 -10.96 -19.02 -15.76
N LEU J 242 -9.81 -19.67 -15.63
CA LEU J 242 -9.58 -20.95 -16.31
C LEU J 242 -9.86 -22.14 -15.39
N ILE J 243 -10.74 -21.95 -14.42
CA ILE J 243 -11.08 -23.01 -13.48
C ILE J 243 -12.59 -23.24 -13.40
N LEU J 244 -13.33 -22.20 -13.08
CA LEU J 244 -14.78 -22.29 -12.95
C LEU J 244 -15.48 -21.89 -14.25
N LYS K 10 -44.26 -34.44 -23.03
CA LYS K 10 -43.28 -33.41 -23.36
C LYS K 10 -43.96 -32.08 -23.68
N VAL K 11 -44.18 -31.26 -22.65
CA VAL K 11 -44.80 -29.96 -22.83
C VAL K 11 -43.76 -28.85 -22.86
N CYS K 12 -44.17 -27.67 -23.32
CA CYS K 12 -43.26 -26.53 -23.41
C CYS K 12 -43.96 -25.23 -23.04
N ALA K 13 -43.19 -24.28 -22.53
CA ALA K 13 -43.72 -22.98 -22.14
C ALA K 13 -42.93 -21.85 -22.76
N VAL K 14 -43.50 -21.22 -23.78
CA VAL K 14 -42.82 -20.13 -24.49
C VAL K 14 -43.41 -18.78 -24.14
N PHE K 15 -42.65 -17.97 -23.41
CA PHE K 15 -43.06 -16.63 -23.06
C PHE K 15 -42.69 -15.64 -24.16
N GLY K 16 -43.69 -14.95 -24.69
CA GLY K 16 -43.49 -14.07 -25.82
C GLY K 16 -43.61 -14.83 -27.13
N GLY K 17 -44.37 -15.93 -27.09
CA GLY K 17 -44.56 -16.77 -28.25
C GLY K 17 -45.67 -16.28 -29.17
N SER K 18 -45.69 -14.98 -29.41
CA SER K 18 -46.69 -14.37 -30.28
C SER K 18 -46.05 -13.33 -31.19
N ARG K 19 -44.75 -13.12 -31.01
CA ARG K 19 -44.02 -12.12 -31.78
C ARG K 19 -42.55 -12.51 -31.99
N GLY K 20 -42.13 -12.53 -33.25
CA GLY K 20 -40.74 -12.77 -33.59
C GLY K 20 -40.25 -14.17 -33.34
N ILE K 21 -39.13 -14.27 -32.64
CA ILE K 21 -38.46 -15.56 -32.40
C ILE K 21 -39.33 -16.50 -31.56
N GLY K 22 -40.00 -15.95 -30.55
CA GLY K 22 -40.85 -16.73 -29.68
C GLY K 22 -41.99 -17.40 -30.41
N ARG K 23 -42.56 -16.68 -31.38
CA ARG K 23 -43.65 -17.21 -32.18
C ARG K 23 -43.18 -18.31 -33.11
N ALA K 24 -41.90 -18.28 -33.45
CA ALA K 24 -41.31 -19.27 -34.36
C ALA K 24 -40.86 -20.51 -33.61
N VAL K 25 -40.40 -20.34 -32.38
CA VAL K 25 -40.01 -21.47 -31.55
C VAL K 25 -41.22 -22.36 -31.28
N ALA K 26 -42.35 -21.72 -30.97
CA ALA K 26 -43.60 -22.44 -30.78
C ALA K 26 -44.09 -23.01 -32.11
N GLN K 27 -43.75 -22.34 -33.19
CA GLN K 27 -44.16 -22.78 -34.53
C GLN K 27 -43.36 -24.00 -34.98
N LEU K 28 -42.12 -24.08 -34.52
CA LEU K 28 -41.23 -25.17 -34.92
C LEU K 28 -41.44 -26.42 -34.06
N MET K 29 -41.56 -26.22 -32.75
CA MET K 29 -41.71 -27.33 -31.82
C MET K 29 -43.10 -27.94 -31.89
N ALA K 30 -44.03 -27.20 -32.48
CA ALA K 30 -45.39 -27.72 -32.68
C ALA K 30 -45.39 -28.83 -33.72
N ARG K 31 -44.65 -28.62 -34.80
CA ARG K 31 -44.52 -29.61 -35.85
C ARG K 31 -43.70 -30.80 -35.39
N LYS K 32 -42.84 -30.56 -34.40
CA LYS K 32 -42.00 -31.61 -33.84
C LYS K 32 -42.82 -32.61 -33.03
N GLY K 33 -43.94 -32.15 -32.48
CA GLY K 33 -44.83 -33.00 -31.72
C GLY K 33 -44.87 -32.67 -30.24
N TYR K 34 -44.95 -31.37 -29.94
CA TYR K 34 -44.99 -30.92 -28.55
C TYR K 34 -46.31 -30.21 -28.24
N ARG K 35 -46.68 -30.21 -26.96
CA ARG K 35 -47.84 -29.47 -26.49
C ARG K 35 -47.37 -28.21 -25.78
N LEU K 36 -47.26 -27.11 -26.52
CA LEU K 36 -46.66 -25.89 -26.00
C LEU K 36 -47.69 -24.96 -25.37
N ALA K 37 -47.20 -24.06 -24.51
CA ALA K 37 -48.04 -23.07 -23.86
C ALA K 37 -47.64 -21.66 -24.31
N VAL K 38 -48.56 -20.96 -24.96
CA VAL K 38 -48.28 -19.63 -25.48
C VAL K 38 -48.64 -18.55 -24.46
N ILE K 39 -47.62 -17.99 -23.81
CA ILE K 39 -47.83 -16.93 -22.84
C ILE K 39 -47.28 -15.60 -23.36
N ALA K 40 -48.13 -14.57 -23.36
CA ALA K 40 -47.73 -13.26 -23.85
C ALA K 40 -48.43 -12.15 -23.08
N ARG K 41 -48.07 -10.91 -23.40
CA ARG K 41 -48.66 -9.74 -22.73
C ARG K 41 -50.11 -9.55 -23.14
N ASN K 42 -50.38 -9.68 -24.43
CA ASN K 42 -51.73 -9.52 -24.96
C ASN K 42 -52.44 -10.87 -25.11
N LEU K 43 -53.71 -10.91 -24.74
CA LEU K 43 -54.49 -12.14 -24.82
C LEU K 43 -54.87 -12.47 -26.25
N GLU K 44 -55.03 -11.44 -27.07
CA GLU K 44 -55.39 -11.62 -28.47
C GLU K 44 -54.21 -12.12 -29.29
N GLY K 45 -53.01 -11.72 -28.90
CA GLY K 45 -51.79 -12.12 -29.59
C GLY K 45 -51.41 -13.55 -29.30
N ALA K 46 -51.59 -13.97 -28.05
CA ALA K 46 -51.25 -15.33 -27.64
C ALA K 46 -52.19 -16.36 -28.26
N LYS K 47 -53.41 -15.92 -28.56
CA LYS K 47 -54.42 -16.80 -29.16
C LYS K 47 -54.25 -16.86 -30.67
N ALA K 48 -53.65 -15.82 -31.24
CA ALA K 48 -53.44 -15.75 -32.68
C ALA K 48 -52.31 -16.69 -33.11
N ALA K 49 -51.37 -16.95 -32.21
CA ALA K 49 -50.25 -17.83 -32.49
C ALA K 49 -50.57 -19.26 -32.08
N ALA K 50 -51.45 -19.41 -31.10
CA ALA K 50 -51.82 -20.74 -30.62
C ALA K 50 -52.93 -21.35 -31.47
N GLY K 51 -53.33 -20.63 -32.52
CA GLY K 51 -54.34 -21.12 -33.44
C GLY K 51 -53.83 -22.25 -34.32
N ASP K 52 -52.51 -22.44 -34.33
CA ASP K 52 -51.90 -23.52 -35.09
C ASP K 52 -51.33 -24.60 -34.17
N LEU K 53 -51.75 -25.84 -34.41
CA LEU K 53 -51.31 -27.01 -33.64
C LEU K 53 -51.57 -26.86 -32.14
N GLY K 54 -50.49 -26.93 -31.36
CA GLY K 54 -50.59 -26.86 -29.91
C GLY K 54 -51.13 -25.55 -29.40
N GLY K 55 -52.05 -25.62 -28.44
CA GLY K 55 -52.64 -24.43 -27.87
C GLY K 55 -54.13 -24.33 -28.14
N ALA K 59 -53.11 -21.03 -25.17
CA ALA K 59 -52.80 -19.61 -25.02
C ALA K 59 -52.96 -19.15 -23.59
N PHE K 60 -51.93 -18.48 -23.06
CA PHE K 60 -51.96 -17.98 -21.69
C PHE K 60 -51.63 -16.50 -21.64
N SER K 61 -51.92 -15.87 -20.50
CA SER K 61 -51.73 -14.44 -20.36
C SER K 61 -50.78 -14.09 -19.22
N CYS K 62 -49.78 -13.27 -19.52
CA CYS K 62 -48.83 -12.79 -18.52
C CYS K 62 -48.17 -11.50 -18.98
N ASP K 63 -48.33 -10.45 -18.20
CA ASP K 63 -47.83 -9.13 -18.57
C ASP K 63 -46.78 -8.63 -17.59
N VAL K 64 -45.75 -7.99 -18.13
CA VAL K 64 -44.66 -7.40 -17.35
C VAL K 64 -43.91 -8.42 -16.49
N ALA K 65 -44.34 -9.68 -16.54
CA ALA K 65 -43.64 -10.78 -15.88
C ALA K 65 -43.46 -10.50 -14.39
N LYS K 66 -44.56 -10.17 -13.73
CA LYS K 66 -44.56 -9.89 -12.30
C LYS K 66 -44.52 -11.21 -11.56
N GLU K 67 -43.98 -11.20 -10.34
CA GLU K 67 -43.77 -12.44 -9.59
C GLU K 67 -45.07 -13.21 -9.38
N HIS K 68 -46.10 -12.51 -8.91
CA HIS K 68 -47.40 -13.13 -8.68
C HIS K 68 -48.12 -13.43 -9.99
N ASP K 69 -47.88 -12.62 -11.01
CA ASP K 69 -48.48 -12.83 -12.33
C ASP K 69 -47.87 -14.04 -13.02
N VAL K 70 -46.56 -14.14 -12.97
CA VAL K 70 -45.85 -15.29 -13.55
C VAL K 70 -46.17 -16.56 -12.77
N GLN K 71 -46.35 -16.43 -11.45
CA GLN K 71 -46.66 -17.58 -10.62
C GLN K 71 -48.08 -18.07 -10.89
N ASN K 72 -48.99 -17.13 -11.13
CA ASN K 72 -50.36 -17.47 -11.46
C ASN K 72 -50.45 -18.09 -12.85
N THR K 73 -49.53 -17.69 -13.73
CA THR K 73 -49.45 -18.25 -15.07
C THR K 73 -48.86 -19.66 -15.02
N PHE K 74 -47.83 -19.82 -14.21
CA PHE K 74 -47.20 -21.13 -14.02
C PHE K 74 -48.15 -22.10 -13.33
N GLU K 75 -48.96 -21.58 -12.42
CA GLU K 75 -49.93 -22.40 -11.70
C GLU K 75 -51.06 -22.82 -12.62
N GLU K 76 -51.33 -22.00 -13.63
CA GLU K 76 -52.37 -22.30 -14.62
C GLU K 76 -51.83 -23.25 -15.68
N LEU K 77 -50.51 -23.38 -15.75
CA LEU K 77 -49.88 -24.28 -16.70
C LEU K 77 -50.06 -25.73 -16.25
N GLU K 78 -49.99 -25.96 -14.94
CA GLU K 78 -50.20 -27.29 -14.38
C GLU K 78 -51.68 -27.58 -14.21
N LYS K 79 -52.50 -26.56 -14.46
CA LYS K 79 -53.95 -26.70 -14.36
C LYS K 79 -54.58 -27.00 -15.72
N HIS K 80 -53.74 -27.38 -16.68
CA HIS K 80 -54.21 -27.73 -18.02
C HIS K 80 -53.28 -28.74 -18.68
N LEU K 81 -51.98 -28.44 -18.68
CA LEU K 81 -50.99 -29.31 -19.31
C LEU K 81 -50.47 -30.35 -18.33
N GLY K 82 -49.94 -29.88 -17.20
CA GLY K 82 -49.39 -30.77 -16.19
C GLY K 82 -47.96 -30.40 -15.83
N ARG K 83 -47.01 -31.19 -16.29
CA ARG K 83 -45.59 -30.94 -16.03
C ARG K 83 -44.90 -30.43 -17.28
N VAL K 84 -44.33 -29.22 -17.19
CA VAL K 84 -43.62 -28.62 -18.31
C VAL K 84 -42.14 -28.95 -18.29
N ASN K 85 -41.69 -29.69 -19.30
CA ASN K 85 -40.29 -30.09 -19.40
C ASN K 85 -39.41 -28.98 -19.95
N PHE K 86 -39.99 -28.12 -20.78
CA PHE K 86 -39.23 -27.07 -21.45
C PHE K 86 -39.81 -25.68 -21.19
N LEU K 87 -38.92 -24.73 -20.94
CA LEU K 87 -39.33 -23.34 -20.73
C LEU K 87 -38.51 -22.41 -21.62
N VAL K 88 -39.21 -21.58 -22.39
CA VAL K 88 -38.55 -20.68 -23.32
C VAL K 88 -38.84 -19.22 -23.01
N ASN K 89 -37.78 -18.46 -22.72
CA ASN K 89 -37.92 -17.04 -22.43
C ASN K 89 -37.52 -16.17 -23.62
N ALA K 90 -38.47 -15.93 -24.52
CA ALA K 90 -38.22 -15.12 -25.71
C ALA K 90 -38.95 -13.79 -25.62
N ALA K 91 -39.69 -13.58 -24.54
CA ALA K 91 -40.41 -12.32 -24.33
C ALA K 91 -39.44 -11.19 -24.01
N GLY K 92 -39.78 -9.98 -24.43
CA GLY K 92 -38.95 -8.82 -24.18
C GLY K 92 -39.31 -7.61 -25.02
N ILE K 93 -39.23 -6.44 -24.40
CA ILE K 93 -39.49 -5.18 -25.09
C ILE K 93 -38.21 -4.36 -25.19
N ASN K 94 -38.19 -3.40 -26.11
CA ASN K 94 -37.01 -2.57 -26.30
C ASN K 94 -37.30 -1.21 -26.91
N ARG K 95 -36.79 -0.15 -26.28
CA ARG K 95 -36.87 1.20 -26.83
C ARG K 95 -35.47 1.69 -27.17
N ASP K 96 -35.18 1.79 -28.46
CA ASP K 96 -33.86 2.21 -28.92
C ASP K 96 -33.71 3.73 -28.89
N GLY K 97 -32.71 4.21 -28.15
CA GLY K 97 -32.46 5.62 -28.04
C GLY K 97 -31.21 5.93 -27.23
N LEU K 98 -30.79 7.19 -27.24
CA LEU K 98 -29.61 7.61 -26.51
C LEU K 98 -29.83 7.52 -25.00
N LEU K 99 -28.76 7.24 -24.26
CA LEU K 99 -28.85 7.09 -22.81
C LEU K 99 -29.21 8.41 -22.13
N VAL K 100 -28.72 9.52 -22.69
CA VAL K 100 -29.01 10.85 -22.15
C VAL K 100 -30.47 11.22 -22.34
N ARG K 101 -31.09 10.66 -23.38
CA ARG K 101 -32.49 10.93 -23.67
C ARG K 101 -33.37 9.74 -23.34
N THR K 102 -32.89 8.91 -22.42
CA THR K 102 -33.65 7.73 -22.00
C THR K 102 -34.29 7.96 -20.63
N LYS K 103 -35.61 7.79 -20.58
CA LYS K 103 -36.35 7.96 -19.35
C LYS K 103 -36.01 6.86 -18.34
N THR K 104 -36.00 7.22 -17.06
CA THR K 104 -35.72 6.26 -16.00
C THR K 104 -36.80 5.19 -15.95
N GLU K 105 -38.03 5.60 -16.25
CA GLU K 105 -39.16 4.67 -16.28
C GLU K 105 -38.97 3.63 -17.39
N ASP K 106 -38.35 4.05 -18.48
CA ASP K 106 -38.08 3.14 -19.60
C ASP K 106 -36.91 2.22 -19.29
N MET K 107 -35.96 2.71 -18.49
CA MET K 107 -34.81 1.93 -18.10
C MET K 107 -35.22 0.80 -17.15
N VAL K 108 -36.12 1.12 -16.21
CA VAL K 108 -36.59 0.14 -15.24
C VAL K 108 -37.53 -0.88 -15.88
N SER K 109 -38.38 -0.40 -16.79
CA SER K 109 -39.37 -1.26 -17.46
C SER K 109 -38.68 -2.35 -18.28
N GLN K 110 -37.63 -1.97 -19.01
CA GLN K 110 -36.86 -2.93 -19.79
C GLN K 110 -36.05 -3.84 -18.87
N LEU K 111 -35.70 -3.32 -17.70
CA LEU K 111 -34.91 -4.08 -16.73
C LEU K 111 -35.73 -5.18 -16.09
N HIS K 112 -37.01 -4.90 -15.88
CA HIS K 112 -37.91 -5.87 -15.25
C HIS K 112 -38.46 -6.89 -16.25
N THR K 113 -38.91 -6.40 -17.39
CA THR K 113 -39.56 -7.24 -18.40
C THR K 113 -38.59 -8.23 -19.05
N ASN K 114 -37.40 -7.74 -19.40
CA ASN K 114 -36.43 -8.56 -20.13
C ASN K 114 -35.53 -9.40 -19.22
N LEU K 115 -35.02 -8.79 -18.16
CA LEU K 115 -34.06 -9.47 -17.28
C LEU K 115 -34.74 -10.13 -16.08
N LEU K 116 -35.44 -9.34 -15.29
CA LEU K 116 -36.14 -9.85 -14.11
C LEU K 116 -37.23 -10.84 -14.51
N GLY K 117 -37.75 -10.66 -15.72
CA GLY K 117 -38.78 -11.55 -16.24
C GLY K 117 -38.34 -12.98 -16.37
N SER K 118 -37.13 -13.16 -16.90
CA SER K 118 -36.57 -14.49 -17.09
C SER K 118 -36.19 -15.10 -15.75
N MET K 119 -35.67 -14.28 -14.84
CA MET K 119 -35.29 -14.75 -13.51
C MET K 119 -36.50 -15.22 -12.70
N LEU K 120 -37.65 -14.60 -12.94
CA LEU K 120 -38.88 -14.99 -12.25
C LEU K 120 -39.48 -16.23 -12.89
N THR K 121 -39.31 -16.38 -14.20
CA THR K 121 -39.79 -17.56 -14.91
C THR K 121 -38.98 -18.79 -14.57
N CYS K 122 -37.65 -18.63 -14.57
CA CYS K 122 -36.74 -19.75 -14.30
C CYS K 122 -36.91 -20.29 -12.88
N LYS K 123 -37.09 -19.40 -11.91
CA LYS K 123 -37.22 -19.81 -10.52
C LYS K 123 -38.59 -20.44 -10.26
N ALA K 124 -39.57 -20.07 -11.07
CA ALA K 124 -40.93 -20.59 -10.91
C ALA K 124 -41.02 -22.02 -11.46
N ALA K 125 -40.14 -22.34 -12.39
CA ALA K 125 -40.14 -23.67 -13.00
C ALA K 125 -39.27 -24.63 -12.21
N MET K 126 -38.55 -24.11 -11.22
CA MET K 126 -37.64 -24.93 -10.43
C MET K 126 -38.36 -25.91 -9.51
N ARG K 127 -39.56 -25.53 -9.08
CA ARG K 127 -40.34 -26.38 -8.18
C ARG K 127 -40.97 -27.56 -8.92
N THR K 128 -41.36 -27.34 -10.17
CA THR K 128 -42.06 -28.35 -10.95
C THR K 128 -41.11 -29.21 -11.78
N MET K 129 -39.84 -28.81 -11.84
CA MET K 129 -38.86 -29.53 -12.65
C MET K 129 -38.06 -30.54 -11.83
N ILE K 130 -38.43 -30.71 -10.56
CA ILE K 130 -37.80 -31.72 -9.72
C ILE K 130 -38.50 -33.05 -9.95
N GLN K 131 -38.25 -33.64 -11.11
CA GLN K 131 -38.90 -34.90 -11.49
C GLN K 131 -37.93 -35.83 -12.23
N GLY K 135 -35.63 -31.03 -16.39
CA GLY K 135 -36.17 -30.14 -17.40
C GLY K 135 -35.09 -29.45 -18.21
N SER K 136 -35.50 -28.61 -19.15
CA SER K 136 -34.56 -27.88 -20.00
C SER K 136 -35.00 -26.44 -20.19
N ILE K 137 -34.08 -25.51 -19.97
CA ILE K 137 -34.40 -24.08 -20.06
C ILE K 137 -33.54 -23.39 -21.11
N VAL K 138 -34.16 -22.53 -21.91
CA VAL K 138 -33.43 -21.73 -22.90
C VAL K 138 -33.82 -20.26 -22.81
N ASN K 139 -32.84 -19.41 -22.51
CA ASN K 139 -33.08 -17.97 -22.43
C ASN K 139 -32.65 -17.25 -23.70
N VAL K 140 -33.58 -16.54 -24.32
CA VAL K 140 -33.30 -15.84 -25.57
C VAL K 140 -32.84 -14.42 -25.31
N GLY K 141 -31.58 -14.14 -25.63
CA GLY K 141 -31.03 -12.81 -25.49
C GLY K 141 -30.70 -12.21 -26.83
N SER K 142 -29.47 -11.72 -26.98
CA SER K 142 -29.02 -11.14 -28.24
C SER K 142 -27.50 -11.07 -28.29
N ILE K 143 -26.97 -10.86 -29.49
CA ILE K 143 -25.53 -10.73 -29.68
C ILE K 143 -25.05 -9.38 -29.16
N VAL K 144 -25.98 -8.43 -29.07
CA VAL K 144 -25.66 -7.11 -28.56
C VAL K 144 -25.67 -7.09 -27.03
N GLY K 145 -26.06 -8.22 -26.45
CA GLY K 145 -26.04 -8.37 -25.00
C GLY K 145 -24.65 -8.72 -24.51
N LEU K 146 -23.81 -9.18 -25.45
CA LEU K 146 -22.45 -9.59 -25.13
C LEU K 146 -21.43 -8.57 -25.62
N LYS K 147 -21.65 -8.05 -26.82
CA LYS K 147 -20.69 -7.15 -27.45
C LYS K 147 -21.15 -5.70 -27.41
N GLY K 148 -22.45 -5.49 -27.25
CA GLY K 148 -23.00 -4.15 -27.16
C GLY K 148 -23.25 -3.52 -28.51
N ASN K 149 -24.12 -2.52 -28.54
CA ASN K 149 -24.43 -1.79 -29.77
C ASN K 149 -24.88 -0.36 -29.47
N SER K 150 -24.51 0.56 -30.34
CA SER K 150 -24.83 1.97 -30.16
C SER K 150 -26.34 2.24 -30.24
N GLY K 151 -26.86 2.91 -29.22
CA GLY K 151 -28.27 3.26 -29.19
C GLY K 151 -29.14 2.25 -28.48
N GLN K 152 -28.53 1.15 -28.05
CA GLN K 152 -29.25 0.08 -27.37
C GLN K 152 -28.57 -0.33 -26.06
N SER K 153 -28.16 0.66 -25.28
CA SER K 153 -27.46 0.41 -24.02
C SER K 153 -28.36 -0.25 -22.98
N VAL K 154 -29.62 0.17 -22.95
CA VAL K 154 -30.59 -0.36 -22.01
C VAL K 154 -30.97 -1.79 -22.37
N TYR K 155 -31.14 -2.04 -23.67
CA TYR K 155 -31.52 -3.37 -24.15
C TYR K 155 -30.37 -4.36 -24.06
N SER K 156 -29.15 -3.84 -24.17
CA SER K 156 -27.95 -4.68 -24.13
C SER K 156 -27.74 -5.32 -22.76
N ALA K 157 -27.89 -4.51 -21.72
CA ALA K 157 -27.71 -4.99 -20.35
C ALA K 157 -28.78 -6.01 -19.98
N SER K 158 -30.01 -5.76 -20.43
CA SER K 158 -31.13 -6.65 -20.16
C SER K 158 -30.92 -8.01 -20.82
N LYS K 159 -30.29 -8.00 -22.00
CA LYS K 159 -30.02 -9.22 -22.73
C LYS K 159 -28.59 -9.68 -22.51
N GLY K 160 -27.93 -9.07 -21.53
CA GLY K 160 -26.57 -9.43 -21.18
C GLY K 160 -26.48 -9.91 -19.75
N GLY K 161 -27.51 -9.61 -18.96
CA GLY K 161 -27.54 -10.01 -17.57
C GLY K 161 -27.94 -11.46 -17.38
N LEU K 162 -28.81 -11.94 -18.27
CA LEU K 162 -29.29 -13.32 -18.19
C LEU K 162 -28.26 -14.30 -18.74
N VAL K 163 -27.14 -13.77 -19.22
CA VAL K 163 -26.03 -14.58 -19.70
C VAL K 163 -25.26 -15.16 -18.52
N GLY K 164 -24.87 -14.30 -17.58
CA GLY K 164 -24.19 -14.73 -16.38
C GLY K 164 -25.16 -15.34 -15.40
N PHE K 165 -26.43 -14.93 -15.50
CA PHE K 165 -27.49 -15.46 -14.65
C PHE K 165 -27.76 -16.93 -14.94
N SER K 166 -27.80 -17.28 -16.23
CA SER K 166 -28.04 -18.66 -16.65
C SER K 166 -26.89 -19.56 -16.22
N ARG K 167 -25.66 -19.11 -16.50
CA ARG K 167 -24.47 -19.86 -16.14
C ARG K 167 -24.36 -20.07 -14.63
N ALA K 168 -24.82 -19.07 -13.87
CA ALA K 168 -24.84 -19.19 -12.42
C ALA K 168 -25.93 -20.17 -11.99
N LEU K 169 -27.07 -20.09 -12.66
CA LEU K 169 -28.20 -20.98 -12.37
C LEU K 169 -27.90 -22.41 -12.81
N ALA K 170 -27.06 -22.54 -13.84
CA ALA K 170 -26.67 -23.85 -14.35
C ALA K 170 -25.84 -24.62 -13.33
N LYS K 171 -24.80 -23.98 -12.81
CA LYS K 171 -23.94 -24.58 -11.80
C LYS K 171 -24.72 -24.91 -10.53
N GLU K 172 -25.83 -24.22 -10.35
CA GLU K 172 -26.65 -24.35 -9.15
C GLU K 172 -27.66 -25.50 -9.25
N VAL K 173 -28.04 -25.85 -10.48
CA VAL K 173 -29.13 -26.80 -10.70
C VAL K 173 -28.72 -27.99 -11.57
N ALA K 174 -27.45 -28.01 -11.99
CA ALA K 174 -26.95 -29.10 -12.83
C ALA K 174 -27.04 -30.45 -12.12
N ARG K 175 -27.04 -30.41 -10.79
CA ARG K 175 -27.16 -31.61 -9.99
C ARG K 175 -28.56 -32.19 -10.03
N LYS K 176 -29.52 -31.36 -10.42
CA LYS K 176 -30.93 -31.73 -10.37
C LYS K 176 -31.48 -32.08 -11.75
N LYS K 177 -30.59 -32.51 -12.64
CA LYS K 177 -30.94 -32.93 -13.99
C LYS K 177 -31.65 -31.82 -14.77
N ILE K 178 -31.28 -30.58 -14.49
CA ILE K 178 -31.86 -29.43 -15.18
C ILE K 178 -30.78 -28.64 -15.92
N ARG K 179 -30.95 -28.49 -17.23
CA ARG K 179 -29.98 -27.79 -18.05
C ARG K 179 -30.53 -26.48 -18.58
N VAL K 180 -29.80 -25.39 -18.35
CA VAL K 180 -30.19 -24.08 -18.87
C VAL K 180 -29.18 -23.60 -19.90
N ASN K 181 -29.65 -22.82 -20.87
CA ASN K 181 -28.81 -22.33 -21.95
C ASN K 181 -29.24 -20.96 -22.46
N VAL K 182 -28.39 -20.35 -23.28
CA VAL K 182 -28.68 -19.02 -23.81
C VAL K 182 -28.54 -18.98 -25.34
N VAL K 183 -29.54 -18.41 -26.00
CA VAL K 183 -29.48 -18.19 -27.44
C VAL K 183 -29.32 -16.70 -27.73
N ALA K 184 -28.24 -16.34 -28.41
CA ALA K 184 -27.95 -14.95 -28.71
C ALA K 184 -27.91 -14.70 -30.22
N PRO K 185 -29.08 -14.37 -30.80
CA PRO K 185 -29.18 -14.09 -32.23
C PRO K 185 -28.69 -12.68 -32.58
N GLY K 186 -28.26 -12.49 -33.82
CA GLY K 186 -27.82 -11.19 -34.28
C GLY K 186 -28.96 -10.42 -34.93
N PHE K 187 -28.91 -10.32 -36.25
CA PHE K 187 -29.98 -9.66 -37.00
C PHE K 187 -31.10 -10.65 -37.30
N VAL K 188 -32.25 -10.45 -36.66
CA VAL K 188 -33.35 -11.39 -36.76
C VAL K 188 -34.35 -10.99 -37.84
N HIS K 189 -34.53 -9.68 -38.03
CA HIS K 189 -35.46 -9.13 -39.03
C HIS K 189 -36.85 -9.74 -38.88
N THR K 190 -37.42 -9.61 -37.70
CA THR K 190 -38.72 -10.21 -37.39
C THR K 190 -39.85 -9.62 -38.22
N ASP K 191 -39.87 -8.30 -38.35
CA ASP K 191 -40.95 -7.62 -39.07
C ASP K 191 -40.46 -6.95 -40.34
N MET K 192 -40.95 -5.73 -40.59
CA MET K 192 -40.59 -4.96 -41.77
C MET K 192 -39.09 -4.66 -41.83
N LYS K 202 -26.71 -7.25 -44.37
CA LYS K 202 -25.81 -6.25 -44.95
C LYS K 202 -24.65 -6.91 -45.68
N LYS K 203 -23.79 -6.09 -46.28
CA LYS K 203 -22.64 -6.59 -47.01
C LYS K 203 -21.52 -7.01 -46.04
N ASN K 204 -21.52 -6.41 -44.86
CA ASN K 204 -20.53 -6.71 -43.83
C ASN K 204 -20.72 -8.12 -43.28
N ILE K 205 -21.96 -8.55 -43.17
CA ILE K 205 -22.29 -9.88 -42.69
C ILE K 205 -21.89 -10.94 -43.72
N PRO K 206 -21.04 -11.90 -43.31
CA PRO K 206 -20.52 -12.97 -44.16
C PRO K 206 -21.61 -13.76 -44.89
N LEU K 207 -22.76 -13.96 -44.25
CA LEU K 207 -23.86 -14.70 -44.89
C LEU K 207 -24.67 -13.78 -45.80
N GLY K 208 -24.39 -12.48 -45.74
CA GLY K 208 -24.94 -11.53 -46.67
C GLY K 208 -26.42 -11.20 -46.51
N ARG K 209 -27.05 -11.72 -45.46
CA ARG K 209 -28.47 -11.46 -45.23
C ARG K 209 -28.84 -11.60 -43.76
N PHE K 210 -30.00 -11.07 -43.40
CA PHE K 210 -30.52 -11.20 -42.04
C PHE K 210 -31.19 -12.55 -41.87
N GLY K 211 -30.96 -13.18 -40.72
CA GLY K 211 -31.52 -14.49 -40.44
C GLY K 211 -33.03 -14.46 -40.31
N GLU K 212 -33.63 -15.63 -40.22
CA GLU K 212 -35.07 -15.72 -40.05
C GLU K 212 -35.43 -16.16 -38.63
N THR K 213 -36.66 -15.90 -38.22
CA THR K 213 -37.12 -16.26 -36.89
C THR K 213 -37.15 -17.76 -36.70
N ILE K 214 -37.41 -18.49 -37.78
CA ILE K 214 -37.48 -19.94 -37.72
C ILE K 214 -36.08 -20.55 -37.63
N GLU K 215 -35.09 -19.82 -38.15
CA GLU K 215 -33.71 -20.26 -38.09
C GLU K 215 -33.18 -20.16 -36.66
N VAL K 216 -33.61 -19.14 -35.95
CA VAL K 216 -33.27 -18.98 -34.53
C VAL K 216 -34.01 -20.05 -33.72
N ALA K 217 -35.21 -20.39 -34.18
CA ALA K 217 -36.03 -21.40 -33.51
C ALA K 217 -35.38 -22.78 -33.55
N HIS K 218 -34.70 -23.07 -34.65
CA HIS K 218 -34.00 -24.35 -34.81
C HIS K 218 -32.81 -24.44 -33.85
N ALA K 219 -32.29 -23.30 -33.45
CA ALA K 219 -31.19 -23.25 -32.51
C ALA K 219 -31.68 -23.40 -31.07
N VAL K 220 -32.89 -22.90 -30.82
CA VAL K 220 -33.50 -23.00 -29.50
C VAL K 220 -33.90 -24.43 -29.19
N VAL K 221 -34.57 -25.07 -30.14
CA VAL K 221 -35.01 -26.45 -29.98
C VAL K 221 -33.81 -27.40 -29.95
N PHE K 222 -32.70 -26.94 -30.53
CA PHE K 222 -31.45 -27.71 -30.52
C PHE K 222 -30.92 -27.89 -29.11
N LEU K 223 -30.83 -26.78 -28.38
CA LEU K 223 -30.33 -26.80 -27.00
C LEU K 223 -31.27 -27.57 -26.07
N LEU K 224 -32.57 -27.53 -26.39
CA LEU K 224 -33.58 -28.20 -25.60
C LEU K 224 -33.52 -29.72 -25.78
N GLU K 225 -33.00 -30.16 -26.91
CA GLU K 225 -32.96 -31.58 -27.23
C GLU K 225 -31.54 -32.16 -27.14
N SER K 226 -30.56 -31.30 -26.95
CA SER K 226 -29.16 -31.73 -26.86
C SER K 226 -28.71 -31.84 -25.41
N PRO K 227 -28.43 -33.07 -24.96
CA PRO K 227 -27.94 -33.31 -23.60
C PRO K 227 -26.49 -32.89 -23.43
N TYR K 228 -26.00 -32.91 -22.19
CA TYR K 228 -24.62 -32.56 -21.86
C TYR K 228 -24.27 -31.14 -22.32
N ILE K 229 -25.29 -30.27 -22.37
CA ILE K 229 -25.08 -28.87 -22.71
C ILE K 229 -25.85 -27.96 -21.76
N THR K 230 -25.12 -27.28 -20.89
CA THR K 230 -25.74 -26.33 -19.96
C THR K 230 -24.85 -25.12 -19.73
N GLY K 231 -25.48 -23.98 -19.43
CA GLY K 231 -24.75 -22.74 -19.20
C GLY K 231 -24.00 -22.27 -20.43
N HIS K 232 -24.51 -22.65 -21.60
CA HIS K 232 -23.86 -22.31 -22.86
C HIS K 232 -24.59 -21.18 -23.59
N VAL K 233 -23.83 -20.34 -24.29
CA VAL K 233 -24.43 -19.27 -25.06
C VAL K 233 -24.31 -19.58 -26.56
N LEU K 234 -25.35 -20.22 -27.10
CA LEU K 234 -25.39 -20.53 -28.52
C LEU K 234 -25.65 -19.26 -29.32
N VAL K 235 -24.93 -19.09 -30.42
CA VAL K 235 -25.00 -17.86 -31.19
C VAL K 235 -25.57 -18.06 -32.59
N VAL K 236 -26.82 -17.66 -32.79
CA VAL K 236 -27.39 -17.58 -34.13
C VAL K 236 -26.74 -16.40 -34.83
N ASP K 237 -25.54 -16.62 -35.34
CA ASP K 237 -24.68 -15.53 -35.79
C ASP K 237 -24.93 -15.12 -37.23
N GLY K 238 -24.47 -15.94 -38.16
CA GLY K 238 -24.50 -15.59 -39.57
C GLY K 238 -23.20 -14.92 -39.96
N GLY K 239 -22.30 -14.81 -38.99
CA GLY K 239 -21.00 -14.19 -39.21
C GLY K 239 -20.90 -12.79 -38.62
N LEU K 240 -21.96 -12.36 -37.96
CA LEU K 240 -22.03 -11.02 -37.40
C LEU K 240 -21.08 -10.83 -36.23
N GLN K 241 -20.74 -11.94 -35.56
CA GLN K 241 -19.91 -11.88 -34.36
C GLN K 241 -18.48 -11.45 -34.66
N LEU K 242 -18.08 -11.55 -35.93
CA LEU K 242 -16.71 -11.24 -36.33
C LEU K 242 -16.53 -9.77 -36.70
N ILE K 243 -17.60 -9.13 -37.16
CA ILE K 243 -17.51 -7.75 -37.60
C ILE K 243 -18.44 -6.82 -36.83
N LEU K 244 -18.41 -6.90 -35.50
CA LEU K 244 -19.23 -6.04 -34.67
C LEU K 244 -18.55 -5.81 -33.31
N LEU L 5 -34.92 -41.74 -36.00
CA LEU L 5 -35.93 -40.76 -35.64
C LEU L 5 -36.15 -39.77 -36.77
N GLN L 6 -35.05 -39.26 -37.33
CA GLN L 6 -35.12 -38.30 -38.41
C GLN L 6 -33.89 -38.36 -39.31
N ASN L 7 -34.12 -38.23 -40.60
CA ASN L 7 -33.06 -38.28 -41.59
C ASN L 7 -33.06 -37.04 -42.47
N ARG L 8 -32.26 -36.05 -42.11
CA ARG L 8 -32.22 -34.80 -42.86
C ARG L 8 -31.02 -34.72 -43.81
N LEU L 9 -30.06 -35.62 -43.62
CA LEU L 9 -28.81 -35.55 -44.36
C LEU L 9 -28.69 -36.59 -45.48
N ARG L 10 -29.84 -37.08 -45.96
CA ARG L 10 -29.87 -38.12 -46.97
C ARG L 10 -29.05 -37.80 -48.22
N SER L 11 -29.25 -36.61 -48.78
CA SER L 11 -28.57 -36.24 -50.02
C SER L 11 -27.12 -35.81 -49.79
N ALA L 12 -26.77 -35.50 -48.55
CA ALA L 12 -25.45 -34.96 -48.25
C ALA L 12 -24.36 -36.02 -48.25
N LEU L 13 -23.13 -35.58 -48.51
CA LEU L 13 -21.97 -36.46 -48.45
C LEU L 13 -21.01 -35.99 -47.35
N ALA L 14 -20.85 -36.80 -46.32
CA ALA L 14 -20.08 -36.41 -45.14
C ALA L 14 -18.66 -37.00 -45.15
N LEU L 15 -17.67 -36.12 -45.07
CA LEU L 15 -16.28 -36.54 -44.93
C LEU L 15 -15.78 -36.32 -43.51
N VAL L 16 -15.47 -37.40 -42.81
CA VAL L 16 -15.03 -37.32 -41.43
C VAL L 16 -13.64 -37.90 -41.24
N THR L 17 -12.70 -37.05 -40.84
CA THR L 17 -11.34 -37.48 -40.56
C THR L 17 -11.24 -37.97 -39.11
N GLY L 18 -10.39 -38.95 -38.87
CA GLY L 18 -10.25 -39.53 -37.55
C GLY L 18 -11.51 -40.28 -37.15
N ALA L 19 -12.17 -40.86 -38.15
CA ALA L 19 -13.43 -41.56 -37.92
C ALA L 19 -13.20 -43.05 -37.62
N GLY L 20 -12.02 -43.36 -37.08
CA GLY L 20 -11.68 -44.73 -36.75
C GLY L 20 -12.16 -45.12 -35.37
N SER L 21 -12.19 -44.15 -34.46
CA SER L 21 -12.64 -44.37 -33.10
C SER L 21 -12.99 -43.06 -32.40
N GLY L 22 -13.49 -43.17 -31.17
CA GLY L 22 -13.83 -42.01 -30.38
C GLY L 22 -14.97 -41.19 -30.94
N ILE L 23 -14.78 -39.87 -30.98
CA ILE L 23 -15.80 -38.97 -31.50
C ILE L 23 -16.00 -39.15 -33.00
N GLY L 24 -14.93 -39.51 -33.70
CA GLY L 24 -14.99 -39.70 -35.13
C GLY L 24 -15.94 -40.80 -35.54
N ARG L 25 -15.88 -41.94 -34.85
CA ARG L 25 -16.76 -43.05 -35.12
C ARG L 25 -18.19 -42.71 -34.72
N ALA L 26 -18.34 -41.96 -33.63
CA ALA L 26 -19.65 -41.55 -33.16
C ALA L 26 -20.31 -40.61 -34.16
N VAL L 27 -19.51 -39.73 -34.76
CA VAL L 27 -20.01 -38.83 -35.79
C VAL L 27 -20.45 -39.61 -37.02
N SER L 28 -19.63 -40.58 -37.42
CA SER L 28 -19.92 -41.42 -38.57
C SER L 28 -21.26 -42.15 -38.43
N VAL L 29 -21.51 -42.69 -37.24
CA VAL L 29 -22.75 -43.39 -36.97
C VAL L 29 -23.94 -42.43 -36.95
N ARG L 30 -23.74 -41.28 -36.32
CA ARG L 30 -24.80 -40.28 -36.17
C ARG L 30 -25.23 -39.69 -37.51
N LEU L 31 -24.26 -39.35 -38.35
CA LEU L 31 -24.55 -38.77 -39.66
C LEU L 31 -25.17 -39.81 -40.60
N ALA L 32 -24.63 -41.02 -40.57
CA ALA L 32 -25.18 -42.12 -41.38
C ALA L 32 -26.56 -42.50 -40.89
N GLY L 33 -26.84 -42.22 -39.61
CA GLY L 33 -28.15 -42.48 -39.04
C GLY L 33 -29.17 -41.48 -39.53
N GLU L 34 -28.70 -40.42 -40.19
CA GLU L 34 -29.58 -39.41 -40.75
C GLU L 34 -29.57 -39.49 -42.28
N GLY L 35 -29.11 -40.61 -42.81
CA GLY L 35 -29.15 -40.87 -44.24
C GLY L 35 -27.93 -40.42 -45.01
N ALA L 36 -26.97 -39.83 -44.32
CA ALA L 36 -25.78 -39.28 -44.97
C ALA L 36 -24.79 -40.36 -45.39
N THR L 37 -24.23 -40.22 -46.57
CA THR L 37 -23.16 -41.09 -47.03
C THR L 37 -21.84 -40.64 -46.41
N VAL L 38 -21.23 -41.52 -45.62
CA VAL L 38 -20.05 -41.15 -44.86
C VAL L 38 -18.75 -41.63 -45.49
N ALA L 39 -17.82 -40.70 -45.71
CA ALA L 39 -16.49 -41.03 -46.18
C ALA L 39 -15.53 -41.03 -44.99
N ALA L 40 -15.36 -42.19 -44.37
CA ALA L 40 -14.55 -42.32 -43.17
C ALA L 40 -13.06 -42.21 -43.44
N CYS L 41 -12.43 -41.17 -42.91
CA CYS L 41 -10.99 -41.01 -43.01
C CYS L 41 -10.32 -41.20 -41.65
N ASP L 42 -9.16 -41.85 -41.65
CA ASP L 42 -8.45 -42.15 -40.41
C ASP L 42 -7.01 -42.55 -40.70
N LEU L 43 -6.10 -42.22 -39.78
CA LEU L 43 -4.70 -42.59 -39.92
C LEU L 43 -4.55 -44.11 -39.87
N ASP L 44 -5.37 -44.75 -39.04
CA ASP L 44 -5.40 -46.21 -38.97
C ASP L 44 -6.39 -46.76 -39.99
N ARG L 45 -5.85 -47.45 -41.00
CA ARG L 45 -6.67 -47.96 -42.09
C ARG L 45 -7.68 -49.00 -41.63
N ALA L 46 -7.26 -49.85 -40.69
CA ALA L 46 -8.12 -50.92 -40.19
C ALA L 46 -9.28 -50.35 -39.38
N ALA L 47 -9.04 -49.23 -38.70
CA ALA L 47 -10.06 -48.60 -37.87
C ALA L 47 -11.15 -47.97 -38.72
N ALA L 48 -10.75 -47.38 -39.84
CA ALA L 48 -11.70 -46.75 -40.76
C ALA L 48 -12.62 -47.80 -41.40
N GLN L 49 -12.04 -48.96 -41.70
CA GLN L 49 -12.82 -50.06 -42.26
C GLN L 49 -13.72 -50.69 -41.20
N GLU L 50 -13.29 -50.60 -39.95
CA GLU L 50 -14.04 -51.16 -38.83
C GLU L 50 -15.24 -50.28 -38.49
N THR L 51 -15.22 -49.05 -38.98
CA THR L 51 -16.31 -48.10 -38.74
C THR L 51 -17.40 -48.25 -39.79
N VAL L 52 -17.00 -48.42 -41.04
CA VAL L 52 -17.93 -48.56 -42.16
C VAL L 52 -18.85 -49.76 -41.99
N ARG L 53 -18.29 -50.86 -41.50
CA ARG L 53 -19.07 -52.09 -41.28
C ARG L 53 -20.14 -51.88 -40.22
N LEU L 54 -19.84 -51.05 -39.23
CA LEU L 54 -20.78 -50.77 -38.15
C LEU L 54 -21.94 -49.90 -38.62
N LEU L 55 -21.71 -49.13 -39.69
CA LEU L 55 -22.72 -48.25 -40.24
C LEU L 55 -23.86 -49.05 -40.88
N ASN L 68 -23.20 -45.58 -51.04
CA ASN L 68 -22.68 -46.49 -50.03
C ASN L 68 -21.50 -45.88 -49.30
N HIS L 69 -21.30 -46.29 -48.05
CA HIS L 69 -20.23 -45.76 -47.22
C HIS L 69 -18.88 -46.33 -47.64
N ALA L 70 -17.81 -45.58 -47.36
CA ALA L 70 -16.46 -46.01 -47.73
C ALA L 70 -15.44 -45.52 -46.72
N ALA L 71 -14.30 -46.21 -46.67
CA ALA L 71 -13.22 -45.86 -45.75
C ALA L 71 -12.02 -45.29 -46.47
N PHE L 72 -11.32 -44.38 -45.82
CA PHE L 72 -10.13 -43.75 -46.40
C PHE L 72 -9.00 -43.66 -45.38
N GLN L 73 -7.76 -43.70 -45.86
CA GLN L 73 -6.60 -43.60 -44.99
C GLN L 73 -5.63 -42.53 -45.49
N ALA L 74 -5.27 -41.60 -44.61
CA ALA L 74 -4.35 -40.53 -44.96
C ALA L 74 -3.74 -39.90 -43.72
N ASP L 75 -2.71 -39.09 -43.92
CA ASP L 75 -2.09 -38.35 -42.83
C ASP L 75 -2.32 -36.86 -43.04
N VAL L 76 -3.27 -36.29 -42.31
CA VAL L 76 -3.67 -34.91 -42.50
C VAL L 76 -2.62 -33.92 -42.00
N SER L 77 -1.58 -34.43 -41.35
CA SER L 77 -0.49 -33.59 -40.87
C SER L 77 0.36 -33.11 -42.02
N GLU L 78 0.33 -33.85 -43.14
CA GLU L 78 1.06 -33.48 -44.34
C GLU L 78 0.11 -32.98 -45.42
N ALA L 79 0.53 -31.92 -46.12
CA ALA L 79 -0.32 -31.29 -47.12
C ALA L 79 -0.56 -32.19 -48.33
N ARG L 80 0.39 -33.09 -48.59
CA ARG L 80 0.30 -33.96 -49.75
C ARG L 80 -0.84 -34.95 -49.62
N ALA L 81 -0.98 -35.54 -48.43
CA ALA L 81 -2.03 -36.51 -48.17
C ALA L 81 -3.38 -35.83 -47.97
N ALA L 82 -3.35 -34.51 -47.77
CA ALA L 82 -4.57 -33.74 -47.56
C ALA L 82 -5.32 -33.56 -48.87
N ARG L 83 -4.60 -33.19 -49.92
CA ARG L 83 -5.21 -32.99 -51.24
C ARG L 83 -5.67 -34.32 -51.83
N CYS L 84 -4.85 -35.34 -51.67
CA CYS L 84 -5.16 -36.67 -52.19
C CYS L 84 -6.40 -37.26 -51.51
N LEU L 85 -6.58 -36.94 -50.23
CA LEU L 85 -7.75 -37.38 -49.49
C LEU L 85 -9.03 -36.83 -50.10
N LEU L 86 -9.04 -35.52 -50.34
CA LEU L 86 -10.21 -34.87 -50.93
C LEU L 86 -10.39 -35.27 -52.39
N GLU L 87 -9.33 -35.77 -53.00
CA GLU L 87 -9.40 -36.22 -54.38
C GLU L 87 -10.01 -37.61 -54.48
N GLN L 88 -9.68 -38.47 -53.51
CA GLN L 88 -10.20 -39.84 -53.49
C GLN L 88 -11.69 -39.86 -53.19
N VAL L 89 -12.17 -38.82 -52.52
CA VAL L 89 -13.60 -38.70 -52.21
C VAL L 89 -14.39 -38.33 -53.47
N GLN L 90 -13.86 -37.38 -54.23
CA GLN L 90 -14.50 -36.94 -55.46
C GLN L 90 -14.28 -37.95 -56.59
N ALA L 91 -13.40 -38.92 -56.35
CA ALA L 91 -13.12 -39.95 -57.33
C ALA L 91 -13.94 -41.20 -57.06
N CYS L 92 -14.55 -41.26 -55.88
CA CYS L 92 -15.35 -42.41 -55.48
C CYS L 92 -16.84 -42.07 -55.46
N PHE L 93 -17.15 -40.80 -55.22
CA PHE L 93 -18.55 -40.37 -55.13
C PHE L 93 -18.88 -39.32 -56.18
N SER L 94 -17.90 -39.04 -57.05
CA SER L 94 -18.06 -38.11 -58.18
C SER L 94 -18.35 -36.66 -57.78
N ARG L 95 -18.63 -36.43 -56.51
CA ARG L 95 -18.94 -35.10 -56.02
C ARG L 95 -18.21 -34.80 -54.70
N PRO L 96 -17.85 -33.53 -54.49
CA PRO L 96 -17.17 -33.13 -53.24
C PRO L 96 -18.08 -33.25 -52.03
N PRO L 97 -17.51 -33.57 -50.85
CA PRO L 97 -18.29 -33.72 -49.62
C PRO L 97 -18.89 -32.40 -49.15
N SER L 98 -20.21 -32.34 -49.09
CA SER L 98 -20.90 -31.14 -48.61
C SER L 98 -20.64 -30.90 -47.14
N VAL L 99 -20.49 -31.99 -46.39
CA VAL L 99 -20.20 -31.91 -44.96
C VAL L 99 -18.81 -32.46 -44.67
N VAL L 100 -17.98 -31.64 -44.02
CA VAL L 100 -16.63 -32.05 -43.67
C VAL L 100 -16.35 -31.86 -42.19
N VAL L 101 -16.10 -32.98 -41.50
CA VAL L 101 -15.86 -32.95 -40.06
C VAL L 101 -14.43 -33.40 -39.75
N SER L 102 -13.73 -32.62 -38.94
CA SER L 102 -12.35 -32.93 -38.57
C SER L 102 -12.25 -33.42 -37.13
N CYS L 103 -12.27 -34.73 -36.95
CA CYS L 103 -12.17 -35.33 -35.62
C CYS L 103 -10.76 -35.87 -35.37
N ALA L 104 -9.87 -35.63 -36.32
CA ALA L 104 -8.48 -36.09 -36.18
C ALA L 104 -7.72 -35.22 -35.19
N GLY L 105 -6.87 -35.85 -34.38
CA GLY L 105 -6.08 -35.15 -33.40
C GLY L 105 -5.43 -36.06 -32.38
N ILE L 106 -4.37 -35.58 -31.75
CA ILE L 106 -3.63 -36.36 -30.76
C ILE L 106 -3.31 -35.53 -29.52
N THR L 107 -2.85 -36.21 -28.47
CA THR L 107 -2.46 -35.55 -27.23
C THR L 107 -1.11 -36.03 -26.74
N GLN L 108 -0.17 -35.11 -26.56
CA GLN L 108 1.14 -35.43 -26.03
C GLN L 108 1.43 -34.55 -24.82
N ASP L 109 0.76 -34.86 -23.71
CA ASP L 109 0.79 -34.03 -22.52
C ASP L 109 2.14 -33.99 -21.83
N GLU L 110 2.56 -32.79 -21.44
CA GLU L 110 3.82 -32.59 -20.72
C GLU L 110 3.83 -31.18 -20.12
N PHE L 111 4.49 -31.03 -18.98
CA PHE L 111 4.64 -29.72 -18.34
C PHE L 111 5.41 -28.76 -19.24
N LEU L 112 5.12 -27.46 -19.11
CA LEU L 112 5.75 -26.44 -19.92
C LEU L 112 7.27 -26.41 -19.74
N LEU L 113 7.71 -26.65 -18.51
CA LEU L 113 9.13 -26.60 -18.19
C LEU L 113 9.86 -27.84 -18.68
N HIS L 114 9.11 -28.86 -19.08
CA HIS L 114 9.70 -30.13 -19.50
C HIS L 114 9.23 -30.55 -20.89
N MET L 115 8.43 -29.71 -21.53
CA MET L 115 7.93 -30.01 -22.87
C MET L 115 9.03 -29.85 -23.92
N SER L 116 9.21 -30.88 -24.74
CA SER L 116 10.22 -30.85 -25.80
C SER L 116 9.66 -30.29 -27.08
N GLU L 117 10.55 -30.04 -28.05
CA GLU L 117 10.14 -29.53 -29.36
C GLU L 117 9.36 -30.59 -30.11
N ASP L 118 9.63 -31.85 -29.82
CA ASP L 118 8.94 -32.96 -30.44
C ASP L 118 7.48 -33.01 -30.01
N ASP L 119 7.23 -32.69 -28.75
CA ASP L 119 5.88 -32.68 -28.20
C ASP L 119 5.06 -31.55 -28.79
N TRP L 120 5.73 -30.47 -29.17
CA TRP L 120 5.07 -29.30 -29.74
C TRP L 120 4.72 -29.51 -31.21
N ASP L 121 5.74 -29.81 -32.03
CA ASP L 121 5.57 -29.93 -33.47
C ASP L 121 4.57 -31.03 -33.86
N LYS L 122 4.56 -32.11 -33.11
CA LYS L 122 3.73 -33.27 -33.44
C LYS L 122 2.23 -32.96 -33.30
N VAL L 123 1.87 -32.26 -32.22
CA VAL L 123 0.47 -31.95 -31.95
C VAL L 123 -0.03 -30.83 -32.86
N ILE L 124 0.80 -29.82 -33.06
CA ILE L 124 0.44 -28.68 -33.92
C ILE L 124 0.22 -29.13 -35.35
N ALA L 125 1.04 -30.06 -35.83
CA ALA L 125 0.95 -30.54 -37.19
C ALA L 125 -0.35 -31.33 -37.42
N VAL L 126 -0.79 -32.05 -36.40
CA VAL L 126 -1.98 -32.88 -36.52
C VAL L 126 -3.27 -32.13 -36.17
N ASN L 127 -3.27 -31.48 -35.01
CA ASN L 127 -4.46 -30.77 -34.54
C ASN L 127 -4.70 -29.45 -35.25
N LEU L 128 -3.67 -28.61 -35.29
CA LEU L 128 -3.80 -27.28 -35.89
C LEU L 128 -3.60 -27.31 -37.39
N LYS L 129 -2.40 -27.69 -37.83
CA LYS L 129 -2.08 -27.71 -39.25
C LYS L 129 -2.94 -28.72 -40.00
N GLY L 130 -3.23 -29.83 -39.35
CA GLY L 130 -4.08 -30.86 -39.93
C GLY L 130 -5.47 -30.34 -40.23
N THR L 131 -6.00 -29.51 -39.33
CA THR L 131 -7.31 -28.91 -39.52
C THR L 131 -7.28 -27.91 -40.68
N PHE L 132 -6.18 -27.19 -40.79
CA PHE L 132 -6.00 -26.20 -41.86
C PHE L 132 -6.02 -26.85 -43.23
N LEU L 133 -5.33 -27.98 -43.36
CA LEU L 133 -5.19 -28.68 -44.64
C LEU L 133 -6.49 -29.34 -45.06
N VAL L 134 -7.27 -29.80 -44.09
CA VAL L 134 -8.56 -30.42 -44.37
C VAL L 134 -9.60 -29.37 -44.73
N THR L 135 -9.64 -28.29 -43.95
CA THR L 135 -10.60 -27.21 -44.17
C THR L 135 -10.38 -26.53 -45.52
N GLN L 136 -9.11 -26.35 -45.89
CA GLN L 136 -8.76 -25.69 -47.13
C GLN L 136 -9.12 -26.54 -48.35
N ALA L 137 -8.66 -27.79 -48.36
CA ALA L 137 -8.88 -28.69 -49.48
C ALA L 137 -10.36 -28.95 -49.72
N ALA L 138 -11.14 -28.92 -48.64
CA ALA L 138 -12.59 -29.11 -48.73
C ALA L 138 -13.26 -27.86 -49.32
N ALA L 139 -12.76 -26.70 -48.91
CA ALA L 139 -13.31 -25.42 -49.38
C ALA L 139 -13.05 -25.22 -50.86
N GLN L 140 -11.86 -25.60 -51.32
CA GLN L 140 -11.48 -25.45 -52.71
C GLN L 140 -12.37 -26.28 -53.64
N ALA L 141 -12.80 -27.44 -53.14
CA ALA L 141 -13.64 -28.34 -53.91
C ALA L 141 -15.07 -27.82 -54.00
N LEU L 142 -15.55 -27.21 -52.91
CA LEU L 142 -16.92 -26.71 -52.85
C LEU L 142 -17.07 -25.40 -53.63
N VAL L 143 -15.96 -24.72 -53.85
CA VAL L 143 -15.97 -23.48 -54.63
C VAL L 143 -15.84 -23.78 -56.12
N SER L 144 -14.92 -24.68 -56.46
CA SER L 144 -14.69 -25.07 -57.85
C SER L 144 -15.92 -25.73 -58.45
N ASN L 145 -16.68 -26.43 -57.62
CA ASN L 145 -17.90 -27.10 -58.06
C ASN L 145 -19.13 -26.20 -57.87
N GLY L 146 -18.96 -25.14 -57.07
CA GLY L 146 -20.05 -24.22 -56.81
C GLY L 146 -21.12 -24.81 -55.92
N CYS L 147 -20.71 -25.68 -55.00
CA CYS L 147 -21.65 -26.33 -54.09
C CYS L 147 -21.50 -25.77 -52.67
N ARG L 148 -22.63 -25.43 -52.06
CA ARG L 148 -22.63 -24.92 -50.70
C ARG L 148 -22.60 -26.06 -49.70
N GLY L 149 -21.85 -25.88 -48.62
CA GLY L 149 -21.71 -26.92 -47.60
C GLY L 149 -21.42 -26.39 -46.22
N SER L 150 -21.05 -27.29 -45.32
CA SER L 150 -20.75 -26.94 -43.94
C SER L 150 -19.54 -27.70 -43.41
N ILE L 151 -18.51 -26.96 -42.99
CA ILE L 151 -17.30 -27.57 -42.47
C ILE L 151 -17.24 -27.46 -40.95
N ILE L 152 -17.24 -28.62 -40.28
CA ILE L 152 -17.22 -28.65 -38.82
C ILE L 152 -15.85 -29.06 -38.30
N ASN L 153 -15.27 -28.21 -37.45
CA ASN L 153 -13.98 -28.51 -36.84
C ASN L 153 -14.10 -28.79 -35.36
N ILE L 154 -13.70 -30.01 -34.97
CA ILE L 154 -13.80 -30.42 -33.58
C ILE L 154 -12.62 -29.91 -32.76
N SER L 155 -12.86 -28.85 -31.99
CA SER L 155 -11.83 -28.28 -31.12
C SER L 155 -11.96 -28.85 -29.71
N SER L 156 -11.82 -27.98 -28.71
CA SER L 156 -11.92 -28.41 -27.32
C SER L 156 -12.17 -27.22 -26.40
N ILE L 157 -12.61 -27.52 -25.18
CA ILE L 157 -12.81 -26.50 -24.15
C ILE L 157 -11.47 -26.00 -23.64
N VAL L 158 -10.43 -26.80 -23.87
CA VAL L 158 -9.07 -26.43 -23.50
C VAL L 158 -8.60 -25.23 -24.30
N GLY L 159 -9.14 -25.09 -25.52
CA GLY L 159 -8.77 -23.99 -26.39
C GLY L 159 -9.31 -22.65 -25.93
N LYS L 160 -10.18 -22.66 -24.93
CA LYS L 160 -10.78 -21.42 -24.44
C LYS L 160 -10.20 -21.00 -23.09
N VAL L 161 -9.83 -21.97 -22.26
CA VAL L 161 -9.35 -21.68 -20.92
C VAL L 161 -7.95 -22.23 -20.66
N GLY L 162 -7.56 -23.28 -21.38
CA GLY L 162 -6.28 -23.92 -21.16
C GLY L 162 -6.39 -25.03 -20.13
N ASN L 163 -5.34 -25.85 -20.04
CA ASN L 163 -5.32 -26.97 -19.10
C ASN L 163 -3.90 -27.32 -18.68
N VAL L 164 -3.76 -27.89 -17.49
CA VAL L 164 -2.45 -28.27 -16.97
C VAL L 164 -1.79 -29.35 -17.81
N GLY L 165 -0.53 -29.12 -18.19
CA GLY L 165 0.23 -30.06 -18.97
C GLY L 165 -0.25 -30.20 -20.41
N GLN L 166 -0.89 -29.15 -20.91
CA GLN L 166 -1.38 -29.16 -22.29
C GLN L 166 -1.13 -27.84 -23.00
N THR L 167 0.12 -27.40 -23.01
CA THR L 167 0.50 -26.17 -23.70
C THR L 167 0.38 -26.36 -25.21
N ASN L 168 0.88 -27.49 -25.68
CA ASN L 168 0.85 -27.81 -27.11
C ASN L 168 -0.56 -28.17 -27.58
N TYR L 169 -1.41 -28.58 -26.64
CA TYR L 169 -2.77 -28.99 -26.97
C TYR L 169 -3.73 -27.80 -26.95
N ALA L 170 -3.52 -26.88 -26.01
CA ALA L 170 -4.37 -25.70 -25.89
C ALA L 170 -4.15 -24.74 -27.05
N ALA L 171 -2.88 -24.53 -27.39
CA ALA L 171 -2.52 -23.62 -28.47
C ALA L 171 -3.05 -24.12 -29.81
N SER L 172 -3.05 -25.44 -29.98
CA SER L 172 -3.57 -26.05 -31.20
C SER L 172 -5.09 -25.92 -31.27
N LYS L 173 -5.76 -26.22 -30.16
CA LYS L 173 -7.22 -26.18 -30.11
C LYS L 173 -7.76 -24.76 -30.19
N ALA L 174 -7.05 -23.82 -29.58
CA ALA L 174 -7.41 -22.42 -29.69
C ALA L 174 -7.16 -21.93 -31.11
N GLY L 175 -6.14 -22.49 -31.75
CA GLY L 175 -5.80 -22.13 -33.11
C GLY L 175 -6.87 -22.54 -34.10
N VAL L 176 -7.47 -23.70 -33.86
CA VAL L 176 -8.56 -24.21 -34.69
C VAL L 176 -9.76 -23.27 -34.66
N ILE L 177 -10.01 -22.69 -33.48
CA ILE L 177 -11.11 -21.74 -33.31
C ILE L 177 -10.90 -20.50 -34.17
N GLY L 178 -9.70 -19.92 -34.08
CA GLY L 178 -9.36 -18.75 -34.88
C GLY L 178 -9.26 -19.10 -36.35
N LEU L 179 -8.93 -20.35 -36.64
CA LEU L 179 -8.85 -20.85 -38.00
C LEU L 179 -10.24 -20.90 -38.62
N THR L 180 -11.22 -21.31 -37.82
CA THR L 180 -12.59 -21.45 -38.30
C THR L 180 -13.28 -20.10 -38.44
N GLN L 181 -13.04 -19.21 -37.49
CA GLN L 181 -13.65 -17.89 -37.50
C GLN L 181 -13.22 -17.07 -38.72
N THR L 182 -12.01 -17.33 -39.20
CA THR L 182 -11.51 -16.64 -40.38
C THR L 182 -12.15 -17.21 -41.66
N ALA L 183 -12.18 -18.53 -41.76
CA ALA L 183 -12.75 -19.21 -42.91
C ALA L 183 -14.24 -18.90 -43.06
N ALA L 184 -14.92 -18.73 -41.92
CA ALA L 184 -16.34 -18.45 -41.91
C ALA L 184 -16.66 -17.09 -42.52
N ARG L 185 -15.71 -16.17 -42.41
CA ARG L 185 -15.90 -14.81 -42.93
C ARG L 185 -15.57 -14.72 -44.41
N GLU L 186 -14.82 -15.70 -44.92
CA GLU L 186 -14.43 -15.71 -46.33
C GLU L 186 -15.28 -16.67 -47.14
N LEU L 187 -15.64 -17.80 -46.54
CA LEU L 187 -16.42 -18.82 -47.23
C LEU L 187 -17.92 -18.57 -47.07
N GLY L 188 -18.27 -17.49 -46.38
CA GLY L 188 -19.66 -17.14 -46.16
C GLY L 188 -20.36 -16.75 -47.45
N ARG L 189 -19.62 -16.09 -48.34
CA ARG L 189 -20.17 -15.68 -49.63
C ARG L 189 -20.39 -16.88 -50.54
N HIS L 190 -19.51 -17.87 -50.45
CA HIS L 190 -19.60 -19.07 -51.28
C HIS L 190 -20.61 -20.07 -50.72
N GLY L 191 -21.28 -19.68 -49.63
CA GLY L 191 -22.30 -20.52 -49.04
C GLY L 191 -21.73 -21.65 -48.20
N ILE L 192 -20.46 -21.53 -47.83
CA ILE L 192 -19.80 -22.54 -47.02
C ILE L 192 -19.69 -22.09 -45.57
N ARG L 193 -20.47 -22.73 -44.69
CA ARG L 193 -20.48 -22.39 -43.29
C ARG L 193 -19.38 -23.15 -42.53
N CYS L 194 -18.75 -22.47 -41.57
CA CYS L 194 -17.70 -23.08 -40.77
C CYS L 194 -17.96 -22.86 -39.29
N ASN L 195 -17.98 -23.94 -38.52
CA ASN L 195 -18.24 -23.86 -37.09
C ASN L 195 -17.24 -24.68 -36.28
N SER L 196 -17.12 -24.34 -34.99
CA SER L 196 -16.21 -25.04 -34.09
C SER L 196 -16.95 -25.74 -32.97
N VAL L 197 -16.66 -27.02 -32.77
CA VAL L 197 -17.22 -27.78 -31.67
C VAL L 197 -16.21 -27.87 -30.52
N LEU L 198 -16.63 -27.50 -29.32
CA LEU L 198 -15.74 -27.50 -28.17
C LEU L 198 -16.23 -28.45 -27.08
N PRO L 199 -15.95 -29.76 -27.23
CA PRO L 199 -16.37 -30.76 -26.25
C PRO L 199 -15.46 -30.81 -25.03
N GLY L 200 -16.01 -31.14 -23.88
CA GLY L 200 -15.23 -31.26 -22.66
C GLY L 200 -14.59 -32.63 -22.55
N PHE L 201 -14.74 -33.26 -21.40
CA PHE L 201 -14.22 -34.61 -21.20
C PHE L 201 -15.25 -35.66 -21.56
N ILE L 202 -14.96 -36.42 -22.62
CA ILE L 202 -15.89 -37.41 -23.14
C ILE L 202 -15.29 -38.81 -23.06
N ALA L 203 -16.10 -39.77 -22.63
CA ALA L 203 -15.69 -41.17 -22.52
C ALA L 203 -15.12 -41.72 -23.83
N THR L 204 -13.82 -41.51 -24.03
CA THR L 204 -13.09 -42.01 -25.20
C THR L 204 -11.89 -42.85 -24.75
N PRO L 205 -11.28 -43.62 -25.68
CA PRO L 205 -10.05 -44.35 -25.32
C PRO L 205 -8.94 -43.45 -24.76
N MET L 206 -9.04 -42.14 -25.00
CA MET L 206 -8.08 -41.19 -24.47
C MET L 206 -8.24 -41.00 -22.96
N THR L 207 -9.44 -41.26 -22.46
CA THR L 207 -9.73 -41.11 -21.04
C THR L 207 -10.40 -42.36 -20.47
N GLN L 208 -9.66 -43.10 -19.65
CA GLN L 208 -10.19 -44.33 -19.06
C GLN L 208 -9.86 -44.42 -17.57
N VAL L 214 -12.07 -43.97 -12.60
CA VAL L 214 -10.96 -44.14 -11.67
C VAL L 214 -9.77 -43.28 -12.05
N VAL L 215 -8.97 -42.92 -11.05
CA VAL L 215 -7.80 -42.06 -11.21
C VAL L 215 -8.16 -40.80 -11.99
N ASP L 216 -9.18 -40.10 -11.50
CA ASP L 216 -9.68 -38.88 -12.14
C ASP L 216 -10.50 -38.00 -11.18
N LYS L 217 -10.04 -36.77 -10.99
CA LYS L 217 -10.74 -35.79 -10.18
C LYS L 217 -11.51 -34.82 -11.07
N ILE L 218 -11.53 -35.13 -12.38
CA ILE L 218 -12.19 -34.29 -13.37
C ILE L 218 -13.70 -34.42 -13.26
N THR L 219 -14.17 -35.63 -12.94
CA THR L 219 -15.60 -35.91 -12.88
C THR L 219 -16.31 -35.12 -11.79
N GLU L 220 -15.57 -34.71 -10.77
CA GLU L 220 -16.12 -33.90 -9.68
C GLU L 220 -16.21 -32.43 -10.07
N MET L 221 -15.32 -32.00 -10.95
CA MET L 221 -15.30 -30.62 -11.42
C MET L 221 -16.50 -30.32 -12.33
N ILE L 222 -16.89 -31.32 -13.11
CA ILE L 222 -18.03 -31.18 -14.02
C ILE L 222 -19.33 -31.03 -13.23
N PRO L 223 -20.09 -29.96 -13.50
CA PRO L 223 -21.36 -29.68 -12.82
C PRO L 223 -22.36 -30.83 -12.93
N MET L 224 -22.34 -31.54 -14.05
CA MET L 224 -23.23 -32.69 -14.23
C MET L 224 -22.69 -33.92 -13.49
N GLY L 225 -21.38 -33.94 -13.27
CA GLY L 225 -20.75 -34.99 -12.49
C GLY L 225 -20.54 -36.30 -13.23
N HIS L 226 -20.48 -36.23 -14.55
CA HIS L 226 -20.25 -37.42 -15.36
C HIS L 226 -19.67 -37.07 -16.73
N LEU L 227 -18.84 -37.97 -17.25
CA LEU L 227 -18.26 -37.81 -18.57
C LEU L 227 -19.31 -37.93 -19.66
N GLY L 228 -19.25 -37.05 -20.65
CA GLY L 228 -20.21 -37.08 -21.75
C GLY L 228 -19.97 -38.23 -22.69
N ASP L 229 -21.03 -38.70 -23.34
CA ASP L 229 -20.91 -39.77 -24.32
C ASP L 229 -20.45 -39.20 -25.66
N PRO L 230 -19.72 -40.01 -26.45
CA PRO L 230 -19.28 -39.61 -27.78
C PRO L 230 -20.46 -39.24 -28.70
N GLU L 231 -21.63 -39.78 -28.39
CA GLU L 231 -22.84 -39.49 -29.16
C GLU L 231 -23.30 -38.05 -28.95
N ASP L 232 -22.95 -37.48 -27.79
CA ASP L 232 -23.31 -36.11 -27.49
C ASP L 232 -22.54 -35.14 -28.38
N VAL L 233 -21.27 -35.45 -28.63
CA VAL L 233 -20.44 -34.64 -29.52
C VAL L 233 -20.94 -34.78 -30.95
N ALA L 234 -21.40 -35.98 -31.30
CA ALA L 234 -21.93 -36.24 -32.64
C ALA L 234 -23.29 -35.61 -32.83
N ASP L 235 -23.95 -35.26 -31.74
CA ASP L 235 -25.28 -34.67 -31.79
C ASP L 235 -25.24 -33.23 -32.29
N VAL L 236 -24.23 -32.48 -31.84
CA VAL L 236 -24.10 -31.08 -32.23
C VAL L 236 -23.50 -30.95 -33.62
N VAL L 237 -22.83 -32.01 -34.09
CA VAL L 237 -22.25 -32.01 -35.43
C VAL L 237 -23.34 -32.18 -36.48
N ALA L 238 -24.28 -33.09 -36.21
CA ALA L 238 -25.39 -33.34 -37.10
C ALA L 238 -26.25 -32.09 -37.28
N PHE L 239 -26.34 -31.29 -36.24
CA PHE L 239 -27.08 -30.03 -36.29
C PHE L 239 -26.32 -29.01 -37.14
N LEU L 240 -25.00 -28.98 -37.00
CA LEU L 240 -24.17 -28.06 -37.78
C LEU L 240 -23.98 -28.56 -39.21
N ALA L 241 -24.31 -29.83 -39.44
CA ALA L 241 -24.20 -30.41 -40.77
C ALA L 241 -25.48 -30.25 -41.57
N SER L 242 -26.60 -30.12 -40.85
CA SER L 242 -27.90 -29.99 -41.49
C SER L 242 -28.19 -28.54 -41.86
N GLU L 243 -29.35 -28.32 -42.47
CA GLU L 243 -29.75 -26.97 -42.89
C GLU L 243 -30.43 -26.22 -41.76
N ASP L 244 -30.61 -26.90 -40.62
CA ASP L 244 -31.22 -26.27 -39.45
C ASP L 244 -30.30 -25.19 -38.87
N SER L 245 -29.01 -25.33 -39.12
CA SER L 245 -28.04 -24.32 -38.71
C SER L 245 -27.66 -23.44 -39.89
N GLY L 246 -28.65 -23.15 -40.74
CA GLY L 246 -28.43 -22.37 -41.94
C GLY L 246 -27.90 -20.97 -41.70
N TYR L 247 -28.19 -20.42 -40.53
CA TYR L 247 -27.74 -19.08 -40.19
C TYR L 247 -26.71 -19.13 -39.07
N ILE L 248 -25.99 -20.24 -38.99
CA ILE L 248 -24.98 -20.41 -37.95
C ILE L 248 -23.60 -20.70 -38.56
N THR L 249 -22.70 -19.72 -38.46
CA THR L 249 -21.34 -19.88 -38.96
C THR L 249 -20.37 -19.08 -38.09
N GLY L 250 -19.14 -19.58 -37.97
CA GLY L 250 -18.15 -18.97 -37.11
C GLY L 250 -18.57 -19.03 -35.66
N THR L 251 -19.31 -20.08 -35.31
CA THR L 251 -19.86 -20.22 -33.96
C THR L 251 -19.19 -21.36 -33.20
N SER L 252 -18.79 -21.09 -31.97
CA SER L 252 -18.20 -22.10 -31.10
C SER L 252 -19.29 -22.77 -30.27
N VAL L 253 -19.33 -24.10 -30.30
CA VAL L 253 -20.33 -24.86 -29.57
C VAL L 253 -19.71 -25.69 -28.45
N GLU L 254 -20.14 -25.43 -27.22
CA GLU L 254 -19.60 -26.14 -26.06
C GLU L 254 -20.45 -27.35 -25.69
N VAL L 255 -19.83 -28.52 -25.73
CA VAL L 255 -20.47 -29.76 -25.27
C VAL L 255 -19.69 -30.29 -24.07
N THR L 256 -19.61 -29.48 -23.02
CA THR L 256 -18.77 -29.80 -21.87
C THR L 256 -19.62 -30.13 -20.64
N GLY L 257 -20.90 -29.80 -20.69
CA GLY L 257 -21.77 -29.96 -19.54
C GLY L 257 -21.57 -28.81 -18.58
N GLY L 258 -21.06 -27.70 -19.09
CA GLY L 258 -20.83 -26.52 -18.30
C GLY L 258 -19.56 -26.61 -17.46
N LEU L 259 -18.59 -27.36 -17.96
CA LEU L 259 -17.33 -27.59 -17.26
C LEU L 259 -16.62 -26.29 -16.91
N PHE L 260 -16.36 -25.46 -17.91
CA PHE L 260 -15.70 -24.18 -17.69
C PHE L 260 -16.62 -23.02 -18.05
N MET L 261 -17.83 -23.34 -18.47
CA MET L 261 -18.84 -22.34 -18.82
C MET L 261 -18.34 -21.34 -19.86
N LEU M 5 -27.80 54.26 -11.57
CA LEU M 5 -26.56 55.02 -11.75
C LEU M 5 -26.17 55.09 -13.22
N GLN M 6 -25.97 53.94 -13.83
CA GLN M 6 -25.57 53.86 -15.23
C GLN M 6 -26.47 52.91 -16.02
N ASN M 7 -27.10 53.44 -17.07
CA ASN M 7 -27.89 52.65 -17.98
C ASN M 7 -27.53 52.97 -19.42
N ARG M 8 -26.27 52.77 -19.77
CA ARG M 8 -25.73 53.16 -21.07
C ARG M 8 -25.89 52.06 -22.12
N LEU M 9 -26.64 51.02 -21.78
CA LEU M 9 -26.87 49.90 -22.69
C LEU M 9 -28.35 49.56 -22.79
N ARG M 10 -29.20 50.57 -22.69
CA ARG M 10 -30.64 50.35 -22.70
C ARG M 10 -31.18 49.79 -24.01
N SER M 11 -30.48 50.08 -25.11
CA SER M 11 -30.94 49.66 -26.42
C SER M 11 -30.10 48.55 -27.01
N ALA M 12 -29.18 48.01 -26.21
CA ALA M 12 -28.25 47.01 -26.72
C ALA M 12 -28.74 45.58 -26.54
N LEU M 13 -28.33 44.71 -27.44
CA LEU M 13 -28.59 43.28 -27.33
C LEU M 13 -27.28 42.54 -27.10
N ALA M 14 -27.17 41.85 -25.98
CA ALA M 14 -25.92 41.23 -25.59
C ALA M 14 -25.90 39.72 -25.79
N LEU M 15 -24.94 39.24 -26.57
CA LEU M 15 -24.73 37.80 -26.75
C LEU M 15 -23.47 37.36 -26.01
N VAL M 16 -23.65 36.59 -24.94
CA VAL M 16 -22.52 36.14 -24.13
C VAL M 16 -22.41 34.61 -24.14
N THR M 17 -21.31 34.12 -24.71
CA THR M 17 -21.05 32.68 -24.73
C THR M 17 -20.42 32.24 -23.42
N GLY M 18 -20.85 31.07 -22.93
CA GLY M 18 -20.37 30.57 -21.66
C GLY M 18 -20.84 31.44 -20.51
N ALA M 19 -22.10 31.87 -20.57
CA ALA M 19 -22.66 32.78 -19.59
C ALA M 19 -23.37 32.03 -18.46
N GLY M 20 -23.10 30.74 -18.35
CA GLY M 20 -23.75 29.92 -17.35
C GLY M 20 -22.95 29.77 -16.07
N SER M 21 -21.72 30.29 -16.06
CA SER M 21 -20.86 30.17 -14.89
C SER M 21 -19.72 31.19 -14.88
N GLY M 22 -19.31 31.59 -13.68
CA GLY M 22 -18.15 32.45 -13.51
C GLY M 22 -18.28 33.84 -14.10
N ILE M 23 -17.34 34.19 -14.96
CA ILE M 23 -17.28 35.52 -15.56
C ILE M 23 -18.45 35.77 -16.51
N GLY M 24 -18.74 34.78 -17.35
CA GLY M 24 -19.82 34.90 -18.31
C GLY M 24 -21.16 35.23 -17.68
N ARG M 25 -21.41 34.67 -16.51
CA ARG M 25 -22.63 34.95 -15.77
C ARG M 25 -22.59 36.36 -15.17
N ALA M 26 -21.42 36.72 -14.65
CA ALA M 26 -21.23 38.04 -14.04
C ALA M 26 -21.36 39.15 -15.08
N VAL M 27 -20.87 38.89 -16.29
CA VAL M 27 -20.99 39.82 -17.39
C VAL M 27 -22.48 40.00 -17.75
N SER M 28 -23.20 38.89 -17.79
CA SER M 28 -24.63 38.91 -18.11
C SER M 28 -25.41 39.76 -17.11
N VAL M 29 -25.03 39.66 -15.84
CA VAL M 29 -25.67 40.45 -14.78
C VAL M 29 -25.27 41.92 -14.90
N ARG M 30 -23.99 42.16 -15.19
CA ARG M 30 -23.47 43.52 -15.31
C ARG M 30 -24.07 44.25 -16.50
N LEU M 31 -24.18 43.57 -17.64
CA LEU M 31 -24.72 44.18 -18.85
C LEU M 31 -26.22 44.42 -18.70
N ALA M 32 -26.94 43.44 -18.17
CA ALA M 32 -28.38 43.56 -17.97
C ALA M 32 -28.68 44.61 -16.88
N GLY M 33 -27.70 44.87 -16.03
CA GLY M 33 -27.83 45.88 -15.00
C GLY M 33 -27.81 47.28 -15.58
N GLU M 34 -27.33 47.39 -16.82
CA GLU M 34 -27.29 48.66 -17.52
C GLU M 34 -28.41 48.76 -18.55
N GLY M 35 -29.37 47.85 -18.46
CA GLY M 35 -30.56 47.87 -19.29
C GLY M 35 -30.42 47.12 -20.61
N ALA M 36 -29.46 46.21 -20.69
CA ALA M 36 -29.22 45.47 -21.92
C ALA M 36 -29.95 44.13 -21.91
N THR M 37 -30.50 43.75 -23.06
CA THR M 37 -31.12 42.44 -23.23
C THR M 37 -30.05 41.40 -23.50
N VAL M 38 -29.92 40.44 -22.58
CA VAL M 38 -28.85 39.45 -22.66
C VAL M 38 -29.30 38.14 -23.29
N ALA M 39 -28.61 37.73 -24.36
CA ALA M 39 -28.83 36.43 -24.96
C ALA M 39 -27.80 35.45 -24.44
N ALA M 40 -28.07 34.92 -23.24
CA ALA M 40 -27.13 34.03 -22.56
C ALA M 40 -26.89 32.74 -23.35
N CYS M 41 -25.65 32.55 -23.79
CA CYS M 41 -25.27 31.35 -24.51
C CYS M 41 -24.27 30.53 -23.72
N ASP M 42 -24.45 29.21 -23.74
CA ASP M 42 -23.55 28.32 -23.01
C ASP M 42 -23.70 26.88 -23.51
N LEU M 43 -22.66 26.08 -23.27
CA LEU M 43 -22.68 24.66 -23.64
C LEU M 43 -23.73 23.92 -22.83
N ASP M 44 -23.77 24.18 -21.53
CA ASP M 44 -24.76 23.57 -20.66
C ASP M 44 -26.04 24.40 -20.66
N ARG M 45 -27.13 23.81 -21.15
CA ARG M 45 -28.39 24.52 -21.27
C ARG M 45 -28.96 24.91 -19.91
N ALA M 46 -28.82 24.02 -18.93
CA ALA M 46 -29.32 24.27 -17.58
C ALA M 46 -28.61 25.47 -16.95
N ALA M 47 -27.33 25.61 -17.23
CA ALA M 47 -26.55 26.72 -16.70
C ALA M 47 -26.92 28.03 -17.40
N ALA M 48 -27.25 27.93 -18.69
CA ALA M 48 -27.63 29.09 -19.48
C ALA M 48 -28.99 29.63 -19.00
N GLN M 49 -29.93 28.72 -18.76
CA GLN M 49 -31.26 29.09 -18.29
C GLN M 49 -31.20 29.62 -16.87
N GLU M 50 -30.24 29.12 -16.10
CA GLU M 50 -30.08 29.52 -14.70
C GLU M 50 -29.62 30.96 -14.59
N THR M 51 -28.83 31.41 -15.56
CA THR M 51 -28.35 32.79 -15.58
C THR M 51 -29.48 33.74 -15.93
N VAL M 52 -30.37 33.29 -16.82
CA VAL M 52 -31.53 34.07 -17.22
C VAL M 52 -32.45 34.32 -16.03
N ARG M 53 -32.54 33.33 -15.14
CA ARG M 53 -33.34 33.44 -13.92
C ARG M 53 -32.73 34.45 -12.96
N LEU M 54 -31.47 34.78 -13.15
CA LEU M 54 -30.77 35.73 -12.30
C LEU M 54 -30.92 37.17 -12.79
N LEU M 55 -31.22 37.33 -14.07
CA LEU M 55 -31.37 38.66 -14.66
C LEU M 55 -32.70 39.30 -14.30
N ASN M 68 -36.98 40.85 -23.54
CA ASN M 68 -36.86 39.73 -22.60
C ASN M 68 -35.57 38.94 -22.82
N HIS M 69 -34.96 38.50 -21.72
CA HIS M 69 -33.74 37.72 -21.79
C HIS M 69 -34.02 36.30 -22.28
N ALA M 70 -33.11 35.74 -23.06
CA ALA M 70 -33.29 34.40 -23.61
C ALA M 70 -32.03 33.57 -23.47
N ALA M 71 -32.20 32.25 -23.39
CA ALA M 71 -31.08 31.33 -23.27
C ALA M 71 -30.89 30.52 -24.55
N PHE M 72 -29.64 30.28 -24.92
CA PHE M 72 -29.32 29.53 -26.12
C PHE M 72 -28.22 28.51 -25.86
N GLN M 73 -28.45 27.28 -26.30
CA GLN M 73 -27.46 26.22 -26.14
C GLN M 73 -26.67 26.04 -27.43
N ALA M 74 -25.36 26.21 -27.36
CA ALA M 74 -24.51 26.10 -28.54
C ALA M 74 -23.08 25.72 -28.18
N ASP M 75 -22.44 24.94 -29.05
CA ASP M 75 -21.03 24.60 -28.88
C ASP M 75 -20.19 25.47 -29.82
N VAL M 76 -19.46 26.41 -29.24
CA VAL M 76 -18.68 27.38 -30.02
C VAL M 76 -17.57 26.70 -30.81
N SER M 77 -17.19 25.49 -30.40
CA SER M 77 -16.14 24.74 -31.07
C SER M 77 -16.54 24.35 -32.49
N GLU M 78 -17.79 23.87 -32.64
CA GLU M 78 -18.30 23.46 -33.94
C GLU M 78 -18.75 24.66 -34.76
N ALA M 79 -18.52 24.58 -36.08
CA ALA M 79 -18.87 25.66 -36.99
C ALA M 79 -20.38 25.77 -37.17
N ARG M 80 -21.07 24.64 -37.09
CA ARG M 80 -22.51 24.61 -37.27
C ARG M 80 -23.24 25.26 -36.09
N ALA M 81 -22.86 24.86 -34.87
CA ALA M 81 -23.50 25.37 -33.67
C ALA M 81 -23.21 26.86 -33.46
N ALA M 82 -22.08 27.32 -33.97
CA ALA M 82 -21.71 28.73 -33.85
C ALA M 82 -22.50 29.59 -34.81
N ARG M 83 -22.73 29.07 -36.02
CA ARG M 83 -23.49 29.81 -37.03
C ARG M 83 -24.99 29.77 -36.72
N CYS M 84 -25.45 28.64 -36.22
CA CYS M 84 -26.86 28.50 -35.85
C CYS M 84 -27.20 29.34 -34.63
N LEU M 85 -26.19 29.62 -33.81
CA LEU M 85 -26.36 30.45 -32.62
C LEU M 85 -26.83 31.86 -32.99
N LEU M 86 -26.11 32.48 -33.92
CA LEU M 86 -26.44 33.84 -34.36
C LEU M 86 -27.76 33.86 -35.11
N GLU M 87 -28.04 32.79 -35.84
CA GLU M 87 -29.29 32.68 -36.60
C GLU M 87 -30.47 32.46 -35.65
N GLN M 88 -30.21 31.86 -34.50
CA GLN M 88 -31.25 31.61 -33.51
C GLN M 88 -31.52 32.85 -32.69
N VAL M 89 -30.51 33.72 -32.58
CA VAL M 89 -30.67 34.99 -31.87
C VAL M 89 -31.48 35.96 -32.72
N GLN M 90 -31.19 35.99 -34.02
CA GLN M 90 -31.90 36.86 -34.95
C GLN M 90 -33.33 36.38 -35.19
N ALA M 91 -33.60 35.12 -34.84
CA ALA M 91 -34.92 34.55 -35.03
C ALA M 91 -35.81 34.78 -33.81
N CYS M 92 -35.21 35.32 -32.75
CA CYS M 92 -35.94 35.57 -31.50
C CYS M 92 -35.99 37.06 -31.17
N PHE M 93 -34.99 37.81 -31.62
CA PHE M 93 -34.92 39.24 -31.32
C PHE M 93 -35.06 40.09 -32.58
N SER M 94 -35.14 39.42 -33.73
CA SER M 94 -35.29 40.08 -35.03
C SER M 94 -34.17 41.08 -35.31
N ARG M 95 -33.02 40.87 -34.67
CA ARG M 95 -31.86 41.74 -34.86
C ARG M 95 -30.58 41.08 -34.35
N PRO M 96 -29.44 41.39 -34.99
CA PRO M 96 -28.15 40.87 -34.56
C PRO M 96 -27.67 41.54 -33.26
N PRO M 97 -26.92 40.79 -32.43
CA PRO M 97 -26.38 41.32 -31.17
C PRO M 97 -25.41 42.47 -31.37
N SER M 98 -25.71 43.62 -30.77
CA SER M 98 -24.83 44.78 -30.88
C SER M 98 -23.58 44.60 -30.02
N VAL M 99 -23.69 43.74 -29.01
CA VAL M 99 -22.57 43.42 -28.14
C VAL M 99 -22.37 41.91 -28.06
N VAL M 100 -21.20 41.45 -28.48
CA VAL M 100 -20.90 40.02 -28.47
C VAL M 100 -19.67 39.73 -27.61
N VAL M 101 -19.89 39.07 -26.48
CA VAL M 101 -18.81 38.77 -25.54
C VAL M 101 -18.55 37.26 -25.47
N SER M 102 -17.33 36.86 -25.81
CA SER M 102 -16.97 35.45 -25.80
C SER M 102 -16.27 35.05 -24.52
N CYS M 103 -17.02 34.51 -23.57
CA CYS M 103 -16.47 34.09 -22.29
C CYS M 103 -16.32 32.58 -22.20
N ALA M 104 -16.85 31.89 -23.19
CA ALA M 104 -16.80 30.43 -23.22
C ALA M 104 -15.38 29.92 -23.43
N GLY M 105 -14.88 29.18 -22.44
CA GLY M 105 -13.54 28.62 -22.50
C GLY M 105 -13.28 27.62 -21.39
N ILE M 106 -12.35 26.70 -21.63
CA ILE M 106 -12.03 25.66 -20.66
C ILE M 106 -10.54 25.57 -20.39
N THR M 107 -10.15 24.60 -19.56
CA THR M 107 -8.75 24.34 -19.29
C THR M 107 -8.47 22.84 -19.29
N GLN M 108 -7.29 22.45 -19.75
CA GLN M 108 -6.86 21.06 -19.73
C GLN M 108 -5.36 21.00 -19.43
N ASP M 109 -5.01 21.37 -18.20
CA ASP M 109 -3.61 21.56 -17.82
C ASP M 109 -2.81 20.28 -17.73
N GLU M 110 -1.59 20.35 -18.25
CA GLU M 110 -0.61 19.29 -18.16
C GLU M 110 0.74 19.84 -18.62
N PHE M 111 1.82 19.34 -18.03
CA PHE M 111 3.16 19.78 -18.42
C PHE M 111 3.42 19.46 -19.88
N LEU M 112 4.25 20.27 -20.52
CA LEU M 112 4.56 20.11 -21.94
C LEU M 112 5.11 18.71 -22.26
N LEU M 113 5.89 18.17 -21.34
CA LEU M 113 6.50 16.87 -21.54
C LEU M 113 5.49 15.74 -21.44
N HIS M 114 4.36 16.01 -20.81
CA HIS M 114 3.36 14.98 -20.55
C HIS M 114 1.99 15.30 -21.14
N MET M 115 1.91 16.40 -21.89
CA MET M 115 0.64 16.79 -22.51
C MET M 115 0.34 15.93 -23.72
N SER M 116 -0.91 15.48 -23.82
CA SER M 116 -1.33 14.64 -24.93
C SER M 116 -1.89 15.47 -26.08
N GLU M 117 -2.18 14.82 -27.20
CA GLU M 117 -2.71 15.49 -28.37
C GLU M 117 -4.14 15.97 -28.13
N ASP M 118 -4.90 15.18 -27.39
CA ASP M 118 -6.29 15.50 -27.10
C ASP M 118 -6.41 16.72 -26.19
N ASP M 119 -5.49 16.84 -25.24
CA ASP M 119 -5.47 17.99 -24.33
C ASP M 119 -5.22 19.28 -25.08
N TRP M 120 -4.42 19.19 -26.14
CA TRP M 120 -4.14 20.34 -26.99
C TRP M 120 -5.33 20.69 -27.86
N ASP M 121 -5.83 19.69 -28.60
CA ASP M 121 -6.94 19.90 -29.53
C ASP M 121 -8.21 20.36 -28.82
N LYS M 122 -8.34 20.01 -27.56
CA LYS M 122 -9.55 20.34 -26.78
C LYS M 122 -9.63 21.83 -26.46
N VAL M 123 -8.55 22.37 -25.90
CA VAL M 123 -8.50 23.77 -25.50
C VAL M 123 -8.55 24.72 -26.70
N ILE M 124 -7.78 24.40 -27.73
CA ILE M 124 -7.70 25.23 -28.92
C ILE M 124 -9.05 25.33 -29.64
N ALA M 125 -9.78 24.22 -29.66
CA ALA M 125 -11.09 24.19 -30.32
C ALA M 125 -12.10 25.07 -29.61
N VAL M 126 -11.97 25.17 -28.28
CA VAL M 126 -12.91 25.94 -27.48
C VAL M 126 -12.46 27.38 -27.28
N ASN M 127 -11.26 27.56 -26.75
CA ASN M 127 -10.76 28.87 -26.38
C ASN M 127 -10.34 29.72 -27.58
N LEU M 128 -9.88 29.07 -28.64
CA LEU M 128 -9.38 29.79 -29.82
C LEU M 128 -10.35 29.68 -31.00
N LYS M 129 -10.59 28.46 -31.46
CA LYS M 129 -11.48 28.24 -32.60
C LYS M 129 -12.90 28.66 -32.26
N GLY M 130 -13.29 28.47 -31.00
CA GLY M 130 -14.60 28.87 -30.54
C GLY M 130 -14.78 30.37 -30.61
N THR M 131 -13.75 31.11 -30.18
CA THR M 131 -13.78 32.57 -30.24
C THR M 131 -13.78 33.03 -31.70
N PHE M 132 -13.11 32.26 -32.56
CA PHE M 132 -13.04 32.58 -33.98
C PHE M 132 -14.41 32.52 -34.65
N LEU M 133 -15.09 31.39 -34.49
CA LEU M 133 -16.37 31.16 -35.14
C LEU M 133 -17.47 32.08 -34.61
N VAL M 134 -17.33 32.51 -33.37
CA VAL M 134 -18.28 33.44 -32.77
C VAL M 134 -18.03 34.86 -33.27
N THR M 135 -16.77 35.28 -33.26
CA THR M 135 -16.39 36.61 -33.73
C THR M 135 -16.72 36.76 -35.22
N GLN M 136 -16.62 35.65 -35.95
CA GLN M 136 -16.89 35.66 -37.38
C GLN M 136 -18.39 35.78 -37.67
N ALA M 137 -19.17 34.87 -37.10
CA ALA M 137 -20.61 34.81 -37.35
C ALA M 137 -21.32 36.07 -36.87
N ALA M 138 -20.86 36.61 -35.74
CA ALA M 138 -21.44 37.84 -35.20
C ALA M 138 -21.15 39.02 -36.11
N ALA M 139 -19.95 39.02 -36.69
CA ALA M 139 -19.56 40.08 -37.62
C ALA M 139 -20.37 39.97 -38.91
N GLN M 140 -20.62 38.75 -39.35
CA GLN M 140 -21.42 38.50 -40.55
C GLN M 140 -22.84 38.99 -40.37
N ALA M 141 -23.32 38.97 -39.13
CA ALA M 141 -24.67 39.40 -38.82
C ALA M 141 -24.80 40.91 -38.78
N LEU M 142 -23.81 41.57 -38.18
CA LEU M 142 -23.82 43.02 -38.02
C LEU M 142 -23.57 43.75 -39.34
N VAL M 143 -22.75 43.15 -40.21
CA VAL M 143 -22.44 43.74 -41.49
C VAL M 143 -23.60 43.58 -42.48
N SER M 144 -24.17 42.38 -42.51
CA SER M 144 -25.29 42.09 -43.41
C SER M 144 -26.50 42.96 -43.10
N ASN M 145 -26.66 43.32 -41.84
CA ASN M 145 -27.76 44.18 -41.41
C ASN M 145 -27.33 45.65 -41.31
N GLY M 146 -26.06 45.90 -41.60
CA GLY M 146 -25.53 47.24 -41.58
C GLY M 146 -25.53 47.87 -40.20
N CYS M 147 -25.43 47.04 -39.17
CA CYS M 147 -25.46 47.51 -37.80
C CYS M 147 -24.06 47.60 -37.22
N ARG M 148 -23.83 48.61 -36.38
CA ARG M 148 -22.56 48.74 -35.67
C ARG M 148 -22.56 47.81 -34.46
N GLY M 149 -21.38 47.42 -34.02
CA GLY M 149 -21.26 46.51 -32.90
C GLY M 149 -19.97 46.64 -32.13
N SER M 150 -19.86 45.86 -31.04
CA SER M 150 -18.67 45.87 -30.20
C SER M 150 -18.33 44.47 -29.71
N ILE M 151 -17.55 43.74 -30.51
CA ILE M 151 -17.15 42.39 -30.15
C ILE M 151 -16.06 42.40 -29.08
N ILE M 152 -16.32 41.73 -27.97
CA ILE M 152 -15.39 41.70 -26.85
C ILE M 152 -14.93 40.28 -26.54
N ASN M 153 -13.63 40.03 -26.64
CA ASN M 153 -13.08 38.71 -26.38
C ASN M 153 -12.34 38.65 -25.06
N ILE M 154 -12.61 37.59 -24.30
CA ILE M 154 -11.96 37.40 -22.99
C ILE M 154 -10.73 36.51 -23.12
N SER M 155 -9.56 37.13 -23.17
CA SER M 155 -8.31 36.40 -23.23
C SER M 155 -7.80 36.10 -21.83
N SER M 156 -6.50 36.27 -21.62
CA SER M 156 -5.90 36.05 -20.31
C SER M 156 -4.51 36.68 -20.24
N ILE M 157 -4.05 36.95 -19.02
CA ILE M 157 -2.70 37.49 -18.82
C ILE M 157 -1.68 36.43 -19.18
N VAL M 158 -2.12 35.17 -19.19
CA VAL M 158 -1.29 34.05 -19.62
C VAL M 158 -0.98 34.19 -21.11
N GLY M 159 -1.89 34.81 -21.84
CA GLY M 159 -1.73 35.01 -23.27
C GLY M 159 -0.64 36.00 -23.63
N LYS M 160 -0.04 36.62 -22.61
CA LYS M 160 1.02 37.61 -22.83
C LYS M 160 2.38 37.08 -22.37
N VAL M 161 2.38 36.24 -21.34
CA VAL M 161 3.62 35.75 -20.75
C VAL M 161 3.70 34.23 -20.67
N GLY M 162 2.55 33.57 -20.65
CA GLY M 162 2.52 32.13 -20.51
C GLY M 162 2.49 31.70 -19.05
N ASN M 163 2.18 30.43 -18.82
CA ASN M 163 2.12 29.90 -17.46
C ASN M 163 2.40 28.40 -17.41
N VAL M 164 2.95 27.95 -16.29
CA VAL M 164 3.31 26.55 -16.11
C VAL M 164 2.10 25.63 -16.21
N GLY M 165 2.19 24.61 -17.06
CA GLY M 165 1.13 23.64 -17.23
C GLY M 165 0.07 24.10 -18.21
N GLN M 166 0.24 25.31 -18.73
CA GLN M 166 -0.71 25.88 -19.68
C GLN M 166 -0.07 26.16 -21.02
N THR M 167 0.50 25.13 -21.63
CA THR M 167 1.11 25.26 -22.94
C THR M 167 0.04 25.46 -24.01
N ASN M 168 -1.07 24.73 -23.86
CA ASN M 168 -2.18 24.84 -24.78
C ASN M 168 -3.09 26.02 -24.48
N TYR M 169 -3.15 26.39 -23.20
CA TYR M 169 -4.00 27.50 -22.76
C TYR M 169 -3.40 28.84 -23.14
N ALA M 170 -2.08 28.96 -23.02
CA ALA M 170 -1.39 30.20 -23.36
C ALA M 170 -1.45 30.48 -24.85
N ALA M 171 -1.27 29.44 -25.65
CA ALA M 171 -1.29 29.57 -27.11
C ALA M 171 -2.68 29.99 -27.60
N SER M 172 -3.71 29.46 -26.95
CA SER M 172 -5.08 29.81 -27.31
C SER M 172 -5.38 31.26 -26.96
N LYS M 173 -5.07 31.66 -25.73
CA LYS M 173 -5.35 33.02 -25.27
C LYS M 173 -4.51 34.05 -26.02
N ALA M 174 -3.30 33.66 -26.42
CA ALA M 174 -2.46 34.53 -27.22
C ALA M 174 -3.02 34.64 -28.63
N GLY M 175 -3.59 33.54 -29.11
CA GLY M 175 -4.22 33.50 -30.42
C GLY M 175 -5.46 34.36 -30.48
N VAL M 176 -6.18 34.44 -29.37
CA VAL M 176 -7.38 35.26 -29.27
C VAL M 176 -7.05 36.74 -29.50
N ILE M 177 -5.96 37.20 -28.88
CA ILE M 177 -5.52 38.58 -29.01
C ILE M 177 -5.19 38.93 -30.45
N GLY M 178 -4.35 38.12 -31.08
CA GLY M 178 -3.97 38.32 -32.46
C GLY M 178 -5.15 38.23 -33.40
N LEU M 179 -6.11 37.39 -33.05
CA LEU M 179 -7.34 37.23 -33.82
C LEU M 179 -8.21 38.47 -33.70
N THR M 180 -8.35 38.96 -32.48
CA THR M 180 -9.18 40.13 -32.19
C THR M 180 -8.58 41.39 -32.82
N GLN M 181 -7.25 41.47 -32.82
CA GLN M 181 -6.56 42.59 -33.42
C GLN M 181 -6.80 42.64 -34.92
N THR M 182 -6.77 41.48 -35.57
CA THR M 182 -7.01 41.39 -37.01
C THR M 182 -8.44 41.78 -37.35
N ALA M 183 -9.40 41.24 -36.60
CA ALA M 183 -10.81 41.52 -36.82
C ALA M 183 -11.11 43.01 -36.63
N ALA M 184 -10.46 43.62 -35.65
CA ALA M 184 -10.64 45.03 -35.35
C ALA M 184 -10.16 45.92 -36.49
N ARG M 185 -9.19 45.41 -37.25
CA ARG M 185 -8.58 46.16 -38.34
C ARG M 185 -9.40 46.03 -39.62
N GLU M 186 -10.04 44.89 -39.81
CA GLU M 186 -10.86 44.64 -41.00
C GLU M 186 -12.27 45.21 -40.83
N LEU M 187 -12.82 45.06 -39.63
CA LEU M 187 -14.19 45.48 -39.36
C LEU M 187 -14.26 46.92 -38.85
N GLY M 188 -13.10 47.58 -38.83
CA GLY M 188 -13.03 48.96 -38.37
C GLY M 188 -13.84 49.89 -39.25
N ARG M 189 -13.83 49.64 -40.55
CA ARG M 189 -14.57 50.45 -41.50
C ARG M 189 -16.05 50.12 -41.47
N HIS M 190 -16.39 48.95 -40.96
CA HIS M 190 -17.77 48.51 -40.86
C HIS M 190 -18.42 49.00 -39.57
N GLY M 191 -17.64 49.69 -38.75
CA GLY M 191 -18.13 50.25 -37.50
C GLY M 191 -18.27 49.21 -36.40
N ILE M 192 -17.38 48.22 -36.40
CA ILE M 192 -17.40 47.19 -35.38
C ILE M 192 -16.08 47.12 -34.62
N ARG M 193 -16.12 47.52 -33.34
CA ARG M 193 -14.92 47.54 -32.51
C ARG M 193 -14.66 46.17 -31.89
N CYS M 194 -13.41 45.72 -31.96
CA CYS M 194 -13.02 44.45 -31.39
C CYS M 194 -11.87 44.62 -30.40
N ASN M 195 -12.08 44.14 -29.17
CA ASN M 195 -11.08 44.28 -28.12
C ASN M 195 -10.87 43.00 -27.32
N SER M 196 -9.75 42.93 -26.62
CA SER M 196 -9.42 41.76 -25.81
C SER M 196 -9.33 42.11 -24.33
N VAL M 197 -9.72 41.18 -23.48
CA VAL M 197 -9.64 41.36 -22.03
C VAL M 197 -8.64 40.38 -21.44
N LEU M 198 -7.64 40.89 -20.73
CA LEU M 198 -6.60 40.05 -20.15
C LEU M 198 -6.62 40.11 -18.63
N PRO M 199 -7.46 39.28 -18.00
CA PRO M 199 -7.59 39.27 -16.55
C PRO M 199 -6.58 38.35 -15.86
N GLY M 200 -6.33 38.59 -14.58
CA GLY M 200 -5.40 37.77 -13.82
C GLY M 200 -6.06 36.52 -13.24
N PHE M 201 -6.20 36.49 -11.92
CA PHE M 201 -6.88 35.39 -11.24
C PHE M 201 -8.14 35.87 -10.53
N ILE M 202 -9.25 35.23 -10.83
CA ILE M 202 -10.57 35.69 -10.39
C ILE M 202 -11.36 34.58 -9.71
N ALA M 203 -11.91 34.88 -8.52
CA ALA M 203 -12.73 33.93 -7.79
C ALA M 203 -13.86 33.35 -8.64
N THR M 204 -13.54 32.29 -9.38
CA THR M 204 -14.47 31.61 -10.27
C THR M 204 -14.42 30.08 -10.09
N PRO M 205 -15.47 29.36 -10.53
CA PRO M 205 -15.42 27.89 -10.48
C PRO M 205 -14.21 27.30 -11.20
N MET M 206 -13.72 28.00 -12.21
CA MET M 206 -12.51 27.59 -12.92
C MET M 206 -11.28 27.69 -12.04
N THR M 207 -11.13 28.82 -11.34
CA THR M 207 -9.98 29.04 -10.48
C THR M 207 -10.11 28.25 -9.18
N GLN M 208 -11.34 27.80 -8.89
CA GLN M 208 -11.59 27.05 -7.67
C GLN M 208 -10.99 25.66 -7.77
N LYS M 209 -10.75 25.22 -9.00
CA LYS M 209 -10.10 23.93 -9.25
C LYS M 209 -8.63 23.99 -8.82
N VAL M 210 -8.06 25.19 -8.83
CA VAL M 210 -6.68 25.37 -8.38
C VAL M 210 -6.60 25.12 -6.88
N PRO M 211 -5.64 24.28 -6.45
CA PRO M 211 -5.42 23.97 -5.03
C PRO M 211 -5.30 25.22 -4.17
N GLN M 212 -5.92 25.19 -3.00
CA GLN M 212 -5.97 26.35 -2.11
C GLN M 212 -4.57 26.80 -1.69
N LYS M 213 -3.66 25.85 -1.55
CA LYS M 213 -2.28 26.17 -1.18
C LYS M 213 -1.60 26.96 -2.28
N VAL M 214 -1.95 26.66 -3.52
CA VAL M 214 -1.39 27.36 -4.68
C VAL M 214 -2.01 28.75 -4.82
N VAL M 215 -3.30 28.84 -4.52
CA VAL M 215 -4.03 30.11 -4.58
C VAL M 215 -3.42 31.12 -3.61
N ASP M 216 -3.08 30.66 -2.41
CA ASP M 216 -2.49 31.52 -1.39
C ASP M 216 -1.11 32.02 -1.84
N LYS M 217 -0.39 31.18 -2.57
CA LYS M 217 0.92 31.54 -3.09
C LYS M 217 0.80 32.61 -4.17
N ILE M 218 -0.20 32.44 -5.03
CA ILE M 218 -0.48 33.42 -6.07
C ILE M 218 -0.99 34.72 -5.45
N THR M 219 -1.76 34.57 -4.38
CA THR M 219 -2.31 35.71 -3.65
C THR M 219 -1.20 36.63 -3.14
N GLU M 220 -0.08 36.03 -2.76
CA GLU M 220 1.09 36.80 -2.31
C GLU M 220 1.84 37.38 -3.49
N MET M 221 1.70 36.74 -4.65
CA MET M 221 2.38 37.19 -5.86
C MET M 221 1.68 38.41 -6.46
N ILE M 222 0.35 38.45 -6.32
CA ILE M 222 -0.43 39.58 -6.82
C ILE M 222 -0.21 40.81 -5.97
N PRO M 223 0.17 41.93 -6.61
CA PRO M 223 0.39 43.22 -5.92
C PRO M 223 -0.82 43.68 -5.12
N MET M 224 -2.02 43.33 -5.59
CA MET M 224 -3.25 43.65 -4.85
C MET M 224 -3.34 42.85 -3.56
N GLY M 225 -2.82 41.62 -3.60
CA GLY M 225 -2.82 40.77 -2.43
C GLY M 225 -4.13 40.02 -2.23
N HIS M 226 -4.89 39.87 -3.30
CA HIS M 226 -6.16 39.16 -3.25
C HIS M 226 -6.62 38.71 -4.64
N LEU M 227 -7.62 37.83 -4.66
CA LEU M 227 -8.20 37.37 -5.91
C LEU M 227 -9.15 38.41 -6.49
N GLY M 228 -9.23 38.48 -7.82
CA GLY M 228 -10.13 39.40 -8.47
C GLY M 228 -11.56 38.90 -8.40
N ASP M 229 -12.51 39.82 -8.57
CA ASP M 229 -13.92 39.46 -8.56
C ASP M 229 -14.47 39.42 -9.98
N PRO M 230 -15.43 38.50 -10.23
CA PRO M 230 -16.06 38.38 -11.55
C PRO M 230 -16.76 39.67 -11.98
N GLU M 231 -17.08 40.52 -11.00
CA GLU M 231 -17.69 41.82 -11.29
C GLU M 231 -16.63 42.80 -11.78
N ASP M 232 -15.40 42.63 -11.31
CA ASP M 232 -14.29 43.48 -11.73
C ASP M 232 -13.96 43.26 -13.20
N VAL M 233 -14.06 42.02 -13.64
CA VAL M 233 -13.83 41.67 -15.05
C VAL M 233 -15.00 42.15 -15.91
N ALA M 234 -16.21 42.01 -15.38
CA ALA M 234 -17.40 42.45 -16.09
C ALA M 234 -17.47 43.96 -16.17
N ASP M 235 -16.72 44.63 -15.29
CA ASP M 235 -16.69 46.08 -15.26
C ASP M 235 -16.01 46.66 -16.50
N VAL M 236 -15.01 45.94 -17.00
CA VAL M 236 -14.27 46.40 -18.17
C VAL M 236 -14.96 45.93 -19.46
N VAL M 237 -15.84 44.95 -19.32
CA VAL M 237 -16.59 44.44 -20.46
C VAL M 237 -17.72 45.40 -20.80
N ALA M 238 -18.42 45.88 -19.78
CA ALA M 238 -19.50 46.84 -19.96
C ALA M 238 -18.96 48.17 -20.49
N PHE M 239 -17.70 48.44 -20.19
CA PHE M 239 -17.03 49.65 -20.67
C PHE M 239 -16.75 49.54 -22.17
N LEU M 240 -16.29 48.38 -22.61
CA LEU M 240 -16.00 48.15 -24.02
C LEU M 240 -17.28 47.92 -24.82
N ALA M 241 -18.38 47.69 -24.12
CA ALA M 241 -19.66 47.41 -24.77
C ALA M 241 -20.44 48.70 -25.03
N SER M 242 -20.13 49.75 -24.28
CA SER M 242 -20.83 51.02 -24.40
C SER M 242 -20.10 51.97 -25.35
N GLU M 243 -20.69 53.15 -25.54
CA GLU M 243 -20.10 54.16 -26.43
C GLU M 243 -19.14 55.07 -25.68
N ASP M 244 -18.81 54.69 -24.44
CA ASP M 244 -17.78 55.38 -23.68
C ASP M 244 -16.41 54.90 -24.14
N SER M 245 -16.42 53.84 -24.94
CA SER M 245 -15.20 53.30 -25.54
C SER M 245 -15.30 53.36 -27.06
N GLY M 246 -15.99 54.37 -27.55
CA GLY M 246 -16.25 54.52 -28.97
C GLY M 246 -15.00 54.63 -29.83
N TYR M 247 -13.90 55.06 -29.22
CA TYR M 247 -12.64 55.18 -29.94
C TYR M 247 -11.63 54.14 -29.44
N ILE M 248 -12.14 53.00 -29.01
CA ILE M 248 -11.30 51.91 -28.52
C ILE M 248 -11.54 50.63 -29.31
N THR M 249 -10.56 50.22 -30.09
CA THR M 249 -10.64 48.99 -30.86
C THR M 249 -9.25 48.40 -31.08
N GLY M 250 -9.15 47.07 -31.02
CA GLY M 250 -7.88 46.39 -31.15
C GLY M 250 -7.01 46.61 -29.93
N THR M 251 -7.64 46.91 -28.80
CA THR M 251 -6.92 47.20 -27.56
C THR M 251 -7.13 46.10 -26.53
N SER M 252 -6.05 45.69 -25.87
CA SER M 252 -6.12 44.68 -24.82
C SER M 252 -6.12 45.33 -23.45
N VAL M 253 -7.15 45.03 -22.66
CA VAL M 253 -7.27 45.59 -21.31
C VAL M 253 -6.89 44.57 -20.25
N GLU M 254 -5.99 44.97 -19.35
CA GLU M 254 -5.51 44.06 -18.31
C GLU M 254 -6.22 44.26 -16.99
N VAL M 255 -6.94 43.23 -16.55
CA VAL M 255 -7.60 43.23 -15.25
C VAL M 255 -6.93 42.20 -14.35
N THR M 256 -5.63 42.38 -14.14
CA THR M 256 -4.83 41.38 -13.42
C THR M 256 -4.53 41.79 -11.99
N GLY M 257 -4.67 43.08 -11.69
CA GLY M 257 -4.28 43.61 -10.40
C GLY M 257 -2.79 43.90 -10.38
N GLY M 258 -2.19 43.91 -11.56
CA GLY M 258 -0.79 44.22 -11.72
C GLY M 258 0.13 43.02 -11.54
N LEU M 259 -0.43 41.82 -11.67
CA LEU M 259 0.32 40.59 -11.49
C LEU M 259 1.48 40.50 -12.49
N PHE M 260 1.16 40.50 -13.78
CA PHE M 260 2.16 40.45 -14.82
C PHE M 260 2.07 41.67 -15.72
N MET M 261 2.57 42.80 -15.24
CA MET M 261 2.53 44.05 -15.99
C MET M 261 3.36 43.98 -17.25
N HIS N 4 -31.10 62.89 -0.06
CA HIS N 4 -30.90 62.24 -1.34
C HIS N 4 -29.41 62.12 -1.66
N HIS N 5 -28.96 62.81 -2.70
CA HIS N 5 -27.56 62.75 -3.12
C HIS N 5 -26.64 63.35 -2.06
N HIS N 6 -25.69 62.54 -1.59
CA HIS N 6 -24.74 63.00 -0.58
C HIS N 6 -23.47 62.15 -0.56
N HIS N 7 -22.61 62.32 -1.57
CA HIS N 7 -21.30 61.68 -1.55
C HIS N 7 -20.24 62.69 -1.14
N MET N 8 -19.94 62.73 0.16
CA MET N 8 -19.07 63.72 0.77
C MET N 8 -17.68 63.81 0.14
N ASP N 9 -16.91 62.73 0.26
CA ASP N 9 -15.52 62.74 -0.20
C ASP N 9 -15.23 61.73 -1.30
N LYS N 10 -14.86 62.26 -2.46
CA LYS N 10 -14.37 61.47 -3.59
C LYS N 10 -13.66 62.44 -4.53
N VAL N 11 -12.85 63.30 -3.93
CA VAL N 11 -12.20 64.40 -4.62
C VAL N 11 -11.14 63.94 -5.62
N CYS N 12 -11.00 64.68 -6.72
CA CYS N 12 -10.01 64.38 -7.74
C CYS N 12 -9.26 65.64 -8.17
N ALA N 13 -7.93 65.60 -8.08
CA ALA N 13 -7.12 66.73 -8.49
C ALA N 13 -6.60 66.53 -9.92
N VAL N 14 -7.14 67.30 -10.85
CA VAL N 14 -6.75 67.17 -12.25
C VAL N 14 -5.77 68.26 -12.68
N PHE N 15 -4.52 67.88 -12.87
CA PHE N 15 -3.50 68.81 -13.35
C PHE N 15 -3.68 69.08 -14.84
N GLY N 16 -3.66 70.36 -15.21
CA GLY N 16 -3.90 70.75 -16.58
C GLY N 16 -5.36 70.56 -16.94
N GLY N 17 -6.23 70.74 -15.96
CA GLY N 17 -7.65 70.54 -16.13
C GLY N 17 -8.38 71.79 -16.62
N SER N 18 -7.69 72.60 -17.41
CA SER N 18 -8.30 73.80 -17.97
C SER N 18 -8.20 73.79 -19.49
N ARG N 19 -7.47 72.81 -20.02
CA ARG N 19 -7.22 72.73 -21.45
C ARG N 19 -7.09 71.28 -21.91
N GLY N 20 -7.51 71.02 -23.15
CA GLY N 20 -7.36 69.72 -23.75
C GLY N 20 -8.07 68.58 -23.04
N ILE N 21 -7.32 67.52 -22.75
CA ILE N 21 -7.87 66.32 -22.14
C ILE N 21 -8.33 66.55 -20.70
N GLY N 22 -7.47 67.18 -19.90
CA GLY N 22 -7.74 67.44 -18.50
C GLY N 22 -9.04 68.19 -18.27
N ARG N 23 -9.36 69.09 -19.20
CA ARG N 23 -10.62 69.84 -19.12
C ARG N 23 -11.81 68.92 -19.37
N ALA N 24 -11.67 68.05 -20.36
CA ALA N 24 -12.72 67.10 -20.70
C ALA N 24 -12.92 66.08 -19.59
N VAL N 25 -11.82 65.73 -18.93
CA VAL N 25 -11.86 64.79 -17.82
C VAL N 25 -12.68 65.38 -16.68
N ALA N 26 -12.37 66.63 -16.32
CA ALA N 26 -13.10 67.35 -15.27
C ALA N 26 -14.61 67.36 -15.47
N GLN N 27 -15.04 67.69 -16.68
CA GLN N 27 -16.47 67.78 -16.98
C GLN N 27 -17.16 66.42 -16.89
N LEU N 28 -16.39 65.36 -17.09
CA LEU N 28 -16.90 64.00 -16.96
C LEU N 28 -16.94 63.58 -15.49
N MET N 29 -16.05 64.16 -14.68
CA MET N 29 -16.01 63.86 -13.26
C MET N 29 -17.09 64.62 -12.49
N ALA N 30 -17.27 65.89 -12.82
CA ALA N 30 -18.19 66.77 -12.10
C ALA N 30 -19.64 66.31 -12.18
N ARG N 31 -19.97 65.60 -13.25
CA ARG N 31 -21.34 65.13 -13.45
C ARG N 31 -21.60 63.82 -12.70
N LYS N 32 -20.55 63.10 -12.37
CA LYS N 32 -20.67 61.85 -11.66
C LYS N 32 -20.76 62.05 -10.15
N GLY N 33 -20.44 63.26 -9.69
CA GLY N 33 -20.50 63.59 -8.28
C GLY N 33 -19.14 63.80 -7.66
N TYR N 34 -18.09 63.70 -8.48
CA TYR N 34 -16.73 63.90 -8.01
C TYR N 34 -16.48 65.36 -7.63
N ARG N 35 -15.80 65.55 -6.51
CA ARG N 35 -15.33 66.88 -6.13
C ARG N 35 -14.03 67.17 -6.88
N LEU N 36 -13.91 68.38 -7.42
CA LEU N 36 -12.83 68.68 -8.35
C LEU N 36 -11.88 69.75 -7.86
N ALA N 37 -10.61 69.60 -8.24
CA ALA N 37 -9.59 70.60 -7.96
C ALA N 37 -8.84 70.96 -9.23
N VAL N 38 -9.40 71.88 -10.00
CA VAL N 38 -8.81 72.29 -11.28
C VAL N 38 -7.46 72.96 -11.09
N ILE N 39 -6.45 72.45 -11.78
CA ILE N 39 -5.09 72.96 -11.66
C ILE N 39 -4.52 73.30 -13.04
N ALA N 40 -3.92 74.48 -13.17
CA ALA N 40 -3.35 74.92 -14.43
C ALA N 40 -2.21 75.91 -14.23
N ARG N 41 -1.61 76.34 -15.33
CA ARG N 41 -0.54 77.35 -15.28
C ARG N 41 -1.14 78.71 -14.96
N ASN N 42 -2.32 78.98 -15.52
CA ASN N 42 -3.00 80.24 -15.29
C ASN N 42 -4.14 80.07 -14.29
N LEU N 43 -4.24 81.00 -13.35
CA LEU N 43 -5.28 80.96 -12.33
C LEU N 43 -6.64 81.31 -12.91
N GLU N 44 -6.67 82.37 -13.71
CA GLU N 44 -7.91 82.83 -14.34
C GLU N 44 -8.50 81.77 -15.26
N GLY N 45 -7.62 80.97 -15.87
CA GLY N 45 -8.06 79.88 -16.73
C GLY N 45 -8.62 78.73 -15.92
N ALA N 46 -8.06 78.53 -14.73
CA ALA N 46 -8.51 77.47 -13.83
C ALA N 46 -9.74 77.91 -13.04
N LYS N 47 -9.78 79.19 -12.70
CA LYS N 47 -10.92 79.73 -11.95
C LYS N 47 -12.18 79.74 -12.81
N ALA N 48 -12.01 79.99 -14.10
CA ALA N 48 -13.13 79.99 -15.03
C ALA N 48 -13.59 78.57 -15.32
N ALA N 49 -12.63 77.65 -15.40
CA ALA N 49 -12.92 76.25 -15.66
C ALA N 49 -13.69 75.63 -14.50
N ALA N 50 -13.22 75.88 -13.28
CA ALA N 50 -13.86 75.36 -12.08
C ALA N 50 -15.21 76.02 -11.84
N GLY N 51 -15.37 77.24 -12.36
CA GLY N 51 -16.60 77.98 -12.20
C GLY N 51 -17.75 77.38 -12.98
N ASP N 52 -17.46 76.93 -14.20
CA ASP N 52 -18.46 76.32 -15.06
C ASP N 52 -18.89 74.96 -14.52
N LEU N 53 -18.01 74.34 -13.74
CA LEU N 53 -18.27 73.02 -13.18
C LEU N 53 -19.22 73.09 -11.98
N GLY N 54 -19.00 74.06 -11.11
CA GLY N 54 -19.83 74.24 -9.94
C GLY N 54 -19.19 75.11 -8.87
N GLY N 55 -19.92 75.32 -7.78
CA GLY N 55 -19.43 76.14 -6.69
C GLY N 55 -18.67 75.34 -5.64
N ASP N 56 -18.77 74.01 -5.73
CA ASP N 56 -18.09 73.13 -4.80
C ASP N 56 -16.71 72.75 -5.31
N HIS N 57 -16.42 73.12 -6.55
CA HIS N 57 -15.14 72.79 -7.16
C HIS N 57 -14.15 73.96 -7.03
N LEU N 58 -12.93 73.65 -6.61
CA LEU N 58 -11.91 74.66 -6.39
C LEU N 58 -10.97 74.78 -7.59
N ALA N 59 -10.09 75.78 -7.54
CA ALA N 59 -9.13 76.02 -8.62
C ALA N 59 -7.79 76.45 -8.05
N PHE N 60 -6.71 75.97 -8.67
CA PHE N 60 -5.36 76.31 -8.20
C PHE N 60 -4.41 76.59 -9.36
N SER N 61 -3.18 76.97 -9.03
CA SER N 61 -2.14 77.22 -10.02
C SER N 61 -0.88 76.43 -9.67
N CYS N 62 -0.28 75.78 -10.68
CA CYS N 62 0.91 74.97 -10.45
C CYS N 62 1.74 74.77 -11.70
N ASP N 63 3.02 75.15 -11.63
CA ASP N 63 3.98 74.81 -12.66
C ASP N 63 4.74 73.56 -12.21
N VAL N 64 4.69 72.51 -13.01
CA VAL N 64 5.20 71.20 -12.60
C VAL N 64 6.71 71.05 -12.74
N ALA N 65 7.40 72.14 -13.07
CA ALA N 65 8.84 72.09 -13.23
C ALA N 65 9.55 72.04 -11.88
N LYS N 66 9.13 72.88 -10.96
CA LYS N 66 9.75 72.95 -9.63
C LYS N 66 8.93 72.21 -8.58
N GLU N 67 9.61 71.48 -7.71
CA GLU N 67 8.95 70.72 -6.65
C GLU N 67 8.42 71.64 -5.56
N HIS N 68 9.00 72.84 -5.46
CA HIS N 68 8.52 73.85 -4.54
C HIS N 68 7.12 74.32 -4.94
N ASP N 69 6.89 74.40 -6.25
CA ASP N 69 5.57 74.76 -6.77
C ASP N 69 4.59 73.60 -6.60
N VAL N 70 5.10 72.38 -6.73
CA VAL N 70 4.29 71.18 -6.55
C VAL N 70 3.93 71.00 -5.07
N GLN N 71 4.92 71.16 -4.21
CA GLN N 71 4.71 71.10 -2.76
C GLN N 71 3.69 72.11 -2.31
N ASN N 72 3.80 73.33 -2.83
CA ASN N 72 2.90 74.43 -2.48
C ASN N 72 1.46 74.14 -2.90
N THR N 73 1.28 73.60 -4.09
CA THR N 73 -0.04 73.35 -4.65
C THR N 73 -0.74 72.23 -3.89
N PHE N 74 0.02 71.20 -3.51
CA PHE N 74 -0.51 70.12 -2.70
C PHE N 74 -0.71 70.58 -1.26
N GLU N 75 -0.01 71.66 -0.89
CA GLU N 75 -0.22 72.30 0.40
C GLU N 75 -1.50 73.12 0.36
N GLU N 76 -1.83 73.63 -0.84
CA GLU N 76 -3.08 74.33 -1.05
C GLU N 76 -4.23 73.33 -1.11
N LEU N 77 -3.94 72.15 -1.65
CA LEU N 77 -4.92 71.07 -1.70
C LEU N 77 -5.06 70.43 -0.32
N GLU N 78 -4.07 70.68 0.54
CA GLU N 78 -4.07 70.17 1.91
C GLU N 78 -5.08 70.93 2.77
N LYS N 79 -5.06 72.26 2.65
CA LYS N 79 -5.93 73.12 3.44
C LYS N 79 -7.35 73.16 2.89
N HIS N 80 -7.46 73.30 1.58
CA HIS N 80 -8.77 73.41 0.94
C HIS N 80 -9.50 72.06 0.92
N LEU N 81 -8.77 70.99 0.63
CA LEU N 81 -9.36 69.66 0.53
C LEU N 81 -8.73 68.69 1.52
N GLY N 82 -7.49 68.30 1.23
CA GLY N 82 -6.77 67.37 2.10
C GLY N 82 -7.20 65.93 1.91
N ARG N 83 -8.01 65.68 0.89
CA ARG N 83 -8.49 64.32 0.63
C ARG N 83 -8.42 63.99 -0.86
N VAL N 84 -7.21 63.98 -1.40
CA VAL N 84 -7.02 63.65 -2.82
C VAL N 84 -7.14 62.15 -3.05
N ASN N 85 -8.37 61.68 -3.20
CA ASN N 85 -8.62 60.28 -3.49
C ASN N 85 -8.17 59.89 -4.90
N PHE N 86 -8.34 60.82 -5.84
CA PHE N 86 -7.98 60.56 -7.22
C PHE N 86 -7.04 61.63 -7.77
N LEU N 87 -6.15 61.23 -8.68
CA LEU N 87 -5.18 62.15 -9.27
C LEU N 87 -5.07 61.94 -10.77
N VAL N 88 -5.17 63.02 -11.53
CA VAL N 88 -5.04 62.96 -12.98
C VAL N 88 -3.93 63.89 -13.48
N ASN N 89 -2.87 63.30 -14.01
CA ASN N 89 -1.75 64.07 -14.54
C ASN N 89 -1.88 64.29 -16.04
N ALA N 90 -2.79 65.18 -16.42
CA ALA N 90 -3.01 65.49 -17.83
C ALA N 90 -2.13 66.64 -18.29
N ALA N 91 -1.32 67.16 -17.37
CA ALA N 91 -0.41 68.25 -17.69
C ALA N 91 0.73 67.76 -18.58
N GLY N 92 0.83 68.32 -19.78
CA GLY N 92 1.87 67.94 -20.72
C GLY N 92 1.91 68.82 -21.96
N ILE N 93 3.10 68.99 -22.52
CA ILE N 93 3.29 69.79 -23.72
C ILE N 93 3.95 68.97 -24.83
N ASN N 94 3.69 69.35 -26.07
CA ASN N 94 4.24 68.63 -27.22
C ASN N 94 4.67 69.57 -28.34
N ARG N 95 5.92 69.44 -28.76
CA ARG N 95 6.47 70.26 -29.83
C ARG N 95 7.20 69.40 -30.86
N ASP N 96 6.71 69.40 -32.09
CA ASP N 96 7.31 68.61 -33.15
C ASP N 96 8.65 69.19 -33.59
N GLY N 97 9.51 68.33 -34.12
CA GLY N 97 10.82 68.74 -34.60
C GLY N 97 11.83 67.62 -34.57
N LEU N 98 12.77 67.64 -35.52
CA LEU N 98 13.78 66.60 -35.60
C LEU N 98 14.78 66.71 -34.45
N LEU N 99 15.54 65.65 -34.23
CA LEU N 99 16.51 65.61 -33.14
C LEU N 99 17.67 66.57 -33.39
N VAL N 100 18.06 66.71 -34.65
CA VAL N 100 19.17 67.58 -35.02
C VAL N 100 18.76 69.06 -34.99
N ARG N 101 17.46 69.30 -35.06
CA ARG N 101 16.94 70.67 -35.06
C ARG N 101 16.36 71.04 -33.70
N THR N 102 16.57 70.17 -32.72
CA THR N 102 16.06 70.40 -31.37
C THR N 102 17.20 70.71 -30.40
N LYS N 103 17.07 71.81 -29.68
CA LYS N 103 18.08 72.22 -28.72
C LYS N 103 17.83 71.60 -27.35
N THR N 104 18.79 71.75 -26.44
CA THR N 104 18.72 71.16 -25.12
C THR N 104 17.57 71.74 -24.29
N GLU N 105 17.39 73.05 -24.38
CA GLU N 105 16.34 73.75 -23.63
C GLU N 105 14.96 73.20 -23.98
N ASP N 106 14.78 72.80 -25.23
CA ASP N 106 13.54 72.21 -25.69
C ASP N 106 13.38 70.80 -25.15
N MET N 107 14.50 70.09 -25.05
CA MET N 107 14.51 68.71 -24.57
C MET N 107 14.32 68.63 -23.06
N VAL N 108 14.89 69.60 -22.34
CA VAL N 108 14.77 69.67 -20.89
C VAL N 108 13.35 70.01 -20.47
N SER N 109 12.76 71.00 -21.14
CA SER N 109 11.40 71.43 -20.83
C SER N 109 10.38 70.33 -21.10
N GLN N 110 10.69 69.46 -22.07
CA GLN N 110 9.82 68.34 -22.38
C GLN N 110 9.87 67.27 -21.30
N LEU N 111 11.07 66.96 -20.83
CA LEU N 111 11.27 65.90 -19.83
C LEU N 111 10.85 66.35 -18.44
N HIS N 112 11.01 67.64 -18.16
CA HIS N 112 10.69 68.17 -16.84
C HIS N 112 9.19 68.37 -16.65
N THR N 113 8.48 68.60 -17.75
CA THR N 113 7.04 68.83 -17.69
C THR N 113 6.24 67.54 -17.81
N ASN N 114 6.45 66.82 -18.91
CA ASN N 114 5.68 65.62 -19.20
C ASN N 114 6.03 64.45 -18.28
N LEU N 115 7.31 64.33 -17.94
CA LEU N 115 7.78 63.18 -17.19
C LEU N 115 8.07 63.51 -15.72
N LEU N 116 9.00 64.42 -15.49
CA LEU N 116 9.39 64.79 -14.13
C LEU N 116 8.24 65.42 -13.36
N GLY N 117 7.41 66.19 -14.06
CA GLY N 117 6.26 66.83 -13.44
C GLY N 117 5.24 65.82 -12.97
N SER N 118 5.16 64.69 -13.66
CA SER N 118 4.21 63.63 -13.30
C SER N 118 4.70 62.83 -12.10
N MET N 119 6.01 62.86 -11.85
CA MET N 119 6.57 62.17 -10.70
C MET N 119 6.29 62.96 -9.42
N LEU N 120 6.46 64.26 -9.49
CA LEU N 120 6.31 65.13 -8.33
C LEU N 120 4.86 65.17 -7.85
N THR N 121 3.92 65.18 -8.79
CA THR N 121 2.50 65.20 -8.45
C THR N 121 2.07 63.89 -7.81
N CYS N 122 2.67 62.79 -8.26
CA CYS N 122 2.39 61.47 -7.69
C CYS N 122 3.08 61.32 -6.34
N LYS N 123 4.33 61.77 -6.25
CA LYS N 123 5.11 61.68 -5.01
C LYS N 123 4.46 62.46 -3.88
N ALA N 124 3.94 63.63 -4.20
CA ALA N 124 3.25 64.46 -3.22
C ALA N 124 1.89 63.87 -2.86
N ALA N 125 1.33 63.10 -3.78
CA ALA N 125 0.03 62.48 -3.57
C ALA N 125 0.15 61.19 -2.77
N MET N 126 1.33 60.58 -2.81
CA MET N 126 1.58 59.34 -2.08
C MET N 126 1.47 59.53 -0.57
N ARG N 127 2.12 60.58 -0.08
CA ARG N 127 2.17 60.88 1.35
C ARG N 127 0.81 60.94 2.02
N THR N 128 -0.20 61.40 1.28
CA THR N 128 -1.55 61.49 1.81
C THR N 128 -2.38 60.25 1.45
N MET N 129 -1.96 59.55 0.40
CA MET N 129 -2.64 58.33 -0.02
C MET N 129 -2.16 57.12 0.79
N ILE N 130 -0.91 57.16 1.23
CA ILE N 130 -0.34 56.08 2.04
C ILE N 130 -1.08 55.96 3.37
N GLN N 131 -1.23 57.08 4.07
CA GLN N 131 -1.88 57.11 5.37
C GLN N 131 -3.35 56.70 5.28
N GLN N 132 -4.00 57.07 4.18
CA GLN N 132 -5.41 56.75 3.97
C GLN N 132 -5.61 55.32 3.49
N GLN N 133 -4.51 54.71 3.04
CA GLN N 133 -4.52 53.34 2.52
C GLN N 133 -5.56 53.19 1.39
N GLY N 134 -5.56 54.15 0.47
CA GLY N 134 -6.48 54.11 -0.65
C GLY N 134 -6.28 55.30 -1.58
N GLY N 135 -6.47 55.07 -2.87
CA GLY N 135 -6.32 56.12 -3.86
C GLY N 135 -6.12 55.56 -5.25
N SER N 136 -6.25 56.42 -6.26
CA SER N 136 -6.09 56.01 -7.65
C SER N 136 -5.52 57.13 -8.50
N ILE N 137 -4.50 56.82 -9.29
CA ILE N 137 -3.82 57.82 -10.11
C ILE N 137 -3.77 57.38 -11.58
N VAL N 138 -3.92 58.34 -12.49
CA VAL N 138 -3.78 58.07 -13.92
C VAL N 138 -2.84 59.07 -14.58
N ASN N 139 -1.84 58.57 -15.28
CA ASN N 139 -0.89 59.40 -16.01
C ASN N 139 -1.20 59.43 -17.51
N VAL N 140 -1.61 60.60 -18.00
CA VAL N 140 -1.95 60.74 -19.41
C VAL N 140 -0.69 60.80 -20.28
N GLY N 141 -0.40 59.70 -20.96
CA GLY N 141 0.75 59.61 -21.84
C GLY N 141 0.36 59.74 -23.29
N SER N 142 0.92 58.87 -24.13
CA SER N 142 0.62 58.86 -25.55
C SER N 142 1.02 57.54 -26.20
N ILE N 143 0.57 57.31 -27.43
CA ILE N 143 0.89 56.10 -28.16
C ILE N 143 2.34 56.12 -28.64
N VAL N 144 2.91 57.32 -28.73
CA VAL N 144 4.29 57.48 -29.17
C VAL N 144 5.26 57.11 -28.05
N GLY N 145 4.76 57.08 -26.82
CA GLY N 145 5.58 56.70 -25.68
C GLY N 145 5.97 55.24 -25.74
N LEU N 146 5.25 54.46 -26.53
CA LEU N 146 5.51 53.04 -26.66
C LEU N 146 6.09 52.68 -28.02
N LYS N 147 5.48 53.19 -29.08
CA LYS N 147 5.87 52.82 -30.44
C LYS N 147 6.71 53.90 -31.13
N GLY N 148 6.57 55.13 -30.67
CA GLY N 148 7.36 56.23 -31.22
C GLY N 148 6.87 56.73 -32.56
N ASN N 149 7.38 57.90 -32.96
CA ASN N 149 7.03 58.50 -34.23
C ASN N 149 8.07 59.54 -34.65
N SER N 150 8.28 59.68 -35.95
CA SER N 150 9.27 60.62 -36.47
C SER N 150 8.88 62.07 -36.18
N GLY N 151 9.86 62.86 -35.75
CA GLY N 151 9.63 64.26 -35.44
C GLY N 151 9.21 64.48 -34.00
N GLN N 152 9.03 63.39 -33.27
CA GLN N 152 8.61 63.46 -31.86
C GLN N 152 9.46 62.56 -30.98
N SER N 153 10.78 62.60 -31.19
CA SER N 153 11.69 61.75 -30.43
C SER N 153 11.83 62.21 -28.98
N VAL N 154 11.56 63.49 -28.74
CA VAL N 154 11.67 64.06 -27.40
C VAL N 154 10.38 63.88 -26.61
N TYR N 155 9.26 63.81 -27.32
CA TYR N 155 7.96 63.63 -26.68
C TYR N 155 7.69 62.15 -26.44
N SER N 156 8.27 61.30 -27.29
CA SER N 156 8.13 59.86 -27.14
C SER N 156 8.90 59.36 -25.93
N ALA N 157 9.98 60.06 -25.58
CA ALA N 157 10.79 59.70 -24.43
C ALA N 157 10.13 60.13 -23.13
N SER N 158 9.56 61.33 -23.14
CA SER N 158 8.91 61.89 -21.96
C SER N 158 7.64 61.12 -21.62
N LYS N 159 6.88 60.74 -22.64
CA LYS N 159 5.65 59.98 -22.45
C LYS N 159 5.93 58.48 -22.42
N GLY N 160 7.20 58.12 -22.59
CA GLY N 160 7.61 56.74 -22.55
C GLY N 160 8.02 56.33 -21.14
N GLY N 161 8.53 57.30 -20.37
CA GLY N 161 8.93 57.06 -19.01
C GLY N 161 7.75 56.88 -18.08
N LEU N 162 6.59 57.35 -18.52
CA LEU N 162 5.36 57.23 -17.73
C LEU N 162 4.95 55.76 -17.58
N VAL N 163 5.35 54.94 -18.53
CA VAL N 163 5.01 53.52 -18.51
C VAL N 163 5.76 52.80 -17.39
N GLY N 164 7.07 52.97 -17.37
CA GLY N 164 7.90 52.31 -16.37
C GLY N 164 7.71 52.86 -14.98
N PHE N 165 7.50 54.17 -14.89
CA PHE N 165 7.33 54.83 -13.61
C PHE N 165 6.04 54.43 -12.92
N SER N 166 4.94 54.47 -13.66
CA SER N 166 3.62 54.16 -13.10
C SER N 166 3.48 52.68 -12.75
N ARG N 167 4.27 51.83 -13.40
CA ARG N 167 4.25 50.40 -13.10
C ARG N 167 5.14 50.10 -11.91
N ALA N 168 6.27 50.80 -11.83
CA ALA N 168 7.17 50.65 -10.69
C ALA N 168 6.52 51.20 -9.43
N LEU N 169 5.85 52.34 -9.57
CA LEU N 169 5.12 52.94 -8.46
C LEU N 169 3.96 52.06 -8.05
N ALA N 170 3.36 51.37 -9.02
CA ALA N 170 2.26 50.46 -8.76
C ALA N 170 2.71 49.29 -7.88
N LYS N 171 3.78 48.62 -8.31
CA LYS N 171 4.34 47.52 -7.54
C LYS N 171 4.82 47.96 -6.17
N GLU N 172 5.10 49.26 -6.04
CA GLU N 172 5.62 49.84 -4.81
C GLU N 172 4.51 50.20 -3.83
N VAL N 173 3.30 50.42 -4.34
CA VAL N 173 2.24 50.99 -3.51
C VAL N 173 0.91 50.22 -3.58
N ALA N 174 0.86 49.17 -4.40
CA ALA N 174 -0.37 48.40 -4.57
C ALA N 174 -0.85 47.75 -3.28
N ARG N 175 0.09 47.47 -2.38
CA ARG N 175 -0.25 46.83 -1.10
C ARG N 175 -1.01 47.81 -0.20
N LYS N 176 -0.91 49.10 -0.52
CA LYS N 176 -1.63 50.14 0.21
C LYS N 176 -2.96 50.44 -0.45
N LYS N 177 -3.45 49.50 -1.26
CA LYS N 177 -4.70 49.64 -2.00
C LYS N 177 -4.70 50.88 -2.89
N ILE N 178 -3.52 51.22 -3.41
CA ILE N 178 -3.38 52.39 -4.28
C ILE N 178 -3.02 51.97 -5.69
N ARG N 179 -3.84 52.38 -6.65
CA ARG N 179 -3.67 51.97 -8.04
C ARG N 179 -3.18 53.13 -8.90
N VAL N 180 -2.29 52.83 -9.84
CA VAL N 180 -1.81 53.85 -10.77
C VAL N 180 -1.62 53.24 -12.16
N ASN N 181 -2.24 53.85 -13.16
CA ASN N 181 -2.19 53.33 -14.53
C ASN N 181 -1.75 54.38 -15.55
N VAL N 182 -1.75 54.00 -16.82
CA VAL N 182 -1.31 54.88 -17.90
C VAL N 182 -2.33 54.90 -19.04
N VAL N 183 -2.69 56.09 -19.49
CA VAL N 183 -3.52 56.25 -20.68
C VAL N 183 -2.64 56.57 -21.89
N ALA N 184 -2.83 55.83 -22.97
CA ALA N 184 -2.06 56.05 -24.19
C ALA N 184 -2.97 56.42 -25.36
N PRO N 185 -3.34 57.72 -25.46
CA PRO N 185 -4.22 58.21 -26.53
C PRO N 185 -3.54 58.15 -27.90
N GLY N 186 -4.35 58.17 -28.96
CA GLY N 186 -3.83 58.18 -30.31
C GLY N 186 -3.73 59.59 -30.85
N PHE N 187 -4.45 59.86 -31.93
CA PHE N 187 -4.49 61.21 -32.51
C PHE N 187 -5.74 61.95 -32.08
N VAL N 188 -5.55 63.09 -31.42
CA VAL N 188 -6.67 63.89 -30.93
C VAL N 188 -6.71 65.26 -31.61
N HIS N 189 -7.83 65.55 -32.26
CA HIS N 189 -8.00 66.83 -32.95
C HIS N 189 -9.48 67.18 -33.10
N LYS N 202 -7.72 60.54 -41.58
CA LYS N 202 -7.28 59.27 -41.01
C LYS N 202 -7.71 58.11 -41.88
N LYS N 203 -7.09 57.98 -43.05
CA LYS N 203 -7.42 56.91 -43.98
C LYS N 203 -6.97 55.55 -43.47
N ASN N 204 -5.76 55.50 -42.93
CA ASN N 204 -5.20 54.25 -42.42
C ASN N 204 -5.90 53.74 -41.17
N ILE N 205 -6.20 54.66 -40.24
CA ILE N 205 -6.84 54.31 -38.99
C ILE N 205 -8.17 53.58 -39.22
N PRO N 206 -8.31 52.39 -38.62
CA PRO N 206 -9.49 51.52 -38.76
C PRO N 206 -10.81 52.25 -38.55
N LEU N 207 -10.89 53.08 -37.50
CA LEU N 207 -12.11 53.83 -37.22
C LEU N 207 -12.30 55.00 -38.18
N GLY N 208 -11.24 55.32 -38.93
CA GLY N 208 -11.32 56.32 -39.96
C GLY N 208 -11.51 57.75 -39.46
N ARG N 209 -11.09 58.00 -38.21
CA ARG N 209 -11.21 59.33 -37.63
C ARG N 209 -10.22 59.53 -36.49
N PHE N 210 -10.14 60.76 -36.00
CA PHE N 210 -9.33 61.06 -34.83
C PHE N 210 -10.19 60.96 -33.57
N GLY N 211 -9.53 60.92 -32.41
CA GLY N 211 -10.24 60.79 -31.15
C GLY N 211 -10.63 62.11 -30.54
N GLU N 212 -11.77 62.11 -29.86
CA GLU N 212 -12.24 63.29 -29.15
C GLU N 212 -11.59 63.37 -27.77
N THR N 213 -11.53 64.58 -27.21
CA THR N 213 -10.93 64.77 -25.89
C THR N 213 -11.81 64.15 -24.80
N ILE N 214 -13.11 64.08 -25.07
CA ILE N 214 -14.06 63.53 -24.11
C ILE N 214 -14.02 62.00 -24.12
N GLU N 215 -13.57 61.43 -25.23
CA GLU N 215 -13.43 59.98 -25.33
C GLU N 215 -12.24 59.48 -24.51
N VAL N 216 -11.19 60.29 -24.48
CA VAL N 216 -10.03 60.00 -23.64
C VAL N 216 -10.41 60.15 -22.17
N ALA N 217 -11.33 61.09 -21.92
CA ALA N 217 -11.81 61.35 -20.57
C ALA N 217 -12.55 60.14 -20.00
N HIS N 218 -13.31 59.46 -20.85
CA HIS N 218 -14.07 58.27 -20.42
C HIS N 218 -13.14 57.15 -20.00
N ALA N 219 -11.95 57.11 -20.58
CA ALA N 219 -10.97 56.08 -20.25
C ALA N 219 -10.28 56.39 -18.92
N VAL N 220 -10.00 57.67 -18.69
CA VAL N 220 -9.34 58.09 -17.46
C VAL N 220 -10.25 57.85 -16.25
N VAL N 221 -11.53 58.22 -16.40
CA VAL N 221 -12.52 57.99 -15.36
C VAL N 221 -12.68 56.50 -15.11
N PHE N 222 -12.73 55.72 -16.19
CA PHE N 222 -12.89 54.28 -16.10
C PHE N 222 -11.75 53.61 -15.35
N LEU N 223 -10.51 53.99 -15.68
CA LEU N 223 -9.34 53.42 -15.03
C LEU N 223 -9.31 53.74 -13.54
N LEU N 224 -9.71 54.95 -13.18
CA LEU N 224 -9.73 55.37 -11.78
C LEU N 224 -10.84 54.66 -11.01
N GLU N 225 -11.93 54.34 -11.70
CA GLU N 225 -13.07 53.69 -11.06
C GLU N 225 -12.90 52.17 -11.02
N SER N 226 -12.37 51.60 -12.10
CA SER N 226 -12.20 50.15 -12.18
C SER N 226 -11.15 49.67 -11.20
N PRO N 227 -11.55 48.78 -10.28
CA PRO N 227 -10.63 48.20 -9.30
C PRO N 227 -9.91 46.97 -9.84
N TYR N 228 -8.94 46.47 -9.09
CA TYR N 228 -8.14 45.32 -9.48
C TYR N 228 -7.42 45.57 -10.81
N ILE N 229 -7.13 46.84 -11.08
CA ILE N 229 -6.40 47.23 -12.28
C ILE N 229 -5.32 48.25 -11.93
N THR N 230 -4.07 47.84 -11.97
CA THR N 230 -2.95 48.73 -11.69
C THR N 230 -1.75 48.39 -12.57
N GLY N 231 -0.96 49.41 -12.90
CA GLY N 231 0.20 49.24 -13.75
C GLY N 231 -0.18 48.86 -15.17
N HIS N 232 -1.41 49.19 -15.55
CA HIS N 232 -1.91 48.88 -16.88
C HIS N 232 -1.86 50.10 -17.80
N VAL N 233 -1.50 49.88 -19.06
CA VAL N 233 -1.46 50.94 -20.05
C VAL N 233 -2.61 50.80 -21.04
N LEU N 234 -3.68 51.55 -20.81
CA LEU N 234 -4.83 51.53 -21.71
C LEU N 234 -4.55 52.35 -22.96
N VAL N 235 -4.85 51.79 -24.13
CA VAL N 235 -4.55 52.44 -25.39
C VAL N 235 -5.80 52.89 -26.13
N VAL N 236 -6.14 54.16 -26.01
CA VAL N 236 -7.22 54.75 -26.78
C VAL N 236 -6.69 55.20 -28.13
N ASP N 237 -6.59 54.26 -29.06
CA ASP N 237 -5.94 54.51 -30.35
C ASP N 237 -6.93 54.56 -31.52
N GLY N 238 -7.91 53.66 -31.50
CA GLY N 238 -8.82 53.52 -32.62
C GLY N 238 -8.23 52.62 -33.68
N GLY N 239 -7.16 51.92 -33.34
CA GLY N 239 -6.52 50.99 -34.24
C GLY N 239 -5.23 51.52 -34.84
N LEU N 240 -4.71 52.60 -34.27
CA LEU N 240 -3.48 53.20 -34.75
C LEU N 240 -2.28 52.33 -34.40
N GLN N 241 -2.35 51.68 -33.24
CA GLN N 241 -1.28 50.79 -32.78
C GLN N 241 -1.09 49.61 -33.72
N LEU N 242 -2.19 49.22 -34.39
CA LEU N 242 -2.17 48.09 -35.30
C LEU N 242 -1.49 48.45 -36.62
N ILE N 243 -1.21 49.74 -36.80
CA ILE N 243 -0.55 50.22 -38.01
C ILE N 243 0.89 50.61 -37.71
N LEU N 244 1.09 51.84 -37.26
CA LEU N 244 2.42 52.31 -36.89
C LEU N 244 2.35 53.53 -35.98
N MET O 8 39.10 51.38 -44.06
CA MET O 8 39.25 51.48 -42.61
C MET O 8 38.29 50.54 -41.89
N ASP O 9 38.73 50.02 -40.75
CA ASP O 9 37.90 49.12 -39.95
C ASP O 9 36.72 49.85 -39.33
N LYS O 10 35.72 49.09 -38.89
CA LYS O 10 34.52 49.66 -38.29
C LYS O 10 34.83 50.34 -36.95
N VAL O 11 34.39 51.59 -36.82
CA VAL O 11 34.64 52.36 -35.60
C VAL O 11 33.42 52.32 -34.68
N CYS O 12 33.66 52.07 -33.40
CA CYS O 12 32.58 51.98 -32.42
C CYS O 12 32.87 52.86 -31.20
N ALA O 13 31.86 53.62 -30.78
CA ALA O 13 31.99 54.47 -29.60
C ALA O 13 31.11 53.97 -28.46
N VAL O 14 31.74 53.47 -27.40
CA VAL O 14 31.02 52.92 -26.26
C VAL O 14 31.08 53.86 -25.06
N PHE O 15 29.96 54.53 -24.77
CA PHE O 15 29.87 55.40 -23.61
C PHE O 15 29.65 54.59 -22.34
N GLY O 16 30.42 54.91 -21.30
CA GLY O 16 30.36 54.16 -20.06
C GLY O 16 30.93 52.76 -20.24
N GLY O 17 31.99 52.68 -21.05
CA GLY O 17 32.59 51.40 -21.38
C GLY O 17 33.84 51.09 -20.56
N SER O 18 33.89 51.59 -19.34
CA SER O 18 35.02 51.37 -18.46
C SER O 18 34.74 50.25 -17.45
N ARG O 19 33.50 50.21 -16.96
CA ARG O 19 33.11 49.21 -15.97
C ARG O 19 31.69 48.72 -16.21
N GLY O 20 31.46 47.43 -16.00
CA GLY O 20 30.14 46.85 -16.15
C GLY O 20 29.89 46.28 -17.52
N ILE O 21 28.69 46.55 -18.04
CA ILE O 21 28.28 46.05 -19.35
C ILE O 21 29.09 46.68 -20.47
N GLY O 22 29.33 47.98 -20.36
CA GLY O 22 30.08 48.71 -21.37
C GLY O 22 31.50 48.19 -21.55
N ARG O 23 32.11 47.75 -20.45
CA ARG O 23 33.45 47.20 -20.49
C ARG O 23 33.46 45.83 -21.16
N ALA O 24 32.30 45.16 -21.14
CA ALA O 24 32.17 43.86 -21.77
C ALA O 24 31.90 43.99 -23.27
N VAL O 25 31.16 45.03 -23.63
CA VAL O 25 30.85 45.30 -25.04
C VAL O 25 32.13 45.65 -25.79
N ALA O 26 32.96 46.49 -25.19
CA ALA O 26 34.23 46.89 -25.80
C ALA O 26 35.19 45.71 -25.91
N GLN O 27 35.23 44.88 -24.87
CA GLN O 27 36.11 43.73 -24.85
C GLN O 27 35.67 42.66 -25.85
N LEU O 28 34.38 42.64 -26.15
CA LEU O 28 33.83 41.66 -27.09
C LEU O 28 34.06 42.11 -28.54
N MET O 29 34.12 43.41 -28.76
CA MET O 29 34.31 43.95 -30.10
C MET O 29 35.80 44.11 -30.44
N ALA O 30 36.61 44.33 -29.40
CA ALA O 30 38.05 44.44 -29.59
C ALA O 30 38.64 43.09 -30.01
N ARG O 31 37.98 42.01 -29.60
CA ARG O 31 38.42 40.67 -29.97
C ARG O 31 37.86 40.28 -31.35
N LYS O 32 36.93 41.08 -31.85
CA LYS O 32 36.33 40.83 -33.15
C LYS O 32 36.92 41.75 -34.22
N GLY O 33 37.88 42.57 -33.82
CA GLY O 33 38.53 43.49 -34.75
C GLY O 33 38.04 44.91 -34.57
N LEU O 36 38.15 50.61 -30.38
CA LEU O 36 36.93 51.32 -30.02
C LEU O 36 37.25 52.66 -29.39
N ALA O 37 36.28 53.22 -28.66
CA ALA O 37 36.47 54.48 -27.96
C ALA O 37 35.85 54.43 -26.57
N VAL O 38 36.62 53.99 -25.60
CA VAL O 38 36.13 53.88 -24.22
C VAL O 38 35.92 55.26 -23.61
N ILE O 39 34.66 55.62 -23.41
CA ILE O 39 34.30 56.92 -22.86
C ILE O 39 33.60 56.77 -21.52
N ALA O 40 34.04 57.54 -20.52
CA ALA O 40 33.44 57.49 -19.20
C ALA O 40 33.53 58.85 -18.50
N ARG O 41 33.17 58.88 -17.22
CA ARG O 41 33.23 60.11 -16.44
C ARG O 41 34.65 60.38 -15.95
N ASN O 42 35.47 59.33 -15.94
CA ASN O 42 36.86 59.44 -15.51
C ASN O 42 37.82 59.12 -16.64
N LEU O 43 38.85 59.97 -16.79
CA LEU O 43 39.85 59.77 -17.83
C LEU O 43 40.80 58.63 -17.49
N GLU O 44 40.93 58.34 -16.21
CA GLU O 44 41.81 57.28 -15.75
C GLU O 44 41.15 55.91 -15.88
N GLY O 45 39.85 55.85 -15.62
CA GLY O 45 39.10 54.61 -15.71
C GLY O 45 38.90 54.15 -17.14
N ALA O 46 38.96 55.09 -18.08
CA ALA O 46 38.77 54.78 -19.48
C ALA O 46 40.07 54.33 -20.14
N LYS O 47 41.18 54.94 -19.73
CA LYS O 47 42.48 54.62 -20.29
C LYS O 47 42.94 53.23 -19.86
N ALA O 48 42.62 52.85 -18.63
CA ALA O 48 42.96 51.53 -18.11
C ALA O 48 42.13 50.47 -18.79
N ALA O 49 40.91 50.83 -19.18
CA ALA O 49 40.02 49.91 -19.87
C ALA O 49 40.44 49.73 -21.32
N ALA O 50 40.94 50.81 -21.92
CA ALA O 50 41.41 50.78 -23.30
C ALA O 50 42.74 50.03 -23.39
N GLY O 51 43.52 50.10 -22.31
CA GLY O 51 44.79 49.40 -22.26
C GLY O 51 44.61 47.91 -22.11
N ASP O 52 43.55 47.51 -21.40
CA ASP O 52 43.23 46.10 -21.22
C ASP O 52 42.67 45.51 -22.50
N LEU O 53 42.04 46.34 -23.31
CA LEU O 53 41.49 45.91 -24.59
C LEU O 53 42.58 45.83 -25.65
N GLY O 54 43.66 46.58 -25.43
CA GLY O 54 44.79 46.58 -26.35
C GLY O 54 44.49 47.35 -27.63
N GLY O 55 45.47 47.39 -28.53
CA GLY O 55 45.32 48.09 -29.79
C GLY O 55 45.32 49.60 -29.62
N PHE O 60 38.59 58.26 -23.18
CA PHE O 60 37.99 59.58 -23.16
C PHE O 60 37.29 59.88 -21.85
N SER O 61 37.13 61.15 -21.54
CA SER O 61 36.42 61.58 -20.34
C SER O 61 35.26 62.50 -20.71
N CYS O 62 34.03 62.06 -20.42
CA CYS O 62 32.85 62.82 -20.79
C CYS O 62 31.68 62.56 -19.86
N ASP O 63 30.84 63.58 -19.67
CA ASP O 63 29.61 63.44 -18.90
C ASP O 63 28.42 63.69 -19.81
N VAL O 64 27.52 62.72 -19.91
CA VAL O 64 26.39 62.77 -20.84
C VAL O 64 25.31 63.76 -20.41
N ALA O 65 25.51 64.39 -19.25
CA ALA O 65 24.52 65.33 -18.72
C ALA O 65 24.61 66.69 -19.41
N LYS O 66 25.83 67.17 -19.62
CA LYS O 66 26.03 68.49 -20.19
C LYS O 66 25.87 68.50 -21.71
N GLU O 67 25.42 69.64 -22.24
CA GLU O 67 25.14 69.79 -23.66
C GLU O 67 26.39 69.85 -24.53
N HIS O 68 27.39 70.59 -24.05
CA HIS O 68 28.60 70.81 -24.84
C HIS O 68 29.75 69.93 -24.41
N ASP O 69 29.57 69.18 -23.33
CA ASP O 69 30.58 68.22 -22.89
C ASP O 69 30.50 66.98 -23.77
N VAL O 70 29.33 66.75 -24.34
CA VAL O 70 29.12 65.65 -25.28
C VAL O 70 29.52 66.07 -26.69
N GLN O 71 29.18 67.31 -27.03
CA GLN O 71 29.51 67.86 -28.35
C GLN O 71 31.02 67.96 -28.54
N ASN O 72 31.73 68.24 -27.45
CA ASN O 72 33.19 68.31 -27.49
C ASN O 72 33.79 66.92 -27.69
N THR O 73 33.14 65.91 -27.12
CA THR O 73 33.59 64.54 -27.25
C THR O 73 33.35 64.04 -28.67
N PHE O 74 32.24 64.49 -29.28
CA PHE O 74 31.90 64.11 -30.64
C PHE O 74 32.91 64.68 -31.63
N GLU O 75 33.39 65.89 -31.35
CA GLU O 75 34.38 66.54 -32.20
C GLU O 75 35.74 65.84 -32.08
N GLU O 76 36.09 65.45 -30.86
CA GLU O 76 37.36 64.78 -30.61
C GLU O 76 37.36 63.35 -31.15
N LEU O 77 36.19 62.76 -31.26
CA LEU O 77 36.05 61.39 -31.76
C LEU O 77 36.19 61.34 -33.27
N GLU O 78 35.67 62.36 -33.95
CA GLU O 78 35.74 62.42 -35.41
C GLU O 78 37.03 63.06 -35.89
N LYS O 79 37.82 63.58 -34.95
CA LYS O 79 39.11 64.20 -35.29
C LYS O 79 40.25 63.21 -35.11
N HIS O 80 40.24 62.48 -34.01
CA HIS O 80 41.28 61.50 -33.73
C HIS O 80 41.15 60.28 -34.65
N LEU O 81 39.92 59.88 -34.91
CA LEU O 81 39.66 58.74 -35.79
C LEU O 81 38.63 59.10 -36.84
N GLY O 82 38.29 58.14 -37.70
CA GLY O 82 37.31 58.36 -38.73
C GLY O 82 35.90 58.47 -38.18
N ARG O 83 34.93 58.68 -39.07
CA ARG O 83 33.54 58.79 -38.67
C ARG O 83 33.05 57.50 -38.02
N VAL O 84 32.65 57.59 -36.75
CA VAL O 84 32.23 56.42 -35.99
C VAL O 84 30.97 55.79 -36.60
N ASN O 85 30.92 54.46 -36.61
CA ASN O 85 29.82 53.73 -37.21
C ASN O 85 28.85 53.18 -36.18
N PHE O 86 29.36 52.80 -35.01
CA PHE O 86 28.53 52.20 -33.97
C PHE O 86 28.52 53.04 -32.69
N LEU O 87 27.34 53.19 -32.10
CA LEU O 87 27.19 53.95 -30.86
C LEU O 87 26.55 53.12 -29.76
N VAL O 88 27.17 53.10 -28.58
CA VAL O 88 26.66 52.34 -27.45
C VAL O 88 26.47 53.23 -26.22
N ASN O 89 25.24 53.30 -25.72
CA ASN O 89 24.94 54.09 -24.54
C ASN O 89 24.68 53.23 -23.31
N ALA O 90 25.77 52.86 -22.62
CA ALA O 90 25.66 52.07 -21.41
C ALA O 90 25.87 52.93 -20.17
N ALA O 91 25.98 54.24 -20.38
CA ALA O 91 26.20 55.18 -19.30
C ALA O 91 24.92 55.37 -18.47
N GLY O 92 24.96 54.93 -17.22
CA GLY O 92 23.82 55.06 -16.33
C GLY O 92 24.17 54.71 -14.90
N ILE O 93 23.38 55.24 -13.95
CA ILE O 93 23.62 55.00 -12.54
C ILE O 93 22.43 54.30 -11.89
N ASN O 94 22.64 53.79 -10.68
CA ASN O 94 21.61 53.06 -9.93
C ASN O 94 21.03 51.89 -10.73
N ARG O 95 21.92 51.12 -11.36
CA ARG O 95 21.49 49.97 -12.14
C ARG O 95 21.03 48.83 -11.25
N GLY O 97 17.31 50.53 -6.12
CA GLY O 97 17.73 51.84 -6.56
C GLY O 97 17.30 52.94 -5.60
N LEU O 98 16.30 53.72 -6.00
CA LEU O 98 15.80 54.81 -5.18
C LEU O 98 14.29 54.71 -4.99
N LEU O 99 13.85 54.79 -3.74
CA LEU O 99 12.43 54.73 -3.41
C LEU O 99 11.76 56.07 -3.68
N VAL O 100 10.52 56.21 -3.24
CA VAL O 100 9.81 57.47 -3.33
C VAL O 100 10.13 58.38 -2.15
N ARG O 101 11.02 57.93 -1.27
CA ARG O 101 11.43 58.74 -0.13
C ARG O 101 12.66 59.58 -0.45
N THR O 102 13.32 59.26 -1.56
CA THR O 102 14.55 59.93 -1.94
C THR O 102 14.33 61.41 -2.25
N LYS O 103 15.41 62.19 -2.24
CA LYS O 103 15.33 63.62 -2.49
C LYS O 103 15.01 63.91 -3.96
N THR O 104 14.61 65.14 -4.23
CA THR O 104 14.26 65.56 -5.58
C THR O 104 15.48 65.75 -6.45
N GLU O 105 16.64 65.94 -5.80
CA GLU O 105 17.89 66.13 -6.52
C GLU O 105 18.34 64.85 -7.19
N ASP O 106 17.89 63.72 -6.65
CA ASP O 106 18.26 62.41 -7.19
C ASP O 106 17.49 62.11 -8.47
N MET O 107 16.27 62.64 -8.57
CA MET O 107 15.42 62.42 -9.74
C MET O 107 16.01 63.07 -10.99
N VAL O 108 16.47 64.30 -10.83
CA VAL O 108 17.04 65.05 -11.94
C VAL O 108 18.32 64.37 -12.45
N SER O 109 19.09 63.83 -11.52
CA SER O 109 20.34 63.16 -11.86
C SER O 109 20.11 61.91 -12.70
N GLN O 110 19.07 61.15 -12.36
CA GLN O 110 18.76 59.91 -13.07
C GLN O 110 18.26 60.18 -14.48
N LEU O 111 17.40 61.19 -14.62
CA LEU O 111 16.79 61.51 -15.91
C LEU O 111 17.78 62.14 -16.88
N HIS O 112 18.71 62.93 -16.35
CA HIS O 112 19.69 63.62 -17.18
C HIS O 112 20.83 62.71 -17.61
N THR O 113 21.09 61.67 -16.83
CA THR O 113 22.19 60.75 -17.12
C THR O 113 21.74 59.58 -17.99
N ASN O 114 20.69 58.89 -17.55
CA ASN O 114 20.20 57.72 -18.26
C ASN O 114 19.40 58.06 -19.51
N LEU O 115 18.35 58.87 -19.34
CA LEU O 115 17.46 59.20 -20.44
C LEU O 115 18.01 60.33 -21.30
N LEU O 116 18.09 61.53 -20.74
CA LEU O 116 18.55 62.71 -21.46
C LEU O 116 19.98 62.54 -21.94
N GLY O 117 20.78 61.80 -21.18
CA GLY O 117 22.16 61.54 -21.55
C GLY O 117 22.30 60.78 -22.85
N SER O 118 21.42 59.80 -23.05
CA SER O 118 21.43 59.01 -24.27
C SER O 118 20.82 59.79 -25.43
N MET O 119 19.99 60.77 -25.10
CA MET O 119 19.34 61.61 -26.11
C MET O 119 20.32 62.65 -26.66
N LEU O 120 21.18 63.17 -25.78
CA LEU O 120 22.18 64.14 -26.17
C LEU O 120 23.30 63.48 -26.98
N THR O 121 23.59 62.22 -26.67
CA THR O 121 24.63 61.47 -27.34
C THR O 121 24.23 61.14 -28.78
N CYS O 122 23.00 60.67 -28.95
CA CYS O 122 22.48 60.32 -30.26
C CYS O 122 22.40 61.56 -31.16
N LYS O 123 22.07 62.69 -30.57
CA LYS O 123 21.97 63.95 -31.29
C LYS O 123 23.31 64.36 -31.90
N ALA O 124 24.37 64.21 -31.12
CA ALA O 124 25.71 64.57 -31.56
C ALA O 124 26.34 63.46 -32.39
N ALA O 125 25.57 62.41 -32.66
CA ALA O 125 26.05 61.30 -33.45
C ALA O 125 25.24 61.14 -34.74
N MET O 126 24.35 62.08 -34.99
CA MET O 126 23.54 62.06 -36.20
C MET O 126 24.25 62.69 -37.38
N ARG O 127 24.96 63.79 -37.12
CA ARG O 127 25.66 64.54 -38.16
C ARG O 127 26.69 63.68 -38.89
N THR O 128 27.26 62.72 -38.18
CA THR O 128 28.23 61.80 -38.77
C THR O 128 27.54 60.62 -39.44
N MET O 129 26.35 60.27 -38.96
CA MET O 129 25.60 59.15 -39.51
C MET O 129 24.59 59.62 -40.56
N ILE O 130 24.50 60.93 -40.75
CA ILE O 130 23.65 61.48 -41.80
C ILE O 130 24.47 61.71 -43.07
N GLN O 131 25.75 62.00 -42.88
CA GLN O 131 26.67 62.19 -43.99
C GLN O 131 26.98 60.86 -44.66
N GLN O 132 27.24 59.85 -43.83
CA GLN O 132 27.51 58.50 -44.33
C GLN O 132 26.26 57.64 -44.26
N GLN O 133 26.32 56.47 -44.89
CA GLN O 133 25.18 55.55 -44.87
C GLN O 133 25.15 54.74 -43.58
N GLY O 134 26.27 54.10 -43.27
CA GLY O 134 26.36 53.23 -42.10
C GLY O 134 26.04 53.91 -40.79
N GLY O 135 25.25 53.23 -39.96
CA GLY O 135 24.86 53.75 -38.66
C GLY O 135 24.09 52.72 -37.85
N SER O 136 24.60 52.41 -36.66
CA SER O 136 23.95 51.44 -35.79
C SER O 136 24.11 51.82 -34.32
N ILE O 137 23.00 52.07 -33.65
CA ILE O 137 23.01 52.52 -32.26
C ILE O 137 22.29 51.53 -31.35
N VAL O 138 22.93 51.16 -30.25
CA VAL O 138 22.33 50.28 -29.26
C VAL O 138 22.29 50.93 -27.89
N ASN O 139 21.08 51.15 -27.37
CA ASN O 139 20.91 51.78 -26.07
C ASN O 139 20.67 50.75 -24.97
N VAL O 140 21.57 50.72 -24.00
CA VAL O 140 21.46 49.78 -22.88
C VAL O 140 20.45 50.27 -21.84
N GLY O 141 19.30 49.62 -21.80
CA GLY O 141 18.27 49.95 -20.84
C GLY O 141 18.06 48.84 -19.83
N SER O 142 16.80 48.52 -19.55
CA SER O 142 16.47 47.45 -18.62
C SER O 142 14.99 47.07 -18.74
N ILE O 143 14.65 45.89 -18.23
CA ILE O 143 13.26 45.45 -18.21
C ILE O 143 12.45 46.31 -17.23
N VAL O 144 13.16 46.94 -16.30
CA VAL O 144 12.53 47.83 -15.32
C VAL O 144 11.99 49.08 -16.02
N GLY O 145 12.52 49.37 -17.20
CA GLY O 145 12.05 50.48 -17.99
C GLY O 145 10.65 50.27 -18.52
N LEU O 146 10.32 49.00 -18.78
CA LEU O 146 9.00 48.64 -19.30
C LEU O 146 8.15 47.96 -18.22
N LYS O 147 8.65 46.84 -17.70
CA LYS O 147 7.94 46.08 -16.68
C LYS O 147 7.84 46.85 -15.36
N GLY O 148 8.95 47.49 -14.97
CA GLY O 148 8.98 48.22 -13.72
C GLY O 148 9.33 47.32 -12.55
N ASN O 149 9.69 47.95 -11.43
CA ASN O 149 10.03 47.21 -10.22
C ASN O 149 9.84 48.07 -8.97
N SER O 150 9.42 47.44 -7.89
CA SER O 150 9.18 48.14 -6.62
C SER O 150 10.50 48.60 -6.00
N GLY O 151 10.64 49.92 -5.86
CA GLY O 151 11.82 50.48 -5.23
C GLY O 151 12.78 51.13 -6.22
N GLN O 152 12.45 51.03 -7.51
CA GLN O 152 13.28 51.58 -8.57
C GLN O 152 12.46 52.43 -9.52
N SER O 153 11.61 53.29 -8.97
CA SER O 153 10.69 54.10 -9.75
C SER O 153 11.40 55.11 -10.65
N VAL O 154 12.40 55.79 -10.08
CA VAL O 154 13.11 56.83 -10.83
C VAL O 154 14.04 56.20 -11.88
N TYR O 155 14.48 54.98 -11.62
CA TYR O 155 15.33 54.26 -12.56
C TYR O 155 14.48 53.61 -13.65
N SER O 156 13.21 53.42 -13.35
CA SER O 156 12.28 52.82 -14.30
C SER O 156 11.92 53.78 -15.43
N ALA O 157 11.58 55.00 -15.07
CA ALA O 157 11.18 56.01 -16.05
C ALA O 157 12.36 56.44 -16.92
N SER O 158 13.55 56.48 -16.32
CA SER O 158 14.76 56.86 -17.04
C SER O 158 15.08 55.83 -18.11
N LYS O 159 14.88 54.56 -17.78
CA LYS O 159 15.11 53.48 -18.74
C LYS O 159 13.83 53.17 -19.52
N GLY O 160 12.76 53.88 -19.17
CA GLY O 160 11.48 53.71 -19.85
C GLY O 160 11.32 54.66 -21.02
N GLY O 161 12.06 55.75 -20.98
CA GLY O 161 12.02 56.74 -22.04
C GLY O 161 12.87 56.34 -23.23
N LEU O 162 13.78 55.40 -23.00
CA LEU O 162 14.64 54.89 -24.06
C LEU O 162 13.83 54.16 -25.13
N VAL O 163 12.81 53.44 -24.70
CA VAL O 163 11.97 52.68 -25.61
C VAL O 163 11.25 53.59 -26.61
N GLY O 164 10.64 54.66 -26.08
CA GLY O 164 9.93 55.61 -26.92
C GLY O 164 10.86 56.42 -27.79
N PHE O 165 11.96 56.88 -27.21
CA PHE O 165 12.93 57.72 -27.92
C PHE O 165 13.59 56.98 -29.08
N SER O 166 14.11 55.80 -28.80
CA SER O 166 14.82 55.00 -29.81
C SER O 166 13.92 54.65 -30.98
N ARG O 167 12.71 54.19 -30.68
CA ARG O 167 11.75 53.84 -31.72
C ARG O 167 11.34 55.06 -32.55
N ALA O 168 11.26 56.21 -31.89
CA ALA O 168 10.92 57.46 -32.58
C ALA O 168 12.12 57.96 -33.37
N LEU O 169 13.32 57.64 -32.90
CA LEU O 169 14.54 58.01 -33.59
C LEU O 169 14.81 57.05 -34.73
N ALA O 170 14.41 55.79 -34.55
CA ALA O 170 14.59 54.76 -35.57
C ALA O 170 13.80 55.12 -36.84
N LYS O 171 12.57 55.55 -36.66
CA LYS O 171 11.72 55.95 -37.78
C LYS O 171 12.28 57.17 -38.50
N GLU O 172 12.95 58.03 -37.74
CA GLU O 172 13.43 59.31 -38.26
C GLU O 172 14.68 59.15 -39.11
N VAL O 173 15.53 58.19 -38.75
CA VAL O 173 16.78 57.97 -39.49
C VAL O 173 16.81 56.58 -40.12
N ALA O 174 15.64 56.07 -40.47
CA ALA O 174 15.54 54.76 -41.11
C ALA O 174 15.91 54.86 -42.59
N ARG O 175 15.47 55.94 -43.22
CA ARG O 175 15.73 56.15 -44.64
C ARG O 175 17.16 56.63 -44.88
N LYS O 176 17.86 56.94 -43.79
CA LYS O 176 19.25 57.36 -43.87
C LYS O 176 20.18 56.21 -43.49
N LYS O 177 19.66 55.00 -43.57
CA LYS O 177 20.41 53.77 -43.33
C LYS O 177 21.03 53.71 -41.94
N ILE O 178 20.34 54.29 -40.95
CA ILE O 178 20.80 54.24 -39.57
C ILE O 178 19.84 53.41 -38.70
N ARG O 179 20.41 52.57 -37.85
CA ARG O 179 19.61 51.69 -37.00
C ARG O 179 19.77 52.04 -35.53
N VAL O 180 18.65 52.07 -34.80
CA VAL O 180 18.67 52.33 -33.37
C VAL O 180 17.89 51.26 -32.61
N ASN O 181 18.60 50.45 -31.82
CA ASN O 181 17.97 49.38 -31.06
C ASN O 181 18.19 49.54 -29.56
N VAL O 182 17.49 48.71 -28.78
CA VAL O 182 17.56 48.78 -27.33
C VAL O 182 17.78 47.41 -26.70
N VAL O 183 18.74 47.32 -25.78
CA VAL O 183 18.93 46.11 -24.99
C VAL O 183 18.39 46.32 -23.59
N ALA O 184 17.55 45.40 -23.12
CA ALA O 184 16.96 45.51 -21.80
C ALA O 184 17.29 44.30 -20.92
N PRO O 185 18.47 44.32 -20.29
CA PRO O 185 18.90 43.25 -19.40
C PRO O 185 18.02 43.16 -18.15
N GLY O 186 18.05 42.01 -17.49
CA GLY O 186 17.28 41.82 -16.27
C GLY O 186 18.14 41.98 -15.03
N PHE O 187 18.44 40.88 -14.37
CA PHE O 187 19.29 40.89 -13.18
C PHE O 187 20.69 40.41 -13.51
N VAL O 188 21.66 41.32 -13.43
CA VAL O 188 23.04 41.01 -13.80
C VAL O 188 24.00 41.19 -12.63
N HIS O 189 24.87 40.21 -12.43
CA HIS O 189 25.91 40.29 -11.40
C HIS O 189 26.91 41.39 -11.71
N THR O 190 27.49 41.97 -10.67
CA THR O 190 28.47 43.04 -10.84
C THR O 190 29.63 42.88 -9.87
N LYS O 197 21.49 36.74 -0.69
CA LYS O 197 20.80 37.97 -1.04
C LYS O 197 20.10 37.86 -2.39
N GLU O 198 20.44 36.82 -3.14
CA GLU O 198 19.87 36.59 -4.45
C GLU O 198 19.32 35.18 -4.60
N GLU O 199 19.79 34.28 -3.74
CA GLU O 199 19.41 32.87 -3.81
C GLU O 199 17.93 32.65 -3.52
N HIS O 200 17.32 33.59 -2.81
CA HIS O 200 15.91 33.47 -2.42
C HIS O 200 14.98 34.01 -3.50
N LEU O 201 15.55 34.63 -4.53
CA LEU O 201 14.75 35.23 -5.59
C LEU O 201 15.16 34.74 -6.98
N LYS O 202 16.36 34.18 -7.08
CA LYS O 202 16.86 33.69 -8.36
C LYS O 202 16.22 32.36 -8.72
N LYS O 203 15.56 31.74 -7.74
CA LYS O 203 14.86 30.49 -7.97
C LYS O 203 13.64 30.70 -8.85
N ASN O 204 13.07 31.91 -8.81
CA ASN O 204 11.94 32.27 -9.65
C ASN O 204 12.34 32.36 -11.12
N ILE O 205 13.59 32.73 -11.35
CA ILE O 205 14.14 32.79 -12.70
C ILE O 205 14.21 31.40 -13.31
N PRO O 206 13.67 31.24 -14.53
CA PRO O 206 13.67 29.96 -15.25
C PRO O 206 15.06 29.31 -15.30
N LEU O 207 16.07 30.09 -15.68
CA LEU O 207 17.44 29.59 -15.73
C LEU O 207 17.98 29.38 -14.32
N GLY O 208 17.55 30.22 -13.40
CA GLY O 208 17.92 30.07 -12.00
C GLY O 208 19.19 30.79 -11.60
N ARG O 209 19.58 31.80 -12.38
CA ARG O 209 20.79 32.55 -12.10
C ARG O 209 20.74 33.96 -12.67
N PHE O 210 21.61 34.83 -12.16
CA PHE O 210 21.73 36.20 -12.65
C PHE O 210 22.50 36.22 -13.97
N GLY O 211 22.31 37.30 -14.73
CA GLY O 211 22.98 37.44 -16.01
C GLY O 211 24.43 37.88 -15.86
N GLU O 212 25.20 37.72 -16.93
CA GLU O 212 26.60 38.14 -16.93
C GLU O 212 26.82 39.27 -17.94
N THR O 213 27.86 40.06 -17.73
CA THR O 213 28.17 41.18 -18.60
C THR O 213 28.52 40.72 -20.01
N ILE O 214 29.16 39.56 -20.10
CA ILE O 214 29.54 39.00 -21.40
C ILE O 214 28.32 38.41 -22.12
N GLU O 215 27.32 38.00 -21.35
CA GLU O 215 26.09 37.45 -21.91
C GLU O 215 25.22 38.56 -22.47
N VAL O 216 25.38 39.76 -21.92
CA VAL O 216 24.66 40.93 -22.40
C VAL O 216 25.40 41.55 -23.58
N ALA O 217 26.74 41.48 -23.52
CA ALA O 217 27.60 42.05 -24.56
C ALA O 217 27.34 41.41 -25.92
N HIS O 218 27.12 40.10 -25.93
CA HIS O 218 26.86 39.37 -27.17
C HIS O 218 25.55 39.82 -27.81
N ALA O 219 24.57 40.15 -26.98
CA ALA O 219 23.28 40.63 -27.46
C ALA O 219 23.43 42.02 -28.07
N VAL O 220 24.36 42.80 -27.53
CA VAL O 220 24.64 44.14 -28.05
C VAL O 220 25.29 44.05 -29.42
N VAL O 221 26.30 43.19 -29.54
CA VAL O 221 27.00 42.99 -30.80
C VAL O 221 26.06 42.46 -31.88
N PHE O 222 25.17 41.55 -31.49
CA PHE O 222 24.20 40.98 -32.41
C PHE O 222 23.29 42.04 -33.02
N LEU O 223 22.76 42.92 -32.18
CA LEU O 223 21.93 44.02 -32.64
C LEU O 223 22.76 45.05 -33.39
N LEU O 224 24.08 44.99 -33.18
CA LEU O 224 25.00 45.94 -33.80
C LEU O 224 25.53 45.37 -35.12
N GLU O 225 24.99 44.23 -35.53
CA GLU O 225 25.44 43.58 -36.76
C GLU O 225 24.29 43.23 -37.70
N SER O 226 23.13 42.91 -37.12
CA SER O 226 21.96 42.53 -37.92
C SER O 226 21.46 43.70 -38.75
N PRO O 227 21.52 43.56 -40.09
CA PRO O 227 21.18 44.64 -41.04
C PRO O 227 19.69 44.73 -41.34
N TYR O 228 18.84 44.37 -40.39
CA TYR O 228 17.40 44.43 -40.61
C TYR O 228 16.64 44.52 -39.28
N ILE O 229 17.33 44.91 -38.23
CA ILE O 229 16.71 45.07 -36.92
C ILE O 229 16.90 46.48 -36.37
N THR O 230 15.83 47.26 -36.38
CA THR O 230 15.86 48.61 -35.83
C THR O 230 14.61 48.90 -35.00
N GLY O 231 14.76 49.73 -33.98
CA GLY O 231 13.65 50.08 -33.10
C GLY O 231 13.12 48.88 -32.34
N HIS O 232 14.01 47.95 -32.00
CA HIS O 232 13.63 46.74 -31.30
C HIS O 232 14.25 46.67 -29.91
N VAL O 233 13.47 46.16 -28.95
CA VAL O 233 13.96 46.00 -27.59
C VAL O 233 14.24 44.53 -27.29
N LEU O 234 15.52 44.18 -27.26
CA LEU O 234 15.94 42.81 -26.97
C LEU O 234 16.24 42.65 -25.48
N VAL O 235 15.52 41.75 -24.82
CA VAL O 235 15.69 41.55 -23.39
C VAL O 235 16.59 40.36 -23.08
N VAL O 236 17.49 40.56 -22.12
CA VAL O 236 18.35 39.49 -21.63
C VAL O 236 18.13 39.34 -20.13
N ASP O 237 16.97 38.81 -19.76
CA ASP O 237 16.57 38.74 -18.37
C ASP O 237 16.51 37.31 -17.85
N GLY O 238 16.68 36.34 -18.74
CA GLY O 238 16.65 34.94 -18.37
C GLY O 238 15.25 34.42 -18.10
N GLY O 239 14.25 35.25 -18.42
CA GLY O 239 12.87 34.86 -18.24
C GLY O 239 12.18 35.60 -17.11
N LEU O 240 12.66 36.80 -16.81
CA LEU O 240 12.06 37.61 -15.75
C LEU O 240 10.71 38.16 -16.17
N GLN O 241 10.60 38.55 -17.44
CA GLN O 241 9.36 39.12 -17.98
C GLN O 241 8.18 38.16 -17.87
N LEU O 242 8.48 36.87 -17.78
CA LEU O 242 7.45 35.85 -17.65
C LEU O 242 6.86 35.84 -16.24
N ILE O 243 7.66 36.25 -15.26
CA ILE O 243 7.21 36.26 -13.88
C ILE O 243 7.74 37.47 -13.10
N LEU O 244 7.28 38.66 -13.47
CA LEU O 244 7.66 39.87 -12.77
C LEU O 244 6.50 40.88 -12.77
N LEU P 5 30.33 33.95 -37.05
CA LEU P 5 31.61 33.34 -37.42
C LEU P 5 31.57 31.82 -37.24
N GLN P 6 32.27 31.11 -38.11
CA GLN P 6 32.21 29.65 -38.15
C GLN P 6 32.70 28.99 -36.87
N ASN P 7 32.52 27.67 -36.79
CA ASN P 7 32.92 26.86 -35.64
C ASN P 7 32.23 27.27 -34.35
N ARG P 8 31.17 28.07 -34.47
CA ARG P 8 30.38 28.48 -33.31
C ARG P 8 29.39 27.40 -32.94
N LEU P 9 28.98 26.62 -33.95
CA LEU P 9 28.08 25.49 -33.74
C LEU P 9 28.76 24.21 -34.22
N ARG P 10 29.94 23.93 -33.69
CA ARG P 10 30.76 22.81 -34.15
C ARG P 10 30.06 21.46 -34.00
N SER P 11 29.64 21.14 -32.78
CA SER P 11 29.04 19.84 -32.50
C SER P 11 27.53 19.98 -32.23
N ALA P 12 26.91 20.97 -32.87
CA ALA P 12 25.48 21.20 -32.67
C ALA P 12 24.66 20.52 -33.76
N LEU P 13 23.71 19.68 -33.34
CA LEU P 13 22.81 19.02 -34.27
C LEU P 13 21.55 19.85 -34.48
N ALA P 14 21.38 20.38 -35.68
CA ALA P 14 20.28 21.28 -35.97
C ALA P 14 19.15 20.58 -36.73
N LEU P 15 17.94 20.69 -36.17
CA LEU P 15 16.75 20.15 -36.83
C LEU P 15 15.86 21.28 -37.31
N VAL P 16 15.71 21.39 -38.62
CA VAL P 16 14.91 22.47 -39.21
C VAL P 16 13.73 21.93 -40.02
N THR P 17 12.53 22.26 -39.59
CA THR P 17 11.31 21.84 -40.30
C THR P 17 10.98 22.85 -41.40
N GLY P 18 10.57 22.34 -42.56
CA GLY P 18 10.27 23.20 -43.69
C GLY P 18 11.51 23.87 -44.24
N ALA P 19 12.58 23.10 -44.35
CA ALA P 19 13.86 23.62 -44.82
C ALA P 19 14.03 23.43 -46.32
N GLY P 20 12.90 23.28 -47.02
CA GLY P 20 12.93 23.05 -48.46
C GLY P 20 13.02 24.32 -49.28
N SER P 21 12.56 25.43 -48.70
CA SER P 21 12.55 26.70 -49.41
C SER P 21 12.46 27.89 -48.46
N GLY P 22 12.83 29.07 -48.95
CA GLY P 22 12.72 30.29 -48.20
C GLY P 22 13.61 30.37 -46.97
N ILE P 23 13.04 30.80 -45.86
CA ILE P 23 13.76 30.95 -44.61
C ILE P 23 14.34 29.62 -44.13
N GLY P 24 13.55 28.56 -44.25
CA GLY P 24 13.98 27.23 -43.85
C GLY P 24 15.25 26.80 -44.57
N ARG P 25 15.39 27.23 -45.82
CA ARG P 25 16.59 26.94 -46.59
C ARG P 25 17.74 27.83 -46.14
N ALA P 26 17.42 29.10 -45.88
CA ALA P 26 18.42 30.07 -45.45
C ALA P 26 18.94 29.74 -44.06
N VAL P 27 18.06 29.28 -43.19
CA VAL P 27 18.43 28.88 -41.84
C VAL P 27 19.40 27.70 -41.87
N SER P 28 19.06 26.68 -42.67
CA SER P 28 19.89 25.50 -42.80
C SER P 28 21.28 25.84 -43.33
N VAL P 29 21.34 26.77 -44.29
CA VAL P 29 22.61 27.20 -44.85
C VAL P 29 23.45 27.94 -43.81
N ARG P 30 22.82 28.88 -43.11
CA ARG P 30 23.52 29.68 -42.10
C ARG P 30 24.01 28.82 -40.94
N LEU P 31 23.16 27.91 -40.47
CA LEU P 31 23.53 27.01 -39.39
C LEU P 31 24.67 26.08 -39.81
N ALA P 32 24.66 25.67 -41.09
CA ALA P 32 25.72 24.84 -41.63
C ALA P 32 26.99 25.67 -41.82
N GLY P 33 26.81 26.96 -42.03
CA GLY P 33 27.93 27.88 -42.13
C GLY P 33 28.62 28.05 -40.79
N GLU P 34 27.89 27.78 -39.72
CA GLU P 34 28.46 27.83 -38.37
C GLU P 34 29.23 26.54 -38.08
N GLY P 35 29.00 25.52 -38.91
CA GLY P 35 29.68 24.25 -38.74
C GLY P 35 28.80 23.22 -38.06
N ALA P 36 27.49 23.36 -38.22
CA ALA P 36 26.54 22.46 -37.59
C ALA P 36 25.96 21.45 -38.58
N THR P 37 25.73 20.24 -38.09
CA THR P 37 25.13 19.19 -38.90
C THR P 37 23.61 19.36 -38.92
N VAL P 38 23.07 19.75 -40.08
CA VAL P 38 21.65 20.06 -40.19
C VAL P 38 20.82 18.85 -40.61
N ALA P 39 19.76 18.58 -39.86
CA ALA P 39 18.81 17.54 -40.22
C ALA P 39 17.60 18.17 -40.91
N ALA P 40 17.81 18.63 -42.14
CA ALA P 40 16.79 19.36 -42.88
C ALA P 40 15.55 18.53 -43.16
N CYS P 41 14.47 18.82 -42.43
CA CYS P 41 13.18 18.18 -42.66
C CYS P 41 12.27 19.10 -43.46
N ASP P 42 11.35 18.50 -44.21
CA ASP P 42 10.44 19.26 -45.05
C ASP P 42 9.25 18.40 -45.50
N LEU P 43 8.13 19.04 -45.81
CA LEU P 43 6.96 18.32 -46.30
C LEU P 43 7.25 17.71 -47.67
N ASP P 44 8.04 18.42 -48.47
CA ASP P 44 8.43 17.93 -49.79
C ASP P 44 9.78 17.21 -49.70
N ARG P 45 9.78 15.94 -50.12
CA ARG P 45 11.00 15.13 -50.05
C ARG P 45 12.01 15.56 -51.10
N ALA P 46 11.51 16.15 -52.19
CA ALA P 46 12.38 16.60 -53.27
C ALA P 46 13.10 17.90 -52.88
N ALA P 47 12.42 18.73 -52.08
CA ALA P 47 12.97 20.00 -51.64
C ALA P 47 13.89 19.81 -50.44
N ALA P 48 13.62 18.78 -49.63
CA ALA P 48 14.43 18.49 -48.46
C ALA P 48 15.82 17.98 -48.87
N GLN P 49 15.85 17.13 -49.89
CA GLN P 49 17.10 16.58 -50.39
C GLN P 49 17.85 17.61 -51.24
N GLU P 50 17.14 18.66 -51.65
CA GLU P 50 17.74 19.73 -52.43
C GLU P 50 18.61 20.63 -51.56
N THR P 51 18.08 20.99 -50.40
CA THR P 51 18.80 21.86 -49.47
C THR P 51 20.05 21.19 -48.93
N VAL P 52 19.92 19.90 -48.57
CA VAL P 52 21.04 19.13 -48.05
C VAL P 52 22.22 19.11 -49.02
N ARG P 53 21.93 18.96 -50.31
CA ARG P 53 22.95 18.95 -51.34
C ARG P 53 23.63 20.32 -51.46
N LEU P 54 22.96 21.35 -50.98
CA LEU P 54 23.50 22.71 -51.02
C LEU P 54 24.26 23.06 -49.74
N LEU P 55 24.01 22.28 -48.69
CA LEU P 55 24.65 22.51 -47.40
C LEU P 55 26.15 22.24 -47.47
N GLY P 56 26.93 23.18 -46.95
CA GLY P 56 28.38 23.05 -46.94
C GLY P 56 29.04 23.88 -45.85
N ARG P 66 28.07 18.64 -47.83
CA ARG P 66 29.46 18.54 -47.40
C ARG P 66 29.57 18.12 -45.94
N GLY P 67 29.07 16.91 -45.64
CA GLY P 67 29.11 16.39 -44.30
C GLY P 67 28.10 15.28 -44.07
N ASN P 68 27.60 15.17 -42.85
CA ASN P 68 26.62 14.14 -42.51
C ASN P 68 25.21 14.70 -42.50
N HIS P 69 24.95 15.65 -43.39
CA HIS P 69 23.62 16.26 -43.50
C HIS P 69 22.60 15.25 -44.04
N ALA P 70 21.46 15.15 -43.37
CA ALA P 70 20.42 14.21 -43.78
C ALA P 70 19.10 14.92 -44.07
N ALA P 71 18.35 14.40 -45.03
CA ALA P 71 17.07 14.97 -45.40
C ALA P 71 15.92 14.10 -44.89
N PHE P 72 14.97 14.72 -44.19
CA PHE P 72 13.82 14.00 -43.67
C PHE P 72 12.52 14.54 -44.26
N GLN P 73 11.46 13.74 -44.18
CA GLN P 73 10.15 14.15 -44.67
C GLN P 73 9.08 13.83 -43.63
N ALA P 74 8.39 14.87 -43.18
CA ALA P 74 7.35 14.71 -42.17
C ALA P 74 6.34 15.85 -42.22
N ASP P 75 5.10 15.55 -41.84
CA ASP P 75 4.06 16.56 -41.75
C ASP P 75 3.90 17.00 -40.29
N VAL P 76 4.25 18.26 -40.01
CA VAL P 76 4.27 18.76 -38.64
C VAL P 76 2.88 18.82 -38.02
N SER P 77 1.85 18.86 -38.85
CA SER P 77 0.48 18.91 -38.36
C SER P 77 0.06 17.57 -37.77
N GLU P 78 0.71 16.50 -38.21
CA GLU P 78 0.44 15.17 -37.70
C GLU P 78 1.21 14.90 -36.41
N ALA P 79 0.51 14.42 -35.40
CA ALA P 79 1.13 14.14 -34.10
C ALA P 79 2.03 12.92 -34.17
N ARG P 80 1.65 11.96 -35.00
CA ARG P 80 2.43 10.73 -35.17
C ARG P 80 3.67 10.97 -36.01
N ALA P 81 3.53 11.76 -37.07
CA ALA P 81 4.65 12.08 -37.95
C ALA P 81 5.65 13.00 -37.26
N ALA P 82 5.20 13.70 -36.23
CA ALA P 82 6.06 14.60 -35.47
C ALA P 82 6.98 13.81 -34.55
N ARG P 83 6.44 12.80 -33.89
CA ARG P 83 7.22 11.96 -32.99
C ARG P 83 8.20 11.08 -33.76
N CYS P 84 7.76 10.58 -34.92
CA CYS P 84 8.60 9.75 -35.77
C CYS P 84 9.72 10.56 -36.39
N LEU P 85 9.46 11.84 -36.63
CA LEU P 85 10.47 12.74 -37.18
C LEU P 85 11.67 12.84 -36.25
N LEU P 86 11.39 13.04 -34.95
CA LEU P 86 12.44 13.08 -33.95
C LEU P 86 13.07 11.71 -33.78
N GLU P 87 12.28 10.66 -33.99
CA GLU P 87 12.77 9.30 -33.87
C GLU P 87 13.76 8.98 -34.98
N GLN P 88 13.50 9.51 -36.17
CA GLN P 88 14.37 9.30 -37.32
C GLN P 88 15.68 10.08 -37.18
N VAL P 89 15.63 11.19 -36.44
CA VAL P 89 16.81 12.01 -36.22
C VAL P 89 17.71 11.41 -35.14
N GLN P 90 17.09 10.96 -34.05
CA GLN P 90 17.83 10.38 -32.94
C GLN P 90 18.43 9.02 -33.30
N ALA P 91 17.97 8.43 -34.41
CA ALA P 91 18.45 7.14 -34.85
C ALA P 91 19.54 7.27 -35.90
N CYS P 92 19.47 8.34 -36.69
CA CYS P 92 20.43 8.57 -37.76
C CYS P 92 21.68 9.30 -37.27
N PHE P 93 21.59 9.88 -36.07
CA PHE P 93 22.71 10.64 -35.51
C PHE P 93 23.06 10.16 -34.10
N SER P 94 22.27 9.21 -33.59
CA SER P 94 22.48 8.62 -32.27
C SER P 94 22.43 9.65 -31.15
N ARG P 95 21.72 10.76 -31.39
CA ARG P 95 21.60 11.83 -30.41
C ARG P 95 20.49 12.80 -30.80
N PRO P 96 19.79 13.36 -29.79
CA PRO P 96 18.73 14.35 -30.05
C PRO P 96 19.30 15.69 -30.50
N PRO P 97 18.58 16.38 -31.39
CA PRO P 97 19.02 17.69 -31.89
C PRO P 97 19.00 18.77 -30.82
N SER P 98 20.15 19.37 -30.55
CA SER P 98 20.24 20.43 -29.55
C SER P 98 19.65 21.73 -30.09
N VAL P 99 19.55 21.83 -31.41
CA VAL P 99 18.96 23.00 -32.04
C VAL P 99 17.75 22.61 -32.90
N VAL P 100 16.59 23.12 -32.55
CA VAL P 100 15.36 22.81 -33.27
C VAL P 100 14.68 24.09 -33.76
N VAL P 101 14.57 24.22 -35.08
CA VAL P 101 13.96 25.41 -35.68
C VAL P 101 12.68 25.05 -36.43
N SER P 102 11.58 25.66 -36.04
CA SER P 102 10.29 25.38 -36.67
C SER P 102 9.93 26.45 -37.70
N CYS P 103 10.26 26.17 -38.96
CA CYS P 103 9.97 27.11 -40.05
C CYS P 103 8.78 26.64 -40.87
N ALA P 104 8.29 25.43 -40.57
CA ALA P 104 7.16 24.87 -41.30
C ALA P 104 5.88 25.65 -41.05
N GLY P 105 5.48 26.44 -42.04
CA GLY P 105 4.27 27.25 -41.93
C GLY P 105 3.70 27.62 -43.28
N ILE P 106 2.38 27.81 -43.33
CA ILE P 106 1.70 28.16 -44.58
C ILE P 106 0.82 29.39 -44.41
N THR P 107 0.18 29.80 -45.50
CA THR P 107 -0.74 30.94 -45.48
C THR P 107 -2.02 30.62 -46.23
N GLN P 108 -3.14 31.13 -45.72
CA GLN P 108 -4.44 30.94 -46.36
C GLN P 108 -5.23 32.25 -46.28
N ASP P 109 -4.79 33.23 -47.05
CA ASP P 109 -5.35 34.59 -46.96
C ASP P 109 -6.81 34.66 -47.38
N GLU P 110 -7.63 35.20 -46.48
CA GLU P 110 -9.05 35.42 -46.75
C GLU P 110 -9.62 36.34 -45.67
N PHE P 111 -10.58 37.18 -46.05
CA PHE P 111 -11.22 38.08 -45.11
C PHE P 111 -12.03 37.32 -44.08
N LEU P 112 -12.22 37.93 -42.92
CA LEU P 112 -12.93 37.29 -41.80
C LEU P 112 -14.35 36.90 -42.16
N LEU P 113 -15.02 37.75 -42.94
CA LEU P 113 -16.42 37.54 -43.28
C LEU P 113 -16.62 36.43 -44.30
N HIS P 114 -15.54 35.98 -44.92
CA HIS P 114 -15.62 34.97 -45.96
C HIS P 114 -14.63 33.84 -45.77
N MET P 115 -14.02 33.76 -44.60
CA MET P 115 -13.06 32.71 -44.29
C MET P 115 -13.76 31.41 -43.93
N SER P 116 -13.53 30.36 -44.72
CA SER P 116 -14.13 29.06 -44.49
C SER P 116 -13.48 28.35 -43.31
N GLU P 117 -14.05 27.22 -42.93
CA GLU P 117 -13.55 26.45 -41.78
C GLU P 117 -12.20 25.80 -42.08
N ASP P 118 -12.02 25.41 -43.34
CA ASP P 118 -10.77 24.76 -43.75
C ASP P 118 -9.62 25.75 -43.86
N ASP P 119 -9.94 27.01 -44.15
CA ASP P 119 -8.93 28.06 -44.19
C ASP P 119 -8.39 28.32 -42.79
N TRP P 120 -9.21 28.03 -41.78
CA TRP P 120 -8.82 28.19 -40.40
C TRP P 120 -8.09 26.96 -39.87
N ASP P 121 -8.68 25.79 -40.13
CA ASP P 121 -8.14 24.53 -39.61
C ASP P 121 -6.75 24.21 -40.15
N LYS P 122 -6.55 24.43 -41.45
CA LYS P 122 -5.30 24.07 -42.10
C LYS P 122 -4.10 24.86 -41.57
N VAL P 123 -4.30 26.16 -41.36
CA VAL P 123 -3.23 27.03 -40.89
C VAL P 123 -2.86 26.76 -39.43
N ILE P 124 -3.88 26.66 -38.58
CA ILE P 124 -3.66 26.41 -37.15
C ILE P 124 -2.96 25.07 -36.93
N ALA P 125 -3.34 24.07 -37.71
CA ALA P 125 -2.76 22.74 -37.58
C ALA P 125 -1.28 22.73 -37.95
N VAL P 126 -0.93 23.49 -38.99
CA VAL P 126 0.45 23.54 -39.46
C VAL P 126 1.31 24.52 -38.67
N ASN P 127 0.82 25.75 -38.55
CA ASN P 127 1.59 26.80 -37.88
C ASN P 127 1.59 26.64 -36.36
N LEU P 128 0.41 26.59 -35.77
CA LEU P 128 0.29 26.55 -34.31
C LEU P 128 0.49 25.15 -33.74
N LYS P 129 -0.33 24.20 -34.17
CA LYS P 129 -0.25 22.83 -33.69
C LYS P 129 1.06 22.18 -34.11
N GLY P 130 1.48 22.45 -35.34
CA GLY P 130 2.71 21.91 -35.87
C GLY P 130 3.93 22.30 -35.05
N THR P 131 3.99 23.58 -34.69
CA THR P 131 5.08 24.09 -33.86
C THR P 131 5.06 23.44 -32.48
N PHE P 132 3.86 23.23 -31.96
CA PHE P 132 3.68 22.60 -30.65
C PHE P 132 4.24 21.18 -30.62
N LEU P 133 3.87 20.39 -31.61
CA LEU P 133 4.28 18.99 -31.69
C LEU P 133 5.80 18.85 -31.85
N VAL P 134 6.37 19.71 -32.68
CA VAL P 134 7.81 19.69 -32.92
C VAL P 134 8.58 20.12 -31.66
N THR P 135 8.09 21.17 -31.01
CA THR P 135 8.71 21.68 -29.80
C THR P 135 8.63 20.66 -28.66
N GLN P 136 7.49 20.00 -28.53
CA GLN P 136 7.27 19.03 -27.47
C GLN P 136 8.13 17.79 -27.67
N ALA P 137 8.08 17.20 -28.87
CA ALA P 137 8.82 15.99 -29.17
C ALA P 137 10.32 16.20 -29.05
N ALA P 138 10.78 17.41 -29.33
CA ALA P 138 12.18 17.75 -29.19
C ALA P 138 12.55 17.90 -27.72
N ALA P 139 11.63 18.46 -26.94
CA ALA P 139 11.82 18.66 -25.51
C ALA P 139 11.89 17.33 -24.77
N GLN P 140 11.04 16.38 -25.19
CA GLN P 140 11.00 15.06 -24.58
C GLN P 140 12.32 14.32 -24.76
N ALA P 141 13.02 14.61 -25.85
CA ALA P 141 14.28 13.95 -26.15
C ALA P 141 15.44 14.59 -25.39
N LEU P 142 15.40 15.92 -25.26
CA LEU P 142 16.47 16.65 -24.58
C LEU P 142 16.43 16.45 -23.07
N VAL P 143 15.23 16.31 -22.53
CA VAL P 143 15.06 16.12 -21.08
C VAL P 143 15.43 14.70 -20.67
N SER P 144 14.93 13.72 -21.43
CA SER P 144 15.17 12.31 -21.12
C SER P 144 16.65 11.95 -21.22
N ASN P 145 17.34 12.54 -22.19
CA ASN P 145 18.76 12.29 -22.39
C ASN P 145 19.62 13.21 -21.53
N GLY P 146 18.97 14.17 -20.87
CA GLY P 146 19.66 15.09 -19.99
C GLY P 146 20.54 16.08 -20.72
N CYS P 147 20.20 16.36 -21.97
CA CYS P 147 20.95 17.30 -22.78
C CYS P 147 20.34 18.70 -22.73
N ARG P 148 21.18 19.71 -22.91
CA ARG P 148 20.75 21.11 -22.89
C ARG P 148 20.85 21.71 -24.29
N GLY P 149 19.73 22.25 -24.76
CA GLY P 149 19.68 22.79 -26.11
C GLY P 149 18.87 24.05 -26.23
N SER P 150 18.59 24.45 -27.47
CA SER P 150 17.83 25.66 -27.76
C SER P 150 16.74 25.41 -28.80
N ILE P 151 15.51 25.78 -28.45
CA ILE P 151 14.38 25.63 -29.36
C ILE P 151 13.98 26.98 -29.94
N ILE P 152 14.00 27.08 -31.26
CA ILE P 152 13.71 28.34 -31.94
C ILE P 152 12.46 28.24 -32.81
N ASN P 153 11.38 28.89 -32.38
CA ASN P 153 10.14 28.88 -33.13
C ASN P 153 9.98 30.14 -33.97
N ILE P 154 9.76 29.98 -35.27
CA ILE P 154 9.63 31.11 -36.17
C ILE P 154 8.20 31.62 -36.22
N SER P 155 7.93 32.69 -35.47
CA SER P 155 6.61 33.31 -35.46
C SER P 155 6.50 34.33 -36.58
N SER P 156 5.83 35.44 -36.30
CA SER P 156 5.68 36.53 -37.26
C SER P 156 5.28 37.83 -36.56
N ILE P 157 5.39 38.94 -37.29
CA ILE P 157 5.02 40.24 -36.75
C ILE P 157 3.51 40.40 -36.76
N VAL P 158 2.84 39.50 -37.48
CA VAL P 158 1.38 39.51 -37.55
C VAL P 158 0.76 38.97 -36.27
N GLY P 159 1.57 38.26 -35.47
CA GLY P 159 1.11 37.72 -34.21
C GLY P 159 1.29 38.72 -33.09
N LYS P 160 1.58 39.97 -33.46
CA LYS P 160 1.80 41.03 -32.48
C LYS P 160 0.78 42.16 -32.66
N VAL P 161 0.45 42.47 -33.90
CA VAL P 161 -0.48 43.55 -34.20
C VAL P 161 -1.62 43.10 -35.12
N GLY P 162 -1.39 42.03 -35.88
CA GLY P 162 -2.39 41.53 -36.79
C GLY P 162 -2.23 42.11 -38.19
N ASN P 163 -2.97 41.56 -39.14
CA ASN P 163 -2.92 42.02 -40.52
C ASN P 163 -4.19 41.69 -41.29
N VAL P 164 -4.58 42.58 -42.21
CA VAL P 164 -5.79 42.41 -43.00
C VAL P 164 -5.71 41.20 -43.91
N GLY P 165 -6.68 40.30 -43.79
CA GLY P 165 -6.73 39.12 -44.62
C GLY P 165 -6.10 37.91 -43.96
N GLN P 166 -5.39 38.14 -42.88
CA GLN P 166 -4.71 37.08 -42.15
C GLN P 166 -5.25 36.91 -40.74
N THR P 167 -6.52 36.49 -40.64
CA THR P 167 -7.14 36.24 -39.35
C THR P 167 -6.60 34.96 -38.72
N ASN P 168 -6.62 33.89 -39.52
CA ASN P 168 -6.13 32.59 -39.08
C ASN P 168 -4.62 32.57 -38.91
N TYR P 169 -3.93 33.34 -39.73
CA TYR P 169 -2.48 33.39 -39.70
C TYR P 169 -1.97 34.12 -38.47
N ALA P 170 -2.64 35.24 -38.13
CA ALA P 170 -2.25 36.03 -36.96
C ALA P 170 -2.48 35.27 -35.66
N ALA P 171 -3.60 34.55 -35.58
CA ALA P 171 -3.93 33.78 -34.39
C ALA P 171 -2.95 32.63 -34.19
N SER P 172 -2.48 32.07 -35.30
CA SER P 172 -1.52 30.96 -35.24
C SER P 172 -0.14 31.45 -34.83
N LYS P 173 0.26 32.61 -35.34
CA LYS P 173 1.57 33.17 -35.05
C LYS P 173 1.63 33.77 -33.65
N ALA P 174 0.52 34.36 -33.21
CA ALA P 174 0.44 34.90 -31.86
C ALA P 174 0.46 33.76 -30.85
N GLY P 175 -0.14 32.63 -31.23
CA GLY P 175 -0.17 31.46 -30.38
C GLY P 175 1.20 30.84 -30.21
N VAL P 176 2.04 30.98 -31.23
CA VAL P 176 3.42 30.50 -31.18
C VAL P 176 4.20 31.18 -30.07
N ILE P 177 3.98 32.48 -29.91
CA ILE P 177 4.65 33.26 -28.89
C ILE P 177 4.37 32.73 -27.48
N GLY P 178 3.10 32.67 -27.11
CA GLY P 178 2.70 32.15 -25.82
C GLY P 178 3.09 30.71 -25.62
N LEU P 179 3.12 29.95 -26.71
CA LEU P 179 3.52 28.55 -26.68
C LEU P 179 4.99 28.45 -26.33
N THR P 180 5.80 29.30 -26.94
CA THR P 180 7.24 29.30 -26.73
C THR P 180 7.59 29.90 -25.37
N GLN P 181 6.80 30.88 -24.93
CA GLN P 181 7.00 31.51 -23.64
C GLN P 181 6.75 30.53 -22.50
N THR P 182 5.71 29.72 -22.65
CA THR P 182 5.36 28.71 -21.65
C THR P 182 6.46 27.66 -21.51
N ALA P 183 6.90 27.14 -22.66
CA ALA P 183 7.95 26.12 -22.69
C ALA P 183 9.26 26.66 -22.09
N ALA P 184 9.50 27.95 -22.28
CA ALA P 184 10.71 28.59 -21.76
C ALA P 184 10.70 28.62 -20.24
N ARG P 185 9.52 28.72 -19.65
CA ARG P 185 9.38 28.79 -18.20
C ARG P 185 9.36 27.40 -17.58
N GLU P 186 8.89 26.42 -18.36
CA GLU P 186 8.82 25.04 -17.89
C GLU P 186 10.15 24.31 -18.08
N LEU P 187 10.78 24.52 -19.23
CA LEU P 187 12.03 23.83 -19.56
C LEU P 187 13.26 24.64 -19.15
N GLY P 188 13.04 25.68 -18.34
CA GLY P 188 14.12 26.51 -17.88
C GLY P 188 15.06 25.78 -16.93
N ARG P 189 14.49 24.89 -16.13
CA ARG P 189 15.28 24.13 -15.16
C ARG P 189 16.09 23.03 -15.84
N HIS P 190 15.72 22.67 -17.05
CA HIS P 190 16.40 21.63 -17.80
C HIS P 190 17.43 22.21 -18.76
N GLY P 191 17.69 23.50 -18.63
CA GLY P 191 18.69 24.17 -19.46
C GLY P 191 18.29 24.25 -20.92
N ILE P 192 16.98 24.29 -21.18
CA ILE P 192 16.47 24.38 -22.54
C ILE P 192 15.91 25.77 -22.82
N ARG P 193 16.45 26.43 -23.84
CA ARG P 193 16.05 27.79 -24.19
C ARG P 193 15.00 27.81 -25.29
N CYS P 194 13.90 28.52 -25.03
CA CYS P 194 12.81 28.63 -26.00
C CYS P 194 12.54 30.08 -26.38
N ASN P 195 12.88 30.44 -27.61
CA ASN P 195 12.69 31.81 -28.08
C ASN P 195 11.88 31.88 -29.38
N SER P 196 11.36 33.05 -29.68
CA SER P 196 10.56 33.25 -30.89
C SER P 196 11.16 34.32 -31.79
N VAL P 197 11.05 34.12 -33.10
CA VAL P 197 11.51 35.08 -34.08
C VAL P 197 10.32 35.71 -34.80
N LEU P 198 10.33 37.03 -34.90
CA LEU P 198 9.21 37.75 -35.53
C LEU P 198 9.67 38.54 -36.76
N PRO P 199 9.71 37.86 -37.92
CA PRO P 199 10.11 38.51 -39.18
C PRO P 199 9.00 39.40 -39.75
N GLY P 200 9.38 40.44 -40.48
CA GLY P 200 8.42 41.32 -41.11
C GLY P 200 7.90 40.73 -42.41
N PHE P 201 8.34 41.31 -43.52
CA PHE P 201 7.99 40.77 -44.84
C PHE P 201 9.25 40.36 -45.58
N ILE P 202 9.50 39.06 -45.62
CA ILE P 202 10.72 38.52 -46.22
C ILE P 202 10.48 38.02 -47.64
N ALA P 203 11.45 38.28 -48.52
CA ALA P 203 11.39 37.78 -49.89
C ALA P 203 11.48 36.26 -49.92
N THR P 204 10.33 35.62 -49.99
CA THR P 204 10.23 34.17 -49.93
C THR P 204 9.42 33.71 -51.14
N PRO P 205 9.73 32.51 -51.70
CA PRO P 205 9.31 32.02 -53.02
C PRO P 205 8.45 32.94 -53.88
N MET P 206 9.04 34.08 -54.25
CA MET P 206 8.45 35.07 -55.13
C MET P 206 9.28 35.20 -56.40
N THR P 207 8.63 35.41 -57.53
CA THR P 207 9.31 35.57 -58.80
C THR P 207 10.11 36.86 -58.81
N GLN P 208 9.40 37.98 -58.78
CA GLN P 208 10.01 39.30 -58.72
C GLN P 208 8.98 40.33 -58.28
N PRO P 211 1.40 39.77 -56.15
CA PRO P 211 1.48 40.70 -57.28
C PRO P 211 2.80 41.45 -57.31
N GLN P 212 2.76 42.75 -57.57
CA GLN P 212 3.97 43.56 -57.63
C GLN P 212 3.76 44.94 -57.02
N LYS P 213 2.74 45.65 -57.50
CA LYS P 213 2.42 46.97 -56.96
C LYS P 213 1.81 46.88 -55.58
N VAL P 214 1.35 45.68 -55.22
CA VAL P 214 0.84 45.44 -53.87
C VAL P 214 2.01 45.30 -52.90
N VAL P 215 3.16 44.88 -53.43
CA VAL P 215 4.37 44.74 -52.62
C VAL P 215 5.06 46.09 -52.49
N ASP P 216 4.77 47.00 -53.42
CA ASP P 216 5.32 48.35 -53.38
C ASP P 216 4.71 49.13 -52.22
N LYS P 217 3.45 48.84 -51.92
CA LYS P 217 2.78 49.48 -50.79
C LYS P 217 3.38 48.98 -49.48
N ILE P 218 3.71 47.70 -49.44
CA ILE P 218 4.36 47.11 -48.27
C ILE P 218 5.76 47.69 -48.10
N THR P 219 6.41 47.99 -49.22
CA THR P 219 7.74 48.59 -49.21
C THR P 219 7.71 49.97 -48.56
N GLU P 220 6.64 50.72 -48.85
CA GLU P 220 6.47 52.06 -48.29
C GLU P 220 6.20 52.02 -46.79
N MET P 221 5.47 51.00 -46.34
CA MET P 221 5.12 50.87 -44.93
C MET P 221 6.34 50.62 -44.06
N ILE P 222 7.28 49.83 -44.57
CA ILE P 222 8.52 49.56 -43.86
C ILE P 222 9.41 50.80 -43.85
N PRO P 223 9.78 51.26 -42.64
CA PRO P 223 10.59 52.47 -42.47
C PRO P 223 11.95 52.38 -43.15
N MET P 224 12.54 51.19 -43.17
CA MET P 224 13.80 50.97 -43.87
C MET P 224 13.62 51.14 -45.37
N GLY P 225 12.41 50.86 -45.86
CA GLY P 225 12.08 51.08 -47.26
C GLY P 225 12.42 49.93 -48.19
N HIS P 226 12.48 48.72 -47.64
CA HIS P 226 12.75 47.54 -48.45
C HIS P 226 12.32 46.26 -47.75
N LEU P 227 12.12 45.20 -48.53
CA LEU P 227 11.71 43.92 -47.98
C LEU P 227 12.87 43.25 -47.24
N GLY P 228 12.59 42.10 -46.63
CA GLY P 228 13.58 41.39 -45.85
C GLY P 228 14.22 40.24 -46.61
N ASP P 229 15.46 39.93 -46.24
CA ASP P 229 16.20 38.83 -46.84
C ASP P 229 16.10 37.60 -45.93
N PRO P 230 15.93 36.41 -46.53
CA PRO P 230 15.88 35.17 -45.75
C PRO P 230 17.13 34.95 -44.90
N GLU P 231 18.25 35.53 -45.32
CA GLU P 231 19.50 35.43 -44.57
C GLU P 231 19.47 36.30 -43.32
N ASP P 232 18.65 37.35 -43.35
CA ASP P 232 18.50 38.23 -42.19
C ASP P 232 17.81 37.51 -41.04
N VAL P 233 16.87 36.62 -41.39
CA VAL P 233 16.18 35.82 -40.39
C VAL P 233 17.09 34.72 -39.87
N ALA P 234 17.87 34.13 -40.77
CA ALA P 234 18.81 33.08 -40.39
C ALA P 234 19.93 33.62 -39.50
N ASP P 235 20.22 34.90 -39.64
CA ASP P 235 21.23 35.56 -38.81
C ASP P 235 20.79 35.58 -37.35
N VAL P 236 19.49 35.66 -37.14
CA VAL P 236 18.93 35.68 -35.79
C VAL P 236 18.83 34.27 -35.22
N VAL P 237 18.49 33.32 -36.09
CA VAL P 237 18.38 31.91 -35.70
C VAL P 237 19.73 31.36 -35.26
N ALA P 238 20.78 31.71 -35.99
CA ALA P 238 22.13 31.27 -35.66
C ALA P 238 22.59 31.86 -34.33
N PHE P 239 22.08 33.04 -34.02
CA PHE P 239 22.40 33.72 -32.75
C PHE P 239 21.71 33.05 -31.58
N LEU P 240 20.46 32.62 -31.79
CA LEU P 240 19.69 31.97 -30.74
C LEU P 240 20.07 30.51 -30.57
N ALA P 241 20.80 29.98 -31.55
CA ALA P 241 21.23 28.59 -31.52
C ALA P 241 22.60 28.45 -30.90
N SER P 242 23.31 29.57 -30.75
CA SER P 242 24.65 29.57 -30.19
C SER P 242 24.64 29.80 -28.68
N GLU P 243 25.83 29.95 -28.10
CA GLU P 243 25.96 30.20 -26.67
C GLU P 243 26.08 31.69 -26.38
N ASP P 244 26.09 32.50 -27.43
CA ASP P 244 26.12 33.95 -27.28
C ASP P 244 24.83 34.45 -26.65
N SER P 245 23.75 33.71 -26.88
CA SER P 245 22.45 34.03 -26.29
C SER P 245 22.10 33.01 -25.21
N GLY P 246 23.07 32.69 -24.36
CA GLY P 246 22.89 31.67 -23.34
C GLY P 246 22.04 32.11 -22.16
N TYR P 247 21.61 33.37 -22.18
CA TYR P 247 20.78 33.91 -21.11
C TYR P 247 19.47 34.45 -21.67
N ILE P 248 19.25 34.22 -22.96
CA ILE P 248 18.05 34.71 -23.63
C ILE P 248 17.04 33.59 -23.82
N THR P 249 15.96 33.62 -23.04
CA THR P 249 14.91 32.63 -23.14
C THR P 249 13.53 33.27 -22.95
N GLY P 250 12.54 32.79 -23.71
CA GLY P 250 11.21 33.36 -23.67
C GLY P 250 11.19 34.78 -24.19
N THR P 251 11.97 35.04 -25.22
CA THR P 251 12.14 36.39 -25.76
C THR P 251 11.72 36.48 -27.22
N SER P 252 10.90 37.48 -27.53
CA SER P 252 10.50 37.73 -28.91
C SER P 252 11.51 38.67 -29.59
N VAL P 253 12.07 38.21 -30.70
CA VAL P 253 13.05 39.00 -31.44
C VAL P 253 12.49 39.44 -32.79
N GLU P 254 12.48 40.75 -33.04
CA GLU P 254 11.89 41.29 -34.25
C GLU P 254 12.91 41.50 -35.36
N VAL P 255 12.61 40.96 -36.54
CA VAL P 255 13.42 41.18 -37.73
C VAL P 255 12.54 41.78 -38.82
N THR P 256 11.96 42.95 -38.53
CA THR P 256 10.99 43.55 -39.42
C THR P 256 11.53 44.80 -40.12
N GLY P 257 12.70 45.26 -39.68
CA GLY P 257 13.27 46.48 -40.23
C GLY P 257 12.57 47.70 -39.71
N GLY P 258 11.87 47.55 -38.59
CA GLY P 258 11.17 48.65 -37.97
C GLY P 258 9.68 48.64 -38.26
N LEU P 259 9.22 47.59 -38.95
CA LEU P 259 7.80 47.47 -39.27
C LEU P 259 7.01 47.01 -38.06
N PHE P 260 5.88 47.68 -37.81
CA PHE P 260 4.99 47.36 -36.70
C PHE P 260 5.71 47.39 -35.35
N MET P 261 6.65 48.32 -35.19
CA MET P 261 7.38 48.45 -33.92
C MET P 261 6.66 49.38 -32.96
#